data_6OCV
#
_entry.id   6OCV
#
loop_
_entity.id
_entity.type
_entity.pdbx_description
1 polymer 'Heme NO binding domain protein'
2 non-polymer 'CARBON MONOXIDE'
3 non-polymer 'PROTOPORPHYRIN IX CONTAINING FE'
#
_entity_poly.entity_id   1
_entity_poly.type   'polypeptide(L)'
_entity_poly.pdbx_seq_one_letter_code
;MMGMVFTGLMELIEDEFGYETLDTLLESCELQSEGIYTSVGSYDHQELLQLVVKLSEVSSVPVTELVRLFGKKLFVELIE
GHPEIANEMKDSFDLLSKIDSFIHVEVYKLYPQAELPKFTCDRLGDNDIRLHYQSKRPFASFAEGLLDGCAEYFKEDFTI
SRTPETQDSETDVIFNITRAPRGAENLYFQ
;
_entity_poly.pdbx_strand_id   A
#
# COMPACT_ATOMS: atom_id res chain seq x y z
N MET A 1 -8.75 6.31 2.28
CA MET A 1 -9.77 6.56 1.23
C MET A 1 -10.43 5.26 0.84
N MET A 2 -11.58 4.94 1.46
CA MET A 2 -12.27 3.71 1.15
C MET A 2 -13.01 3.84 -0.15
N GLY A 3 -13.39 5.08 -0.54
CA GLY A 3 -14.10 5.27 -1.78
C GLY A 3 -13.15 5.08 -2.93
N MET A 4 -11.89 5.59 -2.79
CA MET A 4 -10.93 5.52 -3.86
C MET A 4 -10.47 4.10 -4.09
N VAL A 5 -10.29 3.30 -3.01
CA VAL A 5 -9.83 1.94 -3.18
C VAL A 5 -10.93 1.11 -3.83
N PHE A 6 -12.20 1.55 -3.73
CA PHE A 6 -13.29 0.82 -4.35
C PHE A 6 -13.20 0.96 -5.84
N THR A 7 -12.78 2.15 -6.33
CA THR A 7 -12.68 2.37 -7.76
C THR A 7 -11.58 1.49 -8.31
N GLY A 8 -10.45 1.39 -7.57
CA GLY A 8 -9.32 0.59 -8.00
C GLY A 8 -9.71 -0.87 -8.09
N LEU A 9 -10.54 -1.35 -7.13
CA LEU A 9 -10.94 -2.74 -7.11
C LEU A 9 -11.80 -3.07 -8.33
N MET A 10 -12.71 -2.17 -8.74
CA MET A 10 -13.58 -2.46 -9.88
C MET A 10 -12.77 -2.61 -11.16
N GLU A 11 -11.75 -1.75 -11.36
CA GLU A 11 -10.97 -1.79 -12.57
C GLU A 11 -10.14 -3.06 -12.66
N LEU A 12 -9.56 -3.51 -11.53
CA LEU A 12 -8.71 -4.70 -11.53
C LEU A 12 -9.48 -5.98 -11.85
N ILE A 13 -10.70 -6.17 -11.26
CA ILE A 13 -11.39 -7.43 -11.48
C ILE A 13 -11.95 -7.50 -12.88
N GLU A 14 -12.45 -6.37 -13.44
CA GLU A 14 -13.06 -6.40 -14.75
C GLU A 14 -12.05 -6.63 -15.85
N ASP A 15 -10.88 -5.96 -15.76
CA ASP A 15 -9.88 -6.03 -16.79
C ASP A 15 -9.16 -7.37 -16.85
N GLU A 16 -8.86 -8.01 -15.70
CA GLU A 16 -8.07 -9.22 -15.77
C GLU A 16 -8.87 -10.49 -15.60
N PHE A 17 -10.04 -10.45 -14.95
CA PHE A 17 -10.74 -11.71 -14.75
C PHE A 17 -11.96 -11.80 -15.62
N GLY A 18 -12.71 -10.70 -15.84
CA GLY A 18 -13.88 -10.80 -16.67
C GLY A 18 -14.95 -9.90 -16.12
N TYR A 19 -16.10 -9.86 -16.82
CA TYR A 19 -17.18 -9.00 -16.41
C TYR A 19 -18.20 -9.87 -15.73
N GLU A 20 -18.25 -11.18 -16.09
CA GLU A 20 -19.17 -12.09 -15.44
C GLU A 20 -18.68 -12.31 -14.03
N THR A 21 -17.34 -12.42 -13.88
CA THR A 21 -16.74 -12.59 -12.56
C THR A 21 -16.97 -11.33 -11.78
N LEU A 22 -16.86 -10.17 -12.47
CA LEU A 22 -17.08 -8.89 -11.85
C LEU A 22 -18.50 -8.82 -11.30
N ASP A 23 -19.48 -9.38 -12.05
CA ASP A 23 -20.87 -9.37 -11.65
C ASP A 23 -21.10 -10.14 -10.37
N THR A 24 -20.39 -11.28 -10.18
CA THR A 24 -20.58 -12.09 -8.98
C THR A 24 -20.11 -11.29 -7.79
N LEU A 25 -19.00 -10.54 -7.94
CA LEU A 25 -18.45 -9.75 -6.85
C LEU A 25 -19.47 -8.70 -6.41
N LEU A 26 -20.18 -8.07 -7.39
CA LEU A 26 -21.13 -7.03 -7.05
C LEU A 26 -22.36 -7.63 -6.41
N GLU A 27 -22.57 -8.96 -6.51
CA GLU A 27 -23.73 -9.54 -5.88
C GLU A 27 -23.41 -9.87 -4.45
N SER A 28 -22.12 -10.14 -4.14
CA SER A 28 -21.74 -10.44 -2.77
C SER A 28 -21.92 -9.20 -1.93
N CYS A 29 -21.64 -7.99 -2.50
CA CYS A 29 -21.79 -6.79 -1.69
C CYS A 29 -23.17 -6.24 -1.94
N GLU A 30 -23.64 -6.32 -3.21
CA GLU A 30 -24.96 -5.84 -3.60
C GLU A 30 -24.86 -4.38 -3.89
N LEU A 31 -25.45 -3.94 -5.04
CA LEU A 31 -25.41 -2.54 -5.39
C LEU A 31 -26.56 -1.84 -4.72
N GLN A 32 -26.80 -0.57 -5.13
CA GLN A 32 -27.88 0.19 -4.55
C GLN A 32 -28.32 1.19 -5.57
N SER A 33 -27.41 1.61 -6.47
CA SER A 33 -27.76 2.58 -7.47
C SER A 33 -27.07 2.22 -8.75
N GLU A 34 -25.72 2.39 -8.81
CA GLU A 34 -25.02 2.09 -10.03
C GLU A 34 -23.85 1.22 -9.68
N GLY A 35 -23.08 1.59 -8.63
CA GLY A 35 -21.96 0.78 -8.24
C GLY A 35 -20.72 1.65 -8.19
N ILE A 36 -20.63 2.69 -9.05
CA ILE A 36 -19.47 3.55 -9.04
C ILE A 36 -19.94 4.90 -8.58
N TYR A 37 -19.66 5.24 -7.30
CA TYR A 37 -20.09 6.52 -6.76
C TYR A 37 -18.93 7.50 -6.82
N THR A 38 -17.74 7.04 -7.29
CA THR A 38 -16.57 7.91 -7.36
C THR A 38 -16.00 7.95 -5.97
N SER A 39 -14.83 8.61 -5.76
CA SER A 39 -14.25 8.66 -4.45
C SER A 39 -14.80 9.84 -3.68
N VAL A 40 -15.58 9.56 -2.60
CA VAL A 40 -16.14 10.62 -1.78
C VAL A 40 -16.81 10.01 -0.58
N GLY A 41 -16.95 8.67 -0.52
CA GLY A 41 -17.60 8.08 0.62
C GLY A 41 -16.62 7.23 1.37
N SER A 42 -17.00 6.84 2.61
CA SER A 42 -16.13 6.02 3.43
C SER A 42 -16.97 4.86 3.93
N TYR A 43 -16.45 3.63 3.78
CA TYR A 43 -17.16 2.47 4.23
C TYR A 43 -16.36 1.80 5.31
N ASP A 44 -16.95 0.78 5.97
CA ASP A 44 -16.27 0.08 7.04
C ASP A 44 -15.16 -0.76 6.45
N HIS A 45 -14.34 -1.36 7.35
CA HIS A 45 -13.23 -2.17 6.92
C HIS A 45 -13.74 -3.55 6.56
N GLN A 46 -14.87 -3.95 7.18
CA GLN A 46 -15.44 -5.26 6.90
C GLN A 46 -15.88 -5.30 5.46
N GLU A 47 -16.24 -4.14 4.88
CA GLU A 47 -16.67 -4.06 3.50
C GLU A 47 -15.53 -4.52 2.61
N LEU A 48 -14.28 -4.08 2.93
CA LEU A 48 -13.11 -4.43 2.15
C LEU A 48 -12.82 -5.90 2.28
N LEU A 49 -12.98 -6.46 3.50
CA LEU A 49 -12.67 -7.86 3.73
C LEU A 49 -13.70 -8.76 3.08
N GLN A 50 -14.97 -8.32 3.03
CA GLN A 50 -16.02 -9.14 2.47
C GLN A 50 -15.76 -9.37 0.99
N LEU A 51 -15.35 -8.32 0.23
CA LEU A 51 -15.10 -8.50 -1.18
C LEU A 51 -13.82 -9.28 -1.38
N VAL A 52 -12.83 -9.07 -0.49
CA VAL A 52 -11.56 -9.77 -0.58
C VAL A 52 -11.78 -11.26 -0.42
N VAL A 53 -12.63 -11.67 0.54
CA VAL A 53 -12.89 -13.09 0.75
C VAL A 53 -13.59 -13.66 -0.46
N LYS A 54 -14.54 -12.92 -1.07
CA LYS A 54 -15.24 -13.43 -2.23
C LYS A 54 -14.24 -13.64 -3.36
N LEU A 55 -13.15 -12.84 -3.37
CA LEU A 55 -12.13 -12.99 -4.40
C LEU A 55 -11.42 -14.30 -4.26
N SER A 56 -11.14 -14.75 -3.01
CA SER A 56 -10.44 -16.00 -2.83
C SER A 56 -11.33 -17.18 -3.17
N GLU A 57 -12.66 -16.99 -3.22
CA GLU A 57 -13.54 -18.11 -3.53
C GLU A 57 -14.00 -18.08 -4.97
N VAL A 58 -14.29 -16.88 -5.53
CA VAL A 58 -14.81 -16.80 -6.89
C VAL A 58 -13.72 -17.10 -7.91
N SER A 59 -12.47 -16.64 -7.67
CA SER A 59 -11.43 -16.89 -8.65
C SER A 59 -10.40 -17.83 -8.09
N SER A 60 -10.48 -18.16 -6.78
CA SER A 60 -9.52 -19.06 -6.17
C SER A 60 -8.14 -18.42 -6.20
N VAL A 61 -8.07 -17.16 -5.75
CA VAL A 61 -6.80 -16.47 -5.74
C VAL A 61 -6.42 -16.24 -4.29
N PRO A 62 -5.18 -16.53 -3.99
CA PRO A 62 -4.64 -16.37 -2.64
C PRO A 62 -4.75 -14.97 -2.14
N VAL A 63 -4.94 -14.82 -0.82
CA VAL A 63 -5.11 -13.51 -0.24
C VAL A 63 -3.78 -12.78 -0.14
N THR A 64 -2.63 -13.48 -0.36
CA THR A 64 -1.38 -12.77 -0.25
C THR A 64 -0.92 -12.32 -1.62
N GLU A 65 -1.23 -13.09 -2.69
CA GLU A 65 -0.83 -12.69 -4.02
C GLU A 65 -1.77 -11.61 -4.51
N LEU A 66 -3.00 -11.55 -3.94
CA LEU A 66 -3.95 -10.55 -4.37
C LEU A 66 -3.62 -9.24 -3.70
N VAL A 67 -3.12 -9.28 -2.44
CA VAL A 67 -2.78 -8.06 -1.77
C VAL A 67 -1.55 -7.43 -2.40
N ARG A 68 -0.64 -8.25 -3.01
CA ARG A 68 0.56 -7.69 -3.63
C ARG A 68 0.18 -6.93 -4.89
N LEU A 69 -0.61 -7.57 -5.79
CA LEU A 69 -0.99 -6.92 -7.03
C LEU A 69 -1.82 -5.69 -6.78
N PHE A 70 -2.67 -5.72 -5.74
CA PHE A 70 -3.53 -4.59 -5.42
C PHE A 70 -2.69 -3.36 -5.11
N GLY A 71 -1.66 -3.50 -4.25
CA GLY A 71 -0.84 -2.38 -3.86
C GLY A 71 -0.14 -1.75 -5.05
N LYS A 72 0.36 -2.56 -6.01
CA LYS A 72 1.10 -2.01 -7.14
C LYS A 72 0.21 -1.09 -7.99
N LYS A 73 -1.01 -1.57 -8.36
CA LYS A 73 -1.90 -0.79 -9.22
C LYS A 73 -2.35 0.53 -8.60
N LEU A 74 -2.82 0.53 -7.34
CA LEU A 74 -3.34 1.75 -6.75
C LEU A 74 -2.24 2.78 -6.50
N PHE A 75 -1.04 2.35 -6.06
CA PHE A 75 0.02 3.31 -5.77
C PHE A 75 0.43 4.07 -7.04
N VAL A 76 0.64 3.36 -8.18
CA VAL A 76 1.05 4.05 -9.40
C VAL A 76 -0.12 4.87 -9.93
N GLU A 77 -1.34 4.60 -9.42
CA GLU A 77 -2.50 5.36 -9.85
C GLU A 77 -2.39 6.75 -9.28
N LEU A 78 -1.92 6.87 -8.01
CA LEU A 78 -1.78 8.16 -7.38
C LEU A 78 -0.63 8.94 -7.98
N ILE A 79 0.45 8.25 -8.42
CA ILE A 79 1.59 8.97 -8.95
C ILE A 79 1.23 9.72 -10.20
N GLU A 80 0.66 9.02 -11.21
CA GLU A 80 0.25 9.71 -12.42
C GLU A 80 -1.01 10.50 -12.16
N GLY A 81 -1.68 10.20 -11.03
CA GLY A 81 -2.90 10.89 -10.68
C GLY A 81 -2.63 12.31 -10.27
N HIS A 82 -1.51 12.58 -9.56
CA HIS A 82 -1.26 13.93 -9.11
C HIS A 82 0.17 14.30 -9.40
N PRO A 83 0.31 15.15 -10.39
CA PRO A 83 1.61 15.63 -10.82
C PRO A 83 2.29 16.53 -9.84
N GLU A 84 1.52 17.18 -8.94
CA GLU A 84 2.12 18.07 -7.98
C GLU A 84 2.45 17.27 -6.73
N ILE A 85 1.97 16.01 -6.67
CA ILE A 85 2.23 15.21 -5.50
C ILE A 85 3.53 14.49 -5.75
N ALA A 86 3.92 14.34 -7.04
CA ALA A 86 5.16 13.67 -7.33
C ALA A 86 6.18 14.72 -7.70
N ASN A 87 5.72 15.97 -7.99
CA ASN A 87 6.64 17.03 -8.36
C ASN A 87 7.37 17.48 -7.13
N GLU A 88 6.66 17.58 -5.99
CA GLU A 88 7.26 18.04 -4.76
C GLU A 88 8.26 17.01 -4.25
N MET A 89 8.04 15.72 -4.56
CA MET A 89 8.93 14.68 -4.10
C MET A 89 10.09 14.58 -5.08
N LYS A 90 11.31 14.21 -4.57
CA LYS A 90 12.47 14.15 -5.44
C LYS A 90 13.01 12.74 -5.51
N ASP A 91 12.72 11.88 -4.51
CA ASP A 91 13.28 10.55 -4.52
C ASP A 91 12.50 9.72 -3.55
N SER A 92 12.75 8.39 -3.56
CA SER A 92 12.05 7.49 -2.67
C SER A 92 12.48 7.67 -1.24
N PHE A 93 13.76 8.03 -0.98
CA PHE A 93 14.19 8.21 0.40
C PHE A 93 13.54 9.47 0.92
N ASP A 94 13.45 10.52 0.06
CA ASP A 94 12.82 11.76 0.46
C ASP A 94 11.34 11.50 0.70
N LEU A 95 10.80 10.44 0.06
CA LEU A 95 9.40 10.10 0.23
C LEU A 95 9.15 9.73 1.66
N LEU A 96 10.05 8.88 2.24
CA LEU A 96 9.90 8.46 3.62
C LEU A 96 10.00 9.67 4.54
N SER A 97 10.82 10.68 4.18
CA SER A 97 10.99 11.84 5.04
C SER A 97 9.68 12.60 5.22
N LYS A 98 8.89 12.85 4.14
CA LYS A 98 7.67 13.62 4.32
C LYS A 98 6.46 12.75 4.05
N ILE A 99 6.60 11.41 4.23
CA ILE A 99 5.48 10.53 3.97
C ILE A 99 4.34 10.82 4.92
N ASP A 100 4.63 11.30 6.15
CA ASP A 100 3.56 11.56 7.08
C ASP A 100 3.57 13.01 7.46
N SER A 101 4.71 13.71 7.23
CA SER A 101 4.81 15.10 7.61
C SER A 101 3.87 15.94 6.77
N PHE A 102 3.82 15.75 5.42
CA PHE A 102 2.96 16.60 4.63
C PHE A 102 1.98 15.80 3.79
N ILE A 103 2.35 14.58 3.33
CA ILE A 103 1.44 13.83 2.49
C ILE A 103 0.21 13.40 3.27
N HIS A 104 0.40 12.83 4.49
CA HIS A 104 -0.75 12.37 5.24
C HIS A 104 -1.31 13.49 6.09
N VAL A 105 -0.76 14.72 5.97
CA VAL A 105 -1.30 15.81 6.76
C VAL A 105 -2.42 16.41 5.94
N GLU A 106 -2.26 16.41 4.58
CA GLU A 106 -3.28 16.95 3.72
C GLU A 106 -4.45 16.00 3.71
N VAL A 107 -4.16 14.67 3.68
CA VAL A 107 -5.22 13.68 3.65
C VAL A 107 -6.06 13.76 4.92
N TYR A 108 -5.40 13.82 6.10
CA TYR A 108 -6.11 13.88 7.38
C TYR A 108 -6.99 15.12 7.46
N LYS A 109 -6.46 16.31 7.12
CA LYS A 109 -7.25 17.52 7.22
C LYS A 109 -8.43 17.46 6.29
N LEU A 110 -8.28 16.87 5.09
CA LEU A 110 -9.37 16.78 4.16
C LEU A 110 -10.54 16.07 4.80
N TYR A 111 -10.47 14.73 4.95
CA TYR A 111 -11.59 14.05 5.55
C TYR A 111 -11.15 13.46 6.87
N PRO A 112 -11.98 13.64 7.86
CA PRO A 112 -11.73 13.15 9.22
C PRO A 112 -12.14 11.72 9.46
N GLN A 113 -12.79 11.06 8.47
CA GLN A 113 -13.22 9.69 8.65
C GLN A 113 -12.01 8.78 8.75
N ALA A 114 -10.94 9.09 7.98
CA ALA A 114 -9.76 8.25 7.98
C ALA A 114 -9.09 8.30 9.33
N GLU A 115 -8.50 7.15 9.75
CA GLU A 115 -7.82 7.08 11.02
C GLU A 115 -6.48 6.44 10.74
N LEU A 116 -5.40 7.01 11.32
CA LEU A 116 -4.09 6.45 11.06
C LEU A 116 -3.40 6.19 12.39
N PRO A 117 -2.47 5.26 12.33
CA PRO A 117 -1.68 4.84 13.48
C PRO A 117 -0.51 5.74 13.80
N LYS A 118 0.57 5.19 14.40
CA LYS A 118 1.71 6.02 14.74
C LYS A 118 2.89 5.57 13.92
N PHE A 119 3.77 6.53 13.53
CA PHE A 119 4.90 6.19 12.70
C PHE A 119 6.11 6.98 13.18
N THR A 120 7.22 6.28 13.49
CA THR A 120 8.43 6.95 13.93
C THR A 120 9.54 6.50 13.03
N CYS A 121 10.38 7.44 12.53
CA CYS A 121 11.45 7.06 11.62
C CYS A 121 12.78 7.29 12.27
N ASP A 122 13.65 6.26 12.22
CA ASP A 122 14.98 6.37 12.76
C ASP A 122 15.92 6.21 11.60
N ARG A 123 17.04 6.98 11.58
CA ARG A 123 17.96 6.86 10.48
C ARG A 123 19.28 6.39 11.03
N LEU A 124 19.72 5.17 10.60
CA LEU A 124 20.97 4.63 11.09
C LEU A 124 22.11 5.17 10.27
N GLY A 125 21.85 5.56 9.00
CA GLY A 125 22.93 6.06 8.19
C GLY A 125 22.39 6.40 6.82
N ASP A 126 23.22 6.16 5.78
CA ASP A 126 22.80 6.50 4.45
C ASP A 126 22.17 5.29 3.79
N ASN A 127 22.76 4.08 4.00
CA ASN A 127 22.23 2.91 3.36
C ASN A 127 21.36 2.13 4.33
N ASP A 128 21.19 2.64 5.57
CA ASP A 128 20.38 1.94 6.54
C ASP A 128 19.26 2.85 6.99
N ILE A 129 18.01 2.30 6.99
CA ILE A 129 16.86 3.07 7.42
C ILE A 129 15.97 2.14 8.20
N ARG A 130 15.42 2.63 9.34
CA ARG A 130 14.54 1.80 10.14
C ARG A 130 13.23 2.51 10.30
N LEU A 131 12.11 1.75 10.24
CA LEU A 131 10.81 2.36 10.42
C LEU A 131 10.07 1.59 11.48
N HIS A 132 9.53 2.35 12.47
CA HIS A 132 8.78 1.75 13.54
C HIS A 132 7.33 1.93 13.20
N TYR A 133 6.54 0.84 13.34
CA TYR A 133 5.15 0.92 13.01
C TYR A 133 4.37 0.38 14.18
N GLN A 134 3.48 1.22 14.78
CA GLN A 134 2.69 0.74 15.89
C GLN A 134 1.25 0.75 15.46
N SER A 135 0.66 -0.49 15.39
CA SER A 135 -0.72 -0.64 14.99
C SER A 135 -1.17 -2.00 15.46
N LYS A 136 -2.49 -2.15 15.73
CA LYS A 136 -2.98 -3.43 16.19
C LYS A 136 -3.44 -4.26 15.02
N ARG A 137 -3.28 -3.77 13.77
CA ARG A 137 -3.68 -4.53 12.62
C ARG A 137 -2.56 -4.43 11.62
N PRO A 138 -1.47 -5.11 11.90
CA PRO A 138 -0.29 -5.07 11.07
C PRO A 138 -0.15 -6.19 10.07
N PHE A 139 -0.29 -5.85 8.76
CA PHE A 139 -0.10 -6.84 7.73
C PHE A 139 1.12 -6.44 6.97
N ALA A 140 2.19 -7.25 7.06
CA ALA A 140 3.43 -6.96 6.38
C ALA A 140 3.26 -6.97 4.88
N SER A 141 2.45 -7.92 4.35
CA SER A 141 2.26 -8.00 2.92
C SER A 141 1.62 -6.74 2.38
N PHE A 142 0.85 -6.02 3.21
CA PHE A 142 0.18 -4.82 2.74
C PHE A 142 1.19 -3.69 2.63
N ALA A 143 2.01 -3.49 3.69
CA ALA A 143 2.98 -2.40 3.69
C ALA A 143 4.02 -2.59 2.62
N GLU A 144 4.50 -3.85 2.42
CA GLU A 144 5.51 -4.11 1.41
C GLU A 144 4.98 -3.79 0.04
N GLY A 145 3.68 -4.06 -0.20
CA GLY A 145 3.09 -3.80 -1.49
C GLY A 145 3.20 -2.33 -1.82
N LEU A 146 2.93 -1.45 -0.82
CA LEU A 146 3.00 -0.01 -1.05
C LEU A 146 4.42 0.49 -1.24
N LEU A 147 5.42 -0.02 -0.46
CA LEU A 147 6.78 0.51 -0.59
C LEU A 147 7.41 0.06 -1.90
N ASP A 148 7.23 -1.22 -2.27
CA ASP A 148 7.81 -1.74 -3.48
C ASP A 148 7.12 -1.12 -4.70
N GLY A 149 5.81 -0.79 -4.60
CA GLY A 149 5.11 -0.21 -5.72
C GLY A 149 5.74 1.12 -6.06
N CYS A 150 6.12 1.88 -5.00
CA CYS A 150 6.77 3.15 -5.19
C CYS A 150 8.06 2.95 -5.97
N ALA A 151 8.85 1.90 -5.63
CA ALA A 151 10.10 1.64 -6.33
C ALA A 151 9.80 1.06 -7.70
N GLU A 152 8.50 0.87 -8.00
CA GLU A 152 8.15 0.33 -9.29
C GLU A 152 8.10 1.47 -10.28
N TYR A 153 7.44 2.60 -9.92
CA TYR A 153 7.38 3.74 -10.83
C TYR A 153 8.78 4.30 -11.02
N PHE A 154 9.55 4.48 -9.90
CA PHE A 154 10.88 5.05 -9.99
C PHE A 154 11.83 4.11 -10.70
N LYS A 155 11.55 2.78 -10.65
CA LYS A 155 12.43 1.80 -11.30
C LYS A 155 13.69 1.67 -10.49
N GLU A 156 13.61 0.98 -9.33
CA GLU A 156 14.77 0.80 -8.51
C GLU A 156 14.70 -0.59 -7.91
N ASP A 157 15.56 -0.87 -6.91
CA ASP A 157 15.55 -2.18 -6.31
C ASP A 157 16.04 -2.05 -4.89
N PHE A 158 15.10 -1.88 -3.94
CA PHE A 158 15.47 -1.75 -2.54
C PHE A 158 14.95 -2.99 -1.86
N THR A 159 15.47 -3.31 -0.64
CA THR A 159 15.04 -4.51 0.03
C THR A 159 14.40 -4.13 1.34
N ILE A 160 13.14 -4.61 1.54
CA ILE A 160 12.44 -4.35 2.77
C ILE A 160 12.47 -5.64 3.55
N SER A 161 13.02 -5.60 4.79
CA SER A 161 13.12 -6.78 5.60
C SER A 161 12.36 -6.57 6.89
N ARG A 162 12.52 -7.53 7.83
CA ARG A 162 11.83 -7.46 9.11
C ARG A 162 12.67 -8.19 10.12
N THR A 163 12.43 -7.95 11.43
CA THR A 163 13.22 -8.65 12.43
C THR A 163 12.33 -9.67 13.09
N PRO A 164 12.93 -10.78 13.41
CA PRO A 164 12.25 -11.91 14.04
C PRO A 164 11.93 -11.75 15.51
N GLU A 165 12.42 -10.67 16.15
CA GLU A 165 12.14 -10.49 17.55
C GLU A 165 10.68 -10.10 17.70
N THR A 166 10.19 -9.22 16.80
CA THR A 166 8.82 -8.80 16.86
C THR A 166 8.13 -9.24 15.60
N GLN A 167 8.76 -10.19 14.88
CA GLN A 167 8.22 -10.71 13.65
C GLN A 167 6.86 -11.33 13.92
N ASP A 168 6.67 -12.03 15.06
CA ASP A 168 5.40 -12.64 15.32
C ASP A 168 4.78 -11.94 16.50
N SER A 169 4.75 -10.58 16.48
CA SER A 169 4.18 -9.85 17.58
C SER A 169 3.40 -8.71 16.99
N GLU A 170 2.21 -8.40 17.59
CA GLU A 170 1.39 -7.32 17.09
C GLU A 170 1.69 -6.07 17.89
N THR A 171 1.26 -4.90 17.33
CA THR A 171 1.46 -3.61 17.97
C THR A 171 2.83 -3.08 17.64
N ASP A 172 3.88 -3.87 17.97
CA ASP A 172 5.24 -3.41 17.71
C ASP A 172 5.86 -4.22 16.60
N VAL A 173 6.23 -3.53 15.50
CA VAL A 173 6.86 -4.22 14.38
C VAL A 173 8.08 -3.41 14.00
N ILE A 174 9.24 -4.08 13.81
CA ILE A 174 10.46 -3.39 13.46
C ILE A 174 10.81 -3.77 12.04
N PHE A 175 11.00 -2.74 11.17
CA PHE A 175 11.33 -3.01 9.79
C PHE A 175 12.70 -2.45 9.50
N ASN A 176 13.41 -3.13 8.56
CA ASN A 176 14.75 -2.72 8.19
C ASN A 176 14.77 -2.57 6.68
N ILE A 177 15.08 -1.35 6.19
CA ILE A 177 15.10 -1.12 4.76
C ILE A 177 16.53 -0.79 4.40
N THR A 178 17.12 -1.59 3.48
CA THR A 178 18.50 -1.38 3.10
C THR A 178 18.63 -1.24 1.60
N ARG A 179 19.76 -0.62 1.14
CA ARG A 179 20.00 -0.50 -0.29
C ARG A 179 20.87 -1.65 -0.70
N ALA A 180 20.34 -2.55 -1.56
CA ALA A 180 21.15 -3.66 -2.04
C ALA A 180 22.23 -3.08 -2.92
N PRO A 181 23.37 -3.72 -2.88
CA PRO A 181 24.53 -3.28 -3.64
C PRO A 181 24.28 -3.16 -5.12
N ARG A 182 24.57 -1.97 -5.66
CA ARG A 182 24.37 -1.74 -7.07
C ARG A 182 25.36 -0.72 -7.54
N GLY A 183 25.44 -0.54 -8.87
CA GLY A 183 26.36 0.42 -9.42
C GLY A 183 27.64 -0.31 -9.75
N ALA A 184 27.66 -0.98 -10.93
CA ALA A 184 28.82 -1.72 -11.37
C ALA A 184 28.79 -3.06 -10.67
N GLU A 185 29.48 -3.18 -9.51
CA GLU A 185 29.52 -4.43 -8.77
C GLU A 185 30.83 -4.48 -8.02
N ASN A 186 30.88 -3.87 -6.82
CA ASN A 186 32.10 -3.90 -6.05
C ASN A 186 31.81 -4.72 -4.83
N LEU A 187 32.43 -5.92 -4.72
CA LEU A 187 32.21 -6.77 -3.58
C LEU A 187 32.95 -6.20 -2.40
N TYR A 188 34.23 -5.81 -2.61
CA TYR A 188 35.00 -5.25 -1.53
C TYR A 188 36.17 -4.53 -2.14
N PHE A 189 37.23 -5.29 -2.51
CA PHE A 189 38.38 -4.67 -3.10
C PHE A 189 38.66 -5.40 -4.38
N GLN A 190 39.11 -6.67 -4.28
CA GLN A 190 39.40 -7.43 -5.46
C GLN A 190 38.88 -8.86 -5.23
N MET A 1 -8.65 6.12 2.35
CA MET A 1 -9.82 6.37 1.45
C MET A 1 -10.36 5.06 0.93
N MET A 2 -11.50 4.61 1.51
CA MET A 2 -12.08 3.35 1.10
C MET A 2 -12.82 3.52 -0.20
N GLY A 3 -13.16 4.78 -0.57
CA GLY A 3 -13.88 5.01 -1.80
C GLY A 3 -12.94 4.87 -2.96
N MET A 4 -11.71 5.41 -2.83
CA MET A 4 -10.76 5.38 -3.93
C MET A 4 -10.29 3.97 -4.18
N VAL A 5 -10.08 3.16 -3.12
CA VAL A 5 -9.61 1.81 -3.30
C VAL A 5 -10.69 0.98 -3.95
N PHE A 6 -11.98 1.39 -3.83
CA PHE A 6 -13.05 0.65 -4.45
C PHE A 6 -12.98 0.81 -5.94
N THR A 7 -12.57 2.02 -6.42
CA THR A 7 -12.48 2.25 -7.84
C THR A 7 -11.38 1.39 -8.43
N GLY A 8 -10.24 1.28 -7.70
CA GLY A 8 -9.11 0.49 -8.16
C GLY A 8 -9.50 -0.97 -8.27
N LEU A 9 -10.31 -1.47 -7.31
CA LEU A 9 -10.71 -2.86 -7.32
C LEU A 9 -11.57 -3.17 -8.53
N MET A 10 -12.48 -2.24 -8.91
CA MET A 10 -13.35 -2.49 -10.04
C MET A 10 -12.56 -2.64 -11.33
N GLU A 11 -11.52 -1.80 -11.51
CA GLU A 11 -10.73 -1.85 -12.74
C GLU A 11 -9.96 -3.15 -12.84
N LEU A 12 -9.39 -3.64 -11.71
CA LEU A 12 -8.59 -4.85 -11.73
C LEU A 12 -9.41 -6.10 -12.05
N ILE A 13 -10.63 -6.26 -11.48
CA ILE A 13 -11.37 -7.50 -11.72
C ILE A 13 -11.95 -7.52 -13.11
N GLU A 14 -12.42 -6.36 -13.63
CA GLU A 14 -13.07 -6.33 -14.93
C GLU A 14 -12.09 -6.62 -16.05
N ASP A 15 -10.89 -6.02 -15.98
CA ASP A 15 -9.90 -6.17 -17.02
C ASP A 15 -9.30 -7.56 -17.03
N GLU A 16 -9.12 -8.18 -15.85
CA GLU A 16 -8.46 -9.47 -15.81
C GLU A 16 -9.32 -10.60 -16.34
N PHE A 17 -10.60 -10.74 -15.91
CA PHE A 17 -11.34 -11.89 -16.38
C PHE A 17 -12.66 -11.55 -17.03
N GLY A 18 -13.25 -10.37 -16.76
CA GLY A 18 -14.52 -10.11 -17.40
C GLY A 18 -15.43 -9.39 -16.44
N TYR A 19 -16.65 -9.07 -16.92
CA TYR A 19 -17.57 -8.34 -16.11
C TYR A 19 -18.52 -9.32 -15.45
N GLU A 20 -18.53 -10.60 -15.91
CA GLU A 20 -19.40 -11.58 -15.30
C GLU A 20 -18.85 -11.89 -13.92
N THR A 21 -17.51 -12.01 -13.82
CA THR A 21 -16.86 -12.28 -12.55
C THR A 21 -17.01 -11.05 -11.69
N LEU A 22 -16.87 -9.85 -12.32
CA LEU A 22 -16.99 -8.60 -11.61
C LEU A 22 -18.38 -8.50 -11.02
N ASP A 23 -19.41 -8.98 -11.77
CA ASP A 23 -20.79 -8.91 -11.31
C ASP A 23 -21.00 -9.76 -10.08
N THR A 24 -20.31 -10.93 -9.98
CA THR A 24 -20.51 -11.80 -8.82
C THR A 24 -20.04 -11.07 -7.58
N LEU A 25 -18.90 -10.34 -7.67
CA LEU A 25 -18.39 -9.62 -6.52
C LEU A 25 -19.37 -8.53 -6.12
N LEU A 26 -20.01 -7.86 -7.11
CA LEU A 26 -20.95 -6.80 -6.80
C LEU A 26 -22.18 -7.38 -6.17
N GLU A 27 -22.39 -8.71 -6.25
CA GLU A 27 -23.54 -9.30 -5.63
C GLU A 27 -23.23 -9.60 -4.18
N SER A 28 -21.94 -9.87 -3.86
CA SER A 28 -21.59 -10.15 -2.48
C SER A 28 -21.75 -8.90 -1.64
N CYS A 29 -21.71 -7.70 -2.28
CA CYS A 29 -21.89 -6.49 -1.49
C CYS A 29 -23.26 -5.92 -1.80
N GLU A 30 -23.72 -6.10 -3.08
CA GLU A 30 -25.02 -5.64 -3.52
C GLU A 30 -24.92 -4.18 -3.89
N LEU A 31 -25.47 -3.82 -5.08
CA LEU A 31 -25.43 -2.45 -5.52
C LEU A 31 -26.77 -1.81 -5.23
N GLN A 32 -26.79 -0.90 -4.24
CA GLN A 32 -28.03 -0.21 -3.92
C GLN A 32 -28.33 0.76 -5.03
N SER A 33 -27.28 1.44 -5.53
CA SER A 33 -27.47 2.41 -6.59
C SER A 33 -26.75 1.94 -7.82
N GLU A 34 -25.44 2.27 -7.93
CA GLU A 34 -24.69 1.88 -9.10
C GLU A 34 -23.52 1.06 -8.66
N GLY A 35 -22.85 1.46 -7.55
CA GLY A 35 -21.74 0.69 -7.06
C GLY A 35 -20.47 1.47 -7.26
N ILE A 36 -20.39 2.27 -8.35
CA ILE A 36 -19.18 3.03 -8.58
C ILE A 36 -19.48 4.48 -8.33
N TYR A 37 -19.03 5.00 -7.17
CA TYR A 37 -19.24 6.39 -6.86
C TYR A 37 -18.16 7.20 -7.54
N THR A 38 -17.69 8.27 -6.87
CA THR A 38 -16.67 9.09 -7.45
C THR A 38 -15.39 8.86 -6.68
N SER A 39 -15.43 9.10 -5.34
CA SER A 39 -14.25 8.91 -4.51
C SER A 39 -14.50 9.56 -3.17
N VAL A 40 -15.78 9.85 -2.84
CA VAL A 40 -16.06 10.52 -1.57
C VAL A 40 -16.75 9.58 -0.61
N GLY A 41 -16.90 8.27 -0.94
CA GLY A 41 -17.57 7.38 -0.02
C GLY A 41 -16.56 6.74 0.89
N SER A 42 -16.93 6.54 2.18
CA SER A 42 -16.04 5.91 3.12
C SER A 42 -16.79 4.75 3.73
N TYR A 43 -16.16 3.55 3.75
CA TYR A 43 -16.79 2.39 4.31
C TYR A 43 -15.88 1.81 5.36
N ASP A 44 -16.38 0.78 6.08
CA ASP A 44 -15.59 0.16 7.13
C ASP A 44 -14.55 -0.72 6.49
N HIS A 45 -13.74 -1.40 7.34
CA HIS A 45 -12.69 -2.25 6.82
C HIS A 45 -13.27 -3.62 6.56
N GLN A 46 -14.44 -3.92 7.20
CA GLN A 46 -15.09 -5.20 6.97
C GLN A 46 -15.52 -5.28 5.54
N GLU A 47 -15.93 -4.13 4.97
CA GLU A 47 -16.37 -4.07 3.58
C GLU A 47 -15.21 -4.47 2.69
N LEU A 48 -13.99 -4.01 3.04
CA LEU A 48 -12.80 -4.30 2.25
C LEU A 48 -12.47 -5.77 2.27
N LEU A 49 -12.61 -6.45 3.43
CA LEU A 49 -12.23 -7.85 3.48
C LEU A 49 -13.36 -8.71 2.98
N GLN A 50 -14.58 -8.15 2.86
CA GLN A 50 -15.69 -8.94 2.37
C GLN A 50 -15.50 -9.18 0.89
N LEU A 51 -15.09 -8.13 0.12
CA LEU A 51 -14.89 -8.33 -1.31
C LEU A 51 -13.64 -9.12 -1.56
N VAL A 52 -12.60 -8.93 -0.71
CA VAL A 52 -11.35 -9.64 -0.86
C VAL A 52 -11.57 -11.13 -0.66
N VAL A 53 -12.39 -11.52 0.34
CA VAL A 53 -12.65 -12.92 0.58
C VAL A 53 -13.40 -13.53 -0.58
N LYS A 54 -14.40 -12.80 -1.17
CA LYS A 54 -15.12 -13.38 -2.28
C LYS A 54 -14.18 -13.49 -3.47
N LEU A 55 -13.07 -12.73 -3.47
CA LEU A 55 -12.12 -12.79 -4.55
C LEU A 55 -11.37 -14.10 -4.47
N SER A 56 -11.05 -14.57 -3.23
CA SER A 56 -10.32 -15.81 -3.09
C SER A 56 -11.21 -16.99 -3.41
N GLU A 57 -12.55 -16.80 -3.41
CA GLU A 57 -13.43 -17.92 -3.70
C GLU A 57 -13.91 -17.89 -5.14
N VAL A 58 -14.18 -16.69 -5.70
CA VAL A 58 -14.69 -16.60 -7.06
C VAL A 58 -13.63 -16.94 -8.08
N SER A 59 -12.35 -16.59 -7.83
CA SER A 59 -11.32 -16.87 -8.82
C SER A 59 -10.27 -17.79 -8.23
N SER A 60 -10.34 -18.03 -6.90
CA SER A 60 -9.37 -18.90 -6.25
C SER A 60 -8.01 -18.25 -6.30
N VAL A 61 -7.93 -16.96 -5.93
CA VAL A 61 -6.65 -16.27 -5.93
C VAL A 61 -6.26 -16.09 -4.49
N PRO A 62 -5.01 -16.41 -4.19
CA PRO A 62 -4.48 -16.27 -2.85
C PRO A 62 -4.58 -14.87 -2.31
N VAL A 63 -4.79 -14.77 -0.98
CA VAL A 63 -4.94 -13.48 -0.36
C VAL A 63 -3.61 -12.76 -0.24
N THR A 64 -2.46 -13.46 -0.45
CA THR A 64 -1.20 -12.75 -0.31
C THR A 64 -0.69 -12.35 -1.67
N GLU A 65 -0.98 -13.15 -2.73
CA GLU A 65 -0.53 -12.77 -4.06
C GLU A 65 -1.44 -11.69 -4.58
N LEU A 66 -2.67 -11.59 -4.02
CA LEU A 66 -3.60 -10.60 -4.48
C LEU A 66 -3.26 -9.28 -3.82
N VAL A 67 -2.81 -9.32 -2.54
CA VAL A 67 -2.49 -8.08 -1.86
C VAL A 67 -1.25 -7.46 -2.48
N ARG A 68 -0.35 -8.27 -3.11
CA ARG A 68 0.84 -7.73 -3.72
C ARG A 68 0.49 -6.99 -5.01
N LEU A 69 -0.25 -7.66 -5.92
CA LEU A 69 -0.62 -7.03 -7.19
C LEU A 69 -1.50 -5.82 -6.96
N PHE A 70 -2.39 -5.88 -5.95
CA PHE A 70 -3.30 -4.79 -5.67
C PHE A 70 -2.53 -3.53 -5.33
N GLY A 71 -1.52 -3.64 -4.44
CA GLY A 71 -0.74 -2.48 -4.02
C GLY A 71 -0.04 -1.83 -5.20
N LYS A 72 0.48 -2.64 -6.15
CA LYS A 72 1.21 -2.08 -7.28
C LYS A 72 0.33 -1.18 -8.13
N LYS A 73 -0.88 -1.65 -8.51
CA LYS A 73 -1.77 -0.87 -9.38
C LYS A 73 -2.25 0.42 -8.75
N LEU A 74 -2.73 0.40 -7.50
CA LEU A 74 -3.30 1.60 -6.90
C LEU A 74 -2.24 2.65 -6.63
N PHE A 75 -1.03 2.26 -6.18
CA PHE A 75 -0.01 3.26 -5.87
C PHE A 75 0.42 4.00 -7.12
N VAL A 76 0.62 3.31 -8.27
CA VAL A 76 1.03 4.00 -9.49
C VAL A 76 -0.13 4.81 -10.03
N GLU A 77 -1.35 4.51 -9.53
CA GLU A 77 -2.52 5.25 -9.96
C GLU A 77 -2.47 6.63 -9.38
N LEU A 78 -2.02 6.76 -8.10
CA LEU A 78 -1.94 8.04 -7.45
C LEU A 78 -0.78 8.85 -7.99
N ILE A 79 0.32 8.18 -8.44
CA ILE A 79 1.47 8.91 -8.92
C ILE A 79 1.12 9.67 -10.18
N GLU A 80 0.57 8.97 -11.20
CA GLU A 80 0.18 9.67 -12.41
C GLU A 80 -1.10 10.43 -12.17
N GLY A 81 -1.80 10.12 -11.06
CA GLY A 81 -3.04 10.77 -10.74
C GLY A 81 -2.81 12.19 -10.32
N HIS A 82 -1.70 12.46 -9.57
CA HIS A 82 -1.47 13.80 -9.10
C HIS A 82 -0.05 14.18 -9.41
N PRO A 83 0.07 15.03 -10.40
CA PRO A 83 1.36 15.53 -10.85
C PRO A 83 2.03 16.44 -9.87
N GLU A 84 1.25 17.09 -8.97
CA GLU A 84 1.83 17.98 -8.00
C GLU A 84 2.17 17.20 -6.76
N ILE A 85 1.71 15.94 -6.69
CA ILE A 85 1.98 15.16 -5.50
C ILE A 85 3.29 14.45 -5.74
N ALA A 86 3.68 14.28 -7.03
CA ALA A 86 4.93 13.62 -7.31
C ALA A 86 5.94 14.68 -7.66
N ASN A 87 5.49 15.91 -8.00
CA ASN A 87 6.41 16.98 -8.34
C ASN A 87 7.12 17.41 -7.09
N GLU A 88 6.37 17.51 -5.98
CA GLU A 88 6.95 17.95 -4.72
C GLU A 88 7.95 16.92 -4.22
N MET A 89 7.69 15.62 -4.49
CA MET A 89 8.60 14.58 -4.03
C MET A 89 9.78 14.50 -4.99
N LYS A 90 10.97 14.10 -4.47
CA LYS A 90 12.15 14.06 -5.31
C LYS A 90 12.68 12.65 -5.43
N ASP A 91 12.41 11.77 -4.44
CA ASP A 91 12.96 10.43 -4.52
C ASP A 91 12.23 9.58 -3.52
N SER A 92 12.48 8.25 -3.57
CA SER A 92 11.85 7.31 -2.67
C SER A 92 12.29 7.52 -1.23
N PHE A 93 13.60 7.82 -0.99
CA PHE A 93 14.04 8.01 0.37
C PHE A 93 13.42 9.27 0.92
N ASP A 94 13.32 10.32 0.07
CA ASP A 94 12.71 11.56 0.49
C ASP A 94 11.25 11.32 0.75
N LEU A 95 10.67 10.26 0.14
CA LEU A 95 9.27 9.93 0.33
C LEU A 95 9.05 9.54 1.77
N LEU A 96 9.95 8.68 2.33
CA LEU A 96 9.81 8.27 3.72
C LEU A 96 9.89 9.46 4.64
N SER A 97 10.75 10.45 4.31
CA SER A 97 10.89 11.62 5.15
C SER A 97 9.61 12.44 5.12
N LYS A 98 8.99 12.56 3.92
CA LYS A 98 7.80 13.38 3.75
C LYS A 98 6.53 12.55 3.90
N ILE A 99 6.64 11.27 4.33
CA ILE A 99 5.45 10.43 4.43
C ILE A 99 4.48 10.95 5.46
N ASP A 100 4.94 11.49 6.62
CA ASP A 100 3.98 11.95 7.58
C ASP A 100 3.97 13.45 7.62
N SER A 101 5.01 14.11 7.06
CA SER A 101 5.05 15.55 7.09
C SER A 101 3.92 16.15 6.29
N PHE A 102 3.65 15.67 5.04
CA PHE A 102 2.60 16.32 4.29
C PHE A 102 1.71 15.32 3.57
N ILE A 103 2.10 14.05 3.42
CA ILE A 103 1.25 13.12 2.69
C ILE A 103 0.01 12.79 3.49
N HIS A 104 0.17 12.37 4.76
CA HIS A 104 -0.98 11.98 5.53
C HIS A 104 -1.50 13.17 6.31
N VAL A 105 -0.90 14.36 6.14
CA VAL A 105 -1.41 15.53 6.83
C VAL A 105 -2.51 16.11 6.00
N GLU A 106 -2.28 16.20 4.67
CA GLU A 106 -3.28 16.76 3.80
C GLU A 106 -4.46 15.83 3.74
N VAL A 107 -4.21 14.50 3.68
CA VAL A 107 -5.29 13.54 3.60
C VAL A 107 -6.13 13.60 4.87
N TYR A 108 -5.49 13.63 6.07
CA TYR A 108 -6.20 13.68 7.34
C TYR A 108 -7.04 14.92 7.45
N LYS A 109 -6.47 16.11 7.14
CA LYS A 109 -7.23 17.35 7.26
C LYS A 109 -8.42 17.34 6.34
N LEU A 110 -8.27 16.75 5.13
CA LEU A 110 -9.38 16.71 4.19
C LEU A 110 -10.54 16.03 4.85
N TYR A 111 -10.51 14.69 5.04
CA TYR A 111 -11.63 14.06 5.67
C TYR A 111 -11.15 13.34 6.91
N PRO A 112 -11.90 13.52 7.96
CA PRO A 112 -11.59 12.94 9.27
C PRO A 112 -12.04 11.52 9.45
N GLN A 113 -12.73 10.92 8.45
CA GLN A 113 -13.20 9.55 8.58
C GLN A 113 -12.01 8.62 8.65
N ALA A 114 -10.94 8.92 7.87
CA ALA A 114 -9.77 8.06 7.86
C ALA A 114 -9.10 8.10 9.20
N GLU A 115 -8.51 6.94 9.61
CA GLU A 115 -7.83 6.86 10.87
C GLU A 115 -6.46 6.30 10.59
N LEU A 116 -5.40 6.92 11.17
CA LEU A 116 -4.05 6.45 10.90
C LEU A 116 -3.35 6.22 12.22
N PRO A 117 -2.34 5.36 12.16
CA PRO A 117 -1.53 4.98 13.31
C PRO A 117 -0.40 5.93 13.61
N LYS A 118 0.69 5.42 14.25
CA LYS A 118 1.81 6.28 14.60
C LYS A 118 3.02 5.81 13.84
N PHE A 119 3.88 6.78 13.39
CA PHE A 119 5.06 6.44 12.64
C PHE A 119 6.28 7.06 13.30
N THR A 120 7.33 6.24 13.51
CA THR A 120 8.56 6.75 14.10
C THR A 120 9.66 6.33 13.16
N CYS A 121 10.53 7.27 12.72
CA CYS A 121 11.57 6.89 11.80
C CYS A 121 12.92 7.23 12.37
N ASP A 122 13.84 6.25 12.32
CA ASP A 122 15.19 6.48 12.81
C ASP A 122 16.11 6.26 11.62
N ARG A 123 17.06 7.19 11.40
CA ARG A 123 17.96 7.04 10.28
C ARG A 123 19.30 6.61 10.82
N LEU A 124 19.76 5.39 10.42
CA LEU A 124 21.03 4.89 10.90
C LEU A 124 22.13 5.34 10.00
N GLY A 125 21.83 5.74 8.75
CA GLY A 125 22.90 6.15 7.86
C GLY A 125 22.32 6.47 6.51
N ASP A 126 23.11 6.19 5.45
CA ASP A 126 22.65 6.48 4.12
C ASP A 126 22.02 5.24 3.53
N ASN A 127 22.61 4.06 3.79
CA ASN A 127 22.07 2.84 3.24
C ASN A 127 21.27 2.10 4.28
N ASP A 128 21.17 2.66 5.52
CA ASP A 128 20.42 1.99 6.55
C ASP A 128 19.27 2.88 6.97
N ILE A 129 18.05 2.29 7.03
CA ILE A 129 16.89 3.04 7.43
C ILE A 129 16.02 2.12 8.27
N ARG A 130 15.49 2.65 9.40
CA ARG A 130 14.63 1.85 10.25
C ARG A 130 13.29 2.50 10.29
N LEU A 131 12.25 1.65 10.21
CA LEU A 131 10.90 2.14 10.22
C LEU A 131 10.15 1.45 11.33
N HIS A 132 9.64 2.26 12.30
CA HIS A 132 8.89 1.71 13.41
C HIS A 132 7.44 1.92 13.09
N TYR A 133 6.62 0.87 13.29
CA TYR A 133 5.23 0.98 12.99
C TYR A 133 4.47 0.51 14.20
N GLN A 134 3.60 1.39 14.76
CA GLN A 134 2.83 1.02 15.92
C GLN A 134 1.37 1.02 15.53
N SER A 135 0.77 -0.20 15.49
CA SER A 135 -0.63 -0.34 15.14
C SER A 135 -1.10 -1.68 15.64
N LYS A 136 -2.43 -1.84 15.76
CA LYS A 136 -2.97 -3.11 16.24
C LYS A 136 -3.40 -3.94 15.06
N ARG A 137 -3.17 -3.44 13.82
CA ARG A 137 -3.56 -4.18 12.65
C ARG A 137 -2.40 -4.16 11.69
N PRO A 138 -1.38 -4.93 12.00
CA PRO A 138 -0.17 -4.99 11.23
C PRO A 138 -0.09 -6.09 10.19
N PHE A 139 -0.31 -5.73 8.91
CA PHE A 139 -0.20 -6.70 7.86
C PHE A 139 1.04 -6.33 7.07
N ALA A 140 2.09 -7.16 7.19
CA ALA A 140 3.34 -6.91 6.52
C ALA A 140 3.18 -6.97 5.01
N SER A 141 2.37 -7.93 4.50
CA SER A 141 2.20 -8.06 3.07
C SER A 141 1.57 -6.81 2.48
N PHE A 142 0.77 -6.07 3.28
CA PHE A 142 0.12 -4.90 2.78
C PHE A 142 1.11 -3.77 2.64
N ALA A 143 1.93 -3.55 3.70
CA ALA A 143 2.89 -2.45 3.70
C ALA A 143 3.93 -2.66 2.62
N GLU A 144 4.41 -3.91 2.41
CA GLU A 144 5.42 -4.17 1.39
C GLU A 144 4.87 -3.84 0.04
N GLY A 145 3.56 -4.12 -0.19
CA GLY A 145 2.97 -3.85 -1.48
C GLY A 145 3.06 -2.38 -1.80
N LEU A 146 2.79 -1.51 -0.80
CA LEU A 146 2.84 -0.07 -1.03
C LEU A 146 4.27 0.45 -1.21
N LEU A 147 5.27 -0.04 -0.42
CA LEU A 147 6.62 0.50 -0.54
C LEU A 147 7.26 0.08 -1.85
N ASP A 148 7.09 -1.21 -2.24
CA ASP A 148 7.68 -1.69 -3.46
C ASP A 148 6.98 -1.10 -4.66
N GLY A 149 5.67 -0.77 -4.54
CA GLY A 149 4.95 -0.20 -5.67
C GLY A 149 5.57 1.13 -6.01
N CYS A 150 5.95 1.89 -4.96
CA CYS A 150 6.59 3.17 -5.16
C CYS A 150 7.89 2.96 -5.92
N ALA A 151 8.68 1.91 -5.55
CA ALA A 151 9.94 1.64 -6.24
C ALA A 151 9.65 1.00 -7.57
N GLU A 152 8.35 0.85 -7.91
CA GLU A 152 8.01 0.26 -9.18
C GLU A 152 7.96 1.37 -10.21
N TYR A 153 7.32 2.53 -9.87
CA TYR A 153 7.27 3.63 -10.80
C TYR A 153 8.67 4.19 -10.99
N PHE A 154 9.44 4.37 -9.89
CA PHE A 154 10.78 4.94 -9.99
C PHE A 154 11.73 3.96 -10.64
N LYS A 155 11.46 2.63 -10.57
CA LYS A 155 12.36 1.63 -11.15
C LYS A 155 13.59 1.56 -10.30
N GLU A 156 13.43 1.09 -9.04
CA GLU A 156 14.54 0.99 -8.15
C GLU A 156 14.55 -0.41 -7.59
N ASP A 157 15.50 -0.70 -6.67
CA ASP A 157 15.56 -2.01 -6.10
C ASP A 157 15.90 -1.86 -4.64
N PHE A 158 14.86 -1.85 -3.79
CA PHE A 158 15.09 -1.71 -2.36
C PHE A 158 14.59 -2.97 -1.71
N THR A 159 15.14 -3.32 -0.53
CA THR A 159 14.71 -4.53 0.12
C THR A 159 14.13 -4.17 1.47
N ILE A 160 12.89 -4.63 1.72
CA ILE A 160 12.23 -4.38 2.97
C ILE A 160 12.30 -5.66 3.76
N SER A 161 12.90 -5.59 4.98
CA SER A 161 13.03 -6.78 5.81
C SER A 161 12.28 -6.57 7.10
N ARG A 162 12.40 -7.57 8.01
CA ARG A 162 11.71 -7.53 9.28
C ARG A 162 12.59 -8.20 10.30
N THR A 163 12.42 -7.86 11.61
CA THR A 163 13.23 -8.48 12.62
C THR A 163 12.44 -9.60 13.25
N PRO A 164 13.15 -10.63 13.63
CA PRO A 164 12.57 -11.82 14.24
C PRO A 164 12.17 -11.67 15.68
N GLU A 165 12.59 -10.58 16.34
CA GLU A 165 12.26 -10.39 17.73
C GLU A 165 10.79 -10.06 17.87
N THR A 166 10.26 -9.19 16.97
CA THR A 166 8.88 -8.80 17.06
C THR A 166 8.13 -9.28 15.84
N GLN A 167 8.71 -10.20 15.05
CA GLN A 167 8.01 -10.71 13.88
C GLN A 167 6.82 -11.54 14.31
N ASP A 168 6.70 -11.88 15.62
CA ASP A 168 5.60 -12.70 16.03
C ASP A 168 4.78 -11.96 17.07
N SER A 169 4.67 -10.62 16.95
CA SER A 169 3.91 -9.89 17.93
C SER A 169 3.23 -8.73 17.24
N GLU A 170 2.12 -8.22 17.85
CA GLU A 170 1.39 -7.13 17.25
C GLU A 170 1.66 -5.88 18.04
N THR A 171 1.21 -4.71 17.48
CA THR A 171 1.39 -3.41 18.13
C THR A 171 2.78 -2.87 17.82
N ASP A 172 3.82 -3.69 18.10
CA ASP A 172 5.17 -3.23 17.85
C ASP A 172 5.81 -4.08 16.79
N VAL A 173 6.17 -3.46 15.65
CA VAL A 173 6.83 -4.20 14.59
C VAL A 173 8.04 -3.40 14.19
N ILE A 174 9.22 -4.07 14.07
CA ILE A 174 10.42 -3.37 13.70
C ILE A 174 10.76 -3.75 12.27
N PHE A 175 10.95 -2.71 11.42
CA PHE A 175 11.26 -2.94 10.03
C PHE A 175 12.64 -2.43 9.75
N ASN A 176 13.26 -3.01 8.70
CA ASN A 176 14.60 -2.65 8.33
C ASN A 176 14.64 -2.56 6.82
N ILE A 177 14.96 -1.36 6.28
CA ILE A 177 15.01 -1.19 4.85
C ILE A 177 16.46 -0.90 4.50
N THR A 178 17.06 -1.80 3.67
CA THR A 178 18.46 -1.67 3.31
C THR A 178 18.58 -1.57 1.81
N ARG A 179 19.55 -0.75 1.31
CA ARG A 179 19.74 -0.61 -0.12
C ARG A 179 20.65 -1.71 -0.57
N ALA A 180 20.15 -2.64 -1.43
CA ALA A 180 20.97 -3.70 -1.94
C ALA A 180 22.02 -3.07 -2.81
N PRO A 181 23.17 -3.72 -2.87
CA PRO A 181 24.29 -3.23 -3.63
C PRO A 181 24.07 -3.22 -5.12
N ARG A 182 24.40 -2.08 -5.74
CA ARG A 182 24.26 -1.96 -7.16
C ARG A 182 25.58 -1.51 -7.71
N GLY A 183 26.58 -2.38 -7.61
CA GLY A 183 27.89 -2.06 -8.11
C GLY A 183 28.55 -1.14 -7.13
N ALA A 184 28.68 -1.61 -5.86
CA ALA A 184 29.28 -0.81 -4.83
C ALA A 184 29.04 -1.52 -3.54
N GLU A 185 29.76 -2.64 -3.34
CA GLU A 185 29.58 -3.40 -2.13
C GLU A 185 30.86 -3.34 -1.35
N ASN A 186 30.90 -2.45 -0.34
CA ASN A 186 32.08 -2.32 0.47
C ASN A 186 31.71 -2.72 1.87
N LEU A 187 32.41 -3.75 2.41
CA LEU A 187 32.12 -4.18 3.75
C LEU A 187 33.12 -3.55 4.68
N TYR A 188 34.43 -3.67 4.34
CA TYR A 188 35.44 -3.09 5.19
C TYR A 188 36.68 -2.96 4.38
N PHE A 189 37.50 -4.03 4.32
CA PHE A 189 38.73 -3.98 3.58
C PHE A 189 38.87 -5.29 2.85
N GLN A 190 39.15 -5.23 1.53
CA GLN A 190 39.30 -6.44 0.77
C GLN A 190 40.79 -6.80 0.76
N MET A 1 -8.71 6.54 2.16
CA MET A 1 -9.71 6.73 1.07
C MET A 1 -10.29 5.39 0.67
N MET A 2 -11.39 4.98 1.34
CA MET A 2 -11.99 3.70 1.02
C MET A 2 -12.80 3.81 -0.24
N GLY A 3 -13.23 5.04 -0.60
CA GLY A 3 -14.02 5.21 -1.80
C GLY A 3 -13.12 5.08 -3.00
N MET A 4 -11.89 5.64 -2.92
CA MET A 4 -10.97 5.61 -4.03
C MET A 4 -10.45 4.22 -4.25
N VAL A 5 -10.20 3.44 -3.17
CA VAL A 5 -9.67 2.10 -3.35
C VAL A 5 -10.74 1.21 -3.92
N PHE A 6 -12.04 1.57 -3.76
CA PHE A 6 -13.10 0.76 -4.30
C PHE A 6 -13.10 0.90 -5.80
N THR A 7 -12.76 2.10 -6.31
CA THR A 7 -12.74 2.31 -7.75
C THR A 7 -11.62 1.48 -8.33
N GLY A 8 -10.45 1.44 -7.64
CA GLY A 8 -9.31 0.68 -8.10
C GLY A 8 -9.64 -0.80 -8.15
N LEU A 9 -10.41 -1.29 -7.15
CA LEU A 9 -10.75 -2.71 -7.09
C LEU A 9 -11.64 -3.10 -8.24
N MET A 10 -12.61 -2.23 -8.64
CA MET A 10 -13.50 -2.57 -9.74
C MET A 10 -12.74 -2.70 -11.04
N GLU A 11 -11.76 -1.79 -11.27
CA GLU A 11 -11.00 -1.81 -12.51
C GLU A 11 -10.16 -3.07 -12.62
N LEU A 12 -9.55 -3.51 -11.51
CA LEU A 12 -8.69 -4.69 -11.52
C LEU A 12 -9.45 -5.97 -11.83
N ILE A 13 -10.66 -6.19 -11.24
CA ILE A 13 -11.35 -7.45 -11.46
C ILE A 13 -11.95 -7.50 -12.85
N GLU A 14 -12.43 -6.35 -13.37
CA GLU A 14 -13.09 -6.35 -14.67
C GLU A 14 -12.09 -6.54 -15.79
N ASP A 15 -10.94 -5.87 -15.70
CA ASP A 15 -9.95 -5.90 -16.75
C ASP A 15 -9.24 -7.24 -16.86
N GLU A 16 -8.96 -7.93 -15.73
CA GLU A 16 -8.19 -9.14 -15.83
C GLU A 16 -9.02 -10.40 -15.76
N PHE A 17 -10.21 -10.40 -15.14
CA PHE A 17 -10.93 -11.66 -15.05
C PHE A 17 -12.22 -11.64 -15.83
N GLY A 18 -12.96 -10.51 -15.88
CA GLY A 18 -14.18 -10.52 -16.63
C GLY A 18 -15.22 -9.66 -15.97
N TYR A 19 -16.40 -9.59 -16.62
CA TYR A 19 -17.46 -8.75 -16.12
C TYR A 19 -18.42 -9.66 -15.39
N GLU A 20 -18.46 -10.97 -15.76
CA GLU A 20 -19.32 -11.90 -15.10
C GLU A 20 -18.77 -12.14 -13.71
N THR A 21 -17.43 -12.21 -13.59
CA THR A 21 -16.78 -12.42 -12.30
C THR A 21 -17.01 -11.20 -11.45
N LEU A 22 -16.94 -10.00 -12.08
CA LEU A 22 -17.15 -8.76 -11.37
C LEU A 22 -18.55 -8.73 -10.77
N ASP A 23 -19.56 -9.26 -11.51
CA ASP A 23 -20.93 -9.26 -11.05
C ASP A 23 -21.08 -10.11 -9.80
N THR A 24 -20.35 -11.25 -9.71
CA THR A 24 -20.49 -12.12 -8.55
C THR A 24 -20.01 -11.41 -7.31
N LEU A 25 -18.89 -10.63 -7.43
CA LEU A 25 -18.36 -9.92 -6.28
C LEU A 25 -19.37 -8.88 -5.80
N LEU A 26 -20.08 -8.21 -6.74
CA LEU A 26 -21.04 -7.19 -6.35
C LEU A 26 -22.24 -7.82 -5.71
N GLU A 27 -22.45 -9.14 -5.87
CA GLU A 27 -23.58 -9.76 -5.25
C GLU A 27 -23.22 -10.17 -3.83
N SER A 28 -21.92 -10.43 -3.58
CA SER A 28 -21.50 -10.81 -2.24
C SER A 28 -21.68 -9.62 -1.31
N CYS A 29 -21.45 -8.38 -1.81
CA CYS A 29 -21.62 -7.24 -0.92
C CYS A 29 -22.98 -6.67 -1.15
N GLU A 30 -23.46 -6.71 -2.42
CA GLU A 30 -24.78 -6.23 -2.79
C GLU A 30 -24.70 -4.74 -3.00
N LEU A 31 -25.35 -4.25 -4.09
CA LEU A 31 -25.35 -2.83 -4.37
C LEU A 31 -26.46 -2.19 -3.58
N GLN A 32 -26.72 -0.89 -3.86
CA GLN A 32 -27.75 -0.18 -3.16
C GLN A 32 -28.29 0.89 -4.08
N SER A 33 -27.46 1.34 -5.06
CA SER A 33 -27.91 2.37 -5.95
C SER A 33 -27.29 2.12 -7.29
N GLU A 34 -25.95 2.28 -7.40
CA GLU A 34 -25.29 2.07 -8.66
C GLU A 34 -24.15 1.13 -8.45
N GLY A 35 -23.29 1.41 -7.44
CA GLY A 35 -22.20 0.53 -7.17
C GLY A 35 -20.90 1.30 -7.30
N ILE A 36 -20.77 2.13 -8.36
CA ILE A 36 -19.54 2.87 -8.54
C ILE A 36 -19.85 4.32 -8.29
N TYR A 37 -19.43 4.84 -7.12
CA TYR A 37 -19.65 6.23 -6.79
C TYR A 37 -18.57 7.04 -7.44
N THR A 38 -18.10 8.09 -6.74
CA THR A 38 -17.07 8.94 -7.27
C THR A 38 -15.81 8.73 -6.47
N SER A 39 -15.90 8.99 -5.14
CA SER A 39 -14.73 8.83 -4.28
C SER A 39 -15.02 9.51 -2.97
N VAL A 40 -16.31 9.81 -2.68
CA VAL A 40 -16.64 10.50 -1.46
C VAL A 40 -17.21 9.52 -0.45
N GLY A 41 -17.27 8.21 -0.77
CA GLY A 41 -17.83 7.28 0.18
C GLY A 41 -16.74 6.68 1.01
N SER A 42 -17.03 6.48 2.31
CA SER A 42 -16.06 5.88 3.21
C SER A 42 -16.73 4.69 3.83
N TYR A 43 -16.11 3.50 3.70
CA TYR A 43 -16.70 2.31 4.26
C TYR A 43 -15.77 1.75 5.31
N ASP A 44 -16.23 0.69 6.01
CA ASP A 44 -15.43 0.08 7.05
C ASP A 44 -14.42 -0.83 6.41
N HIS A 45 -13.69 -1.59 7.25
CA HIS A 45 -12.68 -2.49 6.74
C HIS A 45 -13.30 -3.84 6.51
N GLN A 46 -14.49 -4.09 7.09
CA GLN A 46 -15.16 -5.36 6.89
C GLN A 46 -15.61 -5.41 5.45
N GLU A 47 -15.89 -4.23 4.85
CA GLU A 47 -16.32 -4.14 3.48
C GLU A 47 -15.20 -4.65 2.60
N LEU A 48 -13.94 -4.27 2.93
CA LEU A 48 -12.78 -4.69 2.17
C LEU A 48 -12.57 -6.17 2.33
N LEU A 49 -12.79 -6.69 3.55
CA LEU A 49 -12.55 -8.09 3.83
C LEU A 49 -13.58 -8.94 3.12
N GLN A 50 -14.83 -8.44 2.98
CA GLN A 50 -15.87 -9.21 2.35
C GLN A 50 -15.53 -9.42 0.89
N LEU A 51 -14.99 -8.38 0.20
CA LEU A 51 -14.66 -8.55 -1.22
C LEU A 51 -13.33 -9.23 -1.38
N VAL A 52 -12.48 -9.24 -0.33
CA VAL A 52 -11.19 -9.86 -0.47
C VAL A 52 -11.33 -11.35 -0.31
N VAL A 53 -12.21 -11.82 0.62
CA VAL A 53 -12.39 -13.24 0.79
C VAL A 53 -13.19 -13.80 -0.38
N LYS A 54 -14.13 -13.00 -0.97
CA LYS A 54 -14.90 -13.50 -2.09
C LYS A 54 -13.97 -13.62 -3.28
N LEU A 55 -12.91 -12.79 -3.30
CA LEU A 55 -11.96 -12.83 -4.41
C LEU A 55 -11.20 -14.14 -4.36
N SER A 56 -10.83 -14.63 -3.15
CA SER A 56 -10.08 -15.87 -3.05
C SER A 56 -10.96 -17.07 -3.36
N GLU A 57 -12.30 -16.91 -3.33
CA GLU A 57 -13.15 -18.05 -3.61
C GLU A 57 -13.66 -18.02 -5.05
N VAL A 58 -13.96 -16.84 -5.59
CA VAL A 58 -14.50 -16.75 -6.95
C VAL A 58 -13.44 -17.08 -7.98
N SER A 59 -12.17 -16.71 -7.75
CA SER A 59 -11.17 -16.99 -8.76
C SER A 59 -10.08 -17.87 -8.18
N SER A 60 -10.12 -18.11 -6.85
CA SER A 60 -9.13 -18.96 -6.20
C SER A 60 -7.78 -18.28 -6.27
N VAL A 61 -7.72 -16.98 -5.95
CA VAL A 61 -6.46 -16.27 -5.98
C VAL A 61 -6.05 -16.06 -4.55
N PRO A 62 -4.79 -16.36 -4.25
CA PRO A 62 -4.23 -16.21 -2.93
C PRO A 62 -4.36 -14.82 -2.38
N VAL A 63 -4.56 -14.72 -1.05
CA VAL A 63 -4.73 -13.42 -0.42
C VAL A 63 -3.40 -12.70 -0.31
N THR A 64 -2.26 -13.39 -0.53
CA THR A 64 -1.00 -12.67 -0.40
C THR A 64 -0.53 -12.20 -1.75
N GLU A 65 -0.83 -12.96 -2.84
CA GLU A 65 -0.41 -12.53 -4.16
C GLU A 65 -1.38 -11.48 -4.66
N LEU A 66 -2.61 -11.44 -4.09
CA LEU A 66 -3.58 -10.47 -4.53
C LEU A 66 -3.28 -9.17 -3.85
N VAL A 67 -2.82 -9.21 -2.58
CA VAL A 67 -2.51 -7.99 -1.87
C VAL A 67 -1.30 -7.32 -2.51
N ARG A 68 -0.36 -8.11 -3.11
CA ARG A 68 0.81 -7.51 -3.73
C ARG A 68 0.42 -6.77 -5.00
N LEU A 69 -0.37 -7.42 -5.89
CA LEU A 69 -0.77 -6.79 -7.14
C LEU A 69 -1.63 -5.58 -6.88
N PHE A 70 -2.49 -5.63 -5.84
CA PHE A 70 -3.38 -4.52 -5.54
C PHE A 70 -2.58 -3.28 -5.23
N GLY A 71 -1.54 -3.39 -4.35
CA GLY A 71 -0.75 -2.24 -3.97
C GLY A 71 -0.06 -1.61 -5.16
N LYS A 72 0.44 -2.43 -6.12
CA LYS A 72 1.16 -1.88 -7.26
C LYS A 72 0.26 -1.00 -8.12
N LYS A 73 -0.96 -1.50 -8.46
CA LYS A 73 -1.87 -0.75 -9.33
C LYS A 73 -2.33 0.57 -8.74
N LEU A 74 -2.83 0.57 -7.48
CA LEU A 74 -3.37 1.80 -6.90
C LEU A 74 -2.29 2.84 -6.64
N PHE A 75 -1.09 2.43 -6.19
CA PHE A 75 -0.04 3.40 -5.88
C PHE A 75 0.38 4.15 -7.14
N VAL A 76 0.60 3.43 -8.27
CA VAL A 76 1.01 4.10 -9.50
C VAL A 76 -0.14 4.91 -10.06
N GLU A 77 -1.37 4.63 -9.57
CA GLU A 77 -2.53 5.37 -10.01
C GLU A 77 -2.45 6.77 -9.46
N LEU A 78 -2.00 6.90 -8.19
CA LEU A 78 -1.89 8.19 -7.55
C LEU A 78 -0.73 8.97 -8.13
N ILE A 79 0.36 8.29 -8.56
CA ILE A 79 1.52 9.02 -9.08
C ILE A 79 1.15 9.75 -10.34
N GLU A 80 0.58 9.05 -11.34
CA GLU A 80 0.19 9.72 -12.56
C GLU A 80 -1.07 10.51 -12.30
N GLY A 81 -1.76 10.22 -11.19
CA GLY A 81 -2.98 10.90 -10.84
C GLY A 81 -2.72 12.33 -10.45
N HIS A 82 -1.61 12.60 -9.72
CA HIS A 82 -1.37 13.95 -9.29
C HIS A 82 0.06 14.33 -9.60
N PRO A 83 0.18 15.19 -10.56
CA PRO A 83 1.47 15.68 -11.02
C PRO A 83 2.19 16.54 -10.02
N GLU A 84 1.44 17.19 -9.09
CA GLU A 84 2.11 18.04 -8.13
C GLU A 84 2.37 17.24 -6.88
N ILE A 85 1.89 15.98 -6.85
CA ILE A 85 2.13 15.17 -5.68
C ILE A 85 3.42 14.46 -5.94
N ALA A 86 3.84 14.36 -7.23
CA ALA A 86 5.08 13.70 -7.54
C ALA A 86 6.13 14.75 -7.78
N ASN A 87 5.73 15.98 -8.18
CA ASN A 87 6.70 17.03 -8.41
C ASN A 87 7.28 17.48 -7.10
N GLU A 88 6.45 17.49 -6.01
CA GLU A 88 6.93 17.91 -4.72
C GLU A 88 7.99 16.95 -4.21
N MET A 89 7.83 15.63 -4.46
CA MET A 89 8.78 14.65 -3.97
C MET A 89 9.98 14.61 -4.90
N LYS A 90 11.16 14.18 -4.37
CA LYS A 90 12.36 14.16 -5.17
C LYS A 90 12.92 12.76 -5.27
N ASP A 91 12.65 11.88 -4.28
CA ASP A 91 13.21 10.55 -4.34
C ASP A 91 12.47 9.67 -3.36
N SER A 92 12.76 8.36 -3.40
CA SER A 92 12.12 7.39 -2.53
C SER A 92 12.48 7.66 -1.08
N PHE A 93 13.77 7.95 -0.77
CA PHE A 93 14.16 8.17 0.61
C PHE A 93 13.51 9.44 1.10
N ASP A 94 13.46 10.48 0.24
CA ASP A 94 12.84 11.73 0.64
C ASP A 94 11.35 11.50 0.83
N LEU A 95 10.81 10.45 0.18
CA LEU A 95 9.39 10.14 0.31
C LEU A 95 9.10 9.76 1.74
N LEU A 96 9.95 8.88 2.33
CA LEU A 96 9.74 8.43 3.71
C LEU A 96 9.78 9.62 4.65
N SER A 97 10.62 10.63 4.34
CA SER A 97 10.72 11.80 5.20
C SER A 97 9.45 12.62 5.11
N LYS A 98 8.89 12.74 3.87
CA LYS A 98 7.71 13.57 3.64
C LYS A 98 6.42 12.80 3.88
N ILE A 99 6.49 11.51 4.29
CA ILE A 99 5.27 10.73 4.48
C ILE A 99 4.39 11.34 5.56
N ASP A 100 4.95 11.72 6.72
CA ASP A 100 4.11 12.25 7.76
C ASP A 100 4.04 13.76 7.68
N SER A 101 5.07 14.42 7.12
CA SER A 101 5.08 15.86 7.08
C SER A 101 3.94 16.44 6.26
N PHE A 102 3.68 15.95 5.01
CA PHE A 102 2.62 16.59 4.25
C PHE A 102 1.75 15.61 3.48
N ILE A 103 2.15 14.34 3.30
CA ILE A 103 1.31 13.45 2.51
C ILE A 103 0.05 13.08 3.28
N HIS A 104 0.21 12.60 4.53
CA HIS A 104 -0.96 12.18 5.27
C HIS A 104 -1.48 13.32 6.10
N VAL A 105 -0.88 14.53 6.01
CA VAL A 105 -1.39 15.63 6.78
C VAL A 105 -2.38 16.37 5.90
N GLU A 106 -2.13 16.38 4.57
CA GLU A 106 -3.03 17.05 3.65
C GLU A 106 -4.29 16.25 3.52
N VAL A 107 -4.17 14.89 3.45
CA VAL A 107 -5.37 14.10 3.29
C VAL A 107 -6.12 14.03 4.61
N TYR A 108 -5.40 13.99 5.77
CA TYR A 108 -6.05 13.95 7.07
C TYR A 108 -6.89 15.20 7.28
N LYS A 109 -6.32 16.40 7.02
CA LYS A 109 -7.05 17.64 7.21
C LYS A 109 -8.27 17.66 6.34
N LEU A 110 -8.16 17.12 5.09
CA LEU A 110 -9.29 17.10 4.19
C LEU A 110 -10.44 16.39 4.85
N TYR A 111 -10.40 15.05 4.96
CA TYR A 111 -11.50 14.36 5.59
C TYR A 111 -10.98 13.63 6.80
N PRO A 112 -11.71 13.76 7.88
CA PRO A 112 -11.38 13.14 9.15
C PRO A 112 -11.82 11.72 9.31
N GLN A 113 -12.50 11.13 8.30
CA GLN A 113 -12.97 9.76 8.41
C GLN A 113 -11.78 8.83 8.47
N ALA A 114 -10.71 9.13 7.70
CA ALA A 114 -9.55 8.28 7.68
C ALA A 114 -8.88 8.29 9.03
N GLU A 115 -8.31 7.12 9.43
CA GLU A 115 -7.63 7.03 10.71
C GLU A 115 -6.31 6.37 10.44
N LEU A 116 -5.22 6.91 11.05
CA LEU A 116 -3.92 6.33 10.83
C LEU A 116 -3.25 6.06 12.16
N PRO A 117 -2.32 5.14 12.11
CA PRO A 117 -1.54 4.72 13.28
C PRO A 117 -0.42 5.66 13.63
N LYS A 118 0.65 5.15 14.29
CA LYS A 118 1.75 6.03 14.65
C LYS A 118 2.99 5.56 13.95
N PHE A 119 3.86 6.52 13.53
CA PHE A 119 5.06 6.16 12.81
C PHE A 119 6.23 6.85 13.45
N THR A 120 7.33 6.07 13.67
CA THR A 120 8.54 6.66 14.23
C THR A 120 9.63 6.31 13.26
N CYS A 121 10.44 7.31 12.82
CA CYS A 121 11.47 7.00 11.85
C CYS A 121 12.82 7.26 12.47
N ASP A 122 13.71 6.23 12.39
CA ASP A 122 15.04 6.37 12.93
C ASP A 122 15.98 6.14 11.78
N ARG A 123 16.97 7.05 11.59
CA ARG A 123 17.89 6.90 10.49
C ARG A 123 19.20 6.41 11.06
N LEU A 124 19.62 5.18 10.65
CA LEU A 124 20.86 4.64 11.15
C LEU A 124 22.01 5.12 10.30
N GLY A 125 21.76 5.50 9.03
CA GLY A 125 22.83 5.93 8.20
C GLY A 125 22.30 6.31 6.85
N ASP A 126 23.10 6.06 5.80
CA ASP A 126 22.68 6.42 4.46
C ASP A 126 22.01 5.23 3.81
N ASN A 127 22.57 4.01 4.02
CA ASN A 127 21.98 2.85 3.40
C ASN A 127 21.16 2.07 4.40
N ASP A 128 21.01 2.61 5.65
CA ASP A 128 20.24 1.91 6.65
C ASP A 128 19.11 2.80 7.09
N ILE A 129 17.87 2.25 7.11
CA ILE A 129 16.72 3.02 7.53
C ILE A 129 15.82 2.10 8.32
N ARG A 130 15.27 2.61 9.45
CA ARG A 130 14.39 1.80 10.27
C ARG A 130 13.09 2.51 10.41
N LEU A 131 11.96 1.77 10.34
CA LEU A 131 10.68 2.40 10.50
C LEU A 131 9.88 1.59 11.50
N HIS A 132 9.35 2.31 12.54
CA HIS A 132 8.56 1.66 13.55
C HIS A 132 7.12 1.83 13.17
N TYR A 133 6.35 0.74 13.30
CA TYR A 133 4.95 0.80 12.94
C TYR A 133 4.17 0.28 14.11
N GLN A 134 3.29 1.14 14.69
CA GLN A 134 2.49 0.70 15.81
C GLN A 134 1.06 0.68 15.34
N SER A 135 0.48 -0.55 15.24
CA SER A 135 -0.90 -0.68 14.80
C SER A 135 -1.36 -2.05 15.21
N LYS A 136 -2.69 -2.22 15.41
CA LYS A 136 -3.21 -3.50 15.82
C LYS A 136 -3.59 -4.31 14.60
N ARG A 137 -3.34 -3.79 13.39
CA ARG A 137 -3.66 -4.54 12.18
C ARG A 137 -2.46 -4.44 11.28
N PRO A 138 -1.41 -5.16 11.64
CA PRO A 138 -0.17 -5.12 10.91
C PRO A 138 0.00 -6.21 9.87
N PHE A 139 -0.17 -5.85 8.58
CA PHE A 139 0.05 -6.79 7.53
C PHE A 139 1.27 -6.36 6.79
N ALA A 140 2.36 -7.17 6.89
CA ALA A 140 3.61 -6.85 6.24
C ALA A 140 3.45 -6.82 4.75
N SER A 141 2.66 -7.77 4.18
CA SER A 141 2.49 -7.83 2.74
C SER A 141 1.80 -6.58 2.23
N PHE A 142 1.00 -5.89 3.06
CA PHE A 142 0.30 -4.72 2.60
C PHE A 142 1.26 -3.55 2.53
N ALA A 143 2.07 -3.34 3.59
CA ALA A 143 3.00 -2.22 3.61
C ALA A 143 4.05 -2.38 2.54
N GLU A 144 4.55 -3.62 2.33
CA GLU A 144 5.58 -3.85 1.32
C GLU A 144 5.04 -3.53 -0.05
N GLY A 145 3.74 -3.83 -0.29
CA GLY A 145 3.15 -3.57 -1.58
C GLY A 145 3.22 -2.08 -1.89
N LEU A 146 2.90 -1.22 -0.89
CA LEU A 146 2.94 0.21 -1.11
C LEU A 146 4.36 0.74 -1.29
N LEU A 147 5.36 0.25 -0.51
CA LEU A 147 6.70 0.78 -0.63
C LEU A 147 7.35 0.33 -1.92
N ASP A 148 7.16 -0.95 -2.29
CA ASP A 148 7.75 -1.47 -3.50
C ASP A 148 7.07 -0.87 -4.73
N GLY A 149 5.76 -0.55 -4.64
CA GLY A 149 5.05 0.01 -5.78
C GLY A 149 5.68 1.34 -6.12
N CYS A 150 6.04 2.12 -5.08
CA CYS A 150 6.67 3.40 -5.28
C CYS A 150 7.98 3.19 -6.04
N ALA A 151 8.76 2.15 -5.68
CA ALA A 151 10.02 1.89 -6.37
C ALA A 151 9.73 1.24 -7.71
N GLU A 152 8.44 1.03 -8.03
CA GLU A 152 8.08 0.42 -9.29
C GLU A 152 8.06 1.52 -10.33
N TYR A 153 7.39 2.66 -10.03
CA TYR A 153 7.34 3.76 -10.97
C TYR A 153 8.73 4.36 -11.12
N PHE A 154 9.47 4.52 -10.00
CA PHE A 154 10.79 5.11 -10.04
C PHE A 154 11.77 4.18 -10.73
N LYS A 155 11.52 2.85 -10.68
CA LYS A 155 12.41 1.88 -11.28
C LYS A 155 13.65 1.78 -10.43
N GLU A 156 13.54 1.10 -9.28
CA GLU A 156 14.67 0.94 -8.40
C GLU A 156 14.59 -0.45 -7.80
N ASP A 157 15.45 -0.73 -6.80
CA ASP A 157 15.44 -2.03 -6.18
C ASP A 157 15.83 -1.87 -4.74
N PHE A 158 14.83 -1.74 -3.85
CA PHE A 158 15.12 -1.61 -2.44
C PHE A 158 14.59 -2.84 -1.77
N THR A 159 15.13 -3.21 -0.59
CA THR A 159 14.67 -4.42 0.05
C THR A 159 14.09 -4.06 1.39
N ILE A 160 12.83 -4.52 1.62
CA ILE A 160 12.16 -4.27 2.85
C ILE A 160 12.19 -5.57 3.62
N SER A 161 12.76 -5.54 4.85
CA SER A 161 12.86 -6.74 5.65
C SER A 161 12.12 -6.53 6.94
N ARG A 162 12.26 -7.51 7.87
CA ARG A 162 11.60 -7.45 9.15
C ARG A 162 12.46 -8.17 10.14
N THR A 163 12.28 -7.87 11.45
CA THR A 163 13.09 -8.57 12.44
C THR A 163 12.28 -9.69 13.01
N PRO A 164 12.98 -10.76 13.34
CA PRO A 164 12.37 -11.97 13.88
C PRO A 164 11.94 -11.89 15.32
N GLU A 165 12.36 -10.82 16.03
CA GLU A 165 12.00 -10.71 17.42
C GLU A 165 10.53 -10.36 17.54
N THR A 166 10.03 -9.46 16.66
CA THR A 166 8.65 -9.06 16.72
C THR A 166 7.92 -9.46 15.46
N GLN A 167 8.52 -10.36 14.65
CA GLN A 167 7.86 -10.79 13.44
C GLN A 167 6.61 -11.60 13.79
N ASP A 168 6.44 -12.02 15.06
CA ASP A 168 5.28 -12.78 15.40
C ASP A 168 4.58 -12.07 16.54
N SER A 169 4.56 -10.71 16.50
CA SER A 169 3.89 -9.97 17.54
C SER A 169 3.12 -8.86 16.90
N GLU A 170 1.96 -8.51 17.49
CA GLU A 170 1.16 -7.45 16.95
C GLU A 170 1.42 -6.18 17.73
N THR A 171 0.98 -5.02 17.17
CA THR A 171 1.16 -3.72 17.82
C THR A 171 2.56 -3.20 17.53
N ASP A 172 3.59 -3.97 17.94
CA ASP A 172 4.95 -3.51 17.74
C ASP A 172 5.60 -4.31 16.65
N VAL A 173 5.98 -3.63 15.54
CA VAL A 173 6.64 -4.31 14.45
C VAL A 173 7.85 -3.48 14.08
N ILE A 174 9.02 -4.13 13.91
CA ILE A 174 10.23 -3.42 13.56
C ILE A 174 10.58 -3.76 12.13
N PHE A 175 10.75 -2.72 11.29
CA PHE A 175 11.07 -2.94 9.90
C PHE A 175 12.45 -2.42 9.62
N ASN A 176 13.16 -3.10 8.70
CA ASN A 176 14.50 -2.73 8.34
C ASN A 176 14.55 -2.60 6.84
N ILE A 177 14.86 -1.39 6.33
CA ILE A 177 14.91 -1.17 4.90
C ILE A 177 16.37 -0.90 4.58
N THR A 178 16.97 -1.79 3.74
CA THR A 178 18.38 -1.66 3.41
C THR A 178 18.55 -1.69 1.92
N ARG A 179 19.52 -0.91 1.37
CA ARG A 179 19.75 -0.93 -0.07
C ARG A 179 20.59 -2.15 -0.37
N ALA A 180 19.99 -3.12 -1.10
CA ALA A 180 20.73 -4.32 -1.45
C ALA A 180 21.76 -3.95 -2.49
N PRO A 181 22.79 -4.75 -2.57
CA PRO A 181 23.87 -4.52 -3.54
C PRO A 181 23.37 -4.44 -4.94
N ARG A 182 23.44 -3.23 -5.52
CA ARG A 182 22.97 -3.02 -6.87
C ARG A 182 23.75 -3.89 -7.82
N GLY A 183 25.08 -3.93 -7.69
CA GLY A 183 25.87 -4.77 -8.55
C GLY A 183 27.30 -4.47 -8.24
N ALA A 184 28.12 -5.53 -8.02
CA ALA A 184 29.51 -5.35 -7.70
C ALA A 184 29.58 -4.66 -6.35
N GLU A 185 30.20 -3.45 -6.32
CA GLU A 185 30.33 -2.69 -5.08
C GLU A 185 31.58 -1.85 -5.17
N ASN A 186 31.50 -0.67 -5.84
CA ASN A 186 32.68 0.16 -5.93
C ASN A 186 32.40 1.41 -5.14
N LEU A 187 33.29 1.74 -4.18
CA LEU A 187 33.10 2.93 -3.40
C LEU A 187 34.13 3.95 -3.84
N TYR A 188 35.38 3.80 -3.37
CA TYR A 188 36.41 4.75 -3.75
C TYR A 188 37.67 3.98 -4.00
N PHE A 189 38.56 3.92 -2.98
CA PHE A 189 39.80 3.21 -3.15
C PHE A 189 39.94 2.24 -2.02
N GLN A 190 40.58 1.08 -2.29
CA GLN A 190 40.75 0.10 -1.26
C GLN A 190 42.17 0.23 -0.73
N MET A 1 -8.81 6.94 1.96
CA MET A 1 -9.99 7.03 1.06
C MET A 1 -10.48 5.66 0.69
N MET A 2 -11.62 5.24 1.28
CA MET A 2 -12.15 3.93 1.00
C MET A 2 -12.93 3.96 -0.29
N GLY A 3 -13.35 5.18 -0.73
CA GLY A 3 -14.10 5.28 -1.96
C GLY A 3 -13.15 5.03 -3.12
N MET A 4 -11.91 5.55 -3.01
CA MET A 4 -10.94 5.42 -4.08
C MET A 4 -10.47 3.99 -4.22
N VAL A 5 -10.33 3.23 -3.11
CA VAL A 5 -9.85 1.87 -3.21
C VAL A 5 -10.90 1.02 -3.88
N PHE A 6 -12.19 1.44 -3.79
CA PHE A 6 -13.26 0.68 -4.41
C PHE A 6 -13.16 0.84 -5.91
N THR A 7 -12.75 2.04 -6.39
CA THR A 7 -12.66 2.28 -7.81
C THR A 7 -11.54 1.43 -8.38
N GLY A 8 -10.41 1.34 -7.65
CA GLY A 8 -9.27 0.56 -8.09
C GLY A 8 -9.63 -0.90 -8.18
N LEU A 9 -10.43 -1.40 -7.22
CA LEU A 9 -10.80 -2.80 -7.18
C LEU A 9 -11.68 -3.15 -8.38
N MET A 10 -12.60 -2.25 -8.77
CA MET A 10 -13.48 -2.55 -9.89
C MET A 10 -12.71 -2.70 -11.17
N GLU A 11 -11.70 -1.82 -11.39
CA GLU A 11 -10.92 -1.87 -12.61
C GLU A 11 -10.10 -3.14 -12.73
N LEU A 12 -9.50 -3.60 -11.60
CA LEU A 12 -8.67 -4.79 -11.61
C LEU A 12 -9.45 -6.06 -11.93
N ILE A 13 -10.67 -6.25 -11.35
CA ILE A 13 -11.38 -7.50 -11.57
C ILE A 13 -11.99 -7.54 -12.95
N GLU A 14 -12.48 -6.39 -13.47
CA GLU A 14 -13.15 -6.37 -14.75
C GLU A 14 -12.17 -6.66 -15.87
N ASP A 15 -10.97 -6.05 -15.81
CA ASP A 15 -9.99 -6.21 -16.85
C ASP A 15 -9.36 -7.59 -16.81
N GLU A 16 -9.23 -8.20 -15.63
CA GLU A 16 -8.55 -9.48 -15.53
C GLU A 16 -9.36 -10.61 -16.11
N PHE A 17 -10.66 -10.78 -15.74
CA PHE A 17 -11.36 -11.94 -16.27
C PHE A 17 -12.67 -11.58 -16.92
N GLY A 18 -13.27 -10.41 -16.62
CA GLY A 18 -14.53 -10.11 -17.26
C GLY A 18 -15.44 -9.44 -16.27
N TYR A 19 -16.65 -9.08 -16.75
CA TYR A 19 -17.59 -8.40 -15.90
C TYR A 19 -18.49 -9.42 -15.26
N GLU A 20 -18.47 -10.70 -15.73
CA GLU A 20 -19.31 -11.70 -15.13
C GLU A 20 -18.77 -12.02 -13.76
N THR A 21 -17.42 -12.11 -13.65
CA THR A 21 -16.77 -12.39 -12.39
C THR A 21 -16.95 -11.17 -11.52
N LEU A 22 -16.83 -9.98 -12.14
CA LEU A 22 -16.97 -8.73 -11.41
C LEU A 22 -18.37 -8.66 -10.81
N ASP A 23 -19.39 -9.16 -11.55
CA ASP A 23 -20.76 -9.14 -11.09
C ASP A 23 -20.94 -9.99 -9.85
N THR A 24 -20.22 -11.14 -9.75
CA THR A 24 -20.37 -12.01 -8.60
C THR A 24 -19.92 -11.28 -7.37
N LEU A 25 -18.79 -10.52 -7.47
CA LEU A 25 -18.27 -9.78 -6.33
C LEU A 25 -19.27 -8.70 -5.94
N LEU A 26 -19.93 -8.07 -6.94
CA LEU A 26 -20.88 -7.01 -6.65
C LEU A 26 -22.10 -7.60 -5.99
N GLU A 27 -22.27 -8.93 -6.05
CA GLU A 27 -23.42 -9.54 -5.42
C GLU A 27 -23.10 -9.84 -3.98
N SER A 28 -21.79 -10.05 -3.65
CA SER A 28 -21.43 -10.34 -2.27
C SER A 28 -21.63 -9.08 -1.44
N CYS A 29 -21.58 -7.88 -2.06
CA CYS A 29 -21.77 -6.67 -1.28
C CYS A 29 -23.15 -6.14 -1.58
N GLU A 30 -23.58 -6.26 -2.87
CA GLU A 30 -24.89 -5.81 -3.31
C GLU A 30 -24.80 -4.35 -3.67
N LEU A 31 -25.34 -3.99 -4.86
CA LEU A 31 -25.30 -2.61 -5.28
C LEU A 31 -26.55 -1.93 -4.80
N GLN A 32 -26.84 -0.73 -5.35
CA GLN A 32 -28.00 0.00 -4.95
C GLN A 32 -28.39 0.87 -6.11
N SER A 33 -27.51 1.84 -6.45
CA SER A 33 -27.78 2.73 -7.54
C SER A 33 -27.08 2.23 -8.77
N GLU A 34 -25.72 2.23 -8.77
CA GLU A 34 -25.00 1.80 -9.94
C GLU A 34 -23.84 0.95 -9.50
N GLY A 35 -23.10 1.40 -8.47
CA GLY A 35 -21.98 0.63 -8.00
C GLY A 35 -20.75 1.50 -8.00
N ILE A 36 -20.61 2.41 -8.99
CA ILE A 36 -19.45 3.27 -9.02
C ILE A 36 -19.91 4.64 -8.62
N TYR A 37 -19.68 5.02 -7.35
CA TYR A 37 -20.09 6.32 -6.86
C TYR A 37 -18.92 7.27 -6.93
N THR A 38 -17.73 6.79 -7.37
CA THR A 38 -16.55 7.62 -7.44
C THR A 38 -16.03 7.73 -6.02
N SER A 39 -14.93 8.47 -5.79
CA SER A 39 -14.39 8.58 -4.46
C SER A 39 -15.10 9.70 -3.72
N VAL A 40 -16.05 9.33 -2.83
CA VAL A 40 -16.79 10.33 -2.08
C VAL A 40 -17.24 9.72 -0.77
N GLY A 41 -17.27 8.36 -0.66
CA GLY A 41 -17.76 7.76 0.55
C GLY A 41 -16.65 7.08 1.28
N SER A 42 -16.91 6.76 2.57
CA SER A 42 -15.92 6.08 3.39
C SER A 42 -16.63 4.89 3.99
N TYR A 43 -16.03 3.68 3.84
CA TYR A 43 -16.64 2.49 4.39
C TYR A 43 -15.73 1.93 5.43
N ASP A 44 -16.17 0.85 6.11
CA ASP A 44 -15.38 0.23 7.15
C ASP A 44 -14.33 -0.65 6.50
N HIS A 45 -13.54 -1.36 7.34
CA HIS A 45 -12.49 -2.20 6.80
C HIS A 45 -13.04 -3.58 6.58
N GLN A 46 -14.20 -3.92 7.17
CA GLN A 46 -14.78 -5.22 6.96
C GLN A 46 -15.28 -5.28 5.54
N GLU A 47 -15.64 -4.12 4.97
CA GLU A 47 -16.12 -4.04 3.61
C GLU A 47 -15.00 -4.47 2.69
N LEU A 48 -13.76 -4.02 3.01
CA LEU A 48 -12.59 -4.35 2.22
C LEU A 48 -12.28 -5.82 2.31
N LEU A 49 -12.46 -6.43 3.50
CA LEU A 49 -12.14 -7.83 3.70
C LEU A 49 -13.22 -8.69 3.10
N GLN A 50 -14.46 -8.18 3.01
CA GLN A 50 -15.56 -8.96 2.50
C GLN A 50 -15.35 -9.23 1.01
N LEU A 51 -14.94 -8.20 0.24
CA LEU A 51 -14.71 -8.40 -1.19
C LEU A 51 -13.47 -9.23 -1.39
N VAL A 52 -12.46 -9.03 -0.52
CA VAL A 52 -11.22 -9.77 -0.61
C VAL A 52 -11.45 -11.25 -0.40
N VAL A 53 -12.33 -11.62 0.56
CA VAL A 53 -12.60 -13.01 0.83
C VAL A 53 -13.34 -13.63 -0.35
N LYS A 54 -14.31 -12.90 -0.97
CA LYS A 54 -15.03 -13.49 -2.08
C LYS A 54 -14.09 -13.63 -3.25
N LEU A 55 -13.00 -12.83 -3.27
CA LEU A 55 -12.02 -12.91 -4.34
C LEU A 55 -11.27 -14.22 -4.23
N SER A 56 -10.97 -14.68 -2.99
CA SER A 56 -10.24 -15.92 -2.83
C SER A 56 -11.13 -17.10 -3.14
N GLU A 57 -12.47 -16.92 -3.16
CA GLU A 57 -13.35 -18.04 -3.46
C GLU A 57 -13.81 -18.04 -4.90
N VAL A 58 -14.08 -16.84 -5.47
CA VAL A 58 -14.60 -16.75 -6.83
C VAL A 58 -13.52 -17.09 -7.86
N SER A 59 -12.26 -16.68 -7.62
CA SER A 59 -11.23 -16.95 -8.60
C SER A 59 -10.16 -17.84 -8.00
N SER A 60 -10.27 -18.16 -6.70
CA SER A 60 -9.29 -19.02 -6.05
C SER A 60 -7.94 -18.36 -6.08
N VAL A 61 -7.91 -17.04 -5.80
CA VAL A 61 -6.66 -16.32 -5.81
C VAL A 61 -6.26 -16.13 -4.37
N PRO A 62 -5.02 -16.44 -4.08
CA PRO A 62 -4.46 -16.31 -2.75
C PRO A 62 -4.56 -14.91 -2.22
N VAL A 63 -4.73 -14.78 -0.89
CA VAL A 63 -4.87 -13.48 -0.28
C VAL A 63 -3.55 -12.76 -0.22
N THR A 64 -2.40 -13.47 -0.44
CA THR A 64 -1.13 -12.78 -0.34
C THR A 64 -0.70 -12.36 -1.73
N GLU A 65 -1.00 -13.16 -2.77
CA GLU A 65 -0.62 -12.78 -4.12
C GLU A 65 -1.53 -11.69 -4.61
N LEU A 66 -2.75 -11.61 -4.04
CA LEU A 66 -3.70 -10.61 -4.46
C LEU A 66 -3.34 -9.29 -3.82
N VAL A 67 -2.86 -9.32 -2.55
CA VAL A 67 -2.51 -8.09 -1.88
C VAL A 67 -1.28 -7.47 -2.53
N ARG A 68 -0.41 -8.30 -3.17
CA ARG A 68 0.79 -7.76 -3.80
C ARG A 68 0.42 -7.00 -5.06
N LEU A 69 -0.35 -7.65 -5.97
CA LEU A 69 -0.74 -7.00 -7.23
C LEU A 69 -1.60 -5.79 -6.97
N PHE A 70 -2.46 -5.85 -5.93
CA PHE A 70 -3.36 -4.74 -5.62
C PHE A 70 -2.57 -3.49 -5.30
N GLY A 71 -1.54 -3.61 -4.42
CA GLY A 71 -0.76 -2.46 -4.01
C GLY A 71 -0.06 -1.81 -5.19
N LYS A 72 0.44 -2.61 -6.15
CA LYS A 72 1.17 -2.05 -7.28
C LYS A 72 0.27 -1.15 -8.13
N LYS A 73 -0.94 -1.64 -8.48
CA LYS A 73 -1.84 -0.87 -9.34
C LYS A 73 -2.32 0.44 -8.73
N LEU A 74 -2.81 0.42 -7.47
CA LEU A 74 -3.37 1.63 -6.90
C LEU A 74 -2.30 2.69 -6.63
N PHE A 75 -1.10 2.29 -6.15
CA PHE A 75 -0.06 3.27 -5.86
C PHE A 75 0.38 4.02 -7.11
N VAL A 76 0.61 3.29 -8.24
CA VAL A 76 1.04 3.96 -9.46
C VAL A 76 -0.12 4.76 -10.04
N GLU A 77 -1.35 4.49 -9.56
CA GLU A 77 -2.49 5.23 -10.06
C GLU A 77 -2.46 6.63 -9.49
N LEU A 78 -2.04 6.76 -8.21
CA LEU A 78 -1.96 8.06 -7.57
C LEU A 78 -0.83 8.86 -8.19
N ILE A 79 0.28 8.20 -8.59
CA ILE A 79 1.41 8.93 -9.14
C ILE A 79 1.00 9.62 -10.43
N GLU A 80 0.39 8.87 -11.38
CA GLU A 80 -0.01 9.48 -12.63
C GLU A 80 -1.25 10.32 -12.45
N GLY A 81 -1.94 10.22 -11.30
CA GLY A 81 -3.14 10.99 -11.11
C GLY A 81 -2.83 12.28 -10.40
N HIS A 82 -1.60 12.47 -9.89
CA HIS A 82 -1.30 13.70 -9.19
C HIS A 82 0.12 14.10 -9.47
N PRO A 83 0.27 14.95 -10.45
CA PRO A 83 1.56 15.45 -10.87
C PRO A 83 2.21 16.36 -9.86
N GLU A 84 1.41 17.01 -8.98
CA GLU A 84 1.98 17.88 -8.00
C GLU A 84 2.28 17.10 -6.75
N ILE A 85 1.81 15.83 -6.69
CA ILE A 85 2.04 15.04 -5.50
C ILE A 85 3.36 14.34 -5.69
N ALA A 86 3.80 14.18 -6.96
CA ALA A 86 5.06 13.53 -7.19
C ALA A 86 6.08 14.59 -7.55
N ASN A 87 5.62 15.83 -7.89
CA ASN A 87 6.54 16.89 -8.23
C ASN A 87 7.22 17.37 -6.97
N GLU A 88 6.45 17.47 -5.87
CA GLU A 88 7.00 17.95 -4.62
C GLU A 88 7.99 16.94 -4.08
N MET A 89 7.79 15.64 -4.37
CA MET A 89 8.69 14.62 -3.89
C MET A 89 9.87 14.53 -4.84
N LYS A 90 11.09 14.22 -4.30
CA LYS A 90 12.26 14.17 -5.15
C LYS A 90 12.81 12.77 -5.24
N ASP A 91 12.50 11.89 -4.26
CA ASP A 91 13.06 10.56 -4.29
C ASP A 91 12.26 9.72 -3.34
N SER A 92 12.52 8.38 -3.36
CA SER A 92 11.80 7.47 -2.49
C SER A 92 12.23 7.65 -1.05
N PHE A 93 13.51 8.02 -0.78
CA PHE A 93 13.93 8.19 0.59
C PHE A 93 13.25 9.43 1.14
N ASP A 94 13.13 10.49 0.30
CA ASP A 94 12.46 11.70 0.73
C ASP A 94 10.99 11.41 0.95
N LEU A 95 10.47 10.35 0.28
CA LEU A 95 9.08 9.97 0.44
C LEU A 95 8.84 9.56 1.87
N LEU A 96 9.76 8.74 2.42
CA LEU A 96 9.62 8.28 3.79
C LEU A 96 9.70 9.46 4.74
N SER A 97 10.49 10.50 4.39
CA SER A 97 10.63 11.66 5.26
C SER A 97 9.31 12.37 5.45
N LYS A 98 8.51 12.61 4.37
CA LYS A 98 7.26 13.34 4.55
C LYS A 98 6.08 12.43 4.28
N ILE A 99 6.23 11.10 4.51
CA ILE A 99 5.13 10.19 4.26
C ILE A 99 3.97 10.51 5.16
N ASP A 100 4.20 11.06 6.38
CA ASP A 100 3.06 11.35 7.23
C ASP A 100 3.13 12.79 7.69
N SER A 101 4.24 13.49 7.42
CA SER A 101 4.33 14.87 7.85
C SER A 101 3.82 15.79 6.78
N PHE A 102 3.42 15.27 5.59
CA PHE A 102 2.93 16.18 4.57
C PHE A 102 1.86 15.50 3.77
N ILE A 103 2.10 14.24 3.32
CA ILE A 103 1.12 13.55 2.50
C ILE A 103 -0.12 13.22 3.31
N HIS A 104 0.06 12.63 4.52
CA HIS A 104 -1.10 12.24 5.30
C HIS A 104 -1.60 13.40 6.12
N VAL A 105 -0.93 14.58 6.05
CA VAL A 105 -1.41 15.70 6.83
C VAL A 105 -2.40 16.46 5.98
N GLU A 106 -2.18 16.46 4.64
CA GLU A 106 -3.08 17.16 3.74
C GLU A 106 -4.37 16.39 3.64
N VAL A 107 -4.30 15.04 3.58
CA VAL A 107 -5.52 14.28 3.47
C VAL A 107 -6.26 14.29 4.79
N TYR A 108 -5.54 14.31 5.94
CA TYR A 108 -6.19 14.34 7.24
C TYR A 108 -7.05 15.59 7.38
N LYS A 109 -6.49 16.78 7.05
CA LYS A 109 -7.25 18.01 7.18
C LYS A 109 -8.47 17.96 6.29
N LEU A 110 -8.32 17.38 5.08
CA LEU A 110 -9.43 17.29 4.17
C LEU A 110 -10.57 16.56 4.82
N TYR A 111 -10.50 15.21 4.93
CA TYR A 111 -11.59 14.50 5.56
C TYR A 111 -11.06 13.84 6.81
N PRO A 112 -11.84 13.95 7.86
CA PRO A 112 -11.51 13.41 9.17
C PRO A 112 -11.89 11.97 9.40
N GLN A 113 -12.55 11.32 8.40
CA GLN A 113 -12.96 9.93 8.58
C GLN A 113 -11.75 9.04 8.68
N ALA A 114 -10.68 9.34 7.89
CA ALA A 114 -9.50 8.51 7.90
C ALA A 114 -8.80 8.61 9.24
N GLU A 115 -8.19 7.48 9.68
CA GLU A 115 -7.49 7.45 10.93
C GLU A 115 -6.14 6.84 10.66
N LEU A 116 -5.06 7.45 11.20
CA LEU A 116 -3.73 6.93 10.95
C LEU A 116 -3.14 6.49 12.26
N PRO A 117 -2.19 5.59 12.15
CA PRO A 117 -1.46 5.02 13.30
C PRO A 117 -0.31 5.89 13.74
N LYS A 118 0.74 5.27 14.34
CA LYS A 118 1.87 6.06 14.80
C LYS A 118 3.07 5.66 13.97
N PHE A 119 3.89 6.66 13.56
CA PHE A 119 5.05 6.39 12.75
C PHE A 119 6.27 6.98 13.42
N THR A 120 7.31 6.14 13.63
CA THR A 120 8.55 6.61 14.21
C THR A 120 9.63 6.23 13.24
N CYS A 121 10.47 7.20 12.82
CA CYS A 121 11.49 6.87 11.86
C CYS A 121 12.85 7.19 12.43
N ASP A 122 13.77 6.21 12.35
CA ASP A 122 15.11 6.41 12.83
C ASP A 122 16.02 6.26 11.64
N ARG A 123 17.16 6.97 11.61
CA ARG A 123 18.05 6.87 10.48
C ARG A 123 19.39 6.39 11.02
N LEU A 124 19.82 5.19 10.58
CA LEU A 124 21.07 4.64 11.05
C LEU A 124 22.21 5.08 10.16
N GLY A 125 21.91 5.56 8.94
CA GLY A 125 22.99 5.96 8.07
C GLY A 125 22.42 6.37 6.75
N ASP A 126 23.20 6.14 5.67
CA ASP A 126 22.74 6.52 4.36
C ASP A 126 22.08 5.33 3.71
N ASN A 127 22.62 4.11 3.93
CA ASN A 127 22.04 2.94 3.31
C ASN A 127 21.22 2.18 4.33
N ASP A 128 21.10 2.71 5.57
CA ASP A 128 20.34 2.01 6.59
C ASP A 128 19.21 2.91 7.03
N ILE A 129 17.97 2.33 7.07
CA ILE A 129 16.81 3.09 7.49
C ILE A 129 15.93 2.16 8.29
N ARG A 130 15.41 2.65 9.44
CA ARG A 130 14.54 1.83 10.26
C ARG A 130 13.19 2.47 10.28
N LEU A 131 12.15 1.63 10.20
CA LEU A 131 10.80 2.11 10.18
C LEU A 131 10.02 1.41 11.27
N HIS A 132 9.50 2.20 12.24
CA HIS A 132 8.72 1.64 13.33
C HIS A 132 7.28 1.85 12.99
N TYR A 133 6.46 0.78 13.15
CA TYR A 133 5.07 0.88 12.81
C TYR A 133 4.29 0.37 13.99
N GLN A 134 3.38 1.21 14.55
CA GLN A 134 2.58 0.77 15.66
C GLN A 134 1.15 0.77 15.21
N SER A 135 0.55 -0.45 15.14
CA SER A 135 -0.82 -0.58 14.71
C SER A 135 -1.30 -1.95 15.14
N LYS A 136 -2.62 -2.12 15.36
CA LYS A 136 -3.14 -3.40 15.79
C LYS A 136 -3.53 -4.22 14.58
N ARG A 137 -3.27 -3.72 13.35
CA ARG A 137 -3.61 -4.48 12.16
C ARG A 137 -2.40 -4.41 11.27
N PRO A 138 -1.37 -5.15 11.63
CA PRO A 138 -0.12 -5.16 10.90
C PRO A 138 0.04 -6.27 9.90
N PHE A 139 -0.14 -5.95 8.60
CA PHE A 139 0.07 -6.94 7.58
C PHE A 139 1.30 -6.53 6.82
N ALA A 140 2.38 -7.33 6.94
CA ALA A 140 3.64 -7.04 6.28
C ALA A 140 3.46 -7.07 4.78
N SER A 141 2.65 -8.02 4.25
CA SER A 141 2.47 -8.13 2.82
C SER A 141 1.82 -6.88 2.26
N PHE A 142 1.00 -6.17 3.08
CA PHE A 142 0.32 -4.99 2.58
C PHE A 142 1.31 -3.84 2.47
N ALA A 143 2.13 -3.63 3.53
CA ALA A 143 3.07 -2.53 3.54
C ALA A 143 4.12 -2.70 2.46
N GLU A 144 4.61 -3.95 2.24
CA GLU A 144 5.63 -4.19 1.23
C GLU A 144 5.09 -3.86 -0.14
N GLY A 145 3.79 -4.17 -0.38
CA GLY A 145 3.21 -3.90 -1.67
C GLY A 145 3.27 -2.42 -1.98
N LEU A 146 2.96 -1.56 -0.98
CA LEU A 146 2.99 -0.12 -1.19
C LEU A 146 4.40 0.42 -1.37
N LEU A 147 5.40 -0.07 -0.58
CA LEU A 147 6.75 0.49 -0.69
C LEU A 147 7.40 0.07 -1.98
N ASP A 148 7.24 -1.20 -2.37
CA ASP A 148 7.84 -1.70 -3.59
C ASP A 148 7.15 -1.09 -4.81
N GLY A 149 5.83 -0.79 -4.71
CA GLY A 149 5.12 -0.20 -5.83
C GLY A 149 5.72 1.14 -6.14
N CYS A 150 6.09 1.89 -5.08
CA CYS A 150 6.71 3.18 -5.24
C CYS A 150 8.02 3.01 -6.01
N ALA A 151 8.81 1.97 -5.68
CA ALA A 151 10.07 1.74 -6.37
C ALA A 151 9.80 1.16 -7.75
N GLU A 152 8.51 0.95 -8.06
CA GLU A 152 8.17 0.42 -9.36
C GLU A 152 8.12 1.57 -10.34
N TYR A 153 7.44 2.69 -9.97
CA TYR A 153 7.40 3.84 -10.87
C TYR A 153 8.80 4.41 -11.03
N PHE A 154 9.54 4.59 -9.91
CA PHE A 154 10.88 5.16 -9.97
C PHE A 154 11.85 4.22 -10.67
N LYS A 155 11.57 2.89 -10.64
CA LYS A 155 12.45 1.93 -11.28
C LYS A 155 13.70 1.80 -10.44
N GLU A 156 13.59 1.07 -9.31
CA GLU A 156 14.73 0.88 -8.45
C GLU A 156 14.64 -0.51 -7.87
N ASP A 157 15.49 -0.81 -6.86
CA ASP A 157 15.45 -2.12 -6.26
C ASP A 157 15.88 -1.98 -4.82
N PHE A 158 14.91 -1.80 -3.90
CA PHE A 158 15.24 -1.68 -2.50
C PHE A 158 14.73 -2.92 -1.82
N THR A 159 15.25 -3.24 -0.62
CA THR A 159 14.83 -4.44 0.05
C THR A 159 14.22 -4.08 1.38
N ILE A 160 12.99 -4.57 1.61
CA ILE A 160 12.30 -4.31 2.85
C ILE A 160 12.35 -5.60 3.63
N SER A 161 12.92 -5.55 4.86
CA SER A 161 13.03 -6.73 5.68
C SER A 161 12.26 -6.53 6.95
N ARG A 162 12.40 -7.51 7.88
CA ARG A 162 11.68 -7.48 9.13
C ARG A 162 12.55 -8.17 10.16
N THR A 163 12.33 -7.87 11.47
CA THR A 163 13.12 -8.53 12.48
C THR A 163 12.31 -9.66 13.07
N PRO A 164 13.03 -10.70 13.43
CA PRO A 164 12.43 -11.91 13.99
C PRO A 164 11.99 -11.80 15.43
N GLU A 165 12.39 -10.71 16.12
CA GLU A 165 12.01 -10.57 17.51
C GLU A 165 10.54 -10.25 17.61
N THR A 166 10.04 -9.38 16.71
CA THR A 166 8.64 -8.99 16.77
C THR A 166 7.94 -9.41 15.50
N GLN A 167 8.55 -10.31 14.69
CA GLN A 167 7.90 -10.75 13.48
C GLN A 167 6.65 -11.54 13.81
N ASP A 168 6.46 -11.96 15.09
CA ASP A 168 5.29 -12.71 15.43
C ASP A 168 4.59 -12.01 16.57
N SER A 169 4.56 -10.66 16.52
CA SER A 169 3.90 -9.92 17.57
C SER A 169 3.16 -8.78 16.92
N GLU A 170 1.98 -8.43 17.49
CA GLU A 170 1.17 -7.37 16.93
C GLU A 170 1.43 -6.09 17.71
N THR A 171 1.02 -4.93 17.13
CA THR A 171 1.20 -3.63 17.76
C THR A 171 2.58 -3.11 17.47
N ASP A 172 3.62 -3.85 17.91
CA ASP A 172 4.97 -3.39 17.68
C ASP A 172 5.63 -4.22 16.62
N VAL A 173 6.01 -3.57 15.50
CA VAL A 173 6.68 -4.27 14.43
C VAL A 173 7.90 -3.46 14.06
N ILE A 174 9.06 -4.13 13.92
CA ILE A 174 10.28 -3.44 13.58
C ILE A 174 10.63 -3.79 12.16
N PHE A 175 10.85 -2.74 11.32
CA PHE A 175 11.16 -2.95 9.93
C PHE A 175 12.55 -2.44 9.68
N ASN A 176 13.17 -2.99 8.62
CA ASN A 176 14.52 -2.62 8.27
C ASN A 176 14.59 -2.50 6.76
N ILE A 177 14.92 -1.31 6.25
CA ILE A 177 15.00 -1.10 4.83
C ILE A 177 16.44 -0.82 4.50
N THR A 178 17.06 -1.68 3.67
CA THR A 178 18.47 -1.55 3.34
C THR A 178 18.62 -1.57 1.84
N ARG A 179 19.59 -0.76 1.30
CA ARG A 179 19.81 -0.77 -0.14
C ARG A 179 20.77 -1.88 -0.45
N ALA A 180 20.34 -2.87 -1.27
CA ALA A 180 21.21 -3.95 -1.63
C ALA A 180 22.29 -3.38 -2.52
N PRO A 181 23.46 -3.98 -2.44
CA PRO A 181 24.62 -3.54 -3.20
C PRO A 181 24.38 -3.48 -4.67
N ARG A 182 24.68 -2.31 -5.28
CA ARG A 182 24.51 -2.16 -6.70
C ARG A 182 25.86 -1.98 -7.31
N GLY A 183 25.95 -1.08 -8.33
CA GLY A 183 27.21 -0.84 -8.98
C GLY A 183 27.81 0.37 -8.35
N ALA A 184 28.02 0.30 -7.01
CA ALA A 184 28.59 1.40 -6.29
C ALA A 184 29.27 0.83 -5.10
N GLU A 185 30.13 1.63 -4.44
CA GLU A 185 30.82 1.12 -3.29
C GLU A 185 31.19 2.28 -2.41
N ASN A 186 31.30 2.02 -1.09
CA ASN A 186 31.65 3.05 -0.16
C ASN A 186 31.86 2.39 1.17
N LEU A 187 32.92 1.56 1.28
CA LEU A 187 33.17 0.87 2.51
C LEU A 187 34.22 1.66 3.28
N TYR A 188 35.48 1.62 2.80
CA TYR A 188 36.52 2.34 3.49
C TYR A 188 37.54 2.76 2.47
N PHE A 189 38.81 2.37 2.68
CA PHE A 189 39.85 2.73 1.75
C PHE A 189 40.58 1.49 1.36
N GLN A 190 41.08 1.43 0.11
CA GLN A 190 41.80 0.27 -0.33
C GLN A 190 43.28 0.49 -0.02
N MET A 1 -8.39 6.80 1.70
CA MET A 1 -9.87 6.65 1.61
C MET A 1 -10.25 5.34 0.98
N MET A 2 -11.37 4.75 1.46
CA MET A 2 -11.81 3.47 0.94
C MET A 2 -12.58 3.69 -0.34
N GLY A 3 -12.90 4.96 -0.68
CA GLY A 3 -13.64 5.22 -1.90
C GLY A 3 -12.73 5.00 -3.07
N MET A 4 -11.46 5.47 -2.96
CA MET A 4 -10.51 5.33 -4.04
C MET A 4 -10.15 3.88 -4.28
N VAL A 5 -10.01 3.08 -3.19
CA VAL A 5 -9.63 1.69 -3.37
C VAL A 5 -10.76 0.92 -4.01
N PHE A 6 -12.01 1.41 -3.89
CA PHE A 6 -13.13 0.72 -4.50
C PHE A 6 -13.05 0.88 -5.99
N THR A 7 -12.61 2.07 -6.47
CA THR A 7 -12.51 2.30 -7.90
C THR A 7 -11.42 1.42 -8.47
N GLY A 8 -10.28 1.31 -7.75
CA GLY A 8 -9.16 0.51 -8.20
C GLY A 8 -9.57 -0.95 -8.32
N LEU A 9 -10.39 -1.42 -7.36
CA LEU A 9 -10.81 -2.82 -7.36
C LEU A 9 -11.67 -3.12 -8.56
N MET A 10 -12.58 -2.19 -8.95
CA MET A 10 -13.45 -2.45 -10.08
C MET A 10 -12.66 -2.61 -11.36
N GLU A 11 -11.62 -1.77 -11.55
CA GLU A 11 -10.83 -1.83 -12.76
C GLU A 11 -10.06 -3.14 -12.85
N LEU A 12 -9.48 -3.61 -11.73
CA LEU A 12 -8.69 -4.82 -11.73
C LEU A 12 -9.50 -6.07 -12.03
N ILE A 13 -10.73 -6.23 -11.45
CA ILE A 13 -11.46 -7.47 -11.68
C ILE A 13 -12.09 -7.50 -13.05
N GLU A 14 -12.57 -6.34 -13.56
CA GLU A 14 -13.23 -6.31 -14.85
C GLU A 14 -12.27 -6.63 -15.97
N ASP A 15 -11.06 -6.03 -15.92
CA ASP A 15 -10.08 -6.22 -16.98
C ASP A 15 -9.49 -7.62 -16.95
N GLU A 16 -9.34 -8.22 -15.76
CA GLU A 16 -8.69 -9.51 -15.68
C GLU A 16 -9.54 -10.65 -16.20
N PHE A 17 -10.84 -10.76 -15.81
CA PHE A 17 -11.58 -11.91 -16.29
C PHE A 17 -12.89 -11.56 -16.94
N GLY A 18 -13.46 -10.37 -16.67
CA GLY A 18 -14.73 -10.07 -17.31
C GLY A 18 -15.62 -9.38 -16.34
N TYR A 19 -16.85 -9.03 -16.80
CA TYR A 19 -17.75 -8.32 -15.96
C TYR A 19 -18.69 -9.30 -15.31
N GLU A 20 -18.71 -10.57 -15.79
CA GLU A 20 -19.57 -11.57 -15.17
C GLU A 20 -19.01 -11.89 -13.81
N THR A 21 -17.66 -12.03 -13.73
CA THR A 21 -17.00 -12.32 -12.47
C THR A 21 -17.13 -11.11 -11.59
N LEU A 22 -16.99 -9.90 -12.22
CA LEU A 22 -17.10 -8.66 -11.48
C LEU A 22 -18.49 -8.57 -10.85
N ASP A 23 -19.52 -9.06 -11.59
CA ASP A 23 -20.89 -9.01 -11.11
C ASP A 23 -21.06 -9.88 -9.87
N THR A 24 -20.36 -11.03 -9.79
CA THR A 24 -20.51 -11.90 -8.63
C THR A 24 -20.01 -11.17 -7.40
N LEU A 25 -18.90 -10.42 -7.54
CA LEU A 25 -18.35 -9.67 -6.42
C LEU A 25 -19.33 -8.59 -6.00
N LEU A 26 -20.03 -7.98 -6.99
CA LEU A 26 -20.97 -6.92 -6.69
C LEU A 26 -22.19 -7.50 -6.01
N GLU A 27 -22.37 -8.84 -6.06
CA GLU A 27 -23.51 -9.42 -5.40
C GLU A 27 -23.15 -9.74 -3.97
N SER A 28 -21.84 -9.95 -3.67
CA SER A 28 -21.45 -10.24 -2.30
C SER A 28 -21.64 -8.99 -1.48
N CYS A 29 -21.61 -7.78 -2.10
CA CYS A 29 -21.80 -6.57 -1.32
C CYS A 29 -23.17 -6.02 -1.62
N GLU A 30 -23.62 -6.17 -2.90
CA GLU A 30 -24.92 -5.70 -3.33
C GLU A 30 -24.83 -4.23 -3.67
N LEU A 31 -25.39 -3.83 -4.84
CA LEU A 31 -25.35 -2.44 -5.23
C LEU A 31 -26.70 -1.85 -4.98
N GLN A 32 -26.79 -0.93 -3.98
CA GLN A 32 -28.03 -0.30 -3.67
C GLN A 32 -28.33 0.71 -4.77
N SER A 33 -27.28 1.43 -5.23
CA SER A 33 -27.47 2.42 -6.26
C SER A 33 -26.75 2.00 -7.50
N GLU A 34 -25.46 2.38 -7.62
CA GLU A 34 -24.70 2.02 -8.81
C GLU A 34 -23.52 1.21 -8.39
N GLY A 35 -22.83 1.63 -7.31
CA GLY A 35 -21.69 0.87 -6.85
C GLY A 35 -20.44 1.66 -7.07
N ILE A 36 -20.36 2.46 -8.17
CA ILE A 36 -19.16 3.22 -8.40
C ILE A 36 -19.46 4.66 -8.09
N TYR A 37 -19.01 5.15 -6.91
CA TYR A 37 -19.24 6.51 -6.55
C TYR A 37 -18.15 7.36 -7.17
N THR A 38 -17.61 8.32 -6.38
CA THR A 38 -16.59 9.19 -6.90
C THR A 38 -15.31 8.89 -6.17
N SER A 39 -15.31 9.06 -4.81
CA SER A 39 -14.12 8.83 -4.02
C SER A 39 -14.27 9.58 -2.72
N VAL A 40 -15.49 10.11 -2.44
CA VAL A 40 -15.69 10.88 -1.23
C VAL A 40 -16.30 10.02 -0.14
N GLY A 41 -16.45 8.69 -0.36
CA GLY A 41 -17.05 7.87 0.67
C GLY A 41 -15.99 7.06 1.35
N SER A 42 -16.27 6.66 2.62
CA SER A 42 -15.33 5.86 3.36
C SER A 42 -16.12 4.75 4.01
N TYR A 43 -15.71 3.49 3.76
CA TYR A 43 -16.42 2.36 4.32
C TYR A 43 -15.55 1.73 5.37
N ASP A 44 -16.12 0.71 6.06
CA ASP A 44 -15.40 0.02 7.11
C ASP A 44 -14.33 -0.84 6.50
N HIS A 45 -13.50 -1.47 7.37
CA HIS A 45 -12.42 -2.30 6.90
C HIS A 45 -12.97 -3.66 6.57
N GLN A 46 -14.11 -4.03 7.22
CA GLN A 46 -14.72 -5.32 6.97
C GLN A 46 -15.23 -5.36 5.55
N GLU A 47 -15.58 -4.19 4.98
CA GLU A 47 -16.06 -4.12 3.62
C GLU A 47 -14.97 -4.59 2.69
N LEU A 48 -13.70 -4.20 2.99
CA LEU A 48 -12.56 -4.60 2.18
C LEU A 48 -12.33 -6.08 2.30
N LEU A 49 -12.50 -6.63 3.53
CA LEU A 49 -12.25 -8.04 3.76
C LEU A 49 -13.32 -8.87 3.10
N GLN A 50 -14.55 -8.34 3.03
CA GLN A 50 -15.64 -9.08 2.45
C GLN A 50 -15.41 -9.27 0.95
N LEU A 51 -14.90 -8.22 0.25
CA LEU A 51 -14.67 -8.36 -1.17
C LEU A 51 -13.36 -9.04 -1.43
N VAL A 52 -12.46 -9.09 -0.42
CA VAL A 52 -11.18 -9.71 -0.62
C VAL A 52 -11.37 -11.20 -0.46
N VAL A 53 -12.23 -11.62 0.49
CA VAL A 53 -12.48 -13.03 0.71
C VAL A 53 -13.20 -13.61 -0.49
N LYS A 54 -14.21 -12.89 -1.07
CA LYS A 54 -14.94 -13.44 -2.19
C LYS A 54 -14.02 -13.49 -3.40
N LEU A 55 -12.99 -12.61 -3.45
CA LEU A 55 -12.07 -12.62 -4.58
C LEU A 55 -11.27 -13.90 -4.54
N SER A 56 -10.91 -14.39 -3.33
CA SER A 56 -10.11 -15.59 -3.24
C SER A 56 -10.98 -16.82 -3.48
N GLU A 57 -12.33 -16.68 -3.40
CA GLU A 57 -13.18 -17.84 -3.62
C GLU A 57 -13.71 -17.86 -5.04
N VAL A 58 -14.07 -16.70 -5.61
CA VAL A 58 -14.65 -16.66 -6.95
C VAL A 58 -13.59 -16.92 -8.01
N SER A 59 -12.34 -16.45 -7.80
CA SER A 59 -11.33 -16.65 -8.82
C SER A 59 -10.28 -17.61 -8.32
N SER A 60 -10.34 -17.98 -7.02
CA SER A 60 -9.37 -18.90 -6.44
C SER A 60 -8.01 -18.25 -6.48
N VAL A 61 -7.92 -17.02 -5.93
CA VAL A 61 -6.65 -16.31 -5.92
C VAL A 61 -6.20 -16.21 -4.49
N PRO A 62 -4.94 -16.46 -4.26
CA PRO A 62 -4.37 -16.38 -2.92
C PRO A 62 -4.49 -15.00 -2.33
N VAL A 63 -4.68 -14.93 -0.99
CA VAL A 63 -4.83 -13.66 -0.33
C VAL A 63 -3.51 -12.92 -0.24
N THR A 64 -2.35 -13.60 -0.46
CA THR A 64 -1.10 -12.88 -0.33
C THR A 64 -0.62 -12.43 -1.70
N GLU A 65 -0.91 -13.19 -2.78
CA GLU A 65 -0.47 -12.77 -4.08
C GLU A 65 -1.43 -11.71 -4.60
N LEU A 66 -2.64 -11.65 -4.03
CA LEU A 66 -3.62 -10.69 -4.47
C LEU A 66 -3.29 -9.37 -3.82
N VAL A 67 -2.83 -9.39 -2.54
CA VAL A 67 -2.51 -8.17 -1.86
C VAL A 67 -1.28 -7.53 -2.52
N ARG A 68 -0.37 -8.35 -3.12
CA ARG A 68 0.81 -7.77 -3.76
C ARG A 68 0.44 -7.04 -5.04
N LEU A 69 -0.34 -7.69 -5.94
CA LEU A 69 -0.72 -7.05 -7.20
C LEU A 69 -1.59 -5.84 -6.96
N PHE A 70 -2.47 -5.90 -5.93
CA PHE A 70 -3.37 -4.80 -5.65
C PHE A 70 -2.59 -3.54 -5.32
N GLY A 71 -1.57 -3.67 -4.43
CA GLY A 71 -0.79 -2.52 -4.02
C GLY A 71 -0.09 -1.88 -5.19
N LYS A 72 0.43 -2.68 -6.15
CA LYS A 72 1.17 -2.12 -7.26
C LYS A 72 0.29 -1.23 -8.13
N LYS A 73 -0.93 -1.70 -8.51
CA LYS A 73 -1.81 -0.93 -9.37
C LYS A 73 -2.29 0.38 -8.75
N LEU A 74 -2.78 0.35 -7.49
CA LEU A 74 -3.33 1.55 -6.89
C LEU A 74 -2.26 2.60 -6.63
N PHE A 75 -1.05 2.19 -6.17
CA PHE A 75 -0.02 3.17 -5.86
C PHE A 75 0.41 3.93 -7.12
N VAL A 76 0.62 3.22 -8.26
CA VAL A 76 1.03 3.91 -9.48
C VAL A 76 -0.14 4.71 -10.01
N GLU A 77 -1.35 4.42 -9.51
CA GLU A 77 -2.52 5.14 -9.95
C GLU A 77 -2.47 6.53 -9.39
N LEU A 78 -2.01 6.67 -8.11
CA LEU A 78 -1.92 7.97 -7.48
C LEU A 78 -0.78 8.77 -8.05
N ILE A 79 0.32 8.09 -8.49
CA ILE A 79 1.47 8.83 -9.00
C ILE A 79 1.09 9.56 -10.26
N GLU A 80 0.53 8.85 -11.26
CA GLU A 80 0.13 9.52 -12.48
C GLU A 80 -1.13 10.32 -12.21
N GLY A 81 -1.81 10.02 -11.09
CA GLY A 81 -3.04 10.71 -10.74
C GLY A 81 -2.77 12.14 -10.35
N HIS A 82 -1.63 12.42 -9.65
CA HIS A 82 -1.39 13.76 -9.21
C HIS A 82 0.02 14.14 -9.55
N PRO A 83 0.13 14.96 -10.57
CA PRO A 83 1.42 15.47 -11.04
C PRO A 83 2.15 16.30 -10.03
N GLU A 84 1.41 16.99 -9.13
CA GLU A 84 2.04 17.84 -8.15
C GLU A 84 2.30 17.04 -6.88
N ILE A 85 1.76 15.80 -6.81
CA ILE A 85 1.96 15.02 -5.62
C ILE A 85 3.26 14.29 -5.78
N ALA A 86 3.72 14.11 -7.05
CA ALA A 86 4.97 13.45 -7.27
C ALA A 86 6.01 14.48 -7.64
N ASN A 87 5.56 15.72 -7.98
CA ASN A 87 6.49 16.77 -8.34
C ASN A 87 7.21 17.23 -7.11
N GLU A 88 6.47 17.35 -5.98
CA GLU A 88 7.07 17.82 -4.75
C GLU A 88 8.07 16.81 -4.23
N MET A 89 7.83 15.50 -4.49
CA MET A 89 8.74 14.47 -4.02
C MET A 89 9.89 14.35 -5.00
N LYS A 90 11.09 13.95 -4.49
CA LYS A 90 12.25 13.88 -5.37
C LYS A 90 12.80 12.47 -5.44
N ASP A 91 12.52 11.60 -4.43
CA ASP A 91 13.08 10.27 -4.48
C ASP A 91 12.35 9.42 -3.48
N SER A 92 12.63 8.09 -3.51
CA SER A 92 11.99 7.15 -2.61
C SER A 92 12.38 7.42 -1.18
N PHE A 93 13.68 7.71 -0.89
CA PHE A 93 14.07 7.95 0.49
C PHE A 93 13.43 9.23 0.97
N ASP A 94 13.35 10.26 0.10
CA ASP A 94 12.73 11.51 0.47
C ASP A 94 11.25 11.28 0.70
N LEU A 95 10.69 10.21 0.07
CA LEU A 95 9.29 9.89 0.22
C LEU A 95 9.02 9.53 1.67
N LEU A 96 9.86 8.66 2.27
CA LEU A 96 9.68 8.24 3.65
C LEU A 96 9.75 9.43 4.57
N SER A 97 10.61 10.42 4.25
CA SER A 97 10.74 11.60 5.09
C SER A 97 9.48 12.44 5.01
N LYS A 98 8.89 12.55 3.79
CA LYS A 98 7.71 13.37 3.57
C LYS A 98 6.42 12.62 3.84
N ILE A 99 6.49 11.33 4.25
CA ILE A 99 5.29 10.54 4.46
C ILE A 99 4.39 11.13 5.53
N ASP A 100 4.93 11.52 6.70
CA ASP A 100 4.06 12.03 7.72
C ASP A 100 4.06 13.53 7.74
N SER A 101 5.09 14.19 7.17
CA SER A 101 5.14 15.64 7.21
C SER A 101 4.01 16.26 6.41
N PHE A 102 3.76 15.83 5.14
CA PHE A 102 2.72 16.53 4.41
C PHE A 102 1.79 15.60 3.65
N ILE A 103 2.14 14.32 3.41
CA ILE A 103 1.25 13.49 2.62
C ILE A 103 0.00 13.12 3.42
N HIS A 104 0.18 12.61 4.67
CA HIS A 104 -0.98 12.20 5.43
C HIS A 104 -1.49 13.35 6.24
N VAL A 105 -0.87 14.54 6.13
CA VAL A 105 -1.35 15.67 6.88
C VAL A 105 -2.35 16.39 6.03
N GLU A 106 -2.06 16.53 4.73
CA GLU A 106 -2.96 17.21 3.84
C GLU A 106 -4.22 16.41 3.67
N VAL A 107 -4.12 15.06 3.57
CA VAL A 107 -5.32 14.27 3.38
C VAL A 107 -6.09 14.20 4.69
N TYR A 108 -5.38 14.14 5.85
CA TYR A 108 -6.06 14.09 7.14
C TYR A 108 -6.90 15.34 7.35
N LYS A 109 -6.32 16.55 7.11
CA LYS A 109 -7.05 17.79 7.32
C LYS A 109 -8.26 17.83 6.40
N LEU A 110 -8.12 17.31 5.16
CA LEU A 110 -9.22 17.31 4.23
C LEU A 110 -10.40 16.62 4.86
N TYR A 111 -10.38 15.27 4.96
CA TYR A 111 -11.51 14.60 5.56
C TYR A 111 -11.02 13.87 6.79
N PRO A 112 -11.77 14.03 7.85
CA PRO A 112 -11.46 13.44 9.14
C PRO A 112 -11.92 12.01 9.32
N GLN A 113 -12.59 11.41 8.30
CA GLN A 113 -13.07 10.04 8.44
C GLN A 113 -11.89 9.10 8.53
N ALA A 114 -10.81 9.37 7.77
CA ALA A 114 -9.65 8.49 7.78
C ALA A 114 -9.00 8.51 9.14
N GLU A 115 -8.45 7.34 9.55
CA GLU A 115 -7.78 7.23 10.83
C GLU A 115 -6.48 6.54 10.58
N LEU A 116 -5.39 7.06 11.20
CA LEU A 116 -4.08 6.46 10.99
C LEU A 116 -3.44 6.21 12.33
N PRO A 117 -2.50 5.27 12.31
CA PRO A 117 -1.75 4.86 13.50
C PRO A 117 -0.60 5.77 13.85
N LYS A 118 0.47 5.21 14.48
CA LYS A 118 1.60 6.05 14.86
C LYS A 118 2.81 5.57 14.10
N PHE A 119 3.66 6.53 13.65
CA PHE A 119 4.85 6.17 12.90
C PHE A 119 6.05 6.85 13.50
N THR A 120 7.15 6.09 13.70
CA THR A 120 8.37 6.68 14.22
C THR A 120 9.46 6.27 13.26
N CYS A 121 10.27 7.23 12.77
CA CYS A 121 11.30 6.88 11.82
C CYS A 121 12.64 7.23 12.39
N ASP A 122 13.58 6.25 12.36
CA ASP A 122 14.91 6.48 12.85
C ASP A 122 15.84 6.26 11.70
N ARG A 123 16.82 7.17 11.48
CA ARG A 123 17.73 7.01 10.38
C ARG A 123 19.06 6.59 10.94
N LEU A 124 19.52 5.38 10.58
CA LEU A 124 20.78 4.89 11.09
C LEU A 124 21.92 5.38 10.22
N GLY A 125 21.65 5.73 8.94
CA GLY A 125 22.73 6.17 8.10
C GLY A 125 22.17 6.50 6.75
N ASP A 126 22.98 6.22 5.69
CA ASP A 126 22.54 6.53 4.35
C ASP A 126 21.89 5.32 3.75
N ASN A 127 22.46 4.12 4.00
CA ASN A 127 21.88 2.92 3.42
C ASN A 127 21.09 2.17 4.47
N ASP A 128 20.96 2.73 5.70
CA ASP A 128 20.22 2.05 6.73
C ASP A 128 19.04 2.91 7.12
N ILE A 129 17.83 2.31 7.13
CA ILE A 129 16.65 3.06 7.51
C ILE A 129 15.77 2.13 8.32
N ARG A 130 15.26 2.64 9.47
CA ARG A 130 14.40 1.84 10.30
C ARG A 130 13.05 2.48 10.34
N LEU A 131 12.01 1.63 10.29
CA LEU A 131 10.66 2.12 10.31
C LEU A 131 9.91 1.40 11.41
N HIS A 132 9.43 2.18 12.40
CA HIS A 132 8.68 1.61 13.50
C HIS A 132 7.22 1.78 13.18
N TYR A 133 6.44 0.70 13.33
CA TYR A 133 5.04 0.78 13.01
C TYR A 133 4.27 0.26 14.20
N GLN A 134 3.40 1.12 14.79
CA GLN A 134 2.60 0.70 15.91
C GLN A 134 1.16 0.71 15.48
N SER A 135 0.57 -0.51 15.38
CA SER A 135 -0.81 -0.64 14.98
C SER A 135 -1.27 -2.02 15.39
N LYS A 136 -2.59 -2.19 15.63
CA LYS A 136 -3.10 -3.47 16.06
C LYS A 136 -3.49 -4.29 14.85
N ARG A 137 -3.26 -3.76 13.62
CA ARG A 137 -3.61 -4.52 12.43
C ARG A 137 -2.43 -4.43 11.50
N PRO A 138 -1.40 -5.17 11.81
CA PRO A 138 -0.17 -5.17 11.06
C PRO A 138 -0.05 -6.25 10.02
N PHE A 139 -0.22 -5.88 8.72
CA PHE A 139 -0.04 -6.84 7.67
C PHE A 139 1.19 -6.43 6.91
N ALA A 140 2.25 -7.25 7.03
CA ALA A 140 3.51 -6.97 6.37
C ALA A 140 3.36 -7.02 4.86
N SER A 141 2.55 -7.98 4.33
CA SER A 141 2.39 -8.09 2.90
C SER A 141 1.74 -6.85 2.33
N PHE A 142 0.94 -6.13 3.16
CA PHE A 142 0.26 -4.95 2.66
C PHE A 142 1.25 -3.81 2.53
N ALA A 143 2.08 -3.59 3.58
CA ALA A 143 3.03 -2.50 3.57
C ALA A 143 4.08 -2.69 2.49
N GLU A 144 4.56 -3.94 2.30
CA GLU A 144 5.58 -4.21 1.29
C GLU A 144 5.03 -3.90 -0.08
N GLY A 145 3.74 -4.20 -0.31
CA GLY A 145 3.15 -3.96 -1.60
C GLY A 145 3.22 -2.49 -1.94
N LEU A 146 2.91 -1.60 -0.96
CA LEU A 146 2.93 -0.18 -1.20
C LEU A 146 4.35 0.36 -1.37
N LEU A 147 5.35 -0.12 -0.57
CA LEU A 147 6.69 0.43 -0.66
C LEU A 147 7.36 0.01 -1.96
N ASP A 148 7.22 -1.27 -2.34
CA ASP A 148 7.84 -1.76 -3.55
C ASP A 148 7.15 -1.19 -4.77
N GLY A 149 5.83 -0.89 -4.67
CA GLY A 149 5.10 -0.33 -5.80
C GLY A 149 5.71 1.00 -6.15
N CYS A 150 6.07 1.78 -5.11
CA CYS A 150 6.69 3.07 -5.31
C CYS A 150 7.99 2.88 -6.07
N ALA A 151 8.79 1.84 -5.71
CA ALA A 151 10.04 1.59 -6.40
C ALA A 151 9.76 0.98 -7.76
N GLU A 152 8.48 0.78 -8.08
CA GLU A 152 8.12 0.20 -9.35
C GLU A 152 8.04 1.32 -10.36
N TYR A 153 7.37 2.44 -10.02
CA TYR A 153 7.28 3.56 -10.95
C TYR A 153 8.67 4.16 -11.14
N PHE A 154 9.43 4.35 -10.04
CA PHE A 154 10.75 4.95 -10.14
C PHE A 154 11.73 4.01 -10.81
N LYS A 155 11.50 2.68 -10.73
CA LYS A 155 12.41 1.71 -11.32
C LYS A 155 13.68 1.69 -10.51
N GLU A 156 13.60 1.11 -9.29
CA GLU A 156 14.77 1.03 -8.45
C GLU A 156 14.77 -0.30 -7.75
N ASP A 157 15.65 -0.47 -6.74
CA ASP A 157 15.71 -1.72 -6.03
C ASP A 157 15.93 -1.43 -4.58
N PHE A 158 14.92 -1.81 -3.75
CA PHE A 158 15.01 -1.59 -2.32
C PHE A 158 14.60 -2.88 -1.68
N THR A 159 15.14 -3.18 -0.48
CA THR A 159 14.78 -4.42 0.17
C THR A 159 14.18 -4.09 1.50
N ILE A 160 12.97 -4.63 1.77
CA ILE A 160 12.32 -4.39 3.03
C ILE A 160 12.47 -5.65 3.85
N SER A 161 13.10 -5.53 5.05
CA SER A 161 13.30 -6.70 5.88
C SER A 161 12.50 -6.55 7.15
N ARG A 162 12.64 -7.54 8.06
CA ARG A 162 11.91 -7.54 9.30
C ARG A 162 12.79 -8.20 10.34
N THR A 163 12.59 -7.86 11.64
CA THR A 163 13.39 -8.48 12.66
C THR A 163 12.59 -9.63 13.24
N PRO A 164 13.31 -10.66 13.63
CA PRO A 164 12.72 -11.87 14.19
C PRO A 164 12.27 -11.74 15.61
N GLU A 165 12.65 -10.65 16.31
CA GLU A 165 12.26 -10.49 17.68
C GLU A 165 10.78 -10.18 17.77
N THR A 166 10.27 -9.32 16.86
CA THR A 166 8.88 -8.95 16.92
C THR A 166 8.16 -9.36 15.67
N GLN A 167 8.77 -10.25 14.84
CA GLN A 167 8.10 -10.70 13.64
C GLN A 167 6.88 -11.53 13.99
N ASP A 168 6.73 -11.96 15.28
CA ASP A 168 5.58 -12.75 15.63
C ASP A 168 4.83 -12.03 16.72
N SER A 169 4.81 -10.68 16.67
CA SER A 169 4.11 -9.93 17.69
C SER A 169 3.33 -8.84 17.00
N GLU A 170 2.17 -8.47 17.59
CA GLU A 170 1.35 -7.44 17.02
C GLU A 170 1.58 -6.16 17.81
N THR A 171 1.12 -5.00 17.24
CA THR A 171 1.28 -3.71 17.88
C THR A 171 2.68 -3.17 17.62
N ASP A 172 3.71 -3.93 18.03
CA ASP A 172 5.07 -3.46 17.83
C ASP A 172 5.73 -4.27 16.75
N VAL A 173 6.12 -3.60 15.64
CA VAL A 173 6.79 -4.29 14.56
C VAL A 173 8.00 -3.47 14.19
N ILE A 174 9.18 -4.15 14.04
CA ILE A 174 10.39 -3.43 13.70
C ILE A 174 10.77 -3.79 12.28
N PHE A 175 10.96 -2.75 11.43
CA PHE A 175 11.31 -2.98 10.05
C PHE A 175 12.71 -2.45 9.83
N ASN A 176 13.40 -3.09 8.87
CA ASN A 176 14.77 -2.73 8.57
C ASN A 176 14.94 -2.61 7.08
N ILE A 177 14.58 -1.44 6.51
CA ILE A 177 14.74 -1.23 5.08
C ILE A 177 16.21 -0.96 4.80
N THR A 178 16.82 -1.84 3.98
CA THR A 178 18.23 -1.71 3.63
C THR A 178 18.31 -1.51 2.14
N ARG A 179 19.28 -0.69 1.67
CA ARG A 179 19.43 -0.43 0.25
C ARG A 179 20.32 -1.49 -0.32
N ALA A 180 19.76 -2.31 -1.27
CA ALA A 180 20.53 -3.36 -1.90
C ALA A 180 21.60 -2.72 -2.73
N PRO A 181 22.65 -3.47 -2.97
CA PRO A 181 23.79 -2.98 -3.74
C PRO A 181 23.45 -2.61 -5.15
N ARG A 182 23.86 -1.38 -5.52
CA ARG A 182 23.60 -0.89 -6.84
C ARG A 182 24.84 -1.04 -7.67
N GLY A 183 25.64 -2.09 -7.39
CA GLY A 183 26.84 -2.31 -8.13
C GLY A 183 28.00 -2.17 -7.21
N ALA A 184 28.50 -3.34 -6.71
CA ALA A 184 29.64 -3.36 -5.81
C ALA A 184 29.15 -2.98 -4.43
N GLU A 185 29.81 -3.53 -3.39
CA GLU A 185 29.41 -3.23 -2.05
C GLU A 185 30.65 -3.26 -1.19
N ASN A 186 30.64 -2.49 -0.09
CA ASN A 186 31.78 -2.47 0.79
C ASN A 186 31.34 -3.05 2.10
N LEU A 187 31.96 -4.17 2.51
CA LEU A 187 31.59 -4.78 3.77
C LEU A 187 32.46 -4.17 4.85
N TYR A 188 33.77 -4.04 4.59
CA TYR A 188 34.65 -3.47 5.57
C TYR A 188 35.94 -3.15 4.88
N PHE A 189 36.87 -4.14 4.80
CA PHE A 189 38.13 -3.91 4.16
C PHE A 189 38.45 -5.13 3.36
N GLN A 190 38.82 -4.94 2.08
CA GLN A 190 39.14 -6.07 1.24
C GLN A 190 40.67 -6.19 1.20
N MET A 1 -8.79 6.56 2.11
CA MET A 1 -9.92 6.80 1.14
C MET A 1 -10.45 5.48 0.64
N MET A 2 -11.54 4.99 1.28
CA MET A 2 -12.11 3.72 0.88
C MET A 2 -12.91 3.88 -0.39
N GLY A 3 -13.27 5.12 -0.76
CA GLY A 3 -14.03 5.33 -1.97
C GLY A 3 -13.15 5.15 -3.18
N MET A 4 -11.93 5.72 -3.14
CA MET A 4 -11.03 5.64 -4.28
C MET A 4 -10.48 4.23 -4.45
N VAL A 5 -10.24 3.50 -3.33
CA VAL A 5 -9.70 2.16 -3.43
C VAL A 5 -10.76 1.25 -4.01
N PHE A 6 -12.05 1.61 -3.87
CA PHE A 6 -13.12 0.80 -4.40
C PHE A 6 -13.10 0.91 -5.91
N THR A 7 -12.77 2.11 -6.44
CA THR A 7 -12.74 2.29 -7.88
C THR A 7 -11.63 1.43 -8.45
N GLY A 8 -10.48 1.39 -7.74
CA GLY A 8 -9.34 0.61 -8.18
C GLY A 8 -9.70 -0.86 -8.25
N LEU A 9 -10.52 -1.34 -7.28
CA LEU A 9 -10.89 -2.74 -7.23
C LEU A 9 -11.77 -3.10 -8.41
N MET A 10 -12.70 -2.20 -8.81
CA MET A 10 -13.60 -2.52 -9.93
C MET A 10 -12.81 -2.68 -11.22
N GLU A 11 -11.81 -1.81 -11.45
CA GLU A 11 -11.04 -1.86 -12.68
C GLU A 11 -10.22 -3.14 -12.77
N LEU A 12 -9.61 -3.58 -11.64
CA LEU A 12 -8.77 -4.76 -11.64
C LEU A 12 -9.54 -6.03 -11.92
N ILE A 13 -10.74 -6.23 -11.33
CA ILE A 13 -11.45 -7.49 -11.52
C ILE A 13 -12.06 -7.57 -12.90
N GLU A 14 -12.57 -6.44 -13.44
CA GLU A 14 -13.23 -6.46 -14.72
C GLU A 14 -12.26 -6.79 -15.84
N ASP A 15 -11.05 -6.19 -15.81
CA ASP A 15 -10.08 -6.40 -16.86
C ASP A 15 -9.43 -7.76 -16.76
N GLU A 16 -9.28 -8.32 -15.55
CA GLU A 16 -8.59 -9.57 -15.40
C GLU A 16 -9.39 -10.75 -15.91
N PHE A 17 -10.68 -10.90 -15.52
CA PHE A 17 -11.39 -12.09 -15.98
C PHE A 17 -12.70 -11.76 -16.64
N GLY A 18 -13.31 -10.59 -16.39
CA GLY A 18 -14.56 -10.34 -17.05
C GLY A 18 -15.47 -9.54 -16.17
N TYR A 19 -16.66 -9.23 -16.72
CA TYR A 19 -17.62 -8.42 -16.01
C TYR A 19 -18.60 -9.37 -15.36
N GLU A 20 -18.63 -10.65 -15.82
CA GLU A 20 -19.52 -11.62 -15.22
C GLU A 20 -18.99 -11.95 -13.84
N THR A 21 -17.64 -12.07 -13.72
CA THR A 21 -17.02 -12.35 -12.44
C THR A 21 -17.21 -11.13 -11.57
N LEU A 22 -17.10 -9.93 -12.19
CA LEU A 22 -17.27 -8.68 -11.46
C LEU A 22 -18.68 -8.63 -10.88
N ASP A 23 -19.68 -9.17 -11.62
CA ASP A 23 -21.07 -9.16 -11.17
C ASP A 23 -21.22 -10.00 -9.93
N THR A 24 -20.51 -11.14 -9.84
CA THR A 24 -20.63 -12.01 -8.68
C THR A 24 -20.12 -11.27 -7.47
N LEU A 25 -19.03 -10.49 -7.66
CA LEU A 25 -18.44 -9.74 -6.58
C LEU A 25 -19.44 -8.73 -6.03
N LEU A 26 -20.20 -8.07 -6.95
CA LEU A 26 -21.16 -7.07 -6.51
C LEU A 26 -22.37 -7.73 -5.90
N GLU A 27 -22.53 -9.07 -6.03
CA GLU A 27 -23.67 -9.70 -5.42
C GLU A 27 -23.32 -10.03 -3.98
N SER A 28 -22.02 -10.28 -3.70
CA SER A 28 -21.61 -10.59 -2.34
C SER A 28 -21.80 -9.34 -1.48
N CYS A 29 -21.53 -8.14 -2.04
CA CYS A 29 -21.70 -6.94 -1.25
C CYS A 29 -23.12 -6.46 -1.43
N GLU A 30 -23.63 -6.57 -2.69
CA GLU A 30 -24.99 -6.19 -3.03
C GLU A 30 -25.02 -4.71 -3.34
N LEU A 31 -25.66 -4.33 -4.47
CA LEU A 31 -25.74 -2.94 -4.83
C LEU A 31 -27.17 -2.49 -4.62
N GLN A 32 -27.35 -1.45 -3.78
CA GLN A 32 -28.68 -0.95 -3.54
C GLN A 32 -28.92 0.20 -4.48
N SER A 33 -27.87 1.03 -4.72
CA SER A 33 -28.04 2.15 -5.60
C SER A 33 -27.39 1.87 -6.92
N GLU A 34 -26.03 1.98 -6.98
CA GLU A 34 -25.35 1.76 -8.23
C GLU A 34 -24.13 0.94 -7.97
N GLY A 35 -23.23 1.42 -7.07
CA GLY A 35 -22.03 0.68 -6.78
C GLY A 35 -20.85 1.59 -6.91
N ILE A 36 -20.74 2.30 -8.06
CA ILE A 36 -19.62 3.19 -8.26
C ILE A 36 -20.10 4.57 -7.91
N TYR A 37 -19.87 5.02 -6.64
CA TYR A 37 -20.29 6.34 -6.24
C TYR A 37 -19.52 7.38 -7.02
N THR A 38 -18.16 7.23 -7.04
CA THR A 38 -17.26 8.12 -7.78
C THR A 38 -16.01 8.31 -6.95
N SER A 39 -16.14 8.92 -5.74
CA SER A 39 -14.98 9.14 -4.90
C SER A 39 -15.38 10.06 -3.77
N VAL A 40 -16.22 9.55 -2.83
CA VAL A 40 -16.65 10.38 -1.71
C VAL A 40 -17.23 9.51 -0.63
N GLY A 41 -17.24 8.17 -0.80
CA GLY A 41 -17.83 7.34 0.23
C GLY A 41 -16.73 6.72 1.04
N SER A 42 -17.00 6.53 2.35
CA SER A 42 -16.02 5.93 3.23
C SER A 42 -16.68 4.73 3.85
N TYR A 43 -16.04 3.55 3.71
CA TYR A 43 -16.62 2.35 4.27
C TYR A 43 -15.70 1.82 5.32
N ASP A 44 -16.14 0.74 6.01
CA ASP A 44 -15.33 0.15 7.07
C ASP A 44 -14.32 -0.77 6.44
N HIS A 45 -13.59 -1.51 7.28
CA HIS A 45 -12.58 -2.41 6.77
C HIS A 45 -13.19 -3.77 6.57
N GLN A 46 -14.38 -4.02 7.14
CA GLN A 46 -15.02 -5.31 6.95
C GLN A 46 -15.49 -5.37 5.52
N GLU A 47 -15.78 -4.20 4.93
CA GLU A 47 -16.23 -4.14 3.55
C GLU A 47 -15.11 -4.64 2.66
N LEU A 48 -13.86 -4.27 3.00
CA LEU A 48 -12.70 -4.69 2.24
C LEU A 48 -12.48 -6.17 2.39
N LEU A 49 -12.72 -6.71 3.60
CA LEU A 49 -12.47 -8.11 3.86
C LEU A 49 -13.56 -8.95 3.21
N GLN A 50 -14.77 -8.40 3.08
CA GLN A 50 -15.86 -9.16 2.50
C GLN A 50 -15.59 -9.40 1.02
N LEU A 51 -15.06 -8.38 0.30
CA LEU A 51 -14.80 -8.56 -1.11
C LEU A 51 -13.46 -9.21 -1.33
N VAL A 52 -12.59 -9.23 -0.31
CA VAL A 52 -11.29 -9.85 -0.48
C VAL A 52 -11.45 -11.35 -0.30
N VAL A 53 -12.35 -11.76 0.62
CA VAL A 53 -12.60 -13.18 0.84
C VAL A 53 -13.35 -13.75 -0.35
N LYS A 54 -14.33 -12.98 -0.92
CA LYS A 54 -15.08 -13.49 -2.04
C LYS A 54 -14.14 -13.61 -3.23
N LEU A 55 -13.10 -12.76 -3.28
CA LEU A 55 -12.15 -12.81 -4.39
C LEU A 55 -11.37 -14.10 -4.31
N SER A 56 -11.00 -14.56 -3.10
CA SER A 56 -10.22 -15.77 -2.98
C SER A 56 -11.07 -16.99 -3.30
N GLU A 57 -12.42 -16.87 -3.29
CA GLU A 57 -13.24 -18.03 -3.57
C GLU A 57 -13.76 -17.98 -5.00
N VAL A 58 -14.08 -16.78 -5.52
CA VAL A 58 -14.65 -16.66 -6.86
C VAL A 58 -13.59 -16.91 -7.92
N SER A 59 -12.33 -16.46 -7.70
CA SER A 59 -11.33 -16.65 -8.72
C SER A 59 -10.27 -17.61 -8.23
N SER A 60 -10.33 -18.01 -6.94
CA SER A 60 -9.36 -18.93 -6.40
C SER A 60 -8.00 -18.28 -6.40
N VAL A 61 -7.92 -17.04 -5.91
CA VAL A 61 -6.66 -16.34 -5.88
C VAL A 61 -6.28 -16.16 -4.43
N PRO A 62 -5.03 -16.42 -4.12
CA PRO A 62 -4.51 -16.30 -2.77
C PRO A 62 -4.59 -14.89 -2.25
N VAL A 63 -4.77 -14.75 -0.91
CA VAL A 63 -4.91 -13.44 -0.32
C VAL A 63 -3.58 -12.73 -0.23
N THR A 64 -2.43 -13.44 -0.41
CA THR A 64 -1.17 -12.73 -0.28
C THR A 64 -0.69 -12.30 -1.66
N GLU A 65 -0.98 -13.09 -2.72
CA GLU A 65 -0.55 -12.68 -4.04
C GLU A 65 -1.49 -11.63 -4.57
N LEU A 66 -2.72 -11.57 -4.01
CA LEU A 66 -3.69 -10.60 -4.46
C LEU A 66 -3.36 -9.27 -3.83
N VAL A 67 -2.92 -9.28 -2.55
CA VAL A 67 -2.61 -8.04 -1.88
C VAL A 67 -1.38 -7.40 -2.53
N ARG A 68 -0.48 -8.21 -3.15
CA ARG A 68 0.71 -7.66 -3.77
C ARG A 68 0.34 -6.92 -5.05
N LEU A 69 -0.43 -7.58 -5.96
CA LEU A 69 -0.82 -6.96 -7.22
C LEU A 69 -1.68 -5.74 -6.98
N PHE A 70 -2.54 -5.78 -5.95
CA PHE A 70 -3.43 -4.67 -5.65
C PHE A 70 -2.63 -3.43 -5.35
N GLY A 71 -1.59 -3.56 -4.48
CA GLY A 71 -0.79 -2.41 -4.09
C GLY A 71 -0.11 -1.78 -5.29
N LYS A 72 0.37 -2.57 -6.26
CA LYS A 72 1.07 -2.00 -7.40
C LYS A 72 0.17 -1.09 -8.22
N LYS A 73 -1.06 -1.56 -8.56
CA LYS A 73 -1.96 -0.77 -9.41
C LYS A 73 -2.41 0.53 -8.78
N LEU A 74 -2.89 0.52 -7.51
CA LEU A 74 -3.42 1.73 -6.92
C LEU A 74 -2.34 2.77 -6.67
N PHE A 75 -1.14 2.34 -6.21
CA PHE A 75 -0.09 3.32 -5.91
C PHE A 75 0.35 4.05 -7.16
N VAL A 76 0.56 3.34 -8.30
CA VAL A 76 0.99 4.01 -9.52
C VAL A 76 -0.16 4.85 -10.06
N GLU A 77 -1.39 4.59 -9.56
CA GLU A 77 -2.53 5.36 -10.01
C GLU A 77 -2.44 6.74 -9.42
N LEU A 78 -1.98 6.85 -8.15
CA LEU A 78 -1.85 8.14 -7.50
C LEU A 78 -0.67 8.90 -8.04
N ILE A 79 0.39 8.20 -8.53
CA ILE A 79 1.56 8.92 -9.02
C ILE A 79 1.21 9.67 -10.28
N GLU A 80 0.65 8.98 -11.30
CA GLU A 80 0.27 9.67 -12.50
C GLU A 80 -0.98 10.48 -12.24
N GLY A 81 -1.67 10.19 -11.12
CA GLY A 81 -2.89 10.88 -10.78
C GLY A 81 -2.60 12.30 -10.35
N HIS A 82 -1.49 12.54 -9.63
CA HIS A 82 -1.21 13.88 -9.15
C HIS A 82 0.23 14.22 -9.43
N PRO A 83 0.41 15.03 -10.44
CA PRO A 83 1.73 15.47 -10.84
C PRO A 83 2.41 16.38 -9.86
N GLU A 84 1.63 17.06 -8.99
CA GLU A 84 2.22 17.95 -8.02
C GLU A 84 2.50 17.17 -6.77
N ILE A 85 2.02 15.90 -6.69
CA ILE A 85 2.24 15.12 -5.51
C ILE A 85 3.54 14.40 -5.69
N ALA A 86 3.97 14.20 -6.96
CA ALA A 86 5.22 13.53 -7.19
C ALA A 86 6.25 14.57 -7.54
N ASN A 87 5.81 15.81 -7.90
CA ASN A 87 6.75 16.85 -8.24
C ASN A 87 7.44 17.31 -6.99
N GLU A 88 6.67 17.44 -5.88
CA GLU A 88 7.25 17.91 -4.63
C GLU A 88 8.23 16.89 -4.10
N MET A 89 8.01 15.59 -4.40
CA MET A 89 8.90 14.56 -3.91
C MET A 89 10.08 14.46 -4.85
N LYS A 90 11.29 14.11 -4.32
CA LYS A 90 12.46 14.04 -5.17
C LYS A 90 13.02 12.65 -5.23
N ASP A 91 12.72 11.78 -4.23
CA ASP A 91 13.29 10.45 -4.26
C ASP A 91 12.54 9.59 -3.28
N SER A 92 12.83 8.26 -3.32
CA SER A 92 12.19 7.31 -2.44
C SER A 92 12.54 7.59 -0.99
N PHE A 93 13.82 7.91 -0.70
CA PHE A 93 14.21 8.14 0.69
C PHE A 93 13.52 9.40 1.19
N ASP A 94 13.42 10.45 0.31
CA ASP A 94 12.76 11.67 0.70
C ASP A 94 11.29 11.41 0.93
N LEU A 95 10.74 10.35 0.27
CA LEU A 95 9.34 10.00 0.42
C LEU A 95 9.10 9.61 1.87
N LEU A 96 9.99 8.78 2.44
CA LEU A 96 9.83 8.35 3.81
C LEU A 96 9.92 9.53 4.74
N SER A 97 10.73 10.56 4.39
CA SER A 97 10.87 11.72 5.25
C SER A 97 9.54 12.45 5.43
N LYS A 98 8.77 12.69 4.34
CA LYS A 98 7.52 13.42 4.50
C LYS A 98 6.34 12.53 4.20
N ILE A 99 6.47 11.20 4.42
CA ILE A 99 5.39 10.28 4.14
C ILE A 99 4.18 10.60 4.98
N ASP A 100 4.36 11.17 6.20
CA ASP A 100 3.21 11.45 6.99
C ASP A 100 3.25 12.89 7.42
N SER A 101 4.40 13.56 7.21
CA SER A 101 4.52 14.95 7.61
C SER A 101 3.62 15.81 6.74
N PHE A 102 3.63 15.60 5.39
CA PHE A 102 2.81 16.44 4.55
C PHE A 102 1.86 15.64 3.71
N ILE A 103 2.21 14.38 3.33
CA ILE A 103 1.33 13.62 2.48
C ILE A 103 0.08 13.22 3.24
N HIS A 104 0.23 12.66 4.47
CA HIS A 104 -0.93 12.21 5.19
C HIS A 104 -1.47 13.36 6.03
N VAL A 105 -0.88 14.56 5.93
CA VAL A 105 -1.41 15.67 6.71
C VAL A 105 -2.49 16.31 5.88
N GLU A 106 -2.31 16.31 4.53
CA GLU A 106 -3.31 16.89 3.65
C GLU A 106 -4.50 15.97 3.64
N VAL A 107 -4.25 14.63 3.61
CA VAL A 107 -5.34 13.67 3.59
C VAL A 107 -6.18 13.78 4.85
N TYR A 108 -5.52 13.85 6.04
CA TYR A 108 -6.23 13.94 7.30
C TYR A 108 -7.09 15.19 7.37
N LYS A 109 -6.53 16.37 7.02
CA LYS A 109 -7.30 17.61 7.10
C LYS A 109 -8.50 17.55 6.19
N LEU A 110 -8.34 16.94 4.99
CA LEU A 110 -9.45 16.86 4.07
C LEU A 110 -10.59 16.13 4.73
N TYR A 111 -10.53 14.79 4.85
CA TYR A 111 -11.61 14.10 5.49
C TYR A 111 -11.13 13.47 6.77
N PRO A 112 -11.90 13.67 7.81
CA PRO A 112 -11.59 13.16 9.14
C PRO A 112 -12.02 11.73 9.39
N GLN A 113 -12.71 11.09 8.41
CA GLN A 113 -13.16 9.73 8.60
C GLN A 113 -11.98 8.80 8.70
N ALA A 114 -10.90 9.07 7.92
CA ALA A 114 -9.73 8.21 7.91
C ALA A 114 -9.03 8.30 9.25
N GLU A 115 -8.43 7.15 9.68
CA GLU A 115 -7.72 7.10 10.92
C GLU A 115 -6.40 6.47 10.62
N LEU A 116 -5.29 7.04 11.14
CA LEU A 116 -3.98 6.50 10.86
C LEU A 116 -3.25 6.23 12.15
N PRO A 117 -2.30 5.32 12.05
CA PRO A 117 -1.46 4.90 13.19
C PRO A 117 -0.32 5.84 13.51
N LYS A 118 0.75 5.33 14.18
CA LYS A 118 1.85 6.19 14.53
C LYS A 118 3.08 5.72 13.76
N PHE A 119 3.90 6.70 13.31
CA PHE A 119 5.08 6.37 12.54
C PHE A 119 6.29 6.97 13.21
N THR A 120 7.33 6.14 13.46
CA THR A 120 8.56 6.63 14.06
C THR A 120 9.66 6.23 13.12
N CYS A 121 10.52 7.19 12.71
CA CYS A 121 11.56 6.84 11.77
C CYS A 121 12.91 7.17 12.35
N ASP A 122 13.83 6.18 12.27
CA ASP A 122 15.17 6.39 12.75
C ASP A 122 16.08 6.23 11.56
N ARG A 123 17.23 6.94 11.53
CA ARG A 123 18.13 6.84 10.40
C ARG A 123 19.46 6.37 10.93
N LEU A 124 19.90 5.17 10.47
CA LEU A 124 21.16 4.63 10.94
C LEU A 124 22.27 5.01 10.01
N GLY A 125 21.97 5.50 8.79
CA GLY A 125 23.04 5.85 7.90
C GLY A 125 22.48 6.23 6.56
N ASP A 126 23.25 5.95 5.49
CA ASP A 126 22.79 6.30 4.17
C ASP A 126 22.12 5.09 3.55
N ASN A 127 22.65 3.88 3.82
CA ASN A 127 22.06 2.69 3.25
C ASN A 127 21.27 1.97 4.31
N ASP A 128 21.13 2.58 5.52
CA ASP A 128 20.40 1.92 6.58
C ASP A 128 19.26 2.82 7.00
N ILE A 129 18.03 2.26 7.03
CA ILE A 129 16.88 3.03 7.44
C ILE A 129 15.99 2.11 8.24
N ARG A 130 15.46 2.60 9.39
CA ARG A 130 14.59 1.79 10.20
C ARG A 130 13.23 2.44 10.21
N LEU A 131 12.20 1.59 10.15
CA LEU A 131 10.85 2.08 10.13
C LEU A 131 10.06 1.39 11.22
N HIS A 132 9.55 2.19 12.18
CA HIS A 132 8.77 1.63 13.26
C HIS A 132 7.32 1.84 12.93
N TYR A 133 6.52 0.77 13.09
CA TYR A 133 5.13 0.86 12.78
C TYR A 133 4.36 0.40 13.98
N GLN A 134 3.51 1.28 14.54
CA GLN A 134 2.74 0.90 15.70
C GLN A 134 1.29 0.88 15.30
N SER A 135 0.69 -0.33 15.25
CA SER A 135 -0.70 -0.46 14.88
C SER A 135 -1.16 -1.82 15.37
N LYS A 136 -2.48 -1.95 15.66
CA LYS A 136 -2.99 -3.21 16.14
C LYS A 136 -3.45 -4.07 14.99
N ARG A 137 -3.29 -3.59 13.73
CA ARG A 137 -3.69 -4.38 12.58
C ARG A 137 -2.59 -4.28 11.58
N PRO A 138 -1.50 -4.96 11.85
CA PRO A 138 -0.33 -4.93 11.01
C PRO A 138 -0.19 -6.05 10.01
N PHE A 139 -0.33 -5.72 8.71
CA PHE A 139 -0.15 -6.72 7.69
C PHE A 139 1.08 -6.33 6.93
N ALA A 140 2.15 -7.15 7.06
CA ALA A 140 3.40 -6.88 6.40
C ALA A 140 3.24 -6.93 4.90
N SER A 141 2.43 -7.88 4.37
CA SER A 141 2.26 -8.00 2.93
C SER A 141 1.61 -6.75 2.37
N PHE A 142 0.80 -6.04 3.17
CA PHE A 142 0.14 -4.85 2.66
C PHE A 142 1.13 -3.72 2.53
N ALA A 143 1.96 -3.50 3.58
CA ALA A 143 2.91 -2.40 3.56
C ALA A 143 3.96 -2.60 2.49
N GLU A 144 4.44 -3.86 2.28
CA GLU A 144 5.46 -4.12 1.28
C GLU A 144 4.93 -3.80 -0.09
N GLY A 145 3.64 -4.10 -0.34
CA GLY A 145 3.06 -3.84 -1.64
C GLY A 145 3.13 -2.36 -1.95
N LEU A 146 2.81 -1.50 -0.96
CA LEU A 146 2.85 -0.05 -1.19
C LEU A 146 4.27 0.49 -1.34
N LEU A 147 5.25 0.00 -0.54
CA LEU A 147 6.59 0.55 -0.64
C LEU A 147 7.26 0.14 -1.93
N ASP A 148 7.10 -1.13 -2.33
CA ASP A 148 7.71 -1.62 -3.54
C ASP A 148 7.02 -1.02 -4.77
N GLY A 149 5.71 -0.70 -4.68
CA GLY A 149 5.00 -0.13 -5.81
C GLY A 149 5.62 1.22 -6.12
N CYS A 150 5.98 1.98 -5.07
CA CYS A 150 6.60 3.28 -5.25
C CYS A 150 7.91 3.09 -6.00
N ALA A 151 8.70 2.07 -5.64
CA ALA A 151 9.97 1.83 -6.31
C ALA A 151 9.70 1.14 -7.64
N GLU A 152 8.42 0.93 -7.97
CA GLU A 152 8.09 0.29 -9.21
C GLU A 152 8.06 1.36 -10.29
N TYR A 153 7.37 2.50 -10.03
CA TYR A 153 7.32 3.56 -11.01
C TYR A 153 8.70 4.19 -11.13
N PHE A 154 9.42 4.38 -9.98
CA PHE A 154 10.73 5.01 -10.01
C PHE A 154 11.76 4.10 -10.65
N LYS A 155 11.55 2.76 -10.58
CA LYS A 155 12.52 1.81 -11.14
C LYS A 155 13.73 1.78 -10.24
N GLU A 156 13.54 1.30 -8.99
CA GLU A 156 14.64 1.23 -8.06
C GLU A 156 14.69 -0.18 -7.53
N ASP A 157 15.65 -0.46 -6.63
CA ASP A 157 15.77 -1.79 -6.08
C ASP A 157 16.13 -1.68 -4.63
N PHE A 158 15.11 -1.60 -3.75
CA PHE A 158 15.36 -1.52 -2.33
C PHE A 158 14.80 -2.78 -1.72
N THR A 159 15.30 -3.18 -0.53
CA THR A 159 14.82 -4.40 0.08
C THR A 159 14.19 -4.06 1.40
N ILE A 160 12.93 -4.53 1.59
CA ILE A 160 12.24 -4.31 2.84
C ILE A 160 12.30 -5.60 3.62
N SER A 161 12.88 -5.55 4.85
CA SER A 161 13.01 -6.75 5.65
C SER A 161 12.22 -6.57 6.93
N ARG A 162 12.38 -7.57 7.84
CA ARG A 162 11.67 -7.57 9.10
C ARG A 162 12.56 -8.23 10.13
N THR A 163 12.34 -7.92 11.43
CA THR A 163 13.15 -8.55 12.45
C THR A 163 12.34 -9.68 13.04
N PRO A 164 13.05 -10.72 13.42
CA PRO A 164 12.44 -11.92 13.98
C PRO A 164 12.02 -11.81 15.42
N GLU A 165 12.42 -10.73 16.12
CA GLU A 165 12.06 -10.59 17.51
C GLU A 165 10.59 -10.25 17.61
N THR A 166 10.08 -9.35 16.72
CA THR A 166 8.70 -8.96 16.80
C THR A 166 7.97 -9.35 15.54
N GLN A 167 8.55 -10.26 14.72
CA GLN A 167 7.88 -10.68 13.51
C GLN A 167 6.64 -11.47 13.84
N ASP A 168 6.44 -11.87 15.13
CA ASP A 168 5.26 -12.61 15.47
C ASP A 168 4.58 -11.90 16.60
N SER A 169 4.58 -10.54 16.57
CA SER A 169 3.94 -9.78 17.62
C SER A 169 3.19 -8.65 16.97
N GLU A 170 2.05 -8.27 17.58
CA GLU A 170 1.26 -7.18 17.04
C GLU A 170 1.54 -5.95 17.84
N THR A 171 1.13 -4.77 17.29
CA THR A 171 1.32 -3.48 17.96
C THR A 171 2.71 -2.96 17.65
N ASP A 172 3.74 -3.73 18.03
CA ASP A 172 5.10 -3.29 17.80
C ASP A 172 5.72 -4.13 16.72
N VAL A 173 6.09 -3.49 15.59
CA VAL A 173 6.73 -4.21 14.51
C VAL A 173 7.96 -3.42 14.12
N ILE A 174 9.12 -4.13 13.97
CA ILE A 174 10.33 -3.45 13.60
C ILE A 174 10.66 -3.82 12.17
N PHE A 175 10.87 -2.78 11.33
CA PHE A 175 11.18 -3.02 9.94
C PHE A 175 12.56 -2.49 9.67
N ASN A 176 13.19 -3.05 8.61
CA ASN A 176 14.52 -2.67 8.24
C ASN A 176 14.55 -2.54 6.75
N ILE A 177 14.87 -1.33 6.24
CA ILE A 177 14.90 -1.11 4.81
C ILE A 177 16.34 -0.82 4.46
N THR A 178 16.93 -1.66 3.59
CA THR A 178 18.32 -1.49 3.22
C THR A 178 18.47 -1.29 1.73
N ARG A 179 19.62 -0.70 1.33
CA ARG A 179 19.90 -0.50 -0.08
C ARG A 179 21.01 -1.46 -0.40
N ALA A 180 20.70 -2.50 -1.21
CA ALA A 180 21.70 -3.48 -1.57
C ALA A 180 22.75 -2.80 -2.40
N PRO A 181 23.98 -3.22 -2.20
CA PRO A 181 25.12 -2.68 -2.93
C PRO A 181 24.97 -2.79 -4.41
N ARG A 182 25.17 -1.66 -5.11
CA ARG A 182 25.02 -1.66 -6.53
C ARG A 182 26.11 -0.85 -7.14
N GLY A 183 26.57 -1.32 -8.32
CA GLY A 183 27.63 -0.64 -9.05
C GLY A 183 28.82 -0.43 -8.15
N ALA A 184 29.24 -1.51 -7.43
CA ALA A 184 30.35 -1.41 -6.51
C ALA A 184 30.15 -2.46 -5.46
N GLU A 185 30.84 -3.60 -5.60
CA GLU A 185 30.69 -4.65 -4.63
C GLU A 185 32.01 -4.83 -3.94
N ASN A 186 32.12 -4.33 -2.68
CA ASN A 186 33.36 -4.46 -1.96
C ASN A 186 33.04 -5.15 -0.66
N LEU A 187 33.76 -6.25 -0.35
CA LEU A 187 33.52 -6.95 0.88
C LEU A 187 34.70 -6.72 1.78
N TYR A 188 35.92 -7.02 1.28
CA TYR A 188 37.10 -6.82 2.08
C TYR A 188 38.25 -6.62 1.13
N PHE A 189 38.89 -7.73 0.70
CA PHE A 189 40.00 -7.63 -0.21
C PHE A 189 39.68 -8.48 -1.41
N GLN A 190 39.50 -9.80 -1.18
CA GLN A 190 39.19 -10.68 -2.27
C GLN A 190 37.95 -11.49 -1.87
N MET A 1 -8.70 6.93 1.84
CA MET A 1 -9.91 7.03 0.97
C MET A 1 -10.36 5.67 0.53
N MET A 2 -11.51 5.21 1.09
CA MET A 2 -12.01 3.90 0.74
C MET A 2 -12.77 4.00 -0.56
N GLY A 3 -13.11 5.23 -1.00
CA GLY A 3 -13.84 5.37 -2.23
C GLY A 3 -12.90 5.08 -3.37
N MET A 4 -11.64 5.57 -3.27
CA MET A 4 -10.66 5.39 -4.32
C MET A 4 -10.27 3.93 -4.46
N VAL A 5 -10.15 3.19 -3.33
CA VAL A 5 -9.74 1.80 -3.43
C VAL A 5 -10.83 0.98 -4.08
N PHE A 6 -12.10 1.45 -4.00
CA PHE A 6 -13.18 0.70 -4.63
C PHE A 6 -13.07 0.82 -6.11
N THR A 7 -12.63 2.00 -6.63
CA THR A 7 -12.52 2.20 -8.06
C THR A 7 -11.41 1.31 -8.58
N GLY A 8 -10.28 1.22 -7.82
CA GLY A 8 -9.15 0.41 -8.23
C GLY A 8 -9.54 -1.05 -8.30
N LEU A 9 -10.37 -1.51 -7.34
CA LEU A 9 -10.77 -2.91 -7.31
C LEU A 9 -11.62 -3.25 -8.51
N MET A 10 -12.53 -2.34 -8.93
CA MET A 10 -13.39 -2.64 -10.07
C MET A 10 -12.59 -2.80 -11.33
N GLU A 11 -11.54 -1.95 -11.53
CA GLU A 11 -10.75 -2.02 -12.73
C GLU A 11 -9.96 -3.31 -12.81
N LEU A 12 -9.42 -3.78 -11.66
CA LEU A 12 -8.62 -4.99 -11.65
C LEU A 12 -9.44 -6.24 -11.95
N ILE A 13 -10.67 -6.38 -11.39
CA ILE A 13 -11.42 -7.62 -11.61
C ILE A 13 -12.01 -7.66 -12.99
N GLU A 14 -12.45 -6.50 -13.53
CA GLU A 14 -13.10 -6.48 -14.83
C GLU A 14 -12.12 -6.77 -15.94
N ASP A 15 -10.92 -6.17 -15.86
CA ASP A 15 -9.92 -6.34 -16.90
C ASP A 15 -9.34 -7.72 -16.87
N GLU A 16 -9.23 -8.35 -15.68
CA GLU A 16 -8.59 -9.64 -15.59
C GLU A 16 -9.44 -10.76 -16.16
N PHE A 17 -10.73 -10.91 -15.77
CA PHE A 17 -11.46 -12.05 -16.29
C PHE A 17 -12.78 -11.69 -16.92
N GLY A 18 -13.37 -10.51 -16.63
CA GLY A 18 -14.64 -10.23 -17.24
C GLY A 18 -15.54 -9.52 -16.28
N TYR A 19 -16.77 -9.19 -16.76
CA TYR A 19 -17.67 -8.48 -15.94
C TYR A 19 -18.60 -9.45 -15.27
N GLU A 20 -18.59 -10.74 -15.71
CA GLU A 20 -19.44 -11.73 -15.07
C GLU A 20 -18.88 -12.00 -13.70
N THR A 21 -17.53 -12.07 -13.60
CA THR A 21 -16.88 -12.29 -12.32
C THR A 21 -17.09 -11.06 -11.48
N LEU A 22 -17.02 -9.87 -12.12
CA LEU A 22 -17.23 -8.62 -11.41
C LEU A 22 -18.63 -8.59 -10.80
N ASP A 23 -19.63 -9.12 -11.54
CA ASP A 23 -21.01 -9.12 -11.08
C ASP A 23 -21.16 -9.95 -9.82
N THR A 24 -20.45 -11.09 -9.72
CA THR A 24 -20.58 -11.95 -8.55
C THR A 24 -20.08 -11.22 -7.33
N LEU A 25 -18.95 -10.49 -7.45
CA LEU A 25 -18.39 -9.77 -6.33
C LEU A 25 -19.36 -8.69 -5.86
N LEU A 26 -20.05 -8.01 -6.82
CA LEU A 26 -20.97 -6.94 -6.45
C LEU A 26 -22.20 -7.52 -5.83
N GLU A 27 -22.43 -8.85 -5.94
CA GLU A 27 -23.59 -9.42 -5.32
C GLU A 27 -23.28 -9.77 -3.89
N SER A 28 -21.99 -10.08 -3.60
CA SER A 28 -21.59 -10.40 -2.23
C SER A 28 -21.74 -9.15 -1.39
N CYS A 29 -21.41 -7.96 -1.95
CA CYS A 29 -21.52 -6.74 -1.17
C CYS A 29 -22.90 -6.19 -1.35
N GLU A 30 -23.41 -6.24 -2.61
CA GLU A 30 -24.74 -5.78 -2.96
C GLU A 30 -24.65 -4.30 -3.25
N LEU A 31 -25.26 -3.86 -4.37
CA LEU A 31 -25.23 -2.46 -4.73
C LEU A 31 -26.32 -1.74 -3.98
N GLN A 32 -26.54 -0.46 -4.33
CA GLN A 32 -27.55 0.33 -3.68
C GLN A 32 -28.04 1.35 -4.66
N SER A 33 -27.18 1.75 -5.61
CA SER A 33 -27.58 2.74 -6.59
C SER A 33 -26.94 2.38 -7.90
N GLU A 34 -25.60 2.50 -8.00
CA GLU A 34 -24.93 2.19 -9.23
C GLU A 34 -23.81 1.25 -8.93
N GLY A 35 -22.98 1.59 -7.91
CA GLY A 35 -21.89 0.72 -7.56
C GLY A 35 -20.58 1.46 -7.73
N ILE A 36 -20.43 2.21 -8.84
CA ILE A 36 -19.19 2.92 -9.06
C ILE A 36 -19.46 4.39 -8.90
N TYR A 37 -19.01 4.96 -7.75
CA TYR A 37 -19.19 6.37 -7.51
C TYR A 37 -18.02 7.10 -8.12
N THR A 38 -17.49 8.12 -7.39
CA THR A 38 -16.39 8.88 -7.90
C THR A 38 -15.21 8.69 -6.98
N SER A 39 -15.38 9.05 -5.67
CA SER A 39 -14.29 8.94 -4.72
C SER A 39 -14.67 9.70 -3.48
N VAL A 40 -15.98 9.86 -3.22
CA VAL A 40 -16.40 10.61 -2.05
C VAL A 40 -17.01 9.69 -1.02
N GLY A 41 -17.05 8.36 -1.26
CA GLY A 41 -17.66 7.48 -0.29
C GLY A 41 -16.59 6.88 0.59
N SER A 42 -16.92 6.72 1.89
CA SER A 42 -15.99 6.12 2.83
C SER A 42 -16.68 4.93 3.43
N TYR A 43 -16.03 3.74 3.38
CA TYR A 43 -16.63 2.55 3.93
C TYR A 43 -15.74 2.01 5.01
N ASP A 44 -16.23 0.97 5.72
CA ASP A 44 -15.48 0.38 6.80
C ASP A 44 -14.40 -0.50 6.22
N HIS A 45 -13.63 -1.19 7.12
CA HIS A 45 -12.57 -2.04 6.68
C HIS A 45 -13.12 -3.42 6.43
N GLN A 46 -14.27 -3.75 7.06
CA GLN A 46 -14.89 -5.04 6.86
C GLN A 46 -15.35 -5.15 5.43
N GLU A 47 -15.67 -3.99 4.81
CA GLU A 47 -16.13 -3.96 3.44
C GLU A 47 -15.02 -4.50 2.55
N LEU A 48 -13.75 -4.12 2.86
CA LEU A 48 -12.60 -4.57 2.09
C LEU A 48 -12.41 -6.06 2.29
N LEU A 49 -12.62 -6.55 3.52
CA LEU A 49 -12.39 -7.95 3.82
C LEU A 49 -13.44 -8.81 3.14
N GLN A 50 -14.68 -8.30 3.03
CA GLN A 50 -15.75 -9.08 2.44
C GLN A 50 -15.45 -9.31 0.97
N LEU A 51 -14.94 -8.28 0.24
CA LEU A 51 -14.66 -8.45 -1.18
C LEU A 51 -13.34 -9.14 -1.39
N VAL A 52 -12.47 -9.16 -0.35
CA VAL A 52 -11.18 -9.80 -0.53
C VAL A 52 -11.37 -11.29 -0.35
N VAL A 53 -12.27 -11.69 0.58
CA VAL A 53 -12.54 -13.09 0.81
C VAL A 53 -13.29 -13.65 -0.38
N LYS A 54 -14.25 -12.88 -0.96
CA LYS A 54 -15.00 -13.38 -2.10
C LYS A 54 -14.04 -13.57 -3.26
N LEU A 55 -12.95 -12.78 -3.31
CA LEU A 55 -11.98 -12.91 -4.38
C LEU A 55 -11.26 -14.23 -4.27
N SER A 56 -10.94 -14.70 -3.04
CA SER A 56 -10.23 -15.95 -2.89
C SER A 56 -11.14 -17.13 -3.20
N GLU A 57 -12.48 -16.93 -3.21
CA GLU A 57 -13.35 -18.05 -3.49
C GLU A 57 -13.87 -18.01 -4.92
N VAL A 58 -14.16 -16.80 -5.46
CA VAL A 58 -14.73 -16.71 -6.80
C VAL A 58 -13.69 -17.01 -7.87
N SER A 59 -12.41 -16.61 -7.67
CA SER A 59 -11.43 -16.87 -8.69
C SER A 59 -10.37 -17.81 -8.17
N SER A 60 -10.40 -18.14 -6.86
CA SER A 60 -9.43 -19.04 -6.28
C SER A 60 -8.07 -18.41 -6.34
N VAL A 61 -7.98 -17.12 -5.93
CA VAL A 61 -6.71 -16.44 -5.96
C VAL A 61 -6.27 -16.28 -4.52
N PRO A 62 -5.02 -16.56 -4.27
CA PRO A 62 -4.45 -16.46 -2.94
C PRO A 62 -4.50 -15.06 -2.40
N VAL A 63 -4.65 -14.94 -1.07
CA VAL A 63 -4.78 -13.64 -0.44
C VAL A 63 -3.43 -12.95 -0.34
N THR A 64 -2.30 -13.65 -0.57
CA THR A 64 -1.02 -12.97 -0.44
C THR A 64 -0.56 -12.48 -1.79
N GLU A 65 -0.86 -13.22 -2.88
CA GLU A 65 -0.44 -12.76 -4.19
C GLU A 65 -1.42 -11.72 -4.68
N LEU A 66 -2.64 -11.72 -4.10
CA LEU A 66 -3.64 -10.75 -4.50
C LEU A 66 -3.30 -9.44 -3.85
N VAL A 67 -2.80 -9.48 -2.59
CA VAL A 67 -2.48 -8.25 -1.90
C VAL A 67 -1.26 -7.60 -2.55
N ARG A 68 -0.34 -8.38 -3.16
CA ARG A 68 0.84 -7.78 -3.79
C ARG A 68 0.44 -7.02 -5.05
N LEU A 69 -0.35 -7.67 -5.93
CA LEU A 69 -0.75 -7.03 -7.18
C LEU A 69 -1.62 -5.82 -6.91
N PHE A 70 -2.47 -5.89 -5.87
CA PHE A 70 -3.36 -4.79 -5.55
C PHE A 70 -2.56 -3.54 -5.20
N GLY A 71 -1.53 -3.67 -4.34
CA GLY A 71 -0.74 -2.53 -3.91
C GLY A 71 -0.04 -1.86 -5.08
N LYS A 72 0.48 -2.64 -6.05
CA LYS A 72 1.22 -2.04 -7.15
C LYS A 72 0.32 -1.15 -8.01
N LYS A 73 -0.89 -1.66 -8.37
CA LYS A 73 -1.79 -0.91 -9.24
C LYS A 73 -2.27 0.40 -8.62
N LEU A 74 -2.77 0.37 -7.36
CA LEU A 74 -3.35 1.57 -6.77
C LEU A 74 -2.28 2.64 -6.50
N PHE A 75 -1.08 2.25 -6.03
CA PHE A 75 -0.06 3.24 -5.71
C PHE A 75 0.36 4.00 -6.96
N VAL A 76 0.62 3.29 -8.09
CA VAL A 76 1.05 3.98 -9.30
C VAL A 76 -0.12 4.76 -9.89
N GLU A 77 -1.35 4.46 -9.42
CA GLU A 77 -2.51 5.19 -9.92
C GLU A 77 -2.51 6.58 -9.34
N LEU A 78 -2.14 6.73 -8.04
CA LEU A 78 -2.12 8.04 -7.41
C LEU A 78 -1.01 8.86 -7.99
N ILE A 79 0.15 8.24 -8.30
CA ILE A 79 1.27 8.97 -8.82
C ILE A 79 0.89 9.60 -10.15
N GLU A 80 0.31 8.79 -11.07
CA GLU A 80 -0.10 9.28 -12.36
C GLU A 80 -1.24 10.26 -12.25
N GLY A 81 -2.03 10.19 -11.16
CA GLY A 81 -3.16 11.07 -11.03
C GLY A 81 -2.79 12.29 -10.24
N HIS A 82 -1.54 12.40 -9.73
CA HIS A 82 -1.19 13.56 -8.95
C HIS A 82 0.18 14.02 -9.34
N PRO A 83 0.21 14.89 -10.32
CA PRO A 83 1.45 15.45 -10.84
C PRO A 83 2.16 16.35 -9.86
N GLU A 84 1.43 17.00 -8.93
CA GLU A 84 2.09 17.89 -8.00
C GLU A 84 2.41 17.11 -6.75
N ILE A 85 1.95 15.84 -6.66
CA ILE A 85 2.23 15.08 -5.49
C ILE A 85 3.54 14.38 -5.75
N ALA A 86 3.92 14.25 -7.05
CA ALA A 86 5.16 13.60 -7.37
C ALA A 86 6.20 14.65 -7.65
N ASN A 87 5.78 15.87 -8.09
CA ASN A 87 6.74 16.92 -8.35
C ASN A 87 7.32 17.39 -7.04
N GLU A 88 6.50 17.43 -5.97
CA GLU A 88 6.99 17.88 -4.68
C GLU A 88 8.04 16.93 -4.15
N MET A 89 7.86 15.60 -4.39
CA MET A 89 8.80 14.62 -3.90
C MET A 89 10.00 14.58 -4.82
N LYS A 90 11.18 14.11 -4.30
CA LYS A 90 12.37 14.09 -5.10
C LYS A 90 12.91 12.68 -5.23
N ASP A 91 12.60 11.79 -4.26
CA ASP A 91 13.14 10.46 -4.33
C ASP A 91 12.38 9.60 -3.35
N SER A 92 12.66 8.28 -3.37
CA SER A 92 12.01 7.34 -2.48
C SER A 92 12.39 7.60 -1.04
N PHE A 93 13.68 7.92 -0.76
CA PHE A 93 14.08 8.15 0.61
C PHE A 93 13.42 9.40 1.12
N ASP A 94 13.33 10.45 0.26
CA ASP A 94 12.69 11.67 0.66
C ASP A 94 11.21 11.42 0.90
N LEU A 95 10.66 10.35 0.27
CA LEU A 95 9.26 10.01 0.45
C LEU A 95 9.05 9.60 1.89
N LEU A 96 9.97 8.77 2.45
CA LEU A 96 9.85 8.34 3.83
C LEU A 96 9.90 9.51 4.78
N SER A 97 10.68 10.57 4.47
CA SER A 97 10.77 11.69 5.38
C SER A 97 9.63 12.69 5.13
N LYS A 98 8.84 12.50 4.04
CA LYS A 98 7.76 13.44 3.75
C LYS A 98 6.42 12.77 3.97
N ILE A 99 6.42 11.48 4.39
CA ILE A 99 5.17 10.76 4.56
C ILE A 99 4.32 11.35 5.67
N ASP A 100 4.93 11.77 6.80
CA ASP A 100 4.11 12.28 7.88
C ASP A 100 4.01 13.79 7.83
N SER A 101 5.01 14.50 7.27
CA SER A 101 4.96 15.94 7.28
C SER A 101 3.89 16.50 6.37
N PHE A 102 3.66 15.95 5.14
CA PHE A 102 2.64 16.57 4.31
C PHE A 102 1.75 15.58 3.60
N ILE A 103 2.15 14.30 3.43
CA ILE A 103 1.29 13.39 2.69
C ILE A 103 0.02 13.10 3.47
N HIS A 104 0.15 12.71 4.75
CA HIS A 104 -1.02 12.37 5.51
C HIS A 104 -1.53 13.56 6.27
N VAL A 105 -0.92 14.77 6.08
CA VAL A 105 -1.43 15.93 6.77
C VAL A 105 -2.51 16.53 5.90
N GLU A 106 -2.33 16.46 4.55
CA GLU A 106 -3.33 17.00 3.66
C GLU A 106 -4.51 16.07 3.67
N VAL A 107 -4.27 14.74 3.65
CA VAL A 107 -5.36 13.78 3.64
C VAL A 107 -6.15 13.86 4.94
N TYR A 108 -5.44 13.85 6.10
CA TYR A 108 -6.10 13.91 7.41
C TYR A 108 -6.91 15.17 7.56
N LYS A 109 -6.33 16.34 7.24
CA LYS A 109 -7.04 17.59 7.41
C LYS A 109 -8.29 17.61 6.56
N LEU A 110 -8.22 17.08 5.32
CA LEU A 110 -9.38 17.07 4.46
C LEU A 110 -10.52 16.38 5.15
N TYR A 111 -10.48 15.04 5.29
CA TYR A 111 -11.58 14.38 5.94
C TYR A 111 -11.07 13.59 7.12
N PRO A 112 -11.84 13.62 8.18
CA PRO A 112 -11.51 12.94 9.42
C PRO A 112 -11.94 11.50 9.49
N GLN A 113 -12.61 10.97 8.44
CA GLN A 113 -13.07 9.59 8.47
C GLN A 113 -11.88 8.66 8.48
N ALA A 114 -10.80 9.02 7.72
CA ALA A 114 -9.63 8.18 7.64
C ALA A 114 -8.96 8.09 8.99
N GLU A 115 -8.39 6.89 9.29
CA GLU A 115 -7.70 6.71 10.54
C GLU A 115 -6.24 6.54 10.23
N LEU A 116 -5.36 7.08 11.10
CA LEU A 116 -3.95 7.01 10.86
C LEU A 116 -3.27 6.45 12.08
N PRO A 117 -2.18 5.75 11.84
CA PRO A 117 -1.36 5.14 12.88
C PRO A 117 -0.23 6.03 13.34
N LYS A 118 0.82 5.44 13.98
CA LYS A 118 1.91 6.26 14.44
C LYS A 118 3.17 5.76 13.78
N PHE A 119 4.07 6.69 13.36
CA PHE A 119 5.30 6.26 12.71
C PHE A 119 6.47 6.89 13.41
N THR A 120 7.52 6.08 13.66
CA THR A 120 8.73 6.59 14.27
C THR A 120 9.83 6.22 13.30
N CYS A 121 10.64 7.20 12.87
CA CYS A 121 11.68 6.89 11.91
C CYS A 121 13.02 7.18 12.51
N ASP A 122 13.92 6.17 12.48
CA ASP A 122 15.24 6.34 13.01
C ASP A 122 16.19 6.08 11.87
N ARG A 123 17.12 7.02 11.59
CA ARG A 123 18.04 6.84 10.50
C ARG A 123 19.35 6.35 11.07
N LEU A 124 19.75 5.11 10.69
CA LEU A 124 20.99 4.56 11.18
C LEU A 124 22.14 5.07 10.36
N GLY A 125 21.89 5.44 9.09
CA GLY A 125 22.98 5.90 8.28
C GLY A 125 22.45 6.28 6.92
N ASP A 126 23.26 6.02 5.86
CA ASP A 126 22.83 6.37 4.55
C ASP A 126 22.20 5.18 3.89
N ASN A 127 22.77 3.97 4.11
CA ASN A 127 22.21 2.79 3.48
C ASN A 127 21.32 2.03 4.44
N ASP A 128 21.19 2.53 5.70
CA ASP A 128 20.37 1.83 6.66
C ASP A 128 19.25 2.74 7.10
N ILE A 129 18.01 2.21 7.11
CA ILE A 129 16.87 2.98 7.54
C ILE A 129 15.98 2.08 8.35
N ARG A 130 15.46 2.60 9.48
CA ARG A 130 14.57 1.80 10.32
C ARG A 130 13.24 2.47 10.34
N LEU A 131 12.18 1.64 10.22
CA LEU A 131 10.85 2.15 10.20
C LEU A 131 10.05 1.43 11.26
N HIS A 132 9.54 2.20 12.25
CA HIS A 132 8.74 1.63 13.31
C HIS A 132 7.31 1.84 12.95
N TYR A 133 6.51 0.76 13.02
CA TYR A 133 5.12 0.86 12.68
C TYR A 133 4.34 0.41 13.87
N GLN A 134 3.48 1.31 14.41
CA GLN A 134 2.69 0.95 15.55
C GLN A 134 1.26 0.96 15.12
N SER A 135 0.65 -0.24 15.03
CA SER A 135 -0.73 -0.34 14.62
C SER A 135 -1.21 -1.74 14.97
N LYS A 136 -2.55 -1.89 15.09
CA LYS A 136 -3.12 -3.16 15.44
C LYS A 136 -3.43 -3.94 14.18
N ARG A 137 -3.03 -3.42 13.00
CA ARG A 137 -3.31 -4.14 11.78
C ARG A 137 -2.00 -4.20 11.03
N PRO A 138 -1.09 -5.01 11.51
CA PRO A 138 0.22 -5.15 10.92
C PRO A 138 0.37 -6.29 9.94
N PHE A 139 0.06 -6.03 8.65
CA PHE A 139 0.24 -7.06 7.66
C PHE A 139 1.44 -6.66 6.86
N ALA A 140 2.52 -7.48 6.95
CA ALA A 140 3.74 -7.18 6.23
C ALA A 140 3.52 -7.20 4.74
N SER A 141 2.69 -8.13 4.23
CA SER A 141 2.45 -8.22 2.81
C SER A 141 1.81 -6.95 2.28
N PHE A 142 0.96 -6.29 3.11
CA PHE A 142 0.28 -5.10 2.64
C PHE A 142 1.23 -3.93 2.55
N ALA A 143 2.04 -3.70 3.61
CA ALA A 143 2.96 -2.57 3.62
C ALA A 143 4.03 -2.71 2.57
N GLU A 144 4.56 -3.94 2.35
CA GLU A 144 5.59 -4.16 1.35
C GLU A 144 5.06 -3.82 -0.02
N GLY A 145 3.77 -4.16 -0.26
CA GLY A 145 3.17 -3.89 -1.55
C GLY A 145 3.21 -2.41 -1.84
N LEU A 146 2.88 -1.56 -0.83
CA LEU A 146 2.89 -0.12 -1.03
C LEU A 146 4.29 0.45 -1.19
N LEU A 147 5.30 -0.02 -0.39
CA LEU A 147 6.63 0.56 -0.48
C LEU A 147 7.30 0.15 -1.78
N ASP A 148 7.15 -1.13 -2.16
CA ASP A 148 7.76 -1.62 -3.37
C ASP A 148 7.07 -1.03 -4.60
N GLY A 149 5.76 -0.70 -4.49
CA GLY A 149 5.05 -0.11 -5.61
C GLY A 149 5.68 1.22 -5.93
N CYS A 150 6.06 1.96 -4.88
CA CYS A 150 6.71 3.24 -5.07
C CYS A 150 8.00 3.03 -5.84
N ALA A 151 8.77 1.97 -5.50
CA ALA A 151 10.03 1.70 -6.19
C ALA A 151 9.73 1.13 -7.57
N GLU A 152 8.44 0.95 -7.88
CA GLU A 152 8.07 0.42 -9.17
C GLU A 152 8.04 1.56 -10.15
N TYR A 153 7.39 2.70 -9.77
CA TYR A 153 7.34 3.85 -10.66
C TYR A 153 8.73 4.41 -10.84
N PHE A 154 9.52 4.54 -9.74
CA PHE A 154 10.86 5.11 -9.82
C PHE A 154 11.80 4.17 -10.57
N LYS A 155 11.52 2.84 -10.57
CA LYS A 155 12.38 1.89 -11.24
C LYS A 155 13.65 1.71 -10.43
N GLU A 156 13.51 1.11 -9.23
CA GLU A 156 14.67 0.91 -8.40
C GLU A 156 14.55 -0.47 -7.79
N ASP A 157 15.41 -0.77 -6.78
CA ASP A 157 15.36 -2.07 -6.16
C ASP A 157 15.75 -1.91 -4.72
N PHE A 158 14.74 -1.81 -3.82
CA PHE A 158 15.01 -1.68 -2.41
C PHE A 158 14.52 -2.94 -1.75
N THR A 159 15.08 -3.27 -0.56
CA THR A 159 14.66 -4.49 0.11
C THR A 159 14.08 -4.12 1.45
N ILE A 160 12.86 -4.63 1.72
CA ILE A 160 12.21 -4.38 2.97
C ILE A 160 12.26 -5.67 3.77
N SER A 161 12.84 -5.62 4.99
CA SER A 161 12.96 -6.80 5.80
C SER A 161 12.19 -6.61 7.08
N ARG A 162 12.31 -7.61 7.99
CA ARG A 162 11.59 -7.58 9.26
C ARG A 162 12.48 -8.24 10.29
N THR A 163 12.27 -7.91 11.59
CA THR A 163 13.08 -8.54 12.61
C THR A 163 12.27 -9.67 13.20
N PRO A 164 12.98 -10.71 13.57
CA PRO A 164 12.38 -11.92 14.15
C PRO A 164 11.94 -11.79 15.58
N GLU A 165 12.34 -10.70 16.26
CA GLU A 165 11.97 -10.55 17.65
C GLU A 165 10.50 -10.20 17.75
N THR A 166 10.00 -9.32 16.86
CA THR A 166 8.60 -8.93 16.94
C THR A 166 7.87 -9.33 15.69
N GLN A 167 8.44 -10.24 14.87
CA GLN A 167 7.75 -10.68 13.67
C GLN A 167 6.52 -11.48 14.04
N ASP A 168 6.37 -11.86 15.33
CA ASP A 168 5.20 -12.63 15.70
C ASP A 168 4.40 -11.84 16.72
N SER A 169 4.39 -10.50 16.59
CA SER A 169 3.65 -9.68 17.52
C SER A 169 2.90 -8.64 16.73
N GLU A 170 1.72 -8.22 17.25
CA GLU A 170 0.94 -7.22 16.56
C GLU A 170 0.89 -6.00 17.45
N THR A 171 1.06 -4.78 16.83
CA THR A 171 1.05 -3.50 17.55
C THR A 171 2.43 -2.92 17.42
N ASP A 172 3.46 -3.72 17.78
CA ASP A 172 4.83 -3.24 17.69
C ASP A 172 5.57 -4.08 16.70
N VAL A 173 5.94 -3.49 15.53
CA VAL A 173 6.66 -4.24 14.52
C VAL A 173 7.88 -3.43 14.14
N ILE A 174 9.06 -4.10 14.04
CA ILE A 174 10.28 -3.42 13.69
C ILE A 174 10.63 -3.78 12.26
N PHE A 175 10.86 -2.74 11.42
CA PHE A 175 11.17 -2.97 10.03
C PHE A 175 12.56 -2.45 9.76
N ASN A 176 13.18 -3.04 8.72
CA ASN A 176 14.54 -2.68 8.35
C ASN A 176 14.58 -2.57 6.85
N ILE A 177 14.93 -1.38 6.31
CA ILE A 177 14.98 -1.19 4.89
C ILE A 177 16.43 -0.91 4.53
N THR A 178 17.01 -1.77 3.68
CA THR A 178 18.41 -1.65 3.30
C THR A 178 18.48 -1.49 1.81
N ARG A 179 19.40 -0.61 1.29
CA ARG A 179 19.48 -0.44 -0.15
C ARG A 179 20.33 -1.56 -0.71
N ALA A 180 19.75 -2.30 -1.68
CA ALA A 180 20.48 -3.39 -2.32
C ALA A 180 21.60 -2.79 -3.13
N PRO A 181 22.60 -3.60 -3.38
CA PRO A 181 23.78 -3.18 -4.12
C PRO A 181 23.47 -2.52 -5.43
N ARG A 182 24.04 -1.31 -5.63
CA ARG A 182 23.81 -0.58 -6.84
C ARG A 182 24.97 -0.84 -7.77
N GLY A 183 25.68 -1.97 -7.58
CA GLY A 183 26.79 -2.28 -8.45
C GLY A 183 28.05 -2.30 -7.65
N ALA A 184 28.05 -1.67 -6.45
CA ALA A 184 29.25 -1.68 -5.66
C ALA A 184 28.91 -2.26 -4.32
N GLU A 185 29.60 -3.34 -3.93
CA GLU A 185 29.32 -3.97 -2.66
C GLU A 185 30.63 -4.06 -1.92
N ASN A 186 30.70 -3.39 -0.75
CA ASN A 186 31.91 -3.45 0.04
C ASN A 186 31.54 -4.03 1.37
N LEU A 187 32.21 -5.14 1.75
CA LEU A 187 31.91 -5.75 3.03
C LEU A 187 32.97 -5.34 4.01
N TYR A 188 34.26 -5.52 3.65
CA TYR A 188 35.31 -5.15 4.55
C TYR A 188 36.58 -5.01 3.74
N PHE A 189 37.32 -6.13 3.59
CA PHE A 189 38.55 -6.08 2.84
C PHE A 189 38.62 -7.33 2.01
N GLN A 190 38.88 -7.17 0.69
CA GLN A 190 38.96 -8.31 -0.17
C GLN A 190 40.44 -8.61 -0.42
N MET A 1 -8.54 5.99 2.19
CA MET A 1 -9.78 6.34 1.44
C MET A 1 -10.36 5.11 0.81
N MET A 2 -11.56 4.69 1.29
CA MET A 2 -12.19 3.49 0.78
C MET A 2 -12.86 3.76 -0.55
N GLY A 3 -13.07 5.04 -0.91
CA GLY A 3 -13.71 5.31 -2.18
C GLY A 3 -12.73 5.04 -3.30
N MET A 4 -11.46 5.46 -3.12
CA MET A 4 -10.46 5.26 -4.15
C MET A 4 -10.13 3.80 -4.34
N VAL A 5 -10.07 3.01 -3.24
CA VAL A 5 -9.74 1.60 -3.37
C VAL A 5 -10.84 0.88 -4.08
N PHE A 6 -12.09 1.42 -4.05
CA PHE A 6 -13.19 0.77 -4.73
C PHE A 6 -13.00 0.90 -6.21
N THR A 7 -12.50 2.08 -6.68
CA THR A 7 -12.32 2.29 -8.11
C THR A 7 -11.21 1.37 -8.61
N GLY A 8 -10.11 1.24 -7.81
CA GLY A 8 -8.99 0.41 -8.20
C GLY A 8 -9.43 -1.03 -8.31
N LEU A 9 -10.29 -1.49 -7.38
CA LEU A 9 -10.73 -2.88 -7.39
C LEU A 9 -11.55 -3.17 -8.61
N MET A 10 -12.43 -2.23 -9.05
CA MET A 10 -13.27 -2.47 -10.21
C MET A 10 -12.43 -2.65 -11.46
N GLU A 11 -11.37 -1.84 -11.63
CA GLU A 11 -10.55 -1.94 -12.82
C GLU A 11 -9.78 -3.24 -12.87
N LEU A 12 -9.25 -3.71 -11.72
CA LEU A 12 -8.47 -4.93 -11.68
C LEU A 12 -9.30 -6.16 -11.99
N ILE A 13 -10.54 -6.28 -11.46
CA ILE A 13 -11.31 -7.49 -11.68
C ILE A 13 -11.83 -7.56 -13.09
N GLU A 14 -12.25 -6.42 -13.67
CA GLU A 14 -12.84 -6.42 -15.00
C GLU A 14 -11.81 -6.79 -16.06
N ASP A 15 -10.59 -6.23 -15.96
CA ASP A 15 -9.57 -6.47 -16.95
C ASP A 15 -9.02 -7.87 -16.85
N GLU A 16 -8.93 -8.44 -15.64
CA GLU A 16 -8.33 -9.74 -15.48
C GLU A 16 -9.17 -10.87 -16.02
N PHE A 17 -10.48 -10.95 -15.69
CA PHE A 17 -11.22 -12.11 -16.18
C PHE A 17 -12.49 -11.72 -16.90
N GLY A 18 -13.06 -10.53 -16.70
CA GLY A 18 -14.27 -10.23 -17.41
C GLY A 18 -15.20 -9.45 -16.52
N TYR A 19 -16.38 -9.10 -17.06
CA TYR A 19 -17.29 -8.30 -16.29
C TYR A 19 -18.32 -9.22 -15.66
N GLU A 20 -18.36 -10.50 -16.09
CA GLU A 20 -19.29 -11.44 -15.49
C GLU A 20 -18.80 -11.75 -14.10
N THR A 21 -17.46 -11.93 -13.96
CA THR A 21 -16.87 -12.21 -12.67
C THR A 21 -16.99 -10.96 -11.83
N LEU A 22 -16.81 -9.79 -12.48
CA LEU A 22 -16.92 -8.52 -11.79
C LEU A 22 -18.31 -8.39 -11.21
N ASP A 23 -19.34 -8.85 -11.98
CA ASP A 23 -20.72 -8.77 -11.54
C ASP A 23 -20.97 -9.61 -10.30
N THR A 24 -20.29 -10.78 -10.18
CA THR A 24 -20.52 -11.64 -9.02
C THR A 24 -20.07 -10.91 -7.78
N LEU A 25 -18.91 -10.20 -7.85
CA LEU A 25 -18.40 -9.49 -6.69
C LEU A 25 -19.37 -8.36 -6.33
N LEU A 26 -19.97 -7.68 -7.34
CA LEU A 26 -20.89 -6.60 -7.06
C LEU A 26 -22.15 -7.14 -6.48
N GLU A 27 -22.37 -8.47 -6.53
CA GLU A 27 -23.56 -9.02 -5.95
C GLU A 27 -23.31 -9.34 -4.50
N SER A 28 -22.03 -9.62 -4.13
CA SER A 28 -21.73 -9.91 -2.73
C SER A 28 -21.88 -8.65 -1.92
N CYS A 29 -21.78 -7.45 -2.56
CA CYS A 29 -21.94 -6.23 -1.80
C CYS A 29 -23.28 -5.62 -2.14
N GLU A 30 -23.68 -5.74 -3.43
CA GLU A 30 -24.95 -5.22 -3.92
C GLU A 30 -24.76 -3.77 -4.29
N LEU A 31 -25.25 -3.38 -5.49
CA LEU A 31 -25.11 -2.01 -5.94
C LEU A 31 -26.24 -1.21 -5.36
N GLN A 32 -26.40 0.04 -5.88
CA GLN A 32 -27.43 0.90 -5.40
C GLN A 32 -27.80 1.82 -6.53
N SER A 33 -26.82 2.17 -7.38
CA SER A 33 -27.09 3.06 -8.48
C SER A 33 -26.35 2.55 -9.68
N GLU A 34 -25.01 2.72 -9.71
CA GLU A 34 -24.24 2.26 -10.84
C GLU A 34 -23.12 1.39 -10.34
N GLY A 35 -22.57 1.72 -9.15
CA GLY A 35 -21.50 0.92 -8.60
C GLY A 35 -20.23 1.74 -8.59
N ILE A 36 -20.11 2.75 -9.47
CA ILE A 36 -18.92 3.57 -9.48
C ILE A 36 -19.35 4.95 -9.05
N TYR A 37 -19.06 5.32 -7.79
CA TYR A 37 -19.44 6.63 -7.29
C TYR A 37 -18.25 7.54 -7.33
N THR A 38 -17.07 7.03 -7.79
CA THR A 38 -15.86 7.84 -7.83
C THR A 38 -15.34 7.90 -6.42
N SER A 39 -14.20 8.61 -6.18
CA SER A 39 -13.65 8.67 -4.85
C SER A 39 -14.22 9.86 -4.12
N VAL A 40 -15.02 9.61 -3.05
CA VAL A 40 -15.60 10.68 -2.28
C VAL A 40 -16.30 10.11 -1.07
N GLY A 41 -16.45 8.77 -0.97
CA GLY A 41 -17.14 8.22 0.16
C GLY A 41 -16.20 7.34 0.95
N SER A 42 -16.63 6.96 2.18
CA SER A 42 -15.81 6.13 3.02
C SER A 42 -16.68 5.02 3.54
N TYR A 43 -16.16 3.77 3.54
CA TYR A 43 -16.91 2.66 4.04
C TYR A 43 -16.10 2.00 5.13
N ASP A 44 -16.72 1.02 5.82
CA ASP A 44 -16.04 0.32 6.89
C ASP A 44 -14.98 -0.57 6.29
N HIS A 45 -14.16 -1.22 7.15
CA HIS A 45 -13.11 -2.06 6.65
C HIS A 45 -13.65 -3.44 6.40
N GLN A 46 -14.84 -3.76 6.98
CA GLN A 46 -15.43 -5.06 6.76
C GLN A 46 -15.88 -5.12 5.32
N GLU A 47 -16.24 -3.95 4.76
CA GLU A 47 -16.69 -3.86 3.38
C GLU A 47 -15.55 -4.29 2.48
N LEU A 48 -14.30 -3.83 2.80
CA LEU A 48 -13.13 -4.17 2.01
C LEU A 48 -12.83 -5.64 2.13
N LEU A 49 -12.99 -6.21 3.34
CA LEU A 49 -12.68 -7.61 3.57
C LEU A 49 -13.72 -8.48 2.92
N GLN A 50 -14.97 -7.98 2.81
CA GLN A 50 -16.03 -8.77 2.23
C GLN A 50 -15.76 -9.02 0.76
N LEU A 51 -15.30 -7.99 0.00
CA LEU A 51 -15.01 -8.19 -1.41
C LEU A 51 -13.76 -9.02 -1.55
N VAL A 52 -12.80 -8.83 -0.63
CA VAL A 52 -11.54 -9.56 -0.67
C VAL A 52 -11.80 -11.04 -0.48
N VAL A 53 -12.70 -11.41 0.46
CA VAL A 53 -13.00 -12.81 0.71
C VAL A 53 -13.68 -13.41 -0.51
N LYS A 54 -14.62 -12.67 -1.17
CA LYS A 54 -15.29 -13.24 -2.31
C LYS A 54 -14.28 -13.41 -3.43
N LEU A 55 -13.17 -12.64 -3.40
CA LEU A 55 -12.15 -12.78 -4.43
C LEU A 55 -11.43 -14.10 -4.27
N SER A 56 -11.19 -14.54 -3.01
CA SER A 56 -10.49 -15.79 -2.81
C SER A 56 -11.38 -16.96 -3.18
N GLU A 57 -12.72 -16.74 -3.27
CA GLU A 57 -13.60 -17.85 -3.61
C GLU A 57 -14.00 -17.80 -5.07
N VAL A 58 -14.20 -16.59 -5.64
CA VAL A 58 -14.64 -16.48 -7.03
C VAL A 58 -13.54 -16.86 -8.00
N SER A 59 -12.27 -16.46 -7.75
CA SER A 59 -11.22 -16.79 -8.70
C SER A 59 -10.21 -17.71 -8.07
N SER A 60 -10.36 -18.04 -6.77
CA SER A 60 -9.43 -18.94 -6.08
C SER A 60 -8.06 -18.32 -6.05
N VAL A 61 -7.97 -17.05 -5.60
CA VAL A 61 -6.68 -16.39 -5.52
C VAL A 61 -6.39 -16.14 -4.07
N PRO A 62 -5.17 -16.46 -3.67
CA PRO A 62 -4.72 -16.27 -2.30
C PRO A 62 -4.83 -14.84 -1.84
N VAL A 63 -5.06 -14.65 -0.52
CA VAL A 63 -5.22 -13.33 0.02
C VAL A 63 -3.88 -12.62 0.14
N THR A 64 -2.74 -13.35 -0.03
CA THR A 64 -1.47 -12.66 0.11
C THR A 64 -0.97 -12.27 -1.26
N GLU A 65 -1.24 -13.09 -2.31
CA GLU A 65 -0.79 -12.74 -3.64
C GLU A 65 -1.71 -11.68 -4.21
N LEU A 66 -2.93 -11.56 -3.65
CA LEU A 66 -3.87 -10.57 -4.14
C LEU A 66 -3.53 -9.25 -3.52
N VAL A 67 -3.04 -9.25 -2.26
CA VAL A 67 -2.70 -8.01 -1.61
C VAL A 67 -1.44 -7.43 -2.24
N ARG A 68 -0.55 -8.29 -2.84
CA ARG A 68 0.66 -7.78 -3.46
C ARG A 68 0.34 -7.05 -4.75
N LEU A 69 -0.40 -7.71 -5.67
CA LEU A 69 -0.74 -7.10 -6.95
C LEU A 69 -1.60 -5.88 -6.75
N PHE A 70 -2.48 -5.90 -5.74
CA PHE A 70 -3.38 -4.79 -5.48
C PHE A 70 -2.58 -3.53 -5.16
N GLY A 71 -1.56 -3.64 -4.27
CA GLY A 71 -0.78 -2.49 -3.88
C GLY A 71 -0.05 -1.89 -5.07
N LYS A 72 0.47 -2.72 -6.00
CA LYS A 72 1.23 -2.19 -7.12
C LYS A 72 0.36 -1.30 -8.00
N LYS A 73 -0.84 -1.77 -8.40
CA LYS A 73 -1.70 -0.99 -9.29
C LYS A 73 -2.21 0.30 -8.68
N LEU A 74 -2.68 0.28 -7.42
CA LEU A 74 -3.25 1.48 -6.83
C LEU A 74 -2.20 2.54 -6.55
N PHE A 75 -0.98 2.15 -6.08
CA PHE A 75 0.03 3.13 -5.77
C PHE A 75 0.47 3.88 -7.02
N VAL A 76 0.71 3.16 -8.16
CA VAL A 76 1.13 3.83 -9.38
C VAL A 76 -0.03 4.61 -9.95
N GLU A 77 -1.25 4.32 -9.44
CA GLU A 77 -2.42 5.02 -9.92
C GLU A 77 -2.41 6.42 -9.36
N LEU A 78 -1.96 6.57 -8.08
CA LEU A 78 -1.91 7.87 -7.45
C LEU A 78 -0.76 8.68 -8.00
N ILE A 79 0.34 8.01 -8.45
CA ILE A 79 1.49 8.75 -8.94
C ILE A 79 1.11 9.48 -10.21
N GLU A 80 0.55 8.77 -11.20
CA GLU A 80 0.15 9.44 -12.42
C GLU A 80 -1.13 10.20 -12.18
N GLY A 81 -1.81 9.90 -11.05
CA GLY A 81 -3.06 10.56 -10.72
C GLY A 81 -2.81 11.99 -10.31
N HIS A 82 -1.69 12.26 -9.58
CA HIS A 82 -1.46 13.61 -9.12
C HIS A 82 -0.04 13.98 -9.44
N PRO A 83 0.07 14.81 -10.44
CA PRO A 83 1.37 15.31 -10.89
C PRO A 83 2.07 16.21 -9.92
N GLU A 84 1.31 16.86 -9.01
CA GLU A 84 1.96 17.74 -8.06
C GLU A 84 2.21 16.97 -6.79
N ILE A 85 1.73 15.71 -6.72
CA ILE A 85 1.94 14.94 -5.54
C ILE A 85 3.24 14.22 -5.73
N ALA A 86 3.69 14.08 -7.01
CA ALA A 86 4.93 13.40 -7.27
C ALA A 86 5.96 14.45 -7.63
N ASN A 87 5.52 15.67 -8.02
CA ASN A 87 6.44 16.72 -8.38
C ASN A 87 7.09 17.25 -7.12
N GLU A 88 6.29 17.35 -6.03
CA GLU A 88 6.79 17.87 -4.78
C GLU A 88 7.84 16.93 -4.22
N MET A 89 7.68 15.61 -4.45
CA MET A 89 8.63 14.64 -3.94
C MET A 89 9.80 14.56 -4.90
N LYS A 90 11.02 14.23 -4.37
CA LYS A 90 12.18 14.18 -5.22
C LYS A 90 12.74 12.78 -5.31
N ASP A 91 12.45 11.89 -4.34
CA ASP A 91 13.01 10.56 -4.39
C ASP A 91 12.26 9.70 -3.41
N SER A 92 12.53 8.37 -3.47
CA SER A 92 11.88 7.42 -2.59
C SER A 92 12.27 7.63 -1.14
N PHE A 93 13.57 7.95 -0.86
CA PHE A 93 13.98 8.13 0.52
C PHE A 93 13.33 9.39 1.05
N ASP A 94 13.25 10.45 0.20
CA ASP A 94 12.63 11.69 0.62
C ASP A 94 11.15 11.43 0.85
N LEU A 95 10.60 10.38 0.19
CA LEU A 95 9.20 10.03 0.35
C LEU A 95 8.96 9.63 1.79
N LEU A 96 9.83 8.75 2.34
CA LEU A 96 9.66 8.29 3.72
C LEU A 96 9.70 9.45 4.68
N SER A 97 10.54 10.47 4.38
CA SER A 97 10.66 11.62 5.27
C SER A 97 9.39 12.45 5.22
N LYS A 98 8.81 12.62 4.00
CA LYS A 98 7.63 13.46 3.80
C LYS A 98 6.34 12.69 4.05
N ILE A 99 6.40 11.39 4.40
CA ILE A 99 5.18 10.61 4.59
C ILE A 99 4.31 11.18 5.68
N ASP A 100 4.87 11.53 6.87
CA ASP A 100 4.01 12.01 7.92
C ASP A 100 3.96 13.52 7.94
N SER A 101 4.98 14.20 7.38
CA SER A 101 4.99 15.65 7.42
C SER A 101 3.85 16.26 6.63
N PHE A 102 3.59 15.84 5.36
CA PHE A 102 2.52 16.50 4.64
C PHE A 102 1.65 15.56 3.85
N ILE A 103 2.06 14.29 3.59
CA ILE A 103 1.21 13.44 2.78
C ILE A 103 -0.03 13.01 3.54
N HIS A 104 0.13 12.49 4.78
CA HIS A 104 -1.03 12.03 5.50
C HIS A 104 -1.61 13.16 6.32
N VAL A 105 -1.06 14.39 6.19
CA VAL A 105 -1.61 15.50 6.92
C VAL A 105 -2.71 16.07 6.09
N GLU A 106 -2.47 16.21 4.76
CA GLU A 106 -3.48 16.75 3.89
C GLU A 106 -4.63 15.78 3.81
N VAL A 107 -4.33 14.46 3.74
CA VAL A 107 -5.37 13.46 3.66
C VAL A 107 -6.25 13.50 4.91
N TYR A 108 -5.61 13.55 6.11
CA TYR A 108 -6.35 13.58 7.37
C TYR A 108 -7.24 14.81 7.46
N LYS A 109 -6.70 16.01 7.16
CA LYS A 109 -7.50 17.22 7.27
C LYS A 109 -8.69 17.17 6.34
N LEU A 110 -8.51 16.57 5.13
CA LEU A 110 -9.60 16.49 4.19
C LEU A 110 -10.74 15.74 4.84
N TYR A 111 -10.64 14.41 4.96
CA TYR A 111 -11.73 13.70 5.58
C TYR A 111 -11.22 13.07 6.86
N PRO A 112 -11.99 13.27 7.91
CA PRO A 112 -11.67 12.76 9.23
C PRO A 112 -12.07 11.33 9.49
N GLN A 113 -12.74 10.67 8.51
CA GLN A 113 -13.16 9.30 8.70
C GLN A 113 -11.96 8.40 8.77
N ALA A 114 -10.90 8.69 7.99
CA ALA A 114 -9.72 7.86 7.97
C ALA A 114 -9.02 7.92 9.31
N GLU A 115 -8.42 6.78 9.72
CA GLU A 115 -7.71 6.71 10.97
C GLU A 115 -6.37 6.11 10.65
N LEU A 116 -5.28 6.73 11.18
CA LEU A 116 -3.96 6.22 10.88
C LEU A 116 -3.21 5.99 12.17
N PRO A 117 -2.24 5.10 12.08
CA PRO A 117 -1.38 4.72 13.20
C PRO A 117 -0.26 5.68 13.49
N LYS A 118 0.82 5.22 14.18
CA LYS A 118 1.90 6.13 14.48
C LYS A 118 3.15 5.61 13.83
N PHE A 119 4.00 6.55 13.32
CA PHE A 119 5.22 6.14 12.65
C PHE A 119 6.39 6.89 13.23
N THR A 120 7.51 6.16 13.49
CA THR A 120 8.71 6.79 13.99
C THR A 120 9.82 6.35 13.07
N CYS A 121 10.65 7.30 12.58
CA CYS A 121 11.70 6.92 11.67
C CYS A 121 13.04 7.30 12.23
N ASP A 122 13.99 6.33 12.19
CA ASP A 122 15.32 6.59 12.67
C ASP A 122 16.23 6.36 11.48
N ARG A 123 17.26 7.24 11.31
CA ARG A 123 18.14 7.08 10.18
C ARG A 123 19.47 6.63 10.72
N LEU A 124 19.91 5.41 10.31
CA LEU A 124 21.17 4.89 10.78
C LEU A 124 22.28 5.27 9.85
N GLY A 125 21.97 5.70 8.61
CA GLY A 125 23.04 6.05 7.72
C GLY A 125 22.46 6.37 6.37
N ASP A 126 23.22 6.06 5.30
CA ASP A 126 22.74 6.36 3.98
C ASP A 126 22.08 5.12 3.41
N ASN A 127 22.63 3.93 3.72
CA ASN A 127 22.06 2.71 3.20
C ASN A 127 21.25 2.02 4.27
N ASP A 128 21.10 2.64 5.47
CA ASP A 128 20.34 2.01 6.51
C ASP A 128 19.21 2.93 6.92
N ILE A 129 17.98 2.36 7.02
CA ILE A 129 16.83 3.13 7.42
C ILE A 129 15.96 2.22 8.27
N ARG A 130 15.41 2.76 9.38
CA ARG A 130 14.57 1.95 10.24
C ARG A 130 13.20 2.56 10.26
N LEU A 131 12.19 1.68 10.21
CA LEU A 131 10.82 2.14 10.21
C LEU A 131 10.10 1.45 11.34
N HIS A 132 9.61 2.24 12.32
CA HIS A 132 8.88 1.70 13.44
C HIS A 132 7.42 1.87 13.15
N TYR A 133 6.64 0.79 13.38
CA TYR A 133 5.23 0.85 13.09
C TYR A 133 4.49 0.38 14.32
N GLN A 134 3.64 1.26 14.90
CA GLN A 134 2.88 0.86 16.06
C GLN A 134 1.43 0.88 15.67
N SER A 135 0.81 -0.32 15.62
CA SER A 135 -0.58 -0.44 15.26
C SER A 135 -1.03 -1.84 15.64
N LYS A 136 -2.35 -2.02 15.89
CA LYS A 136 -2.85 -3.32 16.27
C LYS A 136 -3.27 -4.07 15.02
N ARG A 137 -3.00 -3.51 13.82
CA ARG A 137 -3.36 -4.17 12.59
C ARG A 137 -2.16 -4.12 11.69
N PRO A 138 -1.16 -4.91 12.01
CA PRO A 138 0.07 -4.94 11.26
C PRO A 138 0.17 -6.04 10.23
N PHE A 139 -0.07 -5.69 8.95
CA PHE A 139 0.07 -6.67 7.91
C PHE A 139 1.28 -6.28 7.11
N ALA A 140 2.36 -7.11 7.22
CA ALA A 140 3.59 -6.84 6.52
C ALA A 140 3.38 -6.89 5.02
N SER A 141 2.55 -7.83 4.53
CA SER A 141 2.33 -7.96 3.10
C SER A 141 1.71 -6.71 2.54
N PHE A 142 0.91 -5.98 3.34
CA PHE A 142 0.24 -4.79 2.85
C PHE A 142 1.25 -3.66 2.70
N ALA A 143 2.08 -3.44 3.75
CA ALA A 143 3.04 -2.36 3.73
C ALA A 143 4.08 -2.57 2.65
N GLU A 144 4.55 -3.82 2.46
CA GLU A 144 5.56 -4.10 1.44
C GLU A 144 5.02 -3.79 0.07
N GLY A 145 3.72 -4.08 -0.15
CA GLY A 145 3.13 -3.84 -1.45
C GLY A 145 3.22 -2.36 -1.79
N LEU A 146 2.92 -1.48 -0.81
CA LEU A 146 2.96 -0.05 -1.05
C LEU A 146 4.39 0.47 -1.24
N LEU A 147 5.38 -0.02 -0.44
CA LEU A 147 6.73 0.52 -0.56
C LEU A 147 7.38 0.08 -1.85
N ASP A 148 7.22 -1.21 -2.22
CA ASP A 148 7.81 -1.73 -3.43
C ASP A 148 7.14 -1.13 -4.65
N GLY A 149 5.82 -0.80 -4.56
CA GLY A 149 5.12 -0.22 -5.68
C GLY A 149 5.75 1.11 -6.02
N CYS A 150 6.12 1.86 -4.96
CA CYS A 150 6.75 3.16 -5.15
C CYS A 150 8.05 2.96 -5.92
N ALA A 151 8.84 1.92 -5.57
CA ALA A 151 10.10 1.67 -6.27
C ALA A 151 9.82 1.09 -7.63
N GLU A 152 8.53 0.87 -7.94
CA GLU A 152 8.18 0.34 -9.24
C GLU A 152 8.12 1.47 -10.23
N TYR A 153 7.47 2.61 -9.86
CA TYR A 153 7.40 3.74 -10.77
C TYR A 153 8.78 4.35 -10.93
N PHE A 154 9.55 4.50 -9.82
CA PHE A 154 10.88 5.11 -9.90
C PHE A 154 11.83 4.18 -10.62
N LYS A 155 11.57 2.85 -10.60
CA LYS A 155 12.46 1.89 -11.25
C LYS A 155 13.72 1.77 -10.42
N GLU A 156 13.61 1.10 -9.25
CA GLU A 156 14.77 0.93 -8.41
C GLU A 156 14.69 -0.44 -7.78
N ASP A 157 15.57 -0.71 -6.79
CA ASP A 157 15.56 -2.00 -6.16
C ASP A 157 15.92 -1.82 -4.71
N PHE A 158 14.89 -1.75 -3.84
CA PHE A 158 15.13 -1.60 -2.42
C PHE A 158 14.62 -2.85 -1.76
N THR A 159 15.16 -3.20 -0.57
CA THR A 159 14.73 -4.41 0.08
C THR A 159 14.16 -4.06 1.44
N ILE A 160 12.94 -4.58 1.70
CA ILE A 160 12.28 -4.34 2.96
C ILE A 160 12.35 -5.63 3.75
N SER A 161 12.96 -5.57 4.97
CA SER A 161 13.10 -6.75 5.78
C SER A 161 12.39 -6.55 7.09
N ARG A 162 12.57 -7.51 8.02
CA ARG A 162 11.92 -7.47 9.31
C ARG A 162 12.84 -8.11 10.32
N THR A 163 12.65 -7.80 11.62
CA THR A 163 13.50 -8.41 12.63
C THR A 163 12.72 -9.56 13.23
N PRO A 164 13.46 -10.58 13.59
CA PRO A 164 12.90 -11.80 14.17
C PRO A 164 12.45 -11.69 15.60
N GLU A 165 12.83 -10.60 16.30
CA GLU A 165 12.45 -10.46 17.68
C GLU A 165 10.97 -10.15 17.79
N THR A 166 10.45 -9.27 16.89
CA THR A 166 9.05 -8.91 16.97
C THR A 166 8.33 -9.31 15.71
N GLN A 167 8.93 -10.20 14.89
CA GLN A 167 8.26 -10.64 13.68
C GLN A 167 7.03 -11.46 14.03
N ASP A 168 6.88 -11.89 15.30
CA ASP A 168 5.72 -12.68 15.66
C ASP A 168 5.00 -11.98 16.78
N SER A 169 4.94 -10.63 16.73
CA SER A 169 4.27 -9.90 17.78
C SER A 169 3.53 -8.75 17.13
N GLU A 170 2.37 -8.36 17.70
CA GLU A 170 1.59 -7.28 17.13
C GLU A 170 1.83 -6.03 17.95
N THR A 171 1.40 -4.86 17.40
CA THR A 171 1.56 -3.57 18.07
C THR A 171 2.94 -3.04 17.80
N ASP A 172 3.98 -3.79 18.21
CA ASP A 172 5.34 -3.33 18.00
C ASP A 172 5.98 -4.15 16.92
N VAL A 173 6.34 -3.50 15.78
CA VAL A 173 6.99 -4.20 14.70
C VAL A 173 8.19 -3.39 14.30
N ILE A 174 9.36 -4.06 14.14
CA ILE A 174 10.56 -3.36 13.75
C ILE A 174 10.88 -3.73 12.32
N PHE A 175 11.03 -2.70 11.46
CA PHE A 175 11.32 -2.92 10.07
C PHE A 175 12.69 -2.40 9.77
N ASN A 176 13.31 -2.98 8.72
CA ASN A 176 14.65 -2.60 8.34
C ASN A 176 14.67 -2.52 6.84
N ILE A 177 14.98 -1.31 6.30
CA ILE A 177 15.00 -1.14 4.87
C ILE A 177 16.45 -0.85 4.49
N THR A 178 17.03 -1.72 3.64
CA THR A 178 18.42 -1.58 3.25
C THR A 178 18.48 -1.40 1.76
N ARG A 179 19.43 -0.55 1.27
CA ARG A 179 19.56 -0.32 -0.16
C ARG A 179 20.31 -1.50 -0.73
N ALA A 180 19.64 -2.30 -1.59
CA ALA A 180 20.28 -3.45 -2.18
C ALA A 180 21.36 -2.99 -3.13
N PRO A 181 22.33 -3.87 -3.32
CA PRO A 181 23.47 -3.60 -4.19
C PRO A 181 23.09 -3.25 -5.59
N ARG A 182 23.48 -2.02 -6.02
CA ARG A 182 23.19 -1.58 -7.35
C ARG A 182 24.36 -1.88 -8.24
N GLY A 183 25.11 -2.94 -7.90
CA GLY A 183 26.24 -3.32 -8.71
C GLY A 183 27.50 -2.82 -8.09
N ALA A 184 28.30 -3.75 -7.52
CA ALA A 184 29.58 -3.40 -6.93
C ALA A 184 29.36 -2.57 -5.70
N GLU A 185 28.91 -3.21 -4.60
CA GLU A 185 28.68 -2.48 -3.37
C GLU A 185 30.02 -2.17 -2.77
N ASN A 186 30.09 -1.06 -1.99
CA ASN A 186 31.34 -0.70 -1.37
C ASN A 186 31.30 -1.13 0.06
N LEU A 187 32.24 -2.03 0.44
CA LEU A 187 32.28 -2.49 1.80
C LEU A 187 33.58 -2.02 2.40
N TYR A 188 34.72 -2.59 1.93
CA TYR A 188 35.99 -2.19 2.45
C TYR A 188 36.95 -2.12 1.30
N PHE A 189 37.63 -3.26 1.00
CA PHE A 189 38.58 -3.28 -0.08
C PHE A 189 38.26 -4.45 -0.95
N GLN A 190 38.52 -4.33 -2.26
CA GLN A 190 38.25 -5.41 -3.18
C GLN A 190 39.43 -6.38 -3.13
N MET A 1 -8.91 6.56 2.22
CA MET A 1 -10.01 6.78 1.23
C MET A 1 -10.49 5.46 0.70
N MET A 2 -11.65 4.98 1.23
CA MET A 2 -12.18 3.71 0.79
C MET A 2 -12.93 3.86 -0.49
N GLY A 3 -13.29 5.11 -0.88
CA GLY A 3 -14.02 5.30 -2.12
C GLY A 3 -13.09 5.03 -3.29
N MET A 4 -11.83 5.52 -3.19
CA MET A 4 -10.90 5.35 -4.28
C MET A 4 -10.48 3.91 -4.43
N VAL A 5 -10.33 3.16 -3.32
CA VAL A 5 -9.91 1.77 -3.43
C VAL A 5 -11.00 0.96 -4.08
N PHE A 6 -12.28 1.42 -4.00
CA PHE A 6 -13.37 0.70 -4.63
C PHE A 6 -13.25 0.84 -6.13
N THR A 7 -12.82 2.03 -6.60
CA THR A 7 -12.70 2.25 -8.04
C THR A 7 -11.60 1.35 -8.57
N GLY A 8 -10.49 1.23 -7.81
CA GLY A 8 -9.35 0.42 -8.21
C GLY A 8 -9.78 -1.03 -8.31
N LEU A 9 -10.62 -1.49 -7.35
CA LEU A 9 -11.07 -2.87 -7.34
C LEU A 9 -11.88 -3.20 -8.57
N MET A 10 -12.77 -2.29 -9.01
CA MET A 10 -13.61 -2.56 -10.17
C MET A 10 -12.76 -2.72 -11.42
N GLU A 11 -11.74 -1.88 -11.59
CA GLU A 11 -10.91 -1.94 -12.78
C GLU A 11 -10.09 -3.21 -12.83
N LEU A 12 -9.51 -3.64 -11.69
CA LEU A 12 -8.67 -4.82 -11.66
C LEU A 12 -9.43 -6.10 -11.96
N ILE A 13 -10.64 -6.31 -11.39
CA ILE A 13 -11.33 -7.57 -11.60
C ILE A 13 -11.90 -7.66 -13.00
N GLU A 14 -12.37 -6.52 -13.57
CA GLU A 14 -12.99 -6.56 -14.88
C GLU A 14 -11.97 -6.78 -15.97
N ASP A 15 -10.82 -6.10 -15.87
CA ASP A 15 -9.80 -6.16 -16.91
C ASP A 15 -9.09 -7.50 -16.95
N GLU A 16 -8.81 -8.14 -15.80
CA GLU A 16 -8.03 -9.36 -15.85
C GLU A 16 -8.86 -10.61 -15.78
N PHE A 17 -10.07 -10.61 -15.18
CA PHE A 17 -10.77 -11.87 -15.07
C PHE A 17 -12.04 -11.88 -15.90
N GLY A 18 -12.78 -10.76 -16.02
CA GLY A 18 -13.98 -10.82 -16.82
C GLY A 18 -15.04 -9.93 -16.23
N TYR A 19 -16.19 -9.88 -16.93
CA TYR A 19 -17.27 -9.03 -16.52
C TYR A 19 -18.27 -9.90 -15.78
N GLU A 20 -18.30 -11.22 -16.12
CA GLU A 20 -19.20 -12.13 -15.43
C GLU A 20 -18.69 -12.30 -14.02
N THR A 21 -17.35 -12.37 -13.86
CA THR A 21 -16.75 -12.53 -12.55
C THR A 21 -17.01 -11.26 -11.76
N LEU A 22 -16.92 -10.09 -12.44
CA LEU A 22 -17.16 -8.82 -11.78
C LEU A 22 -18.58 -8.77 -11.25
N ASP A 23 -19.56 -9.32 -12.01
CA ASP A 23 -20.95 -9.29 -11.60
C ASP A 23 -21.16 -10.08 -10.31
N THR A 24 -20.45 -11.22 -10.14
CA THR A 24 -20.62 -12.03 -8.95
C THR A 24 -20.14 -11.24 -7.75
N LEU A 25 -19.02 -10.50 -7.92
CA LEU A 25 -18.46 -9.72 -6.83
C LEU A 25 -19.45 -8.65 -6.40
N LEU A 26 -20.18 -8.04 -7.37
CA LEU A 26 -21.12 -7.00 -7.04
C LEU A 26 -22.35 -7.57 -6.39
N GLU A 27 -22.55 -8.90 -6.45
CA GLU A 27 -23.71 -9.47 -5.82
C GLU A 27 -23.37 -9.77 -4.37
N SER A 28 -22.09 -10.05 -4.06
CA SER A 28 -21.70 -10.32 -2.70
C SER A 28 -21.86 -9.05 -1.89
N CYS A 29 -21.56 -7.87 -2.49
CA CYS A 29 -21.68 -6.65 -1.72
C CYS A 29 -23.07 -6.09 -1.94
N GLU A 30 -23.57 -6.19 -3.20
CA GLU A 30 -24.89 -5.71 -3.57
C GLU A 30 -24.80 -4.24 -3.89
N LEU A 31 -25.38 -3.85 -5.06
CA LEU A 31 -25.34 -2.45 -5.44
C LEU A 31 -26.49 -1.73 -4.79
N GLN A 32 -26.73 -0.47 -5.23
CA GLN A 32 -27.79 0.31 -4.66
C GLN A 32 -28.25 1.29 -5.70
N SER A 33 -27.31 1.69 -6.61
CA SER A 33 -27.67 2.64 -7.63
C SER A 33 -27.00 2.25 -8.91
N GLU A 34 -25.67 2.42 -8.99
CA GLU A 34 -24.96 2.08 -10.20
C GLU A 34 -23.77 1.24 -9.84
N GLY A 35 -23.03 1.62 -8.77
CA GLY A 35 -21.90 0.85 -8.38
C GLY A 35 -20.67 1.74 -8.36
N ILE A 36 -20.61 2.75 -9.25
CA ILE A 36 -19.47 3.62 -9.26
C ILE A 36 -19.95 4.98 -8.80
N TYR A 37 -19.67 5.31 -7.51
CA TYR A 37 -20.11 6.57 -6.97
C TYR A 37 -18.97 7.57 -7.05
N THR A 38 -17.78 7.14 -7.54
CA THR A 38 -16.62 8.03 -7.62
C THR A 38 -16.03 8.05 -6.23
N SER A 39 -14.87 8.72 -6.04
CA SER A 39 -14.26 8.74 -4.74
C SER A 39 -14.79 9.91 -3.94
N VAL A 40 -15.54 9.61 -2.84
CA VAL A 40 -16.08 10.65 -1.99
C VAL A 40 -16.71 10.02 -0.77
N GLY A 41 -16.84 8.67 -0.74
CA GLY A 41 -17.46 8.04 0.40
C GLY A 41 -16.44 7.22 1.14
N SER A 42 -16.79 6.84 2.39
CA SER A 42 -15.88 6.05 3.19
C SER A 42 -16.67 4.87 3.70
N TYR A 43 -16.10 3.65 3.58
CA TYR A 43 -16.79 2.48 4.06
C TYR A 43 -15.94 1.85 5.15
N ASP A 44 -16.52 0.84 5.85
CA ASP A 44 -15.80 0.20 6.93
C ASP A 44 -14.81 -0.76 6.34
N HIS A 45 -14.08 -1.48 7.23
CA HIS A 45 -13.08 -2.42 6.77
C HIS A 45 -13.72 -3.75 6.54
N GLN A 46 -14.95 -3.96 7.07
CA GLN A 46 -15.64 -5.21 6.85
C GLN A 46 -16.01 -5.28 5.39
N GLU A 47 -16.23 -4.09 4.77
CA GLU A 47 -16.59 -4.01 3.37
C GLU A 47 -15.43 -4.56 2.55
N LEU A 48 -14.18 -4.20 2.94
CA LEU A 48 -12.99 -4.64 2.23
C LEU A 48 -12.82 -6.14 2.39
N LEU A 49 -13.06 -6.67 3.60
CA LEU A 49 -12.86 -8.08 3.86
C LEU A 49 -13.90 -8.91 3.15
N GLN A 50 -15.14 -8.41 3.03
CA GLN A 50 -16.18 -9.18 2.39
C GLN A 50 -15.86 -9.37 0.92
N LEU A 51 -15.33 -8.33 0.23
CA LEU A 51 -15.03 -8.48 -1.19
C LEU A 51 -13.69 -9.15 -1.38
N VAL A 52 -12.82 -9.14 -0.35
CA VAL A 52 -11.52 -9.76 -0.52
C VAL A 52 -11.69 -11.25 -0.36
N VAL A 53 -12.58 -11.69 0.56
CA VAL A 53 -12.83 -13.10 0.77
C VAL A 53 -13.56 -13.67 -0.43
N LYS A 54 -14.53 -12.92 -1.02
CA LYS A 54 -15.26 -13.42 -2.17
C LYS A 54 -14.29 -13.55 -3.33
N LEU A 55 -13.23 -12.72 -3.35
CA LEU A 55 -12.26 -12.78 -4.43
C LEU A 55 -11.50 -14.09 -4.34
N SER A 56 -11.16 -14.55 -3.12
CA SER A 56 -10.41 -15.79 -2.97
C SER A 56 -11.29 -17.00 -3.29
N GLU A 57 -12.63 -16.85 -3.29
CA GLU A 57 -13.47 -17.99 -3.57
C GLU A 57 -13.95 -17.98 -5.01
N VAL A 58 -14.26 -16.79 -5.57
CA VAL A 58 -14.78 -16.70 -6.92
C VAL A 58 -13.72 -17.07 -7.95
N SER A 59 -12.44 -16.72 -7.71
CA SER A 59 -11.43 -17.03 -8.69
C SER A 59 -10.37 -17.92 -8.08
N SER A 60 -10.44 -18.16 -6.76
CA SER A 60 -9.47 -19.00 -6.09
C SER A 60 -8.12 -18.35 -6.14
N VAL A 61 -8.06 -17.04 -5.80
CA VAL A 61 -6.81 -16.34 -5.82
C VAL A 61 -6.39 -16.13 -4.40
N PRO A 62 -5.14 -16.44 -4.10
CA PRO A 62 -4.59 -16.29 -2.77
C PRO A 62 -4.70 -14.89 -2.24
N VAL A 63 -4.88 -14.77 -0.90
CA VAL A 63 -5.04 -13.47 -0.30
C VAL A 63 -3.71 -12.75 -0.22
N THR A 64 -2.57 -13.44 -0.45
CA THR A 64 -1.31 -12.74 -0.34
C THR A 64 -0.86 -12.32 -1.72
N GLU A 65 -1.17 -13.12 -2.77
CA GLU A 65 -0.78 -12.74 -4.11
C GLU A 65 -1.70 -11.64 -4.60
N LEU A 66 -2.90 -11.54 -4.01
CA LEU A 66 -3.84 -10.53 -4.43
C LEU A 66 -3.50 -9.23 -3.76
N VAL A 67 -3.01 -9.29 -2.49
CA VAL A 67 -2.66 -8.08 -1.79
C VAL A 67 -1.45 -7.44 -2.44
N ARG A 68 -0.57 -8.25 -3.11
CA ARG A 68 0.62 -7.70 -3.74
C ARG A 68 0.24 -6.94 -5.00
N LEU A 69 -0.53 -7.59 -5.91
CA LEU A 69 -0.92 -6.94 -7.15
C LEU A 69 -1.78 -5.72 -6.89
N PHE A 70 -2.63 -5.77 -5.84
CA PHE A 70 -3.51 -4.66 -5.53
C PHE A 70 -2.71 -3.41 -5.21
N GLY A 71 -1.67 -3.54 -4.35
CA GLY A 71 -0.88 -2.40 -3.95
C GLY A 71 -0.18 -1.76 -5.12
N LYS A 72 0.33 -2.57 -6.09
CA LYS A 72 1.07 -2.00 -7.22
C LYS A 72 0.17 -1.10 -8.07
N LYS A 73 -1.04 -1.58 -8.44
CA LYS A 73 -1.93 -0.81 -9.31
C LYS A 73 -2.40 0.50 -8.68
N LEU A 74 -2.89 0.48 -7.44
CA LEU A 74 -3.44 1.69 -6.83
C LEU A 74 -2.37 2.73 -6.57
N PHE A 75 -1.16 2.31 -6.12
CA PHE A 75 -0.11 3.28 -5.81
C PHE A 75 0.29 4.06 -7.06
N VAL A 76 0.51 3.37 -8.20
CA VAL A 76 0.92 4.06 -9.43
C VAL A 76 -0.24 4.87 -9.96
N GLU A 77 -1.47 4.60 -9.46
CA GLU A 77 -2.62 5.35 -9.90
C GLU A 77 -2.53 6.76 -9.31
N LEU A 78 -2.09 6.86 -8.04
CA LEU A 78 -1.97 8.14 -7.38
C LEU A 78 -0.82 8.94 -7.98
N ILE A 79 0.27 8.26 -8.38
CA ILE A 79 1.43 8.98 -8.89
C ILE A 79 1.07 9.72 -10.17
N GLU A 80 0.52 9.00 -11.16
CA GLU A 80 0.16 9.66 -12.40
C GLU A 80 -1.10 10.49 -12.23
N GLY A 81 -1.82 10.34 -11.09
CA GLY A 81 -3.03 11.11 -10.91
C GLY A 81 -2.74 12.41 -10.18
N HIS A 82 -1.53 12.58 -9.61
CA HIS A 82 -1.24 13.81 -8.90
C HIS A 82 0.14 14.25 -9.24
N PRO A 83 0.21 15.15 -10.20
CA PRO A 83 1.47 15.70 -10.66
C PRO A 83 2.17 16.57 -9.66
N GLU A 84 1.41 17.18 -8.72
CA GLU A 84 2.03 18.03 -7.73
C GLU A 84 2.38 17.20 -6.52
N ILE A 85 1.92 15.93 -6.49
CA ILE A 85 2.20 15.12 -5.34
C ILE A 85 3.50 14.42 -5.59
N ALA A 86 3.90 14.29 -6.89
CA ALA A 86 5.16 13.65 -7.19
C ALA A 86 6.16 14.73 -7.54
N ASN A 87 5.69 15.97 -7.85
CA ASN A 87 6.59 17.04 -8.18
C ASN A 87 7.33 17.47 -6.95
N GLU A 88 6.59 17.55 -5.81
CA GLU A 88 7.18 17.99 -4.58
C GLU A 88 8.17 16.95 -4.06
N MET A 89 7.92 15.66 -4.36
CA MET A 89 8.81 14.61 -3.91
C MET A 89 9.97 14.51 -4.88
N LYS A 90 11.17 14.13 -4.37
CA LYS A 90 12.33 14.06 -5.24
C LYS A 90 12.87 12.65 -5.30
N ASP A 91 12.57 11.79 -4.29
CA ASP A 91 13.12 10.46 -4.32
C ASP A 91 12.37 9.61 -3.33
N SER A 92 12.63 8.28 -3.37
CA SER A 92 11.97 7.34 -2.49
C SER A 92 12.33 7.60 -1.05
N PHE A 93 13.63 7.89 -0.76
CA PHE A 93 14.04 8.11 0.61
C PHE A 93 13.38 9.39 1.12
N ASP A 94 13.28 10.43 0.26
CA ASP A 94 12.65 11.66 0.67
C ASP A 94 11.17 11.41 0.93
N LEU A 95 10.60 10.37 0.28
CA LEU A 95 9.20 10.04 0.45
C LEU A 95 8.97 9.66 1.90
N LEU A 96 9.85 8.79 2.45
CA LEU A 96 9.72 8.36 3.82
C LEU A 96 9.85 9.53 4.77
N SER A 97 10.67 10.55 4.41
CA SER A 97 10.86 11.70 5.28
C SER A 97 9.56 12.45 5.49
N LYS A 98 8.76 12.72 4.41
CA LYS A 98 7.54 13.49 4.62
C LYS A 98 6.33 12.61 4.40
N ILE A 99 6.46 11.29 4.60
CA ILE A 99 5.35 10.39 4.39
C ILE A 99 4.20 10.73 5.31
N ASP A 100 4.46 11.31 6.51
CA ASP A 100 3.36 11.62 7.37
C ASP A 100 3.45 13.05 7.84
N SER A 101 4.57 13.75 7.53
CA SER A 101 4.68 15.12 7.97
C SER A 101 4.14 16.05 6.93
N PHE A 102 3.69 15.55 5.75
CA PHE A 102 3.17 16.47 4.76
C PHE A 102 2.07 15.80 3.97
N ILE A 103 2.34 14.56 3.47
CA ILE A 103 1.36 13.87 2.65
C ILE A 103 0.13 13.51 3.46
N HIS A 104 0.32 12.95 4.68
CA HIS A 104 -0.83 12.55 5.46
C HIS A 104 -1.35 13.73 6.23
N VAL A 105 -0.68 14.90 6.15
CA VAL A 105 -1.16 16.07 6.85
C VAL A 105 -2.33 16.61 6.09
N GLU A 106 -2.21 16.69 4.76
CA GLU A 106 -3.27 17.22 3.94
C GLU A 106 -4.44 16.25 3.93
N VAL A 107 -4.15 14.92 3.87
CA VAL A 107 -5.21 13.93 3.83
C VAL A 107 -6.07 14.01 5.09
N TYR A 108 -5.42 14.09 6.28
CA TYR A 108 -6.13 14.16 7.54
C TYR A 108 -7.04 15.37 7.60
N LYS A 109 -6.52 16.57 7.24
CA LYS A 109 -7.33 17.78 7.30
C LYS A 109 -8.52 17.65 6.37
N LEU A 110 -8.33 17.00 5.20
CA LEU A 110 -9.41 16.86 4.26
C LEU A 110 -10.55 16.11 4.92
N TYR A 111 -10.47 14.76 5.01
CA TYR A 111 -11.56 14.06 5.64
C TYR A 111 -11.08 13.47 6.95
N PRO A 112 -11.95 13.53 7.93
CA PRO A 112 -11.69 13.03 9.26
C PRO A 112 -12.05 11.58 9.48
N GLN A 113 -12.68 10.93 8.47
CA GLN A 113 -13.05 9.53 8.62
C GLN A 113 -11.81 8.67 8.64
N ALA A 114 -10.77 9.07 7.89
CA ALA A 114 -9.55 8.29 7.80
C ALA A 114 -8.89 8.24 9.16
N GLU A 115 -8.26 7.07 9.46
CA GLU A 115 -7.57 6.92 10.71
C GLU A 115 -6.13 6.66 10.40
N LEU A 116 -5.22 7.21 11.23
CA LEU A 116 -3.81 7.05 11.00
C LEU A 116 -3.16 6.50 12.24
N PRO A 117 -2.11 5.74 12.03
CA PRO A 117 -1.34 5.12 13.10
C PRO A 117 -0.19 5.96 13.57
N LYS A 118 0.87 5.33 14.16
CA LYS A 118 2.01 6.10 14.62
C LYS A 118 3.21 5.70 13.81
N PHE A 119 4.04 6.70 13.40
CA PHE A 119 5.20 6.42 12.60
C PHE A 119 6.42 7.03 13.25
N THR A 120 7.49 6.21 13.42
CA THR A 120 8.73 6.71 13.98
C THR A 120 9.82 6.30 13.02
N CYS A 121 10.71 7.24 12.64
CA CYS A 121 11.76 6.88 11.70
C CYS A 121 13.10 7.23 12.28
N ASP A 122 14.03 6.25 12.18
CA ASP A 122 15.37 6.46 12.66
C ASP A 122 16.28 6.25 11.48
N ARG A 123 17.33 7.08 11.35
CA ARG A 123 18.23 6.93 10.22
C ARG A 123 19.56 6.45 10.75
N LEU A 124 19.98 5.23 10.32
CA LEU A 124 21.22 4.68 10.79
C LEU A 124 22.34 5.04 9.84
N GLY A 125 22.02 5.47 8.61
CA GLY A 125 23.07 5.80 7.68
C GLY A 125 22.47 6.21 6.37
N ASP A 126 23.21 5.96 5.27
CA ASP A 126 22.73 6.33 3.97
C ASP A 126 21.95 5.18 3.38
N ASN A 127 22.44 3.94 3.57
CA ASN A 127 21.73 2.80 3.01
C ASN A 127 21.01 2.08 4.11
N ASP A 128 20.96 2.67 5.32
CA ASP A 128 20.29 2.02 6.42
C ASP A 128 19.17 2.92 6.88
N ILE A 129 17.94 2.36 6.91
CA ILE A 129 16.79 3.12 7.35
C ILE A 129 15.93 2.20 8.18
N ARG A 130 15.41 2.71 9.31
CA ARG A 130 14.57 1.88 10.15
C ARG A 130 13.21 2.50 10.20
N LEU A 131 12.20 1.64 10.10
CA LEU A 131 10.85 2.09 10.10
C LEU A 131 10.10 1.41 11.23
N HIS A 132 9.61 2.23 12.19
CA HIS A 132 8.87 1.68 13.30
C HIS A 132 7.42 1.88 12.99
N TYR A 133 6.62 0.81 13.15
CA TYR A 133 5.23 0.91 12.83
C TYR A 133 4.46 0.42 14.02
N GLN A 134 3.59 1.29 14.58
CA GLN A 134 2.79 0.89 15.73
C GLN A 134 1.36 0.89 15.29
N SER A 135 0.75 -0.32 15.30
CA SER A 135 -0.64 -0.46 14.91
C SER A 135 -1.09 -1.81 15.43
N LYS A 136 -2.41 -1.94 15.71
CA LYS A 136 -2.91 -3.20 16.23
C LYS A 136 -3.34 -4.10 15.08
N ARG A 137 -3.19 -3.63 13.82
CA ARG A 137 -3.60 -4.45 12.69
C ARG A 137 -2.50 -4.35 11.66
N PRO A 138 -1.40 -5.00 11.93
CA PRO A 138 -0.24 -4.97 11.06
C PRO A 138 -0.13 -6.09 10.06
N PHE A 139 -0.31 -5.77 8.77
CA PHE A 139 -0.15 -6.77 7.74
C PHE A 139 1.09 -6.40 6.97
N ALA A 140 2.14 -7.24 7.09
CA ALA A 140 3.39 -6.98 6.42
C ALA A 140 3.23 -7.02 4.91
N SER A 141 2.42 -7.97 4.39
CA SER A 141 2.25 -8.08 2.95
C SER A 141 1.59 -6.84 2.39
N PHE A 142 0.80 -6.12 3.21
CA PHE A 142 0.13 -4.94 2.71
C PHE A 142 1.11 -3.80 2.58
N ALA A 143 1.94 -3.58 3.64
CA ALA A 143 2.89 -2.47 3.62
C ALA A 143 3.94 -2.67 2.54
N GLU A 144 4.43 -3.92 2.35
CA GLU A 144 5.45 -4.18 1.35
C GLU A 144 4.92 -3.87 -0.02
N GLY A 145 3.63 -4.17 -0.25
CA GLY A 145 3.03 -3.92 -1.54
C GLY A 145 3.10 -2.45 -1.87
N LEU A 146 2.80 -1.57 -0.87
CA LEU A 146 2.83 -0.14 -1.10
C LEU A 146 4.23 0.40 -1.26
N LEU A 147 5.23 -0.08 -0.48
CA LEU A 147 6.57 0.49 -0.58
C LEU A 147 7.23 0.06 -1.88
N ASP A 148 7.08 -1.21 -2.27
CA ASP A 148 7.68 -1.69 -3.49
C ASP A 148 6.98 -1.09 -4.70
N GLY A 149 5.68 -0.76 -4.59
CA GLY A 149 4.95 -0.17 -5.70
C GLY A 149 5.58 1.16 -6.03
N CYS A 150 5.95 1.91 -4.97
CA CYS A 150 6.59 3.20 -5.17
C CYS A 150 7.88 3.00 -5.93
N ALA A 151 8.68 1.95 -5.58
CA ALA A 151 9.92 1.70 -6.28
C ALA A 151 9.65 1.09 -7.64
N GLU A 152 8.35 0.91 -7.96
CA GLU A 152 8.00 0.36 -9.24
C GLU A 152 7.95 1.48 -10.25
N TYR A 153 7.28 2.61 -9.88
CA TYR A 153 7.22 3.73 -10.80
C TYR A 153 8.61 4.33 -10.98
N PHE A 154 9.37 4.50 -9.87
CA PHE A 154 10.70 5.09 -9.95
C PHE A 154 11.68 4.15 -10.63
N LYS A 155 11.42 2.81 -10.57
CA LYS A 155 12.34 1.85 -11.17
C LYS A 155 13.57 1.76 -10.32
N GLU A 156 13.44 1.14 -9.12
CA GLU A 156 14.58 1.01 -8.25
C GLU A 156 14.55 -0.39 -7.68
N ASP A 157 15.45 -0.68 -6.72
CA ASP A 157 15.48 -1.99 -6.14
C ASP A 157 15.92 -1.88 -4.71
N PHE A 158 14.94 -1.79 -3.78
CA PHE A 158 15.26 -1.69 -2.37
C PHE A 158 14.74 -2.93 -1.71
N THR A 159 15.28 -3.30 -0.52
CA THR A 159 14.84 -4.51 0.13
C THR A 159 14.22 -4.15 1.45
N ILE A 160 12.96 -4.60 1.65
CA ILE A 160 12.27 -4.35 2.90
C ILE A 160 12.34 -5.63 3.68
N SER A 161 12.93 -5.57 4.91
CA SER A 161 13.08 -6.76 5.72
C SER A 161 12.33 -6.57 7.01
N ARG A 162 12.49 -7.55 7.93
CA ARG A 162 11.82 -7.54 9.21
C ARG A 162 12.73 -8.20 10.22
N THR A 163 12.56 -7.87 11.52
CA THR A 163 13.39 -8.49 12.53
C THR A 163 12.60 -9.61 13.15
N PRO A 164 13.31 -10.65 13.52
CA PRO A 164 12.73 -11.84 14.11
C PRO A 164 12.31 -11.70 15.55
N GLU A 165 12.70 -10.60 16.22
CA GLU A 165 12.36 -10.43 17.60
C GLU A 165 10.88 -10.08 17.72
N THR A 166 10.38 -9.21 16.83
CA THR A 166 8.98 -8.81 16.92
C THR A 166 8.23 -9.24 15.68
N GLN A 167 8.81 -10.15 14.86
CA GLN A 167 8.11 -10.60 13.68
C GLN A 167 6.88 -11.40 14.06
N ASP A 168 6.73 -11.81 15.35
CA ASP A 168 5.58 -12.57 15.73
C ASP A 168 4.85 -11.82 16.82
N SER A 169 4.86 -10.47 16.76
CA SER A 169 4.19 -9.69 17.77
C SER A 169 3.42 -8.59 17.09
N GLU A 170 2.29 -8.19 17.69
CA GLU A 170 1.49 -7.13 17.12
C GLU A 170 1.76 -5.87 17.90
N THR A 171 1.32 -4.70 17.34
CA THR A 171 1.50 -3.40 17.97
C THR A 171 2.89 -2.88 17.65
N ASP A 172 3.93 -3.67 18.00
CA ASP A 172 5.28 -3.22 17.75
C ASP A 172 5.91 -4.07 16.68
N VAL A 173 6.28 -3.45 15.55
CA VAL A 173 6.93 -4.18 14.48
C VAL A 173 8.15 -3.39 14.07
N ILE A 174 9.31 -4.07 13.94
CA ILE A 174 10.53 -3.38 13.57
C ILE A 174 10.85 -3.75 12.14
N PHE A 175 11.03 -2.71 11.29
CA PHE A 175 11.32 -2.94 9.89
C PHE A 175 12.70 -2.41 9.60
N ASN A 176 13.31 -2.97 8.54
CA ASN A 176 14.64 -2.59 8.16
C ASN A 176 14.67 -2.49 6.66
N ILE A 177 14.98 -1.27 6.14
CA ILE A 177 15.01 -1.07 4.70
C ILE A 177 16.44 -0.76 4.34
N THR A 178 17.03 -1.59 3.45
CA THR A 178 18.42 -1.41 3.05
C THR A 178 18.55 -1.32 1.56
N ARG A 179 19.70 -0.74 1.10
CA ARG A 179 19.96 -0.64 -0.33
C ARG A 179 20.90 -1.77 -0.66
N ALA A 180 20.43 -2.76 -1.47
CA ALA A 180 21.28 -3.87 -1.86
C ALA A 180 22.47 -3.31 -2.60
N PRO A 181 23.58 -3.98 -2.47
CA PRO A 181 24.83 -3.56 -3.10
C PRO A 181 24.80 -3.61 -4.59
N ARG A 182 25.26 -2.50 -5.20
CA ARG A 182 25.29 -2.43 -6.64
C ARG A 182 26.59 -1.81 -7.04
N GLY A 183 26.67 -0.46 -6.96
CA GLY A 183 27.88 0.22 -7.34
C GLY A 183 28.18 1.25 -6.30
N ALA A 184 29.45 1.69 -6.24
CA ALA A 184 29.86 2.68 -5.26
C ALA A 184 29.79 2.04 -3.91
N GLU A 185 30.62 1.00 -3.68
CA GLU A 185 30.61 0.34 -2.41
C GLU A 185 31.98 0.45 -1.82
N ASN A 186 32.11 1.27 -0.74
CA ASN A 186 33.39 1.42 -0.11
C ASN A 186 33.24 0.90 1.30
N LEU A 187 34.07 -0.10 1.68
CA LEU A 187 33.98 -0.63 3.00
C LEU A 187 35.28 -0.38 3.70
N TYR A 188 36.36 -1.07 3.27
CA TYR A 188 37.64 -0.88 3.90
C TYR A 188 38.69 -0.88 2.81
N PHE A 189 39.43 -2.00 2.70
CA PHE A 189 40.46 -2.09 1.69
C PHE A 189 40.09 -3.22 0.76
N GLN A 190 40.42 -3.06 -0.53
CA GLN A 190 40.11 -4.09 -1.49
C GLN A 190 41.36 -4.95 -1.67
N MET A 1 -8.78 6.77 2.16
CA MET A 1 -9.91 6.90 1.18
C MET A 1 -10.40 5.54 0.78
N MET A 2 -11.50 5.07 1.41
CA MET A 2 -12.03 3.77 1.10
C MET A 2 -12.84 3.84 -0.17
N GLY A 3 -13.27 5.06 -0.56
CA GLY A 3 -14.05 5.20 -1.76
C GLY A 3 -13.15 5.05 -2.96
N MET A 4 -11.94 5.64 -2.90
CA MET A 4 -11.02 5.58 -4.02
C MET A 4 -10.44 4.21 -4.19
N VAL A 5 -10.20 3.47 -3.09
CA VAL A 5 -9.63 2.14 -3.22
C VAL A 5 -10.67 1.21 -3.80
N PHE A 6 -11.98 1.54 -3.64
CA PHE A 6 -13.02 0.70 -4.19
C PHE A 6 -13.03 0.83 -5.69
N THR A 7 -12.69 2.04 -6.21
CA THR A 7 -12.68 2.25 -7.64
C THR A 7 -11.57 1.42 -8.23
N GLY A 8 -10.41 1.37 -7.54
CA GLY A 8 -9.27 0.60 -8.00
C GLY A 8 -9.62 -0.87 -8.08
N LEU A 9 -10.41 -1.37 -7.11
CA LEU A 9 -10.77 -2.77 -7.07
C LEU A 9 -11.67 -3.12 -8.25
N MET A 10 -12.60 -2.21 -8.63
CA MET A 10 -13.51 -2.51 -9.72
C MET A 10 -12.76 -2.65 -11.03
N GLU A 11 -11.76 -1.78 -11.26
CA GLU A 11 -11.01 -1.82 -12.50
C GLU A 11 -10.20 -3.09 -12.63
N LEU A 12 -9.58 -3.54 -11.53
CA LEU A 12 -8.74 -4.74 -11.56
C LEU A 12 -9.54 -6.00 -11.87
N ILE A 13 -10.74 -6.20 -11.26
CA ILE A 13 -11.46 -7.45 -11.47
C ILE A 13 -12.06 -7.50 -12.85
N GLU A 14 -12.56 -6.35 -13.37
CA GLU A 14 -13.23 -6.35 -14.66
C GLU A 14 -12.25 -6.66 -15.78
N ASP A 15 -11.06 -6.03 -15.75
CA ASP A 15 -10.09 -6.20 -16.81
C ASP A 15 -9.45 -7.57 -16.74
N GLU A 16 -9.30 -8.15 -15.55
CA GLU A 16 -8.60 -9.42 -15.43
C GLU A 16 -9.40 -10.58 -15.97
N PHE A 17 -10.69 -10.75 -15.58
CA PHE A 17 -11.38 -11.94 -16.07
C PHE A 17 -12.71 -11.63 -16.70
N GLY A 18 -13.34 -10.48 -16.42
CA GLY A 18 -14.61 -10.24 -17.06
C GLY A 18 -15.53 -9.51 -16.12
N TYR A 19 -16.75 -9.24 -16.64
CA TYR A 19 -17.72 -8.50 -15.89
C TYR A 19 -18.64 -9.49 -15.22
N GLU A 20 -18.62 -10.77 -15.68
CA GLU A 20 -19.46 -11.77 -15.06
C GLU A 20 -18.91 -12.07 -13.69
N THR A 21 -17.56 -12.16 -13.58
CA THR A 21 -16.91 -12.41 -12.31
C THR A 21 -17.09 -11.18 -11.46
N LEU A 22 -17.00 -9.99 -12.10
CA LEU A 22 -17.16 -8.72 -11.41
C LEU A 22 -18.55 -8.66 -10.78
N ASP A 23 -19.57 -9.20 -11.48
CA ASP A 23 -20.94 -9.19 -11.00
C ASP A 23 -21.08 -10.02 -9.74
N THR A 24 -20.35 -11.16 -9.66
CA THR A 24 -20.47 -12.02 -8.49
C THR A 24 -19.96 -11.28 -7.28
N LEU A 25 -18.86 -10.51 -7.45
CA LEU A 25 -18.29 -9.77 -6.35
C LEU A 25 -19.28 -8.72 -5.85
N LEU A 26 -20.05 -8.09 -6.78
CA LEU A 26 -21.00 -7.06 -6.38
C LEU A 26 -22.21 -7.68 -5.74
N GLU A 27 -22.38 -9.01 -5.85
CA GLU A 27 -23.52 -9.62 -5.22
C GLU A 27 -23.17 -9.99 -3.80
N SER A 28 -21.86 -10.25 -3.53
CA SER A 28 -21.44 -10.58 -2.19
C SER A 28 -21.59 -9.37 -1.31
N CYS A 29 -21.30 -8.16 -1.86
CA CYS A 29 -21.43 -6.95 -1.04
C CYS A 29 -22.84 -6.44 -1.21
N GLU A 30 -23.33 -6.47 -2.47
CA GLU A 30 -24.68 -6.03 -2.80
C GLU A 30 -24.64 -4.54 -3.03
N LEU A 31 -25.30 -4.08 -4.12
CA LEU A 31 -25.31 -2.66 -4.40
C LEU A 31 -26.44 -2.03 -3.63
N GLN A 32 -26.72 -0.75 -3.92
CA GLN A 32 -27.77 -0.05 -3.22
C GLN A 32 -28.32 1.01 -4.14
N SER A 33 -27.50 1.46 -5.12
CA SER A 33 -27.96 2.49 -6.02
C SER A 33 -27.32 2.27 -7.35
N GLU A 34 -25.97 2.40 -7.43
CA GLU A 34 -25.30 2.22 -8.69
C GLU A 34 -24.15 1.28 -8.48
N GLY A 35 -23.23 1.61 -7.54
CA GLY A 35 -22.11 0.75 -7.29
C GLY A 35 -20.87 1.57 -7.29
N ILE A 36 -20.71 2.49 -8.27
CA ILE A 36 -19.53 3.31 -8.32
C ILE A 36 -19.94 4.69 -7.90
N TYR A 37 -19.66 5.06 -6.62
CA TYR A 37 -20.02 6.36 -6.11
C TYR A 37 -19.12 7.41 -6.74
N THR A 38 -17.86 7.02 -7.10
CA THR A 38 -16.89 7.93 -7.72
C THR A 38 -15.75 8.13 -6.74
N SER A 39 -16.01 8.79 -5.59
CA SER A 39 -14.95 9.01 -4.63
C SER A 39 -15.49 9.88 -3.52
N VAL A 40 -16.50 9.37 -2.76
CA VAL A 40 -17.07 10.17 -1.69
C VAL A 40 -17.52 9.26 -0.57
N GLY A 41 -17.46 7.92 -0.74
CA GLY A 41 -17.94 7.05 0.31
C GLY A 41 -16.80 6.55 1.14
N SER A 42 -17.04 6.41 2.46
CA SER A 42 -16.03 5.91 3.36
C SER A 42 -16.65 4.72 4.05
N TYR A 43 -16.00 3.53 3.93
CA TYR A 43 -16.54 2.35 4.54
C TYR A 43 -15.57 1.85 5.57
N ASP A 44 -15.94 0.74 6.25
CA ASP A 44 -15.09 0.18 7.26
C ASP A 44 -14.06 -0.70 6.60
N HIS A 45 -13.29 -1.45 7.42
CA HIS A 45 -12.26 -2.30 6.86
C HIS A 45 -12.81 -3.68 6.65
N GLN A 46 -13.97 -3.99 7.27
CA GLN A 46 -14.56 -5.30 7.07
C GLN A 46 -15.08 -5.36 5.66
N GLU A 47 -15.47 -4.19 5.10
CA GLU A 47 -15.98 -4.13 3.75
C GLU A 47 -14.87 -4.57 2.81
N LEU A 48 -13.63 -4.11 3.08
CA LEU A 48 -12.48 -4.44 2.27
C LEU A 48 -12.16 -5.91 2.38
N LEU A 49 -12.30 -6.49 3.59
CA LEU A 49 -11.95 -7.88 3.79
C LEU A 49 -13.02 -8.79 3.24
N GLN A 50 -14.29 -8.33 3.19
CA GLN A 50 -15.36 -9.16 2.70
C GLN A 50 -15.18 -9.40 1.21
N LEU A 51 -14.82 -8.35 0.44
CA LEU A 51 -14.63 -8.53 -1.00
C LEU A 51 -13.38 -9.33 -1.24
N VAL A 52 -12.34 -9.11 -0.41
CA VAL A 52 -11.09 -9.83 -0.55
C VAL A 52 -11.32 -11.32 -0.37
N VAL A 53 -12.18 -11.71 0.60
CA VAL A 53 -12.43 -13.11 0.84
C VAL A 53 -13.18 -13.69 -0.35
N LYS A 54 -14.13 -12.93 -0.95
CA LYS A 54 -14.89 -13.45 -2.07
C LYS A 54 -13.94 -13.65 -3.23
N LEU A 55 -12.86 -12.83 -3.30
CA LEU A 55 -11.89 -12.97 -4.38
C LEU A 55 -11.16 -14.27 -4.26
N SER A 56 -10.85 -14.73 -3.03
CA SER A 56 -10.12 -15.98 -2.86
C SER A 56 -11.01 -17.16 -3.19
N GLU A 57 -12.35 -16.97 -3.20
CA GLU A 57 -13.22 -18.10 -3.48
C GLU A 57 -13.73 -18.05 -4.91
N VAL A 58 -14.04 -16.85 -5.45
CA VAL A 58 -14.59 -16.75 -6.79
C VAL A 58 -13.53 -17.01 -7.85
N SER A 59 -12.28 -16.52 -7.63
CA SER A 59 -11.27 -16.72 -8.65
C SER A 59 -10.20 -17.67 -8.14
N SER A 60 -10.24 -18.04 -6.84
CA SER A 60 -9.26 -18.96 -6.28
C SER A 60 -7.90 -18.30 -6.32
N VAL A 61 -7.83 -17.03 -5.87
CA VAL A 61 -6.57 -16.33 -5.86
C VAL A 61 -6.17 -16.15 -4.43
N PRO A 62 -4.91 -16.43 -4.14
CA PRO A 62 -4.36 -16.31 -2.80
C PRO A 62 -4.48 -14.92 -2.25
N VAL A 63 -4.64 -14.81 -0.92
CA VAL A 63 -4.79 -13.51 -0.30
C VAL A 63 -3.48 -12.76 -0.29
N THR A 64 -2.33 -13.45 -0.54
CA THR A 64 -1.07 -12.73 -0.52
C THR A 64 -0.70 -12.33 -1.94
N GLU A 65 -1.08 -13.15 -2.93
CA GLU A 65 -0.79 -12.84 -4.32
C GLU A 65 -1.65 -11.68 -4.75
N LEU A 66 -2.89 -11.60 -4.20
CA LEU A 66 -3.81 -10.56 -4.58
C LEU A 66 -3.41 -9.27 -3.91
N VAL A 67 -2.89 -9.34 -2.65
CA VAL A 67 -2.51 -8.13 -1.95
C VAL A 67 -1.28 -7.50 -2.60
N ARG A 68 -0.41 -8.31 -3.27
CA ARG A 68 0.78 -7.77 -3.89
C ARG A 68 0.42 -7.01 -5.16
N LEU A 69 -0.36 -7.65 -6.06
CA LEU A 69 -0.75 -7.00 -7.31
C LEU A 69 -1.60 -5.77 -7.03
N PHE A 70 -2.44 -5.84 -5.98
CA PHE A 70 -3.34 -4.73 -5.65
C PHE A 70 -2.52 -3.50 -5.32
N GLY A 71 -1.48 -3.64 -4.48
CA GLY A 71 -0.67 -2.51 -4.07
C GLY A 71 0.00 -1.85 -5.26
N LYS A 72 0.48 -2.63 -6.25
CA LYS A 72 1.17 -2.04 -7.37
C LYS A 72 0.26 -1.13 -8.18
N LYS A 73 -0.96 -1.61 -8.52
CA LYS A 73 -1.89 -0.83 -9.36
C LYS A 73 -2.34 0.47 -8.72
N LEU A 74 -2.82 0.44 -7.46
CA LEU A 74 -3.36 1.66 -6.85
C LEU A 74 -2.28 2.69 -6.59
N PHE A 75 -1.07 2.27 -6.13
CA PHE A 75 -0.03 3.24 -5.83
C PHE A 75 0.39 4.00 -7.08
N VAL A 76 0.59 3.29 -8.23
CA VAL A 76 1.00 3.97 -9.45
C VAL A 76 -0.15 4.79 -9.98
N GLU A 77 -1.38 4.52 -9.48
CA GLU A 77 -2.54 5.27 -9.90
C GLU A 77 -2.45 6.67 -9.34
N LEU A 78 -1.97 6.79 -8.07
CA LEU A 78 -1.85 8.07 -7.43
C LEU A 78 -0.69 8.85 -8.02
N ILE A 79 0.39 8.16 -8.48
CA ILE A 79 1.54 8.88 -8.99
C ILE A 79 1.19 9.62 -10.25
N GLU A 80 0.62 8.92 -11.26
CA GLU A 80 0.23 9.62 -12.47
C GLU A 80 -1.03 10.40 -12.22
N GLY A 81 -1.72 10.11 -11.09
CA GLY A 81 -2.94 10.78 -10.76
C GLY A 81 -2.67 12.22 -10.35
N HIS A 82 -1.55 12.47 -9.62
CA HIS A 82 -1.30 13.80 -9.15
C HIS A 82 0.12 14.18 -9.49
N PRO A 83 0.23 15.03 -10.47
CA PRO A 83 1.52 15.51 -10.93
C PRO A 83 2.24 16.39 -9.95
N GLU A 84 1.50 17.04 -9.03
CA GLU A 84 2.16 17.90 -8.07
C GLU A 84 2.43 17.10 -6.83
N ILE A 85 1.94 15.83 -6.79
CA ILE A 85 2.18 15.03 -5.62
C ILE A 85 3.47 14.31 -5.86
N ALA A 86 3.90 14.20 -7.15
CA ALA A 86 5.14 13.53 -7.43
C ALA A 86 6.20 14.57 -7.68
N ASN A 87 5.80 15.79 -8.11
CA ASN A 87 6.76 16.84 -8.36
C ASN A 87 7.34 17.31 -7.05
N GLU A 88 6.52 17.35 -5.97
CA GLU A 88 7.00 17.79 -4.67
C GLU A 88 8.05 16.83 -4.15
N MET A 89 7.89 15.52 -4.42
CA MET A 89 8.82 14.53 -3.93
C MET A 89 9.99 14.45 -4.89
N LYS A 90 11.21 14.11 -4.38
CA LYS A 90 12.38 14.07 -5.22
C LYS A 90 12.95 12.68 -5.29
N ASP A 91 12.67 11.80 -4.29
CA ASP A 91 13.26 10.48 -4.32
C ASP A 91 12.50 9.61 -3.35
N SER A 92 12.80 8.28 -3.38
CA SER A 92 12.14 7.32 -2.52
C SER A 92 12.48 7.59 -1.07
N PHE A 93 13.77 7.89 -0.75
CA PHE A 93 14.13 8.12 0.63
C PHE A 93 13.46 9.39 1.13
N ASP A 94 13.38 10.44 0.27
CA ASP A 94 12.73 11.67 0.64
C ASP A 94 11.25 11.41 0.86
N LEU A 95 10.71 10.36 0.20
CA LEU A 95 9.32 10.01 0.34
C LEU A 95 9.04 9.64 1.78
N LEU A 96 9.92 8.79 2.36
CA LEU A 96 9.75 8.37 3.74
C LEU A 96 9.84 9.57 4.67
N SER A 97 10.66 10.58 4.32
CA SER A 97 10.82 11.74 5.18
C SER A 97 9.50 12.49 5.36
N LYS A 98 8.72 12.73 4.26
CA LYS A 98 7.48 13.47 4.43
C LYS A 98 6.29 12.59 4.13
N ILE A 99 6.43 11.25 4.32
CA ILE A 99 5.32 10.36 4.04
C ILE A 99 4.17 10.65 4.97
N ASP A 100 4.43 11.14 6.21
CA ASP A 100 3.33 11.41 7.09
C ASP A 100 3.40 12.82 7.59
N SER A 101 4.52 13.54 7.33
CA SER A 101 4.63 14.90 7.80
C SER A 101 4.11 15.86 6.75
N PHE A 102 3.69 15.36 5.56
CA PHE A 102 3.20 16.29 4.57
C PHE A 102 2.11 15.65 3.75
N ILE A 103 2.33 14.41 3.26
CA ILE A 103 1.35 13.75 2.42
C ILE A 103 0.10 13.41 3.22
N HIS A 104 0.26 12.80 4.42
CA HIS A 104 -0.90 12.41 5.18
C HIS A 104 -1.42 13.59 5.98
N VAL A 105 -0.75 14.75 5.90
CA VAL A 105 -1.22 15.92 6.63
C VAL A 105 -2.28 16.58 5.80
N GLU A 106 -2.03 16.68 4.47
CA GLU A 106 -2.97 17.31 3.58
C GLU A 106 -4.22 16.50 3.47
N VAL A 107 -4.10 15.15 3.41
CA VAL A 107 -5.28 14.33 3.28
C VAL A 107 -6.08 14.33 4.58
N TYR A 108 -5.39 14.34 5.75
CA TYR A 108 -6.08 14.36 7.03
C TYR A 108 -6.94 15.61 7.17
N LYS A 109 -6.38 16.80 6.87
CA LYS A 109 -7.14 18.03 7.00
C LYS A 109 -8.34 17.99 6.09
N LEU A 110 -8.19 17.41 4.88
CA LEU A 110 -9.29 17.33 3.95
C LEU A 110 -10.43 16.59 4.60
N TYR A 111 -10.36 15.24 4.69
CA TYR A 111 -11.44 14.53 5.32
C TYR A 111 -10.93 13.86 6.57
N PRO A 112 -11.71 14.01 7.62
CA PRO A 112 -11.39 13.46 8.93
C PRO A 112 -11.82 12.04 9.16
N GLN A 113 -12.49 11.40 8.17
CA GLN A 113 -12.93 10.03 8.35
C GLN A 113 -11.74 9.10 8.41
N ALA A 114 -10.68 9.40 7.63
CA ALA A 114 -9.51 8.54 7.62
C ALA A 114 -8.88 8.50 8.99
N GLU A 115 -8.34 7.30 9.35
CA GLU A 115 -7.71 7.15 10.64
C GLU A 115 -6.24 6.89 10.39
N LEU A 116 -5.40 7.41 11.30
CA LEU A 116 -3.97 7.25 11.16
C LEU A 116 -3.41 6.68 12.43
N PRO A 117 -2.38 5.86 12.26
CA PRO A 117 -1.68 5.19 13.34
C PRO A 117 -0.50 5.97 13.85
N LYS A 118 0.53 5.29 14.40
CA LYS A 118 1.68 6.00 14.91
C LYS A 118 2.86 5.61 14.05
N PHE A 119 3.76 6.58 13.76
CA PHE A 119 4.90 6.30 12.93
C PHE A 119 6.13 6.96 13.50
N THR A 120 7.20 6.15 13.74
CA THR A 120 8.45 6.70 14.25
C THR A 120 9.51 6.30 13.27
N CYS A 121 10.34 7.26 12.80
CA CYS A 121 11.35 6.91 11.83
C CYS A 121 12.72 7.17 12.40
N ASP A 122 13.61 6.14 12.24
CA ASP A 122 14.96 6.28 12.72
C ASP A 122 15.85 6.08 11.52
N ARG A 123 17.03 6.75 11.50
CA ARG A 123 17.93 6.61 10.37
C ARG A 123 19.25 6.14 10.93
N LEU A 124 19.69 4.93 10.53
CA LEU A 124 20.94 4.40 11.03
C LEU A 124 22.08 4.76 10.11
N GLY A 125 21.80 5.22 8.87
CA GLY A 125 22.88 5.55 7.99
C GLY A 125 22.33 5.98 6.68
N ASP A 126 23.09 5.74 5.59
CA ASP A 126 22.64 6.15 4.29
C ASP A 126 21.86 5.02 3.67
N ASN A 127 22.30 3.77 3.89
CA ASN A 127 21.59 2.65 3.30
C ASN A 127 20.82 1.93 4.38
N ASP A 128 20.73 2.51 5.61
CA ASP A 128 20.02 1.86 6.68
C ASP A 128 18.87 2.73 7.10
N ILE A 129 17.64 2.18 7.05
CA ILE A 129 16.47 2.93 7.45
C ILE A 129 15.59 2.00 8.25
N ARG A 130 15.10 2.48 9.41
CA ARG A 130 14.24 1.68 10.24
C ARG A 130 12.93 2.39 10.38
N LEU A 131 11.81 1.64 10.32
CA LEU A 131 10.53 2.26 10.47
C LEU A 131 9.74 1.50 11.51
N HIS A 132 9.25 2.24 12.52
CA HIS A 132 8.45 1.63 13.56
C HIS A 132 7.03 1.84 13.21
N TYR A 133 6.23 0.76 13.25
CA TYR A 133 4.84 0.87 12.89
C TYR A 133 4.04 0.35 14.05
N GLN A 134 3.16 1.19 14.62
CA GLN A 134 2.36 0.75 15.73
C GLN A 134 0.92 0.75 15.26
N SER A 135 0.34 -0.48 15.16
CA SER A 135 -1.03 -0.62 14.73
C SER A 135 -1.48 -2.00 15.15
N LYS A 136 -2.81 -2.17 15.37
CA LYS A 136 -3.32 -3.45 15.80
C LYS A 136 -3.68 -4.29 14.58
N ARG A 137 -3.37 -3.79 13.36
CA ARG A 137 -3.67 -4.56 12.17
C ARG A 137 -2.42 -4.54 11.33
N PRO A 138 -1.47 -5.35 11.71
CA PRO A 138 -0.19 -5.43 11.04
C PRO A 138 -0.08 -6.45 9.94
N PHE A 139 -0.34 -6.03 8.69
CA PHE A 139 -0.20 -6.92 7.58
C PHE A 139 1.03 -6.51 6.83
N ALA A 140 2.11 -7.31 6.97
CA ALA A 140 3.36 -7.02 6.33
C ALA A 140 3.24 -7.06 4.82
N SER A 141 2.46 -8.03 4.28
CA SER A 141 2.31 -8.15 2.84
C SER A 141 1.67 -6.91 2.27
N PHE A 142 0.85 -6.20 3.07
CA PHE A 142 0.18 -5.03 2.56
C PHE A 142 1.15 -3.88 2.45
N ALA A 143 1.96 -3.64 3.52
CA ALA A 143 2.90 -2.55 3.53
C ALA A 143 3.98 -2.74 2.48
N GLU A 144 4.47 -3.99 2.29
CA GLU A 144 5.51 -4.25 1.31
C GLU A 144 5.00 -3.92 -0.07
N GLY A 145 3.71 -4.21 -0.33
CA GLY A 145 3.14 -3.93 -1.63
C GLY A 145 3.23 -2.45 -1.92
N LEU A 146 2.93 -1.59 -0.91
CA LEU A 146 2.98 -0.15 -1.09
C LEU A 146 4.40 0.39 -1.26
N LEU A 147 5.40 -0.11 -0.47
CA LEU A 147 6.75 0.45 -0.58
C LEU A 147 7.40 0.03 -1.89
N ASP A 148 7.22 -1.24 -2.29
CA ASP A 148 7.82 -1.73 -3.51
C ASP A 148 7.13 -1.13 -4.72
N GLY A 149 5.81 -0.80 -4.62
CA GLY A 149 5.09 -0.23 -5.75
C GLY A 149 5.70 1.12 -6.07
N CYS A 150 6.05 1.89 -5.01
CA CYS A 150 6.67 3.18 -5.20
C CYS A 150 7.97 3.01 -5.96
N ALA A 151 8.78 2.00 -5.59
CA ALA A 151 10.04 1.79 -6.28
C ALA A 151 9.79 1.09 -7.60
N GLU A 152 8.50 0.85 -7.92
CA GLU A 152 8.17 0.21 -9.17
C GLU A 152 8.14 1.28 -10.24
N TYR A 153 7.42 2.41 -9.97
CA TYR A 153 7.37 3.48 -10.95
C TYR A 153 8.74 4.10 -11.09
N PHE A 154 9.46 4.32 -9.96
CA PHE A 154 10.77 4.94 -10.00
C PHE A 154 11.78 4.01 -10.63
N LYS A 155 11.57 2.67 -10.54
CA LYS A 155 12.50 1.71 -11.10
C LYS A 155 13.73 1.69 -10.23
N GLU A 156 13.62 1.05 -9.04
CA GLU A 156 14.74 0.97 -8.15
C GLU A 156 14.79 -0.43 -7.59
N ASP A 157 15.77 -0.69 -6.67
CA ASP A 157 15.89 -2.00 -6.12
C ASP A 157 16.23 -1.86 -4.64
N PHE A 158 15.19 -1.79 -3.79
CA PHE A 158 15.39 -1.67 -2.37
C PHE A 158 14.83 -2.93 -1.75
N THR A 159 15.32 -3.32 -0.56
CA THR A 159 14.84 -4.54 0.05
C THR A 159 14.22 -4.21 1.38
N ILE A 160 12.97 -4.69 1.60
CA ILE A 160 12.29 -4.45 2.84
C ILE A 160 12.30 -5.76 3.61
N SER A 161 12.85 -5.74 4.84
CA SER A 161 12.92 -6.94 5.64
C SER A 161 12.15 -6.74 6.93
N ARG A 162 12.30 -7.71 7.86
CA ARG A 162 11.59 -7.66 9.12
C ARG A 162 12.47 -8.31 10.16
N THR A 163 12.24 -7.97 11.46
CA THR A 163 13.06 -8.58 12.50
C THR A 163 12.28 -9.74 13.08
N PRO A 164 13.02 -10.74 13.47
CA PRO A 164 12.48 -11.97 14.06
C PRO A 164 11.93 -11.79 15.44
N GLU A 165 12.29 -10.68 16.12
CA GLU A 165 11.85 -10.48 17.48
C GLU A 165 10.37 -10.15 17.52
N THR A 166 9.88 -9.32 16.57
CA THR A 166 8.48 -8.95 16.59
C THR A 166 7.78 -9.39 15.33
N GLN A 167 8.40 -10.30 14.54
CA GLN A 167 7.75 -10.78 13.34
C GLN A 167 6.53 -11.59 13.69
N ASP A 168 6.35 -11.97 14.97
CA ASP A 168 5.19 -12.76 15.33
C ASP A 168 4.48 -12.06 16.46
N SER A 169 4.44 -10.71 16.42
CA SER A 169 3.79 -9.99 17.48
C SER A 169 3.02 -8.86 16.84
N GLU A 170 1.84 -8.52 17.40
CA GLU A 170 1.03 -7.47 16.85
C GLU A 170 1.28 -6.20 17.63
N THR A 171 0.86 -5.04 17.04
CA THR A 171 1.03 -3.73 17.68
C THR A 171 2.42 -3.21 17.39
N ASP A 172 3.45 -3.96 17.82
CA ASP A 172 4.81 -3.51 17.60
C ASP A 172 5.45 -4.31 16.49
N VAL A 173 5.83 -3.61 15.40
CA VAL A 173 6.48 -4.28 14.29
C VAL A 173 7.70 -3.47 13.93
N ILE A 174 8.86 -4.15 13.74
CA ILE A 174 10.09 -3.45 13.41
C ILE A 174 10.48 -3.85 12.00
N PHE A 175 10.70 -2.83 11.13
CA PHE A 175 11.06 -3.11 9.76
C PHE A 175 12.45 -2.56 9.50
N ASN A 176 13.18 -3.27 8.61
CA ASN A 176 14.53 -2.90 8.25
C ASN A 176 14.58 -2.76 6.75
N ILE A 177 14.92 -1.56 6.26
CA ILE A 177 14.97 -1.32 4.82
C ILE A 177 16.41 -1.01 4.46
N THR A 178 16.97 -1.79 3.52
CA THR A 178 18.36 -1.59 3.11
C THR A 178 18.41 -1.24 1.65
N ARG A 179 19.52 -0.58 1.25
CA ARG A 179 19.71 -0.20 -0.13
C ARG A 179 20.67 -1.19 -0.72
N ALA A 180 20.23 -1.94 -1.76
CA ALA A 180 21.10 -2.90 -2.39
C ALA A 180 22.27 -2.14 -2.96
N PRO A 181 23.40 -2.81 -3.00
CA PRO A 181 24.64 -2.20 -3.48
C PRO A 181 24.55 -1.69 -4.88
N ARG A 182 25.13 -0.50 -5.10
CA ARG A 182 25.11 0.09 -6.40
C ARG A 182 26.52 0.44 -6.75
N GLY A 183 26.83 0.38 -8.07
CA GLY A 183 28.16 0.68 -8.54
C GLY A 183 29.11 -0.34 -7.97
N ALA A 184 30.29 0.13 -7.50
CA ALA A 184 31.26 -0.75 -6.93
C ALA A 184 31.05 -0.74 -5.43
N GLU A 185 31.87 -1.52 -4.71
CA GLU A 185 31.73 -1.57 -3.27
C GLU A 185 33.08 -1.31 -2.67
N ASN A 186 33.16 -0.33 -1.76
CA ASN A 186 34.41 -0.03 -1.13
C ASN A 186 34.28 -0.43 0.32
N LEU A 187 35.18 -1.32 0.79
CA LEU A 187 35.11 -1.74 2.17
C LEU A 187 36.34 -1.20 2.87
N TYR A 188 37.53 -1.71 2.49
CA TYR A 188 38.74 -1.24 3.12
C TYR A 188 39.74 -0.96 2.03
N PHE A 189 40.43 -2.01 1.56
CA PHE A 189 41.41 -1.80 0.52
C PHE A 189 41.15 -2.84 -0.54
N GLN A 190 41.40 -4.13 -0.21
CA GLN A 190 41.17 -5.17 -1.17
C GLN A 190 40.44 -6.30 -0.44
N MET A 1 -8.91 7.03 1.79
CA MET A 1 -10.33 7.01 1.36
C MET A 1 -10.74 5.65 0.86
N MET A 2 -11.89 5.15 1.35
CA MET A 2 -12.34 3.85 0.94
C MET A 2 -13.08 3.96 -0.36
N GLY A 3 -13.43 5.19 -0.79
CA GLY A 3 -14.13 5.37 -2.03
C GLY A 3 -13.17 5.11 -3.17
N MET A 4 -11.91 5.59 -3.04
CA MET A 4 -10.94 5.43 -4.10
C MET A 4 -10.50 3.99 -4.23
N VAL A 5 -10.38 3.25 -3.10
CA VAL A 5 -9.94 1.87 -3.19
C VAL A 5 -11.01 1.05 -3.87
N PHE A 6 -12.29 1.50 -3.83
CA PHE A 6 -13.36 0.78 -4.47
C PHE A 6 -13.22 0.91 -5.96
N THR A 7 -12.77 2.10 -6.45
CA THR A 7 -12.62 2.30 -7.88
C THR A 7 -11.52 1.42 -8.40
N GLY A 8 -10.40 1.32 -7.65
CA GLY A 8 -9.28 0.51 -8.04
C GLY A 8 -9.66 -0.94 -8.12
N LEU A 9 -10.51 -1.41 -7.18
CA LEU A 9 -10.91 -2.81 -7.16
C LEU A 9 -11.76 -3.15 -8.36
N MET A 10 -12.68 -2.24 -8.77
CA MET A 10 -13.55 -2.53 -9.90
C MET A 10 -12.74 -2.69 -11.18
N GLU A 11 -11.73 -1.83 -11.39
CA GLU A 11 -10.95 -1.87 -12.61
C GLU A 11 -10.12 -3.14 -12.69
N LEU A 12 -9.53 -3.58 -11.56
CA LEU A 12 -8.68 -4.76 -11.55
C LEU A 12 -9.46 -6.04 -11.85
N ILE A 13 -10.68 -6.23 -11.28
CA ILE A 13 -11.39 -7.49 -11.48
C ILE A 13 -11.96 -7.56 -12.89
N GLU A 14 -12.45 -6.43 -13.44
CA GLU A 14 -13.07 -6.45 -14.74
C GLU A 14 -12.05 -6.69 -15.84
N ASP A 15 -10.88 -6.04 -15.74
CA ASP A 15 -9.88 -6.13 -16.78
C ASP A 15 -9.19 -7.47 -16.83
N GLU A 16 -8.89 -8.11 -15.67
CA GLU A 16 -8.12 -9.34 -15.73
C GLU A 16 -8.96 -10.58 -15.55
N PHE A 17 -10.15 -10.51 -14.94
CA PHE A 17 -10.88 -11.74 -14.72
C PHE A 17 -12.10 -11.82 -15.60
N GLY A 18 -12.80 -10.70 -15.83
CA GLY A 18 -13.98 -10.76 -16.66
C GLY A 18 -15.04 -9.88 -16.07
N TYR A 19 -16.20 -9.82 -16.75
CA TYR A 19 -17.26 -8.96 -16.29
C TYR A 19 -18.27 -9.84 -15.59
N GLU A 20 -18.31 -11.14 -15.97
CA GLU A 20 -19.23 -12.06 -15.32
C GLU A 20 -18.72 -12.30 -13.91
N THR A 21 -17.37 -12.41 -13.77
CA THR A 21 -16.77 -12.62 -12.47
C THR A 21 -16.98 -11.35 -11.67
N LEU A 22 -16.87 -10.19 -12.34
CA LEU A 22 -17.05 -8.90 -11.69
C LEU A 22 -18.45 -8.84 -11.10
N ASP A 23 -19.46 -9.39 -11.82
CA ASP A 23 -20.84 -9.37 -11.36
C ASP A 23 -21.02 -10.18 -10.10
N THR A 24 -20.30 -11.33 -9.98
CA THR A 24 -20.47 -12.18 -8.79
C THR A 24 -20.01 -11.43 -7.57
N LEU A 25 -18.90 -10.67 -7.67
CA LEU A 25 -18.40 -9.92 -6.53
C LEU A 25 -19.41 -8.85 -6.14
N LEU A 26 -20.09 -8.23 -7.14
CA LEU A 26 -21.05 -7.19 -6.85
C LEU A 26 -22.28 -7.78 -6.20
N GLU A 27 -22.46 -9.12 -6.28
CA GLU A 27 -23.61 -9.72 -5.65
C GLU A 27 -23.30 -9.99 -4.19
N SER A 28 -22.01 -10.23 -3.88
CA SER A 28 -21.61 -10.48 -2.49
C SER A 28 -21.82 -9.22 -1.69
N CYS A 29 -21.56 -8.02 -2.28
CA CYS A 29 -21.74 -6.80 -1.53
C CYS A 29 -23.13 -6.29 -1.80
N GLU A 30 -23.59 -6.46 -3.07
CA GLU A 30 -24.92 -6.05 -3.48
C GLU A 30 -24.90 -4.59 -3.82
N LEU A 31 -25.50 -4.22 -4.98
CA LEU A 31 -25.54 -2.84 -5.38
C LEU A 31 -26.97 -2.38 -5.30
N GLN A 32 -27.21 -1.21 -4.67
CA GLN A 32 -28.55 -0.71 -4.57
C GLN A 32 -28.71 0.46 -5.48
N SER A 33 -27.58 1.12 -5.85
CA SER A 33 -27.71 2.28 -6.69
C SER A 33 -27.08 1.98 -8.03
N GLU A 34 -25.72 2.08 -8.11
CA GLU A 34 -25.07 1.84 -9.37
C GLU A 34 -23.85 1.00 -9.13
N GLY A 35 -22.97 1.44 -8.20
CA GLY A 35 -21.78 0.68 -7.93
C GLY A 35 -20.58 1.59 -7.97
N ILE A 36 -20.50 2.48 -8.97
CA ILE A 36 -19.37 3.38 -9.05
C ILE A 36 -19.87 4.75 -8.68
N TYR A 37 -19.63 5.17 -7.41
CA TYR A 37 -20.08 6.47 -6.98
C TYR A 37 -18.93 7.45 -7.05
N THR A 38 -17.73 6.98 -7.50
CA THR A 38 -16.56 7.84 -7.58
C THR A 38 -16.02 7.95 -6.18
N SER A 39 -14.85 8.61 -5.99
CA SER A 39 -14.29 8.70 -4.67
C SER A 39 -14.86 9.90 -3.96
N VAL A 40 -15.55 9.65 -2.80
CA VAL A 40 -16.12 10.74 -2.04
C VAL A 40 -16.74 10.19 -0.78
N GLY A 41 -16.93 8.84 -0.69
CA GLY A 41 -17.55 8.28 0.48
C GLY A 41 -16.56 7.43 1.21
N SER A 42 -16.92 7.04 2.46
CA SER A 42 -16.03 6.23 3.27
C SER A 42 -16.85 5.08 3.79
N TYR A 43 -16.33 3.83 3.67
CA TYR A 43 -17.05 2.68 4.16
C TYR A 43 -16.21 2.02 5.22
N ASP A 44 -16.79 1.00 5.89
CA ASP A 44 -16.09 0.29 6.93
C ASP A 44 -14.98 -0.53 6.33
N HIS A 45 -14.12 -1.12 7.20
CA HIS A 45 -13.01 -1.91 6.73
C HIS A 45 -13.51 -3.30 6.44
N GLN A 46 -14.62 -3.72 7.08
CA GLN A 46 -15.18 -5.03 6.85
C GLN A 46 -15.68 -5.11 5.43
N GLU A 47 -16.06 -3.94 4.85
CA GLU A 47 -16.53 -3.89 3.49
C GLU A 47 -15.42 -4.37 2.57
N LEU A 48 -14.18 -3.92 2.86
CA LEU A 48 -13.02 -4.28 2.06
C LEU A 48 -12.72 -5.75 2.21
N LEU A 49 -12.87 -6.30 3.44
CA LEU A 49 -12.56 -7.69 3.70
C LEU A 49 -13.61 -8.59 3.09
N GLN A 50 -14.86 -8.10 2.96
CA GLN A 50 -15.92 -8.92 2.42
C GLN A 50 -15.65 -9.21 0.95
N LEU A 51 -15.19 -8.18 0.18
CA LEU A 51 -14.93 -8.39 -1.23
C LEU A 51 -13.62 -9.12 -1.40
N VAL A 52 -12.71 -8.99 -0.41
CA VAL A 52 -11.43 -9.65 -0.49
C VAL A 52 -11.60 -11.15 -0.32
N VAL A 53 -12.46 -11.57 0.64
CA VAL A 53 -12.65 -12.99 0.85
C VAL A 53 -13.41 -13.60 -0.31
N LYS A 54 -14.33 -12.82 -0.96
CA LYS A 54 -15.06 -13.37 -2.08
C LYS A 54 -14.12 -13.52 -3.26
N LEU A 55 -13.07 -12.68 -3.31
CA LEU A 55 -12.12 -12.74 -4.41
C LEU A 55 -11.37 -14.05 -4.35
N SER A 56 -10.98 -14.50 -3.13
CA SER A 56 -10.25 -15.74 -3.00
C SER A 56 -11.13 -16.91 -3.42
N GLU A 57 -12.44 -16.90 -3.07
CA GLU A 57 -13.30 -18.01 -3.41
C GLU A 57 -13.72 -18.01 -4.88
N VAL A 58 -14.02 -16.82 -5.46
CA VAL A 58 -14.53 -16.75 -6.83
C VAL A 58 -13.47 -17.10 -7.86
N SER A 59 -12.20 -16.70 -7.68
CA SER A 59 -11.22 -16.98 -8.71
C SER A 59 -10.13 -17.86 -8.14
N SER A 60 -10.19 -18.14 -6.83
CA SER A 60 -9.21 -18.99 -6.19
C SER A 60 -7.87 -18.29 -6.14
N VAL A 61 -7.88 -16.97 -5.82
CA VAL A 61 -6.63 -16.25 -5.74
C VAL A 61 -6.43 -15.92 -4.28
N PRO A 62 -5.31 -16.35 -3.76
CA PRO A 62 -4.96 -16.14 -2.36
C PRO A 62 -4.94 -14.70 -1.95
N VAL A 63 -5.15 -14.45 -0.64
CA VAL A 63 -5.22 -13.11 -0.12
C VAL A 63 -3.84 -12.47 -0.04
N THR A 64 -2.74 -13.23 -0.24
CA THR A 64 -1.44 -12.60 -0.14
C THR A 64 -0.96 -12.19 -1.51
N GLU A 65 -1.25 -13.00 -2.56
CA GLU A 65 -0.83 -12.64 -3.89
C GLU A 65 -1.72 -11.55 -4.42
N LEU A 66 -2.94 -11.41 -3.86
CA LEU A 66 -3.84 -10.39 -4.33
C LEU A 66 -3.49 -9.08 -3.66
N VAL A 67 -2.99 -9.12 -2.41
CA VAL A 67 -2.63 -7.91 -1.73
C VAL A 67 -1.39 -7.31 -2.35
N ARG A 68 -0.52 -8.15 -3.00
CA ARG A 68 0.70 -7.63 -3.61
C ARG A 68 0.34 -6.88 -4.88
N LEU A 69 -0.41 -7.53 -5.79
CA LEU A 69 -0.77 -6.89 -7.05
C LEU A 69 -1.64 -5.67 -6.81
N PHE A 70 -2.51 -5.72 -5.76
CA PHE A 70 -3.40 -4.62 -5.46
C PHE A 70 -2.60 -3.36 -5.14
N GLY A 71 -1.57 -3.48 -4.27
CA GLY A 71 -0.78 -2.34 -3.87
C GLY A 71 -0.09 -1.70 -5.07
N LYS A 72 0.40 -2.51 -6.03
CA LYS A 72 1.11 -1.95 -7.17
C LYS A 72 0.21 -1.05 -8.02
N LYS A 73 -1.01 -1.53 -8.37
CA LYS A 73 -1.92 -0.76 -9.22
C LYS A 73 -2.40 0.54 -8.60
N LEU A 74 -2.85 0.52 -7.33
CA LEU A 74 -3.41 1.73 -6.73
C LEU A 74 -2.33 2.77 -6.46
N PHE A 75 -1.12 2.35 -6.00
CA PHE A 75 -0.07 3.32 -5.70
C PHE A 75 0.36 4.07 -6.95
N VAL A 76 0.59 3.36 -8.08
CA VAL A 76 1.01 4.02 -9.32
C VAL A 76 -0.16 4.80 -9.88
N GLU A 77 -1.38 4.53 -9.38
CA GLU A 77 -2.55 5.23 -9.83
C GLU A 77 -2.47 6.65 -9.30
N LEU A 78 -2.02 6.80 -8.02
CA LEU A 78 -1.92 8.11 -7.41
C LEU A 78 -0.78 8.89 -8.03
N ILE A 79 0.32 8.21 -8.44
CA ILE A 79 1.46 8.91 -9.00
C ILE A 79 1.06 9.62 -10.27
N GLU A 80 0.46 8.88 -11.23
CA GLU A 80 0.05 9.51 -12.47
C GLU A 80 -1.19 10.35 -12.29
N GLY A 81 -1.87 10.24 -11.12
CA GLY A 81 -3.07 11.02 -10.92
C GLY A 81 -2.78 12.30 -10.19
N HIS A 82 -1.55 12.49 -9.67
CA HIS A 82 -1.25 13.70 -8.95
C HIS A 82 0.11 14.20 -9.35
N PRO A 83 0.11 15.03 -10.36
CA PRO A 83 1.33 15.63 -10.90
C PRO A 83 2.12 16.44 -9.91
N GLU A 84 1.43 17.12 -8.96
CA GLU A 84 2.14 17.95 -8.01
C GLU A 84 2.44 17.15 -6.77
N ILE A 85 1.98 15.89 -6.71
CA ILE A 85 2.25 15.09 -5.54
C ILE A 85 3.56 14.41 -5.80
N ALA A 86 3.98 14.31 -7.09
CA ALA A 86 5.22 13.67 -7.39
C ALA A 86 6.26 14.74 -7.65
N ASN A 87 5.82 15.96 -8.06
CA ASN A 87 6.76 17.04 -8.31
C ASN A 87 7.37 17.50 -7.01
N GLU A 88 6.57 17.52 -5.92
CA GLU A 88 7.08 17.95 -4.63
C GLU A 88 8.13 16.99 -4.14
N MET A 89 7.95 15.68 -4.41
CA MET A 89 8.89 14.67 -3.94
C MET A 89 10.05 14.60 -4.92
N LYS A 90 11.27 14.25 -4.40
CA LYS A 90 12.43 14.19 -5.26
C LYS A 90 12.98 12.78 -5.34
N ASP A 91 12.66 11.92 -4.34
CA ASP A 91 13.21 10.59 -4.37
C ASP A 91 12.41 9.75 -3.40
N SER A 92 12.65 8.42 -3.43
CA SER A 92 11.92 7.52 -2.56
C SER A 92 12.37 7.69 -1.12
N PHE A 93 13.66 8.03 -0.87
CA PHE A 93 14.09 8.20 0.50
C PHE A 93 13.45 9.45 1.05
N ASP A 94 13.36 10.52 0.21
CA ASP A 94 12.72 11.75 0.65
C ASP A 94 11.24 11.49 0.87
N LEU A 95 10.70 10.45 0.20
CA LEU A 95 9.30 10.10 0.34
C LEU A 95 9.05 9.72 1.77
N LEU A 96 9.93 8.86 2.34
CA LEU A 96 9.78 8.43 3.72
C LEU A 96 9.89 9.61 4.65
N SER A 97 10.70 10.64 4.29
CA SER A 97 10.87 11.80 5.15
C SER A 97 9.55 12.53 5.37
N LYS A 98 8.75 12.78 4.29
CA LYS A 98 7.51 13.51 4.50
C LYS A 98 6.33 12.63 4.18
N ILE A 99 6.47 11.30 4.36
CA ILE A 99 5.38 10.40 4.06
C ILE A 99 4.20 10.67 4.96
N ASP A 100 4.42 11.21 6.18
CA ASP A 100 3.29 11.47 7.05
C ASP A 100 3.33 12.91 7.48
N SER A 101 4.46 13.61 7.25
CA SER A 101 4.57 14.98 7.66
C SER A 101 3.66 15.84 6.80
N PHE A 102 3.65 15.65 5.46
CA PHE A 102 2.82 16.51 4.64
C PHE A 102 1.84 15.70 3.81
N ILE A 103 2.19 14.45 3.43
CA ILE A 103 1.28 13.69 2.59
C ILE A 103 0.04 13.28 3.36
N HIS A 104 0.21 12.72 4.59
CA HIS A 104 -0.94 12.26 5.33
C HIS A 104 -1.51 13.39 6.15
N VAL A 105 -0.92 14.62 6.07
CA VAL A 105 -1.47 15.72 6.83
C VAL A 105 -2.46 16.43 5.94
N GLU A 106 -2.21 16.42 4.61
CA GLU A 106 -3.11 17.06 3.67
C GLU A 106 -4.36 16.24 3.57
N VAL A 107 -4.23 14.89 3.55
CA VAL A 107 -5.40 14.07 3.43
C VAL A 107 -6.19 14.09 4.73
N TYR A 108 -5.49 14.13 5.91
CA TYR A 108 -6.17 14.16 7.20
C TYR A 108 -7.03 15.40 7.31
N LYS A 109 -6.48 16.60 6.99
CA LYS A 109 -7.24 17.83 7.10
C LYS A 109 -8.44 17.78 6.20
N LEU A 110 -8.29 17.18 4.98
CA LEU A 110 -9.39 17.10 4.06
C LEU A 110 -10.54 16.38 4.71
N TYR A 111 -10.47 15.03 4.83
CA TYR A 111 -11.56 14.34 5.46
C TYR A 111 -11.06 13.68 6.72
N PRO A 112 -11.83 13.82 7.77
CA PRO A 112 -11.51 13.29 9.08
C PRO A 112 -11.92 11.85 9.31
N GLN A 113 -12.59 11.20 8.32
CA GLN A 113 -13.01 9.82 8.49
C GLN A 113 -11.81 8.91 8.57
N ALA A 114 -10.74 9.22 7.79
CA ALA A 114 -9.56 8.37 7.80
C ALA A 114 -8.93 8.36 9.15
N GLU A 115 -8.34 7.20 9.53
CA GLU A 115 -7.68 7.09 10.80
C GLU A 115 -6.24 6.81 10.51
N LEU A 116 -5.36 7.13 11.48
CA LEU A 116 -3.95 6.94 11.26
C LEU A 116 -3.32 6.46 12.55
N PRO A 117 -2.36 5.57 12.39
CA PRO A 117 -1.62 4.99 13.51
C PRO A 117 -0.44 5.83 13.95
N LYS A 118 0.61 5.17 14.53
CA LYS A 118 1.77 5.93 14.97
C LYS A 118 2.93 5.50 14.11
N PHE A 119 3.86 6.45 13.81
CA PHE A 119 4.97 6.12 12.95
C PHE A 119 6.18 6.88 13.42
N THR A 120 7.30 6.16 13.69
CA THR A 120 8.53 6.81 14.12
C THR A 120 9.61 6.36 13.17
N CYS A 121 10.41 7.32 12.66
CA CYS A 121 11.46 6.95 11.72
C CYS A 121 12.81 7.19 12.32
N ASP A 122 13.68 6.17 12.25
CA ASP A 122 15.02 6.30 12.76
C ASP A 122 15.95 6.06 11.61
N ARG A 123 16.89 7.00 11.35
CA ARG A 123 17.80 6.82 10.23
C ARG A 123 19.12 6.37 10.79
N LEU A 124 19.56 5.14 10.41
CA LEU A 124 20.81 4.62 10.90
C LEU A 124 21.95 5.15 10.07
N GLY A 125 21.69 5.50 8.79
CA GLY A 125 22.78 5.96 7.96
C GLY A 125 22.24 6.34 6.62
N ASP A 126 23.04 6.11 5.56
CA ASP A 126 22.60 6.47 4.24
C ASP A 126 21.96 5.28 3.59
N ASN A 127 22.51 4.06 3.80
CA ASN A 127 21.95 2.89 3.17
C ASN A 127 21.12 2.11 4.16
N ASP A 128 20.99 2.61 5.42
CA ASP A 128 20.20 1.90 6.40
C ASP A 128 19.06 2.78 6.85
N ILE A 129 17.83 2.21 6.85
CA ILE A 129 16.67 2.97 7.28
C ILE A 129 15.80 2.04 8.11
N ARG A 130 15.28 2.55 9.25
CA ARG A 130 14.43 1.74 10.10
C ARG A 130 13.12 2.45 10.24
N LEU A 131 12.01 1.68 10.24
CA LEU A 131 10.71 2.29 10.40
C LEU A 131 9.96 1.51 11.45
N HIS A 132 9.45 2.26 12.47
CA HIS A 132 8.69 1.64 13.53
C HIS A 132 7.24 1.83 13.18
N TYR A 133 6.47 0.73 13.25
CA TYR A 133 5.08 0.81 12.91
C TYR A 133 4.30 0.28 14.09
N GLN A 134 3.42 1.13 14.66
CA GLN A 134 2.63 0.68 15.78
C GLN A 134 1.19 0.66 15.35
N SER A 135 0.61 -0.56 15.26
CA SER A 135 -0.77 -0.70 14.85
C SER A 135 -1.21 -2.08 15.27
N LYS A 136 -2.54 -2.24 15.53
CA LYS A 136 -3.05 -3.52 15.96
C LYS A 136 -3.45 -4.34 14.75
N ARG A 137 -3.23 -3.82 13.53
CA ARG A 137 -3.58 -4.56 12.33
C ARG A 137 -2.40 -4.47 11.41
N PRO A 138 -1.35 -5.19 11.74
CA PRO A 138 -0.13 -5.17 11.00
C PRO A 138 0.04 -6.26 9.98
N PHE A 139 -0.13 -5.92 8.69
CA PHE A 139 0.08 -6.90 7.65
C PHE A 139 1.30 -6.47 6.89
N ALA A 140 2.38 -7.28 7.00
CA ALA A 140 3.63 -6.96 6.33
C ALA A 140 3.45 -6.96 4.83
N SER A 141 2.64 -7.90 4.29
CA SER A 141 2.46 -7.99 2.86
C SER A 141 1.80 -6.73 2.34
N PHE A 142 1.03 -6.02 3.19
CA PHE A 142 0.35 -4.82 2.72
C PHE A 142 1.35 -3.69 2.62
N ALA A 143 2.19 -3.50 3.67
CA ALA A 143 3.15 -2.42 3.68
C ALA A 143 4.19 -2.60 2.59
N GLU A 144 4.65 -3.85 2.35
CA GLU A 144 5.65 -4.10 1.32
C GLU A 144 5.09 -3.76 -0.04
N GLY A 145 3.79 -4.03 -0.25
CA GLY A 145 3.19 -3.74 -1.53
C GLY A 145 3.28 -2.27 -1.83
N LEU A 146 3.01 -1.41 -0.83
CA LEU A 146 3.07 0.03 -1.03
C LEU A 146 4.50 0.55 -1.22
N LEU A 147 5.51 0.04 -0.45
CA LEU A 147 6.86 0.58 -0.60
C LEU A 147 7.48 0.15 -1.90
N ASP A 148 7.29 -1.13 -2.27
CA ASP A 148 7.85 -1.65 -3.51
C ASP A 148 7.16 -1.03 -4.72
N GLY A 149 5.84 -0.72 -4.61
CA GLY A 149 5.12 -0.13 -5.73
C GLY A 149 5.73 1.21 -6.06
N CYS A 150 6.11 1.96 -5.01
CA CYS A 150 6.74 3.25 -5.19
C CYS A 150 8.03 3.08 -5.98
N ALA A 151 8.83 2.03 -5.64
CA ALA A 151 10.08 1.79 -6.34
C ALA A 151 9.79 1.19 -7.70
N GLU A 152 8.50 0.97 -8.00
CA GLU A 152 8.14 0.42 -9.29
C GLU A 152 8.07 1.55 -10.29
N TYR A 153 7.39 2.67 -9.93
CA TYR A 153 7.32 3.80 -10.84
C TYR A 153 8.71 4.38 -11.04
N PHE A 154 9.48 4.56 -9.93
CA PHE A 154 10.81 5.15 -10.03
C PHE A 154 11.76 4.21 -10.72
N LYS A 155 11.50 2.87 -10.66
CA LYS A 155 12.38 1.90 -11.28
C LYS A 155 13.64 1.79 -10.45
N GLU A 156 13.54 1.11 -9.30
CA GLU A 156 14.69 0.94 -8.45
C GLU A 156 14.65 -0.45 -7.88
N ASP A 157 15.54 -0.76 -6.92
CA ASP A 157 15.55 -2.08 -6.34
C ASP A 157 15.99 -1.96 -4.90
N PHE A 158 15.01 -1.83 -3.98
CA PHE A 158 15.33 -1.73 -2.58
C PHE A 158 14.78 -2.96 -1.92
N THR A 159 15.33 -3.33 -0.74
CA THR A 159 14.87 -4.53 -0.08
C THR A 159 14.30 -4.18 1.27
N ILE A 160 13.06 -4.64 1.51
CA ILE A 160 12.40 -4.40 2.78
C ILE A 160 12.45 -5.71 3.54
N SER A 161 13.03 -5.68 4.76
CA SER A 161 13.13 -6.88 5.55
C SER A 161 12.34 -6.71 6.82
N ARG A 162 12.49 -7.69 7.73
CA ARG A 162 11.77 -7.68 8.98
C ARG A 162 12.65 -8.32 10.02
N THR A 163 12.43 -7.98 11.32
CA THR A 163 13.24 -8.59 12.35
C THR A 163 12.46 -9.73 12.95
N PRO A 164 13.18 -10.76 13.34
CA PRO A 164 12.60 -11.96 13.91
C PRO A 164 12.16 -11.85 15.34
N GLU A 165 12.55 -10.75 16.03
CA GLU A 165 12.18 -10.60 17.42
C GLU A 165 10.70 -10.27 17.51
N THR A 166 10.19 -9.40 16.60
CA THR A 166 8.80 -9.03 16.66
C THR A 166 8.09 -9.45 15.41
N GLN A 167 8.69 -10.36 14.60
CA GLN A 167 8.02 -10.81 13.39
C GLN A 167 6.81 -11.63 13.76
N ASP A 168 6.64 -12.02 15.03
CA ASP A 168 5.49 -12.80 15.39
C ASP A 168 4.81 -12.10 16.55
N SER A 169 4.72 -10.75 16.48
CA SER A 169 4.07 -10.02 17.54
C SER A 169 3.31 -8.89 16.91
N GLU A 170 2.15 -8.54 17.50
CA GLU A 170 1.34 -7.47 16.95
C GLU A 170 1.60 -6.21 17.73
N THR A 171 1.17 -5.04 17.17
CA THR A 171 1.35 -3.75 17.81
C THR A 171 2.74 -3.23 17.49
N ASP A 172 3.78 -3.99 17.88
CA ASP A 172 5.14 -3.53 17.66
C ASP A 172 5.75 -4.33 16.54
N VAL A 173 6.12 -3.65 15.43
CA VAL A 173 6.75 -4.32 14.32
C VAL A 173 7.96 -3.50 13.92
N ILE A 174 9.12 -4.17 13.71
CA ILE A 174 10.33 -3.46 13.35
C ILE A 174 10.70 -3.85 11.94
N PHE A 175 10.90 -2.83 11.06
CA PHE A 175 11.24 -3.09 9.69
C PHE A 175 12.61 -2.54 9.41
N ASN A 176 13.34 -3.23 8.52
CA ASN A 176 14.68 -2.83 8.16
C ASN A 176 14.72 -2.71 6.66
N ILE A 177 15.04 -1.50 6.14
CA ILE A 177 15.08 -1.27 4.72
C ILE A 177 16.52 -0.95 4.38
N THR A 178 17.14 -1.85 3.58
CA THR A 178 18.54 -1.68 3.22
C THR A 178 18.66 -1.76 1.72
N ARG A 179 19.52 -0.90 1.10
CA ARG A 179 19.67 -0.97 -0.34
C ARG A 179 20.67 -2.06 -0.65
N ALA A 180 20.27 -3.00 -1.54
CA ALA A 180 21.17 -4.07 -1.94
C ALA A 180 22.34 -3.44 -2.63
N PRO A 181 23.46 -4.11 -2.56
CA PRO A 181 24.71 -3.64 -3.15
C PRO A 181 24.59 -3.23 -4.58
N ARG A 182 25.12 -2.04 -4.89
CA ARG A 182 25.07 -1.52 -6.23
C ARG A 182 26.47 -1.21 -6.64
N GLY A 183 26.69 -1.09 -7.96
CA GLY A 183 28.00 -0.78 -8.45
C GLY A 183 28.63 -2.04 -8.97
N ALA A 184 29.96 -2.13 -8.81
CA ALA A 184 30.67 -3.30 -9.27
C ALA A 184 31.28 -3.99 -8.08
N GLU A 185 30.68 -3.76 -6.87
CA GLU A 185 31.18 -4.37 -5.66
C GLU A 185 32.52 -3.77 -5.33
N ASN A 186 32.57 -2.43 -5.18
CA ASN A 186 33.81 -1.76 -4.86
C ASN A 186 33.81 -1.53 -3.38
N LEU A 187 34.80 -2.10 -2.66
CA LEU A 187 34.85 -1.92 -1.23
C LEU A 187 36.06 -1.08 -0.91
N TYR A 188 37.28 -1.63 -1.12
CA TYR A 188 38.46 -0.88 -0.83
C TYR A 188 39.51 -1.25 -1.84
N PHE A 189 40.29 -2.32 -1.56
CA PHE A 189 41.32 -2.73 -2.47
C PHE A 189 41.13 -4.20 -2.74
N GLN A 190 41.48 -4.64 -3.97
CA GLN A 190 41.34 -6.02 -4.30
C GLN A 190 42.68 -6.70 -4.06
N MET A 1 -9.06 6.44 2.43
CA MET A 1 -10.12 6.67 1.40
C MET A 1 -10.61 5.36 0.87
N MET A 2 -11.72 4.84 1.46
CA MET A 2 -12.24 3.56 1.02
C MET A 2 -13.04 3.73 -0.24
N GLY A 3 -13.44 4.97 -0.58
CA GLY A 3 -14.21 5.17 -1.79
C GLY A 3 -13.30 5.06 -2.99
N MET A 4 -12.08 5.66 -2.88
CA MET A 4 -11.15 5.64 -3.99
C MET A 4 -10.60 4.25 -4.22
N VAL A 5 -10.32 3.48 -3.13
CA VAL A 5 -9.77 2.15 -3.30
C VAL A 5 -10.82 1.24 -3.89
N PHE A 6 -12.13 1.58 -3.73
CA PHE A 6 -13.17 0.74 -4.28
C PHE A 6 -13.17 0.88 -5.78
N THR A 7 -12.86 2.09 -6.29
CA THR A 7 -12.85 2.32 -7.71
C THR A 7 -11.72 1.51 -8.32
N GLY A 8 -10.55 1.47 -7.62
CA GLY A 8 -9.40 0.74 -8.10
C GLY A 8 -9.71 -0.73 -8.17
N LEU A 9 -10.45 -1.26 -7.17
CA LEU A 9 -10.78 -2.67 -7.12
C LEU A 9 -11.66 -3.06 -8.30
N MET A 10 -12.63 -2.20 -8.68
CA MET A 10 -13.52 -2.55 -9.77
C MET A 10 -12.76 -2.67 -11.08
N GLU A 11 -11.79 -1.76 -11.32
CA GLU A 11 -11.04 -1.79 -12.56
C GLU A 11 -10.20 -3.03 -12.68
N LEU A 12 -9.56 -3.48 -11.57
CA LEU A 12 -8.70 -4.65 -11.60
C LEU A 12 -9.45 -5.93 -11.89
N ILE A 13 -10.64 -6.16 -11.26
CA ILE A 13 -11.33 -7.43 -11.46
C ILE A 13 -11.94 -7.51 -12.84
N GLU A 14 -12.47 -6.37 -13.36
CA GLU A 14 -13.14 -6.40 -14.64
C GLU A 14 -12.17 -6.59 -15.79
N ASP A 15 -11.01 -5.92 -15.72
CA ASP A 15 -10.05 -5.96 -16.80
C ASP A 15 -9.32 -7.29 -16.89
N GLU A 16 -9.02 -7.96 -15.76
CA GLU A 16 -8.22 -9.16 -15.86
C GLU A 16 -9.03 -10.44 -15.93
N PHE A 17 -10.25 -10.51 -15.33
CA PHE A 17 -10.94 -11.79 -15.38
C PHE A 17 -12.23 -11.72 -16.15
N GLY A 18 -12.94 -10.58 -16.16
CA GLY A 18 -14.17 -10.54 -16.90
C GLY A 18 -15.20 -9.77 -16.12
N TYR A 19 -16.40 -9.62 -16.72
CA TYR A 19 -17.42 -8.85 -16.07
C TYR A 19 -18.37 -9.80 -15.39
N GLU A 20 -18.36 -11.11 -15.78
CA GLU A 20 -19.21 -12.07 -15.14
C GLU A 20 -18.68 -12.31 -13.75
N THR A 21 -17.33 -12.36 -13.62
CA THR A 21 -16.70 -12.56 -12.34
C THR A 21 -16.95 -11.34 -11.50
N LEU A 22 -16.88 -10.14 -12.14
CA LEU A 22 -17.11 -8.89 -11.43
C LEU A 22 -18.52 -8.89 -10.85
N ASP A 23 -19.50 -9.44 -11.61
CA ASP A 23 -20.88 -9.46 -11.16
C ASP A 23 -21.03 -10.30 -9.90
N THR A 24 -20.28 -11.42 -9.78
CA THR A 24 -20.41 -12.27 -8.61
C THR A 24 -19.94 -11.49 -7.39
N LEU A 25 -18.84 -10.72 -7.53
CA LEU A 25 -18.33 -9.94 -6.40
C LEU A 25 -19.35 -8.90 -5.99
N LEU A 26 -20.08 -8.30 -6.98
CA LEU A 26 -21.05 -7.28 -6.63
C LEU A 26 -22.24 -7.90 -5.95
N GLU A 27 -22.42 -9.24 -6.04
CA GLU A 27 -23.54 -9.84 -5.38
C GLU A 27 -23.17 -10.15 -3.95
N SER A 28 -21.87 -10.39 -3.68
CA SER A 28 -21.44 -10.67 -2.32
C SER A 28 -21.63 -9.43 -1.48
N CYS A 29 -21.39 -8.22 -2.06
CA CYS A 29 -21.55 -7.00 -1.28
C CYS A 29 -22.95 -6.49 -1.49
N GLU A 30 -23.45 -6.59 -2.76
CA GLU A 30 -24.78 -6.15 -3.11
C GLU A 30 -24.75 -4.68 -3.39
N LEU A 31 -25.37 -4.25 -4.52
CA LEU A 31 -25.40 -2.85 -4.86
C LEU A 31 -26.64 -2.23 -4.27
N GLN A 32 -26.96 -1.00 -4.71
CA GLN A 32 -28.13 -0.33 -4.22
C GLN A 32 -28.58 0.61 -5.29
N SER A 33 -27.76 1.65 -5.59
CA SER A 33 -28.11 2.60 -6.61
C SER A 33 -27.41 2.22 -7.88
N GLU A 34 -26.06 2.31 -7.91
CA GLU A 34 -25.34 1.97 -9.12
C GLU A 34 -24.23 1.03 -8.74
N GLY A 35 -23.50 1.33 -7.65
CA GLY A 35 -22.44 0.46 -7.23
C GLY A 35 -21.11 1.16 -7.40
N ILE A 36 -20.96 2.01 -8.42
CA ILE A 36 -19.69 2.68 -8.61
C ILE A 36 -19.91 4.16 -8.45
N TYR A 37 -19.44 4.72 -7.32
CA TYR A 37 -19.56 6.13 -7.09
C TYR A 37 -18.41 6.81 -7.78
N THR A 38 -17.93 7.93 -7.20
CA THR A 38 -16.83 8.64 -7.80
C THR A 38 -15.69 8.65 -6.81
N SER A 39 -15.95 9.14 -5.56
CA SER A 39 -14.90 9.18 -4.55
C SER A 39 -15.42 9.98 -3.39
N VAL A 40 -16.47 9.45 -2.70
CA VAL A 40 -17.04 10.19 -1.58
C VAL A 40 -17.50 9.23 -0.50
N GLY A 41 -17.55 7.91 -0.78
CA GLY A 41 -18.05 7.00 0.23
C GLY A 41 -16.92 6.48 1.07
N SER A 42 -17.20 6.32 2.38
CA SER A 42 -16.20 5.80 3.29
C SER A 42 -16.83 4.60 3.95
N TYR A 43 -16.19 3.42 3.83
CA TYR A 43 -16.74 2.22 4.41
C TYR A 43 -15.78 1.71 5.46
N ASP A 44 -16.21 0.63 6.17
CA ASP A 44 -15.38 0.07 7.21
C ASP A 44 -14.37 -0.85 6.56
N HIS A 45 -13.61 -1.59 7.41
CA HIS A 45 -12.60 -2.48 6.89
C HIS A 45 -13.21 -3.83 6.66
N GLN A 46 -14.40 -4.08 7.23
CA GLN A 46 -15.06 -5.36 7.03
C GLN A 46 -15.50 -5.43 5.59
N GLU A 47 -15.80 -4.25 4.99
CA GLU A 47 -16.23 -4.19 3.62
C GLU A 47 -15.11 -4.66 2.73
N LEU A 48 -13.84 -4.27 3.08
CA LEU A 48 -12.68 -4.68 2.30
C LEU A 48 -12.49 -6.17 2.44
N LEU A 49 -12.74 -6.72 3.65
CA LEU A 49 -12.53 -8.13 3.90
C LEU A 49 -13.57 -8.95 3.18
N GLN A 50 -14.81 -8.43 3.07
CA GLN A 50 -15.87 -9.17 2.43
C GLN A 50 -15.55 -9.38 0.96
N LEU A 51 -15.00 -8.35 0.27
CA LEU A 51 -14.70 -8.51 -1.15
C LEU A 51 -13.35 -9.17 -1.33
N VAL A 52 -12.49 -9.18 -0.28
CA VAL A 52 -11.20 -9.79 -0.43
C VAL A 52 -11.34 -11.28 -0.27
N VAL A 53 -12.20 -11.74 0.67
CA VAL A 53 -12.39 -13.16 0.86
C VAL A 53 -13.15 -13.74 -0.32
N LYS A 54 -14.05 -12.94 -0.97
CA LYS A 54 -14.79 -13.46 -2.11
C LYS A 54 -13.83 -13.61 -3.26
N LEU A 55 -12.77 -12.76 -3.29
CA LEU A 55 -11.78 -12.83 -4.37
C LEU A 55 -11.07 -14.15 -4.32
N SER A 56 -10.69 -14.64 -3.11
CA SER A 56 -9.99 -15.91 -3.01
C SER A 56 -10.88 -17.05 -3.44
N GLU A 57 -12.19 -17.03 -3.08
CA GLU A 57 -13.06 -18.13 -3.44
C GLU A 57 -13.50 -18.09 -4.89
N VAL A 58 -13.82 -16.89 -5.44
CA VAL A 58 -14.35 -16.80 -6.79
C VAL A 58 -13.26 -17.00 -7.84
N SER A 59 -12.05 -16.45 -7.64
CA SER A 59 -11.03 -16.57 -8.67
C SER A 59 -9.99 -17.57 -8.24
N SER A 60 -10.05 -18.02 -6.96
CA SER A 60 -9.08 -18.99 -6.46
C SER A 60 -7.73 -18.33 -6.38
N VAL A 61 -7.69 -17.04 -5.99
CA VAL A 61 -6.42 -16.35 -5.88
C VAL A 61 -6.22 -16.01 -4.43
N PRO A 62 -5.08 -16.38 -3.91
CA PRO A 62 -4.73 -16.15 -2.50
C PRO A 62 -4.73 -14.71 -2.12
N VAL A 63 -4.96 -14.44 -0.82
CA VAL A 63 -5.05 -13.09 -0.32
C VAL A 63 -3.68 -12.45 -0.19
N THR A 64 -2.57 -13.21 -0.38
CA THR A 64 -1.28 -12.58 -0.22
C THR A 64 -0.76 -12.10 -1.55
N GLU A 65 -1.00 -12.85 -2.65
CA GLU A 65 -0.51 -12.42 -3.94
C GLU A 65 -1.49 -11.42 -4.48
N LEU A 66 -2.74 -11.50 -4.00
CA LEU A 66 -3.78 -10.59 -4.43
C LEU A 66 -3.47 -9.22 -3.88
N VAL A 67 -3.06 -9.16 -2.58
CA VAL A 67 -2.77 -7.89 -1.96
C VAL A 67 -1.53 -7.26 -2.59
N ARG A 68 -0.57 -8.07 -3.12
CA ARG A 68 0.62 -7.48 -3.72
C ARG A 68 0.25 -6.72 -4.98
N LEU A 69 -0.55 -7.35 -5.86
CA LEU A 69 -0.96 -6.71 -7.10
C LEU A 69 -1.81 -5.49 -6.85
N PHE A 70 -2.66 -5.52 -5.80
CA PHE A 70 -3.53 -4.40 -5.50
C PHE A 70 -2.71 -3.17 -5.19
N GLY A 71 -1.68 -3.31 -4.32
CA GLY A 71 -0.87 -2.17 -3.93
C GLY A 71 -0.17 -1.55 -5.12
N LYS A 72 0.32 -2.37 -6.07
CA LYS A 72 1.07 -1.83 -7.20
C LYS A 72 0.18 -0.93 -8.07
N LYS A 73 -1.04 -1.39 -8.42
CA LYS A 73 -1.92 -0.62 -9.30
C LYS A 73 -2.38 0.70 -8.70
N LEU A 74 -2.87 0.70 -7.44
CA LEU A 74 -3.40 1.93 -6.86
C LEU A 74 -2.30 2.96 -6.60
N PHE A 75 -1.12 2.52 -6.10
CA PHE A 75 -0.07 3.49 -5.80
C PHE A 75 0.40 4.21 -7.05
N VAL A 76 0.66 3.47 -8.16
CA VAL A 76 1.14 4.10 -9.38
C VAL A 76 0.00 4.88 -10.02
N GLU A 77 -1.24 4.66 -9.54
CA GLU A 77 -2.38 5.36 -10.10
C GLU A 77 -2.39 6.76 -9.52
N LEU A 78 -2.02 6.91 -8.22
CA LEU A 78 -2.01 8.21 -7.59
C LEU A 78 -0.88 9.03 -8.16
N ILE A 79 0.26 8.38 -8.50
CA ILE A 79 1.39 9.11 -9.03
C ILE A 79 1.01 9.76 -10.33
N GLU A 80 0.41 8.96 -11.25
CA GLU A 80 -0.01 9.49 -12.55
C GLU A 80 -1.16 10.45 -12.40
N GLY A 81 -1.92 10.38 -11.30
CA GLY A 81 -3.06 11.27 -11.15
C GLY A 81 -2.69 12.49 -10.36
N HIS A 82 -1.43 12.59 -9.87
CA HIS A 82 -1.08 13.75 -9.08
C HIS A 82 0.32 14.17 -9.44
N PRO A 83 0.40 15.01 -10.43
CA PRO A 83 1.67 15.53 -10.91
C PRO A 83 2.38 16.44 -9.94
N GLU A 84 1.62 17.10 -9.04
CA GLU A 84 2.25 17.98 -8.09
C GLU A 84 2.53 17.23 -6.82
N ILE A 85 2.07 15.95 -6.74
CA ILE A 85 2.30 15.21 -5.54
C ILE A 85 3.60 14.48 -5.72
N ALA A 86 4.03 14.27 -6.99
CA ALA A 86 5.27 13.58 -7.23
C ALA A 86 6.31 14.61 -7.58
N ASN A 87 5.88 15.81 -8.05
CA ASN A 87 6.81 16.86 -8.40
C ASN A 87 7.45 17.38 -7.13
N GLU A 88 6.64 17.51 -6.04
CA GLU A 88 7.15 18.01 -4.79
C GLU A 88 8.18 17.05 -4.23
N MET A 89 7.97 15.73 -4.46
CA MET A 89 8.88 14.72 -3.93
C MET A 89 10.09 14.65 -4.85
N LYS A 90 11.26 14.18 -4.30
CA LYS A 90 12.46 14.14 -5.09
C LYS A 90 12.96 12.72 -5.26
N ASP A 91 12.66 11.80 -4.31
CA ASP A 91 13.17 10.46 -4.44
C ASP A 91 12.45 9.60 -3.44
N SER A 92 12.73 8.27 -3.49
CA SER A 92 12.10 7.32 -2.59
C SER A 92 12.51 7.56 -1.16
N PHE A 93 13.81 7.87 -0.89
CA PHE A 93 14.23 8.08 0.48
C PHE A 93 13.58 9.33 1.01
N ASP A 94 13.50 10.38 0.15
CA ASP A 94 12.87 11.62 0.57
C ASP A 94 11.39 11.38 0.79
N LEU A 95 10.83 10.32 0.16
CA LEU A 95 9.42 10.00 0.31
C LEU A 95 9.16 9.60 1.75
N LEU A 96 10.03 8.73 2.32
CA LEU A 96 9.84 8.30 3.70
C LEU A 96 9.92 9.49 4.64
N SER A 97 10.81 10.46 4.33
CA SER A 97 10.96 11.63 5.19
C SER A 97 9.70 12.47 5.14
N LYS A 98 9.10 12.62 3.93
CA LYS A 98 7.92 13.47 3.75
C LYS A 98 6.64 12.68 3.89
N ILE A 99 6.70 11.38 4.30
CA ILE A 99 5.48 10.58 4.37
C ILE A 99 4.55 11.12 5.43
N ASP A 100 5.04 11.59 6.58
CA ASP A 100 4.14 12.06 7.60
C ASP A 100 4.12 13.56 7.62
N SER A 101 5.17 14.23 7.10
CA SER A 101 5.22 15.68 7.14
C SER A 101 4.09 16.29 6.34
N PHE A 102 3.83 15.83 5.08
CA PHE A 102 2.77 16.48 4.33
C PHE A 102 1.89 15.51 3.59
N ILE A 103 2.27 14.23 3.42
CA ILE A 103 1.42 13.33 2.66
C ILE A 103 0.15 13.01 3.43
N HIS A 104 0.29 12.58 4.71
CA HIS A 104 -0.88 12.21 5.45
C HIS A 104 -1.40 13.40 6.23
N VAL A 105 -0.78 14.58 6.08
CA VAL A 105 -1.27 15.75 6.77
C VAL A 105 -2.38 16.32 5.93
N GLU A 106 -2.15 16.40 4.60
CA GLU A 106 -3.16 16.94 3.73
C GLU A 106 -4.33 16.01 3.68
N VAL A 107 -4.08 14.67 3.63
CA VAL A 107 -5.17 13.71 3.57
C VAL A 107 -6.02 13.78 4.83
N TYR A 108 -5.37 13.82 6.02
CA TYR A 108 -6.08 13.88 7.29
C TYR A 108 -6.94 15.13 7.39
N LYS A 109 -6.37 16.32 7.08
CA LYS A 109 -7.12 17.55 7.20
C LYS A 109 -8.31 17.53 6.28
N LEU A 110 -8.16 16.95 5.06
CA LEU A 110 -9.25 16.90 4.12
C LEU A 110 -10.42 16.22 4.76
N TYR A 111 -10.38 14.88 4.93
CA TYR A 111 -11.51 14.22 5.54
C TYR A 111 -11.06 13.54 6.80
N PRO A 112 -11.84 13.72 7.83
CA PRO A 112 -11.57 13.16 9.15
C PRO A 112 -12.01 11.73 9.34
N GLN A 113 -12.69 11.13 8.33
CA GLN A 113 -13.15 9.76 8.46
C GLN A 113 -11.96 8.82 8.52
N ALA A 114 -10.89 9.13 7.75
CA ALA A 114 -9.73 8.28 7.72
C ALA A 114 -9.04 8.31 9.06
N GLU A 115 -8.45 7.15 9.46
CA GLU A 115 -7.75 7.06 10.71
C GLU A 115 -6.42 6.44 10.41
N LEU A 116 -5.34 7.00 10.99
CA LEU A 116 -4.02 6.47 10.72
C LEU A 116 -3.31 6.19 12.03
N PRO A 117 -2.35 5.29 11.94
CA PRO A 117 -1.55 4.85 13.08
C PRO A 117 -0.43 5.79 13.44
N LYS A 118 0.63 5.27 14.12
CA LYS A 118 1.74 6.12 14.51
C LYS A 118 2.95 5.69 13.74
N PHE A 119 3.77 6.69 13.29
CA PHE A 119 4.95 6.39 12.52
C PHE A 119 6.15 7.01 13.20
N THR A 120 7.20 6.20 13.46
CA THR A 120 8.42 6.71 14.05
C THR A 120 9.53 6.28 13.13
N CYS A 121 10.40 7.23 12.71
CA CYS A 121 11.45 6.85 11.80
C CYS A 121 12.79 7.13 12.43
N ASP A 122 13.69 6.11 12.37
CA ASP A 122 15.01 6.26 12.91
C ASP A 122 15.96 6.07 11.75
N ARG A 123 16.88 7.03 11.52
CA ARG A 123 17.81 6.90 10.42
C ARG A 123 19.13 6.45 10.97
N LEU A 124 19.58 5.24 10.58
CA LEU A 124 20.84 4.72 11.06
C LEU A 124 21.97 5.19 10.19
N GLY A 125 21.70 5.59 8.94
CA GLY A 125 22.78 6.01 8.09
C GLY A 125 22.24 6.35 6.73
N ASP A 126 23.06 6.09 5.69
CA ASP A 126 22.65 6.42 4.35
C ASP A 126 22.01 5.20 3.71
N ASN A 127 22.59 4.00 3.95
CA ASN A 127 22.05 2.82 3.33
C ASN A 127 21.22 2.05 4.33
N ASP A 128 21.09 2.57 5.58
CA ASP A 128 20.32 1.87 6.59
C ASP A 128 19.18 2.75 7.02
N ILE A 129 17.94 2.19 7.03
CA ILE A 129 16.78 2.93 7.45
C ILE A 129 15.90 2.01 8.26
N ARG A 130 15.36 2.51 9.38
CA ARG A 130 14.48 1.70 10.21
C ARG A 130 13.17 2.42 10.33
N LEU A 131 12.06 1.66 10.26
CA LEU A 131 10.76 2.27 10.39
C LEU A 131 9.97 1.50 11.40
N HIS A 132 9.46 2.23 12.42
CA HIS A 132 8.66 1.62 13.46
C HIS A 132 7.22 1.83 13.10
N TYR A 133 6.41 0.76 13.21
CA TYR A 133 5.03 0.87 12.86
C TYR A 133 4.23 0.36 14.03
N GLN A 134 3.37 1.23 14.60
CA GLN A 134 2.56 0.81 15.72
C GLN A 134 1.12 0.81 15.27
N SER A 135 0.51 -0.40 15.23
CA SER A 135 -0.87 -0.53 14.82
C SER A 135 -1.34 -1.88 15.29
N LYS A 136 -2.66 -2.03 15.55
CA LYS A 136 -3.18 -3.28 16.02
C LYS A 136 -3.60 -4.14 14.84
N ARG A 137 -3.38 -3.66 13.60
CA ARG A 137 -3.74 -4.43 12.43
C ARG A 137 -2.59 -4.32 11.47
N PRO A 138 -1.53 -5.02 11.77
CA PRO A 138 -0.32 -5.00 10.97
C PRO A 138 -0.18 -6.10 9.96
N PHE A 139 -0.34 -5.76 8.66
CA PHE A 139 -0.15 -6.75 7.62
C PHE A 139 1.09 -6.34 6.88
N ALA A 140 2.16 -7.18 6.99
CA ALA A 140 3.41 -6.90 6.33
C ALA A 140 3.24 -6.89 4.83
N SER A 141 2.41 -7.82 4.28
CA SER A 141 2.23 -7.91 2.85
C SER A 141 1.60 -6.65 2.31
N PHE A 142 0.82 -5.92 3.13
CA PHE A 142 0.16 -4.72 2.66
C PHE A 142 1.17 -3.60 2.57
N ALA A 143 1.99 -3.40 3.63
CA ALA A 143 2.96 -2.32 3.65
C ALA A 143 4.00 -2.51 2.58
N GLU A 144 4.47 -3.76 2.34
CA GLU A 144 5.48 -4.01 1.34
C GLU A 144 4.95 -3.67 -0.04
N GLY A 145 3.65 -3.96 -0.27
CA GLY A 145 3.07 -3.69 -1.57
C GLY A 145 3.16 -2.20 -1.87
N LEU A 146 2.86 -1.34 -0.88
CA LEU A 146 2.93 0.10 -1.10
C LEU A 146 4.35 0.61 -1.29
N LEU A 147 5.34 0.10 -0.49
CA LEU A 147 6.69 0.62 -0.61
C LEU A 147 7.34 0.18 -1.90
N ASP A 148 7.15 -1.09 -2.28
CA ASP A 148 7.74 -1.61 -3.50
C ASP A 148 7.06 -1.00 -4.73
N GLY A 149 5.75 -0.66 -4.63
CA GLY A 149 5.05 -0.08 -5.75
C GLY A 149 5.69 1.25 -6.08
N CYS A 150 6.08 2.00 -5.02
CA CYS A 150 6.73 3.28 -5.21
C CYS A 150 8.03 3.06 -5.97
N ALA A 151 8.79 1.98 -5.62
CA ALA A 151 10.05 1.71 -6.31
C ALA A 151 9.76 1.15 -7.68
N GLU A 152 8.47 0.98 -8.01
CA GLU A 152 8.11 0.46 -9.30
C GLU A 152 8.07 1.61 -10.28
N TYR A 153 7.44 2.74 -9.90
CA TYR A 153 7.39 3.90 -10.78
C TYR A 153 8.80 4.45 -10.96
N PHE A 154 9.58 4.58 -9.85
CA PHE A 154 10.92 5.13 -9.93
C PHE A 154 11.85 4.18 -10.65
N LYS A 155 11.55 2.85 -10.62
CA LYS A 155 12.40 1.87 -11.27
C LYS A 155 13.66 1.73 -10.45
N GLU A 156 13.56 1.04 -9.30
CA GLU A 156 14.71 0.85 -8.46
C GLU A 156 14.63 -0.51 -7.85
N ASP A 157 15.48 -0.80 -6.83
CA ASP A 157 15.45 -2.10 -6.22
C ASP A 157 15.85 -1.93 -4.77
N PHE A 158 14.85 -1.80 -3.89
CA PHE A 158 15.12 -1.66 -2.47
C PHE A 158 14.62 -2.92 -1.82
N THR A 159 15.16 -3.29 -0.64
CA THR A 159 14.72 -4.50 0.00
C THR A 159 14.14 -4.16 1.33
N ILE A 160 12.90 -4.63 1.57
CA ILE A 160 12.22 -4.41 2.82
C ILE A 160 12.29 -5.71 3.59
N SER A 161 12.89 -5.65 4.81
CA SER A 161 13.03 -6.84 5.63
C SER A 161 12.22 -6.67 6.88
N ARG A 162 12.32 -7.68 7.78
CA ARG A 162 11.57 -7.69 9.01
C ARG A 162 12.42 -8.36 10.06
N THR A 163 12.21 -8.02 11.36
CA THR A 163 13.00 -8.66 12.39
C THR A 163 12.18 -9.79 12.96
N PRO A 164 12.88 -10.84 13.34
CA PRO A 164 12.27 -12.04 13.89
C PRO A 164 11.82 -11.93 15.32
N GLU A 165 12.24 -10.86 16.03
CA GLU A 165 11.87 -10.72 17.41
C GLU A 165 10.41 -10.37 17.52
N THR A 166 9.92 -9.47 16.63
CA THR A 166 8.53 -9.06 16.69
C THR A 166 7.82 -9.46 15.44
N GLN A 167 8.41 -10.37 14.63
CA GLN A 167 7.76 -10.80 13.41
C GLN A 167 6.49 -11.56 13.75
N ASP A 168 6.30 -11.97 15.03
CA ASP A 168 5.10 -12.69 15.36
C ASP A 168 4.45 -11.99 16.53
N SER A 169 4.41 -10.64 16.47
CA SER A 169 3.80 -9.90 17.54
C SER A 169 3.06 -8.73 16.91
N GLU A 170 1.90 -8.35 17.50
CA GLU A 170 1.13 -7.26 16.97
C GLU A 170 1.42 -6.01 17.76
N THR A 171 1.01 -4.83 17.19
CA THR A 171 1.20 -3.54 17.84
C THR A 171 2.60 -3.03 17.54
N ASP A 172 3.62 -3.82 17.89
CA ASP A 172 4.99 -3.38 17.66
C ASP A 172 5.61 -4.23 16.59
N VAL A 173 6.00 -3.58 15.45
CA VAL A 173 6.64 -4.29 14.37
C VAL A 173 7.86 -3.50 13.98
N ILE A 174 9.02 -4.19 13.83
CA ILE A 174 10.23 -3.50 13.47
C ILE A 174 10.59 -3.87 12.05
N PHE A 175 10.78 -2.83 11.19
CA PHE A 175 11.10 -3.06 9.81
C PHE A 175 12.49 -2.53 9.56
N ASN A 176 13.18 -3.20 8.61
CA ASN A 176 14.53 -2.83 8.26
C ASN A 176 14.58 -2.69 6.77
N ILE A 177 14.88 -1.48 6.26
CA ILE A 177 14.93 -1.25 4.84
C ILE A 177 16.38 -0.98 4.50
N THR A 178 16.96 -1.86 3.67
CA THR A 178 18.37 -1.73 3.32
C THR A 178 18.50 -1.66 1.82
N ARG A 179 19.45 -0.83 1.32
CA ARG A 179 19.66 -0.73 -0.11
C ARG A 179 20.71 -1.74 -0.46
N ALA A 180 20.30 -2.78 -1.24
CA ALA A 180 21.22 -3.81 -1.62
C ALA A 180 22.17 -3.23 -2.62
N PRO A 181 23.37 -3.76 -2.64
CA PRO A 181 24.42 -3.31 -3.54
C PRO A 181 24.00 -3.34 -4.97
N ARG A 182 24.04 -2.16 -5.62
CA ARG A 182 23.65 -2.08 -6.99
C ARG A 182 24.66 -1.24 -7.71
N GLY A 183 24.92 -1.57 -9.00
CA GLY A 183 25.86 -0.83 -9.77
C GLY A 183 27.21 -1.49 -9.61
N ALA A 184 27.42 -2.61 -10.35
CA ALA A 184 28.67 -3.33 -10.27
C ALA A 184 28.76 -4.00 -8.93
N GLU A 185 27.96 -5.08 -8.74
CA GLU A 185 27.94 -5.81 -7.49
C GLU A 185 29.32 -6.34 -7.18
N ASN A 186 29.68 -6.28 -5.88
CA ASN A 186 30.98 -6.73 -5.42
C ASN A 186 30.73 -7.71 -4.32
N LEU A 187 31.38 -8.89 -4.39
CA LEU A 187 31.19 -9.88 -3.37
C LEU A 187 32.25 -9.68 -2.32
N TYR A 188 33.53 -9.90 -2.70
CA TYR A 188 34.60 -9.71 -1.75
C TYR A 188 35.85 -9.45 -2.53
N PHE A 189 36.55 -10.53 -2.96
CA PHE A 189 37.75 -10.35 -3.72
C PHE A 189 37.61 -11.15 -4.98
N GLN A 190 38.20 -10.65 -6.09
CA GLN A 190 38.11 -11.34 -7.34
C GLN A 190 39.35 -12.24 -7.46
N MET A 1 -9.07 7.06 1.67
CA MET A 1 -10.28 7.06 0.81
C MET A 1 -10.73 5.65 0.52
N MET A 2 -11.84 5.21 1.16
CA MET A 2 -12.32 3.86 0.93
C MET A 2 -13.11 3.84 -0.35
N GLY A 3 -13.58 5.02 -0.81
CA GLY A 3 -14.35 5.08 -2.03
C GLY A 3 -13.41 4.99 -3.21
N MET A 4 -12.22 5.62 -3.09
CA MET A 4 -11.27 5.64 -4.19
C MET A 4 -10.66 4.27 -4.39
N VAL A 5 -10.37 3.53 -3.29
CA VAL A 5 -9.77 2.23 -3.43
C VAL A 5 -10.78 1.26 -4.00
N PHE A 6 -12.09 1.54 -3.82
CA PHE A 6 -13.11 0.66 -4.34
C PHE A 6 -13.12 0.77 -5.85
N THR A 7 -12.83 1.98 -6.39
CA THR A 7 -12.83 2.18 -7.82
C THR A 7 -11.68 1.37 -8.41
N GLY A 8 -10.52 1.37 -7.71
CA GLY A 8 -9.35 0.64 -8.18
C GLY A 8 -9.64 -0.84 -8.23
N LEU A 9 -10.39 -1.37 -7.23
CA LEU A 9 -10.69 -2.78 -7.16
C LEU A 9 -11.58 -3.19 -8.32
N MET A 10 -12.56 -2.34 -8.71
CA MET A 10 -13.46 -2.70 -9.80
C MET A 10 -12.70 -2.83 -11.10
N GLU A 11 -11.73 -1.92 -11.35
CA GLU A 11 -10.99 -1.96 -12.58
C GLU A 11 -10.15 -3.21 -12.70
N LEU A 12 -9.53 -3.66 -11.59
CA LEU A 12 -8.69 -4.84 -11.60
C LEU A 12 -9.47 -6.10 -11.91
N ILE A 13 -10.68 -6.30 -11.32
CA ILE A 13 -11.40 -7.55 -11.54
C ILE A 13 -11.96 -7.62 -12.94
N GLU A 14 -12.44 -6.49 -13.49
CA GLU A 14 -13.07 -6.50 -14.80
C GLU A 14 -12.08 -6.80 -15.90
N ASP A 15 -10.89 -6.18 -15.84
CA ASP A 15 -9.89 -6.36 -16.87
C ASP A 15 -9.27 -7.73 -16.81
N GLU A 16 -9.14 -8.31 -15.60
CA GLU A 16 -8.46 -9.58 -15.49
C GLU A 16 -9.27 -10.74 -16.03
N PHE A 17 -10.56 -10.90 -15.65
CA PHE A 17 -11.25 -12.08 -16.15
C PHE A 17 -12.57 -11.77 -16.80
N GLY A 18 -13.21 -10.62 -16.55
CA GLY A 18 -14.48 -10.39 -17.19
C GLY A 18 -15.41 -9.67 -16.27
N TYR A 19 -16.63 -9.38 -16.78
CA TYR A 19 -17.58 -8.65 -16.01
C TYR A 19 -18.52 -9.62 -15.36
N GLU A 20 -18.49 -10.93 -15.76
CA GLU A 20 -19.34 -11.90 -15.13
C GLU A 20 -18.78 -12.21 -13.77
N THR A 21 -17.42 -12.24 -13.66
CA THR A 21 -16.79 -12.49 -12.39
C THR A 21 -17.02 -11.28 -11.52
N LEU A 22 -16.95 -10.07 -12.16
CA LEU A 22 -17.17 -8.83 -11.45
C LEU A 22 -18.57 -8.83 -10.85
N ASP A 23 -19.56 -9.39 -11.59
CA ASP A 23 -20.93 -9.41 -11.14
C ASP A 23 -21.06 -10.25 -9.88
N THR A 24 -20.31 -11.38 -9.78
CA THR A 24 -20.43 -12.25 -8.61
C THR A 24 -19.96 -11.51 -7.38
N LEU A 25 -18.85 -10.72 -7.50
CA LEU A 25 -18.33 -10.01 -6.36
C LEU A 25 -19.35 -8.96 -5.91
N LEU A 26 -20.06 -8.32 -6.87
CA LEU A 26 -21.03 -7.30 -6.52
C LEU A 26 -22.23 -7.93 -5.86
N GLU A 27 -22.42 -9.26 -5.99
CA GLU A 27 -23.55 -9.89 -5.36
C GLU A 27 -23.21 -10.21 -3.93
N SER A 28 -21.91 -10.45 -3.63
CA SER A 28 -21.50 -10.74 -2.27
C SER A 28 -21.71 -9.51 -1.43
N CYS A 29 -21.45 -8.30 -1.97
CA CYS A 29 -21.64 -7.10 -1.18
C CYS A 29 -23.04 -6.60 -1.39
N GLU A 30 -23.52 -6.68 -2.66
CA GLU A 30 -24.87 -6.26 -3.02
C GLU A 30 -24.84 -4.78 -3.31
N LEU A 31 -25.45 -4.37 -4.46
CA LEU A 31 -25.47 -2.98 -4.82
C LEU A 31 -26.73 -2.36 -4.26
N GLN A 32 -27.05 -1.13 -4.74
CA GLN A 32 -28.21 -0.45 -4.28
C GLN A 32 -28.64 0.47 -5.38
N SER A 33 -27.80 1.49 -5.67
CA SER A 33 -28.12 2.43 -6.71
C SER A 33 -27.39 2.01 -7.97
N GLU A 34 -26.04 2.11 -7.97
CA GLU A 34 -25.31 1.74 -9.16
C GLU A 34 -24.19 0.83 -8.74
N GLY A 35 -23.46 1.20 -7.67
CA GLY A 35 -22.38 0.36 -7.21
C GLY A 35 -21.06 1.07 -7.37
N ILE A 36 -20.89 1.84 -8.47
CA ILE A 36 -19.63 2.52 -8.66
C ILE A 36 -19.89 3.99 -8.56
N TYR A 37 -19.46 4.60 -7.44
CA TYR A 37 -19.62 6.02 -7.25
C TYR A 37 -18.50 6.73 -7.95
N THR A 38 -18.11 7.91 -7.43
CA THR A 38 -17.05 8.67 -8.03
C THR A 38 -15.89 8.67 -7.07
N SER A 39 -16.12 9.17 -5.83
CA SER A 39 -15.07 9.22 -4.84
C SER A 39 -15.56 10.06 -3.69
N VAL A 40 -16.56 9.54 -2.92
CA VAL A 40 -17.12 10.32 -1.83
C VAL A 40 -17.60 9.39 -0.73
N GLY A 41 -17.60 8.06 -0.94
CA GLY A 41 -18.11 7.18 0.08
C GLY A 41 -16.98 6.66 0.95
N SER A 42 -17.27 6.52 2.26
CA SER A 42 -16.28 6.01 3.19
C SER A 42 -16.93 4.83 3.85
N TYR A 43 -16.36 3.62 3.65
CA TYR A 43 -16.94 2.43 4.24
C TYR A 43 -16.00 1.92 5.29
N ASP A 44 -16.42 0.83 5.99
CA ASP A 44 -15.61 0.24 7.02
C ASP A 44 -14.54 -0.58 6.37
N HIS A 45 -13.74 -1.29 7.20
CA HIS A 45 -12.69 -2.10 6.64
C HIS A 45 -13.18 -3.51 6.46
N GLN A 46 -14.31 -3.86 7.10
CA GLN A 46 -14.86 -5.18 6.93
C GLN A 46 -15.37 -5.30 5.52
N GLU A 47 -15.80 -4.15 4.94
CA GLU A 47 -16.30 -4.11 3.58
C GLU A 47 -15.19 -4.54 2.65
N LEU A 48 -13.95 -4.04 2.92
CA LEU A 48 -12.79 -4.35 2.10
C LEU A 48 -12.44 -5.81 2.22
N LEU A 49 -12.55 -6.36 3.44
CA LEU A 49 -12.18 -7.74 3.69
C LEU A 49 -13.19 -8.68 3.08
N GLN A 50 -14.50 -8.30 3.07
CA GLN A 50 -15.51 -9.19 2.53
C GLN A 50 -15.28 -9.40 1.05
N LEU A 51 -14.93 -8.34 0.28
CA LEU A 51 -14.71 -8.53 -1.14
C LEU A 51 -13.42 -9.29 -1.36
N VAL A 52 -12.41 -9.05 -0.49
CA VAL A 52 -11.14 -9.73 -0.60
C VAL A 52 -11.31 -11.22 -0.41
N VAL A 53 -12.15 -11.62 0.57
CA VAL A 53 -12.37 -13.03 0.82
C VAL A 53 -13.07 -13.66 -0.38
N LYS A 54 -14.05 -12.93 -0.98
CA LYS A 54 -14.76 -13.49 -2.13
C LYS A 54 -13.79 -13.65 -3.28
N LEU A 55 -12.74 -12.78 -3.35
CA LEU A 55 -11.77 -12.90 -4.44
C LEU A 55 -11.03 -14.21 -4.36
N SER A 56 -10.67 -14.65 -3.13
CA SER A 56 -9.95 -15.91 -2.98
C SER A 56 -10.82 -17.07 -3.41
N GLU A 57 -12.15 -17.03 -3.12
CA GLU A 57 -13.00 -18.15 -3.47
C GLU A 57 -13.48 -18.09 -4.91
N VAL A 58 -13.81 -16.89 -5.45
CA VAL A 58 -14.35 -16.81 -6.80
C VAL A 58 -13.27 -16.99 -7.85
N SER A 59 -12.06 -16.40 -7.68
CA SER A 59 -11.04 -16.53 -8.70
C SER A 59 -10.00 -17.52 -8.28
N SER A 60 -10.08 -18.04 -7.03
CA SER A 60 -9.12 -19.00 -6.54
C SER A 60 -7.75 -18.35 -6.45
N VAL A 61 -7.71 -17.08 -6.02
CA VAL A 61 -6.45 -16.38 -5.91
C VAL A 61 -6.25 -16.09 -4.44
N PRO A 62 -5.07 -16.39 -3.96
CA PRO A 62 -4.73 -16.18 -2.56
C PRO A 62 -4.74 -14.74 -2.13
N VAL A 63 -4.91 -14.54 -0.80
CA VAL A 63 -4.99 -13.21 -0.24
C VAL A 63 -3.64 -12.54 -0.16
N THR A 64 -2.51 -13.27 -0.34
CA THR A 64 -1.23 -12.60 -0.22
C THR A 64 -0.75 -12.15 -1.58
N GLU A 65 -1.01 -12.92 -2.65
CA GLU A 65 -0.58 -12.51 -3.98
C GLU A 65 -1.55 -11.50 -4.51
N LEU A 66 -2.80 -11.48 -3.98
CA LEU A 66 -3.78 -10.53 -4.45
C LEU A 66 -3.46 -9.18 -3.85
N VAL A 67 -2.99 -9.17 -2.57
CA VAL A 67 -2.68 -7.91 -1.94
C VAL A 67 -1.44 -7.29 -2.60
N ARG A 68 -0.52 -8.11 -3.16
CA ARG A 68 0.66 -7.54 -3.80
C ARG A 68 0.28 -6.80 -5.08
N LEU A 69 -0.53 -7.46 -5.95
CA LEU A 69 -0.94 -6.83 -7.20
C LEU A 69 -1.77 -5.60 -6.95
N PHE A 70 -2.62 -5.63 -5.91
CA PHE A 70 -3.49 -4.51 -5.60
C PHE A 70 -2.68 -3.27 -5.29
N GLY A 71 -1.64 -3.41 -4.44
CA GLY A 71 -0.83 -2.27 -4.05
C GLY A 71 -0.13 -1.64 -5.22
N LYS A 72 0.37 -2.44 -6.18
CA LYS A 72 1.11 -1.86 -7.30
C LYS A 72 0.21 -0.99 -8.18
N LYS A 73 -1.01 -1.49 -8.52
CA LYS A 73 -1.91 -0.73 -9.40
C LYS A 73 -2.38 0.57 -8.79
N LEU A 74 -2.86 0.57 -7.53
CA LEU A 74 -3.40 1.78 -6.95
C LEU A 74 -2.32 2.81 -6.65
N PHE A 75 -1.13 2.38 -6.17
CA PHE A 75 -0.09 3.35 -5.84
C PHE A 75 0.39 4.10 -7.08
N VAL A 76 0.65 3.40 -8.21
CA VAL A 76 1.11 4.07 -9.41
C VAL A 76 -0.04 4.85 -10.00
N GLU A 77 -1.27 4.56 -9.53
CA GLU A 77 -2.43 5.27 -10.02
C GLU A 77 -2.38 6.68 -9.47
N LEU A 78 -1.96 6.84 -8.19
CA LEU A 78 -1.90 8.14 -7.58
C LEU A 78 -0.69 8.91 -8.09
N ILE A 79 0.39 8.21 -8.51
CA ILE A 79 1.58 8.93 -8.97
C ILE A 79 1.24 9.69 -10.22
N GLU A 80 0.69 9.01 -11.25
CA GLU A 80 0.33 9.70 -12.47
C GLU A 80 -0.95 10.49 -12.22
N GLY A 81 -1.65 10.19 -11.11
CA GLY A 81 -2.88 10.87 -10.78
C GLY A 81 -2.61 12.28 -10.35
N HIS A 82 -1.50 12.52 -9.59
CA HIS A 82 -1.25 13.85 -9.10
C HIS A 82 0.18 14.21 -9.36
N PRO A 83 0.35 15.02 -10.38
CA PRO A 83 1.67 15.48 -10.79
C PRO A 83 2.31 16.43 -9.82
N GLU A 84 1.51 17.09 -8.96
CA GLU A 84 2.08 18.00 -8.00
C GLU A 84 2.39 17.26 -6.73
N ILE A 85 1.92 16.00 -6.62
CA ILE A 85 2.17 15.25 -5.42
C ILE A 85 3.46 14.53 -5.60
N ALA A 86 3.89 14.32 -6.87
CA ALA A 86 5.13 13.65 -7.10
C ALA A 86 6.17 14.68 -7.48
N ASN A 87 5.72 15.91 -7.86
CA ASN A 87 6.65 16.96 -8.23
C ASN A 87 7.35 17.43 -6.98
N GLU A 88 6.59 17.57 -5.87
CA GLU A 88 7.18 18.04 -4.64
C GLU A 88 8.15 17.01 -4.09
N MET A 89 7.94 15.72 -4.38
CA MET A 89 8.82 14.69 -3.89
C MET A 89 10.05 14.63 -4.78
N LYS A 90 11.22 14.20 -4.22
CA LYS A 90 12.43 14.17 -5.01
C LYS A 90 12.96 12.75 -5.16
N ASP A 91 12.66 11.83 -4.22
CA ASP A 91 13.21 10.50 -4.33
C ASP A 91 12.49 9.61 -3.34
N SER A 92 12.81 8.30 -3.39
CA SER A 92 12.20 7.32 -2.50
C SER A 92 12.56 7.59 -1.05
N PHE A 93 13.85 7.89 -0.75
CA PHE A 93 14.23 8.12 0.63
C PHE A 93 13.58 9.39 1.12
N ASP A 94 13.54 10.44 0.27
CA ASP A 94 12.92 11.68 0.65
C ASP A 94 11.43 11.46 0.85
N LEU A 95 10.88 10.39 0.21
CA LEU A 95 9.47 10.08 0.34
C LEU A 95 9.17 9.71 1.77
N LEU A 96 10.02 8.85 2.39
CA LEU A 96 9.81 8.43 3.77
C LEU A 96 9.90 9.62 4.70
N SER A 97 10.80 10.57 4.41
CA SER A 97 10.98 11.72 5.29
C SER A 97 9.72 12.60 5.31
N LYS A 98 9.07 12.83 4.14
CA LYS A 98 7.92 13.72 4.09
C LYS A 98 6.63 12.92 4.03
N ILE A 99 6.70 11.58 4.24
CA ILE A 99 5.51 10.74 4.12
C ILE A 99 4.47 11.11 5.14
N ASP A 100 4.85 11.52 6.38
CA ASP A 100 3.83 11.82 7.35
C ASP A 100 3.83 13.29 7.63
N SER A 101 4.92 14.02 7.29
CA SER A 101 4.97 15.44 7.58
C SER A 101 3.91 16.18 6.79
N PHE A 102 3.77 15.92 5.47
CA PHE A 102 2.80 16.70 4.72
C PHE A 102 1.87 15.84 3.90
N ILE A 103 2.23 14.58 3.57
CA ILE A 103 1.35 13.78 2.74
C ILE A 103 0.11 13.37 3.49
N HIS A 104 0.26 12.81 4.71
CA HIS A 104 -0.90 12.36 5.43
C HIS A 104 -1.46 13.47 6.28
N VAL A 105 -0.87 14.69 6.19
CA VAL A 105 -1.41 15.79 6.97
C VAL A 105 -2.48 16.46 6.13
N GLU A 106 -2.27 16.48 4.80
CA GLU A 106 -3.25 17.07 3.91
C GLU A 106 -4.45 16.17 3.84
N VAL A 107 -4.20 14.84 3.77
CA VAL A 107 -5.28 13.88 3.67
C VAL A 107 -6.13 13.93 4.94
N TYR A 108 -5.48 13.94 6.13
CA TYR A 108 -6.20 13.97 7.40
C TYR A 108 -7.04 15.22 7.53
N LYS A 109 -6.48 16.41 7.24
CA LYS A 109 -7.25 17.65 7.38
C LYS A 109 -8.44 17.63 6.46
N LEU A 110 -8.28 17.08 5.24
CA LEU A 110 -9.38 17.05 4.31
C LEU A 110 -10.54 16.31 4.93
N TYR A 111 -10.48 14.96 5.01
CA TYR A 111 -11.58 14.26 5.61
C TYR A 111 -11.10 13.58 6.86
N PRO A 112 -11.86 13.75 7.92
CA PRO A 112 -11.56 13.17 9.22
C PRO A 112 -11.99 11.74 9.41
N GLN A 113 -12.69 11.15 8.41
CA GLN A 113 -13.13 9.78 8.53
C GLN A 113 -11.94 8.85 8.54
N ALA A 114 -10.89 9.17 7.74
CA ALA A 114 -9.73 8.32 7.66
C ALA A 114 -8.98 8.36 8.97
N GLU A 115 -8.35 7.21 9.33
CA GLU A 115 -7.60 7.14 10.55
C GLU A 115 -6.27 6.51 10.20
N LEU A 116 -5.16 7.08 10.73
CA LEU A 116 -3.86 6.55 10.41
C LEU A 116 -3.15 6.21 11.71
N PRO A 117 -2.21 5.29 11.60
CA PRO A 117 -1.40 4.82 12.72
C PRO A 117 -0.28 5.76 13.09
N LYS A 118 0.76 5.28 13.81
CA LYS A 118 1.84 6.16 14.20
C LYS A 118 3.12 5.63 13.62
N PHE A 119 4.03 6.54 13.18
CA PHE A 119 5.26 6.09 12.59
C PHE A 119 6.43 6.79 13.26
N THR A 120 7.51 6.02 13.54
CA THR A 120 8.70 6.60 14.13
C THR A 120 9.81 6.25 13.19
N CYS A 121 10.64 7.23 12.77
CA CYS A 121 11.69 6.91 11.84
C CYS A 121 13.03 7.09 12.50
N ASP A 122 13.88 6.04 12.42
CA ASP A 122 15.20 6.10 12.99
C ASP A 122 16.15 5.88 11.85
N ARG A 123 17.02 6.87 11.55
CA ARG A 123 17.95 6.72 10.46
C ARG A 123 19.26 6.23 11.02
N LEU A 124 19.69 5.02 10.59
CA LEU A 124 20.92 4.46 11.07
C LEU A 124 22.07 4.89 10.20
N GLY A 125 21.80 5.33 8.95
CA GLY A 125 22.89 5.72 8.10
C GLY A 125 22.33 6.17 6.78
N ASP A 126 23.13 5.98 5.71
CA ASP A 126 22.69 6.40 4.40
C ASP A 126 22.05 5.23 3.70
N ASN A 127 22.58 4.00 3.93
CA ASN A 127 22.02 2.85 3.28
C ASN A 127 21.19 2.05 4.26
N ASP A 128 21.09 2.53 5.52
CA ASP A 128 20.32 1.81 6.52
C ASP A 128 19.17 2.68 6.96
N ILE A 129 17.95 2.10 7.04
CA ILE A 129 16.79 2.85 7.46
C ILE A 129 15.89 1.91 8.25
N ARG A 130 15.34 2.42 9.38
CA ARG A 130 14.45 1.63 10.20
C ARG A 130 13.16 2.39 10.35
N LEU A 131 12.00 1.69 10.21
CA LEU A 131 10.75 2.36 10.38
C LEU A 131 9.91 1.56 11.36
N HIS A 132 9.40 2.27 12.39
CA HIS A 132 8.57 1.62 13.38
C HIS A 132 7.14 1.83 12.99
N TYR A 133 6.33 0.76 13.14
CA TYR A 133 4.95 0.83 12.78
C TYR A 133 4.16 0.39 13.99
N GLN A 134 3.31 1.28 14.54
CA GLN A 134 2.53 0.91 15.68
C GLN A 134 1.09 0.87 15.25
N SER A 135 0.49 -0.35 15.27
CA SER A 135 -0.89 -0.51 14.88
C SER A 135 -1.33 -1.87 15.36
N LYS A 136 -2.65 -2.01 15.64
CA LYS A 136 -3.16 -3.28 16.12
C LYS A 136 -3.62 -4.12 14.94
N ARG A 137 -3.40 -3.63 13.70
CA ARG A 137 -3.79 -4.38 12.53
C ARG A 137 -2.66 -4.28 11.55
N PRO A 138 -1.58 -4.98 11.84
CA PRO A 138 -0.39 -4.95 11.04
C PRO A 138 -0.24 -6.07 10.04
N PHE A 139 -0.39 -5.75 8.74
CA PHE A 139 -0.20 -6.75 7.72
C PHE A 139 1.03 -6.37 6.97
N ALA A 140 2.10 -7.20 7.09
CA ALA A 140 3.35 -6.93 6.42
C ALA A 140 3.18 -6.96 4.91
N SER A 141 2.36 -7.89 4.39
CA SER A 141 2.17 -7.99 2.96
C SER A 141 1.54 -6.74 2.39
N PHE A 142 0.75 -6.01 3.21
CA PHE A 142 0.08 -4.82 2.71
C PHE A 142 1.09 -3.70 2.59
N ALA A 143 1.92 -3.50 3.63
CA ALA A 143 2.89 -2.42 3.63
C ALA A 143 3.94 -2.61 2.55
N GLU A 144 4.41 -3.87 2.36
CA GLU A 144 5.43 -4.12 1.35
C GLU A 144 4.89 -3.79 -0.02
N GLY A 145 3.60 -4.08 -0.27
CA GLY A 145 3.03 -3.80 -1.57
C GLY A 145 3.11 -2.32 -1.86
N LEU A 146 2.82 -1.47 -0.86
CA LEU A 146 2.86 -0.02 -1.06
C LEU A 146 4.28 0.50 -1.23
N LEU A 147 5.28 0.00 -0.44
CA LEU A 147 6.63 0.53 -0.55
C LEU A 147 7.28 0.10 -1.84
N ASP A 148 7.09 -1.17 -2.24
CA ASP A 148 7.69 -1.67 -3.46
C ASP A 148 7.03 -1.04 -4.68
N GLY A 149 5.71 -0.73 -4.59
CA GLY A 149 5.02 -0.13 -5.72
C GLY A 149 5.65 1.20 -6.03
N CYS A 150 6.01 1.96 -4.97
CA CYS A 150 6.66 3.24 -5.15
C CYS A 150 7.97 3.03 -5.87
N ALA A 151 8.75 1.98 -5.48
CA ALA A 151 10.02 1.70 -6.12
C ALA A 151 9.78 1.08 -7.48
N GLU A 152 8.51 0.92 -7.86
CA GLU A 152 8.19 0.34 -9.14
C GLU A 152 8.19 1.45 -10.16
N TYR A 153 7.51 2.59 -9.85
CA TYR A 153 7.49 3.71 -10.78
C TYR A 153 8.89 4.27 -10.91
N PHE A 154 9.61 4.45 -9.78
CA PHE A 154 10.95 5.02 -9.82
C PHE A 154 11.93 4.06 -10.46
N LYS A 155 11.68 2.73 -10.36
CA LYS A 155 12.58 1.74 -10.92
C LYS A 155 13.82 1.69 -10.05
N GLU A 156 13.69 1.09 -8.85
CA GLU A 156 14.84 0.97 -7.97
C GLU A 156 14.57 -0.18 -7.06
N ASP A 157 15.45 -1.21 -7.10
CA ASP A 157 15.25 -2.37 -6.27
C ASP A 157 15.76 -2.14 -4.87
N PHE A 158 14.82 -1.97 -3.92
CA PHE A 158 15.17 -1.80 -2.53
C PHE A 158 14.65 -3.04 -1.84
N THR A 159 15.17 -3.38 -0.65
CA THR A 159 14.71 -4.59 0.00
C THR A 159 14.11 -4.23 1.34
N ILE A 160 12.88 -4.72 1.55
CA ILE A 160 12.19 -4.48 2.80
C ILE A 160 12.23 -5.78 3.57
N SER A 161 12.79 -5.75 4.81
CA SER A 161 12.89 -6.95 5.60
C SER A 161 12.12 -6.76 6.89
N ARG A 162 12.25 -7.74 7.81
CA ARG A 162 11.54 -7.69 9.07
C ARG A 162 12.44 -8.29 10.13
N THR A 163 12.24 -7.89 11.41
CA THR A 163 13.06 -8.46 12.46
C THR A 163 12.30 -9.60 13.08
N PRO A 164 13.03 -10.62 13.46
CA PRO A 164 12.46 -11.83 14.04
C PRO A 164 12.01 -11.70 15.47
N GLU A 165 12.40 -10.61 16.16
CA GLU A 165 12.01 -10.45 17.54
C GLU A 165 10.54 -10.11 17.62
N THR A 166 10.06 -9.21 16.72
CA THR A 166 8.67 -8.82 16.76
C THR A 166 7.95 -9.26 15.51
N GLN A 167 8.56 -10.19 14.72
CA GLN A 167 7.91 -10.67 13.52
C GLN A 167 6.66 -11.46 13.87
N ASP A 168 6.47 -11.82 15.15
CA ASP A 168 5.29 -12.58 15.50
C ASP A 168 4.62 -11.88 16.65
N SER A 169 4.54 -10.53 16.59
CA SER A 169 3.90 -9.80 17.65
C SER A 169 3.16 -8.64 17.01
N GLU A 170 1.98 -8.28 17.59
CA GLU A 170 1.20 -7.19 17.04
C GLU A 170 1.50 -5.94 17.84
N THR A 171 1.09 -4.77 17.29
CA THR A 171 1.30 -3.48 17.93
C THR A 171 2.67 -2.96 17.60
N ASP A 172 3.72 -3.75 17.96
CA ASP A 172 5.07 -3.30 17.71
C ASP A 172 5.68 -4.14 16.62
N VAL A 173 5.99 -3.49 15.46
CA VAL A 173 6.60 -4.20 14.36
C VAL A 173 7.75 -3.36 13.88
N ILE A 174 8.94 -3.98 13.66
CA ILE A 174 10.07 -3.21 13.18
C ILE A 174 10.50 -3.72 11.85
N PHE A 175 10.61 -2.77 10.88
CA PHE A 175 11.01 -3.10 9.53
C PHE A 175 12.38 -2.57 9.29
N ASN A 176 13.16 -3.32 8.50
CA ASN A 176 14.51 -2.94 8.17
C ASN A 176 14.58 -2.78 6.67
N ILE A 177 14.89 -1.55 6.19
CA ILE A 177 14.95 -1.32 4.76
C ILE A 177 16.40 -1.05 4.44
N THR A 178 16.99 -1.92 3.58
CA THR A 178 18.39 -1.79 3.22
C THR A 178 18.50 -1.70 1.73
N ARG A 179 19.44 -0.85 1.24
CA ARG A 179 19.63 -0.72 -0.20
C ARG A 179 20.69 -1.72 -0.59
N ALA A 180 20.31 -2.71 -1.43
CA ALA A 180 21.24 -3.71 -1.88
C ALA A 180 22.18 -3.07 -2.87
N PRO A 181 23.33 -3.67 -3.02
CA PRO A 181 24.34 -3.17 -3.94
C PRO A 181 23.87 -3.11 -5.35
N ARG A 182 23.89 -1.89 -5.92
CA ARG A 182 23.43 -1.70 -7.26
C ARG A 182 24.26 -0.63 -7.89
N GLY A 183 24.29 -0.60 -9.24
CA GLY A 183 25.06 0.40 -9.95
C GLY A 183 26.51 0.07 -9.81
N ALA A 184 26.94 -1.07 -10.41
CA ALA A 184 28.31 -1.50 -10.34
C ALA A 184 28.57 -2.08 -8.97
N GLU A 185 29.71 -2.79 -8.84
CA GLU A 185 30.05 -3.37 -7.57
C GLU A 185 30.96 -2.40 -6.85
N ASN A 186 31.45 -2.79 -5.66
CA ASN A 186 32.30 -1.91 -4.90
C ASN A 186 33.06 -2.75 -3.93
N LEU A 187 34.33 -3.05 -4.27
CA LEU A 187 35.14 -3.85 -3.38
C LEU A 187 36.21 -2.97 -2.81
N TYR A 188 37.24 -2.63 -3.63
CA TYR A 188 38.30 -1.79 -3.15
C TYR A 188 38.85 -1.03 -4.31
N PHE A 189 39.93 -1.56 -4.94
CA PHE A 189 40.52 -0.89 -6.06
C PHE A 189 40.38 -1.78 -7.26
N GLN A 190 40.14 -1.17 -8.43
CA GLN A 190 39.98 -1.94 -9.65
C GLN A 190 41.35 -2.46 -10.07
N MET A 1 -9.23 7.05 1.85
CA MET A 1 -10.62 7.04 1.34
C MET A 1 -10.98 5.67 0.83
N MET A 2 -12.11 5.11 1.34
CA MET A 2 -12.52 3.80 0.93
C MET A 2 -13.25 3.89 -0.39
N GLY A 3 -13.64 5.10 -0.82
CA GLY A 3 -14.34 5.24 -2.06
C GLY A 3 -13.37 5.05 -3.20
N MET A 4 -12.15 5.62 -3.07
CA MET A 4 -11.15 5.54 -4.11
C MET A 4 -10.63 4.13 -4.27
N VAL A 5 -10.43 3.39 -3.15
CA VAL A 5 -9.91 2.03 -3.28
C VAL A 5 -10.96 1.15 -3.93
N PHE A 6 -12.26 1.53 -3.84
CA PHE A 6 -13.31 0.74 -4.47
C PHE A 6 -13.23 0.89 -5.96
N THR A 7 -12.83 2.08 -6.46
CA THR A 7 -12.73 2.30 -7.89
C THR A 7 -11.63 1.41 -8.43
N GLY A 8 -10.50 1.30 -7.69
CA GLY A 8 -9.38 0.48 -8.10
C GLY A 8 -9.81 -0.96 -8.20
N LEU A 9 -10.66 -1.43 -7.27
CA LEU A 9 -11.11 -2.81 -7.26
C LEU A 9 -11.93 -3.12 -8.49
N MET A 10 -12.84 -2.20 -8.91
CA MET A 10 -13.68 -2.48 -10.07
C MET A 10 -12.85 -2.64 -11.33
N GLU A 11 -11.82 -1.80 -11.51
CA GLU A 11 -11.01 -1.86 -12.71
C GLU A 11 -10.19 -3.14 -12.77
N LEU A 12 -9.62 -3.58 -11.64
CA LEU A 12 -8.79 -4.78 -11.61
C LEU A 12 -9.57 -6.04 -11.91
N ILE A 13 -10.78 -6.23 -11.33
CA ILE A 13 -11.49 -7.49 -11.54
C ILE A 13 -12.06 -7.58 -12.94
N GLU A 14 -12.57 -6.45 -13.49
CA GLU A 14 -13.19 -6.48 -14.80
C GLU A 14 -12.17 -6.72 -15.90
N ASP A 15 -11.01 -6.04 -15.80
CA ASP A 15 -10.00 -6.12 -16.84
C ASP A 15 -9.29 -7.46 -16.90
N GLU A 16 -9.01 -8.11 -15.75
CA GLU A 16 -8.23 -9.33 -15.80
C GLU A 16 -9.06 -10.59 -15.89
N PHE A 17 -10.26 -10.66 -15.29
CA PHE A 17 -10.96 -11.93 -15.35
C PHE A 17 -12.25 -11.85 -16.13
N GLY A 18 -12.96 -10.72 -16.12
CA GLY A 18 -14.19 -10.69 -16.88
C GLY A 18 -15.21 -9.82 -16.20
N TYR A 19 -16.38 -9.69 -16.85
CA TYR A 19 -17.42 -8.85 -16.34
C TYR A 19 -18.43 -9.74 -15.67
N GLU A 20 -18.49 -11.04 -16.06
CA GLU A 20 -19.41 -11.96 -15.42
C GLU A 20 -18.92 -12.20 -14.01
N THR A 21 -17.58 -12.32 -13.86
CA THR A 21 -16.99 -12.52 -12.55
C THR A 21 -17.19 -11.26 -11.75
N LEU A 22 -17.07 -10.10 -12.43
CA LEU A 22 -17.26 -8.81 -11.79
C LEU A 22 -18.67 -8.73 -11.22
N ASP A 23 -19.66 -9.28 -11.96
CA ASP A 23 -21.06 -9.23 -11.52
C ASP A 23 -21.25 -10.03 -10.25
N THR A 24 -20.54 -11.18 -10.09
CA THR A 24 -20.72 -11.99 -8.90
C THR A 24 -20.24 -11.21 -7.70
N LEU A 25 -19.12 -10.46 -7.87
CA LEU A 25 -18.56 -9.68 -6.78
C LEU A 25 -19.56 -8.62 -6.33
N LEU A 26 -20.29 -8.01 -7.30
CA LEU A 26 -21.24 -6.97 -6.96
C LEU A 26 -22.46 -7.56 -6.31
N GLU A 27 -22.66 -8.89 -6.39
CA GLU A 27 -23.81 -9.47 -5.76
C GLU A 27 -23.49 -9.78 -4.31
N SER A 28 -22.21 -10.06 -4.00
CA SER A 28 -21.81 -10.34 -2.64
C SER A 28 -21.99 -9.08 -1.81
N CYS A 29 -21.68 -7.89 -2.39
CA CYS A 29 -21.82 -6.67 -1.61
C CYS A 29 -23.21 -6.13 -1.84
N GLU A 30 -23.69 -6.21 -3.10
CA GLU A 30 -25.02 -5.75 -3.48
C GLU A 30 -24.94 -4.27 -3.78
N LEU A 31 -25.52 -3.86 -4.93
CA LEU A 31 -25.50 -2.46 -5.31
C LEU A 31 -26.72 -1.80 -4.75
N GLN A 32 -26.99 -0.56 -5.23
CA GLN A 32 -28.13 0.17 -4.76
C GLN A 32 -28.51 1.11 -5.86
N SER A 33 -27.58 2.04 -6.21
CA SER A 33 -27.87 2.99 -7.25
C SER A 33 -27.19 2.55 -8.51
N GLU A 34 -25.84 2.59 -8.56
CA GLU A 34 -25.15 2.21 -9.77
C GLU A 34 -23.97 1.35 -9.41
N GLY A 35 -23.22 1.75 -8.35
CA GLY A 35 -22.08 0.96 -7.96
C GLY A 35 -20.85 1.82 -7.97
N ILE A 36 -20.77 2.80 -8.90
CA ILE A 36 -19.60 3.65 -8.94
C ILE A 36 -20.05 5.03 -8.53
N TYR A 37 -19.78 5.44 -7.27
CA TYR A 37 -20.18 6.74 -6.80
C TYR A 37 -18.97 7.65 -6.77
N THR A 38 -17.84 7.19 -7.37
CA THR A 38 -16.62 7.99 -7.37
C THR A 38 -16.02 7.84 -5.99
N SER A 39 -14.97 8.63 -5.64
CA SER A 39 -14.35 8.49 -4.34
C SER A 39 -14.90 9.53 -3.39
N VAL A 40 -16.23 9.63 -3.29
CA VAL A 40 -16.82 10.60 -2.40
C VAL A 40 -17.41 9.90 -1.19
N GLY A 41 -17.53 8.54 -1.21
CA GLY A 41 -18.13 7.87 -0.09
C GLY A 41 -17.08 7.14 0.70
N SER A 42 -17.40 6.84 2.00
CA SER A 42 -16.47 6.13 2.85
C SER A 42 -17.21 4.97 3.45
N TYR A 43 -16.60 3.76 3.44
CA TYR A 43 -17.25 2.60 3.99
C TYR A 43 -16.37 2.04 5.07
N ASP A 44 -16.88 1.00 5.79
CA ASP A 44 -16.12 0.40 6.87
C ASP A 44 -15.07 -0.51 6.27
N HIS A 45 -14.32 -1.22 7.14
CA HIS A 45 -13.28 -2.09 6.66
C HIS A 45 -13.83 -3.48 6.47
N GLN A 46 -15.02 -3.76 7.06
CA GLN A 46 -15.62 -5.06 6.89
C GLN A 46 -16.04 -5.18 5.45
N GLU A 47 -16.35 -4.02 4.82
CA GLU A 47 -16.75 -3.97 3.43
C GLU A 47 -15.61 -4.48 2.57
N LEU A 48 -14.36 -4.07 2.91
CA LEU A 48 -13.18 -4.48 2.16
C LEU A 48 -12.94 -5.96 2.35
N LEU A 49 -13.15 -6.47 3.57
CA LEU A 49 -12.88 -7.86 3.87
C LEU A 49 -13.89 -8.75 3.18
N GLN A 50 -15.16 -8.30 3.09
CA GLN A 50 -16.18 -9.12 2.47
C GLN A 50 -15.86 -9.32 1.00
N LEU A 51 -15.39 -8.26 0.28
CA LEU A 51 -15.10 -8.42 -1.13
C LEU A 51 -13.76 -9.08 -1.34
N VAL A 52 -12.87 -9.06 -0.32
CA VAL A 52 -11.58 -9.67 -0.48
C VAL A 52 -11.74 -11.17 -0.33
N VAL A 53 -12.62 -11.59 0.60
CA VAL A 53 -12.87 -13.00 0.81
C VAL A 53 -13.58 -13.58 -0.41
N LYS A 54 -14.57 -12.84 -0.99
CA LYS A 54 -15.28 -13.36 -2.14
C LYS A 54 -14.30 -13.50 -3.30
N LEU A 55 -13.23 -12.66 -3.31
CA LEU A 55 -12.25 -12.73 -4.37
C LEU A 55 -11.49 -14.04 -4.28
N SER A 56 -11.18 -14.51 -3.05
CA SER A 56 -10.43 -15.75 -2.91
C SER A 56 -11.30 -16.95 -3.25
N GLU A 57 -12.65 -16.80 -3.25
CA GLU A 57 -13.49 -17.95 -3.56
C GLU A 57 -13.97 -17.91 -4.99
N VAL A 58 -14.30 -16.72 -5.53
CA VAL A 58 -14.82 -16.63 -6.88
C VAL A 58 -13.75 -16.89 -7.92
N SER A 59 -12.49 -16.45 -7.67
CA SER A 59 -11.47 -16.65 -8.68
C SER A 59 -10.44 -17.64 -8.18
N SER A 60 -10.53 -18.03 -6.88
CA SER A 60 -9.58 -18.98 -6.33
C SER A 60 -8.20 -18.35 -6.33
N VAL A 61 -8.11 -17.11 -5.82
CA VAL A 61 -6.83 -16.44 -5.79
C VAL A 61 -6.45 -16.28 -4.34
N PRO A 62 -5.21 -16.57 -4.03
CA PRO A 62 -4.69 -16.45 -2.68
C PRO A 62 -4.74 -15.05 -2.15
N VAL A 63 -4.91 -14.93 -0.82
CA VAL A 63 -5.03 -13.62 -0.20
C VAL A 63 -3.69 -12.92 -0.10
N THR A 64 -2.55 -13.62 -0.33
CA THR A 64 -1.29 -12.93 -0.20
C THR A 64 -0.82 -12.47 -1.56
N GLU A 65 -1.10 -13.25 -2.63
CA GLU A 65 -0.69 -12.84 -3.96
C GLU A 65 -1.64 -11.76 -4.45
N LEU A 66 -2.86 -11.72 -3.88
CA LEU A 66 -3.83 -10.74 -4.31
C LEU A 66 -3.49 -9.42 -3.65
N VAL A 67 -3.02 -9.45 -2.38
CA VAL A 67 -2.68 -8.21 -1.71
C VAL A 67 -1.47 -7.57 -2.37
N ARG A 68 -0.57 -8.38 -3.02
CA ARG A 68 0.60 -7.81 -3.66
C ARG A 68 0.21 -7.06 -4.92
N LEU A 69 -0.57 -7.71 -5.82
CA LEU A 69 -0.97 -7.07 -7.07
C LEU A 69 -1.82 -5.84 -6.81
N PHE A 70 -2.67 -5.89 -5.76
CA PHE A 70 -3.54 -4.77 -5.45
C PHE A 70 -2.74 -3.53 -5.13
N GLY A 71 -1.70 -3.66 -4.27
CA GLY A 71 -0.90 -2.52 -3.87
C GLY A 71 -0.21 -1.87 -5.04
N LYS A 72 0.29 -2.68 -6.01
CA LYS A 72 1.02 -2.11 -7.14
C LYS A 72 0.13 -1.21 -7.99
N LYS A 73 -1.08 -1.68 -8.37
CA LYS A 73 -1.97 -0.89 -9.23
C LYS A 73 -2.43 0.41 -8.60
N LEU A 74 -2.90 0.39 -7.33
CA LEU A 74 -3.43 1.61 -6.74
C LEU A 74 -2.35 2.64 -6.48
N PHE A 75 -1.13 2.22 -6.03
CA PHE A 75 -0.08 3.19 -5.73
C PHE A 75 0.34 3.96 -6.98
N VAL A 76 0.59 3.25 -8.12
CA VAL A 76 1.02 3.94 -9.33
C VAL A 76 -0.14 4.73 -9.89
N GLU A 77 -1.36 4.46 -9.39
CA GLU A 77 -2.53 5.18 -9.86
C GLU A 77 -2.48 6.57 -9.28
N LEU A 78 -2.02 6.70 -8.01
CA LEU A 78 -1.95 8.01 -7.37
C LEU A 78 -0.78 8.79 -7.92
N ILE A 79 0.31 8.13 -8.36
CA ILE A 79 1.47 8.85 -8.85
C ILE A 79 1.11 9.60 -10.11
N GLU A 80 0.55 8.90 -11.12
CA GLU A 80 0.16 9.60 -12.33
C GLU A 80 -1.10 10.39 -12.08
N GLY A 81 -1.80 10.07 -10.97
CA GLY A 81 -3.03 10.75 -10.64
C GLY A 81 -2.76 12.17 -10.19
N HIS A 82 -1.65 12.43 -9.47
CA HIS A 82 -1.41 13.76 -8.97
C HIS A 82 0.00 14.16 -9.32
N PRO A 83 0.08 15.03 -10.30
CA PRO A 83 1.35 15.55 -10.78
C PRO A 83 2.06 16.44 -9.79
N GLU A 84 1.30 17.09 -8.88
CA GLU A 84 1.94 17.96 -7.91
C GLU A 84 2.29 17.15 -6.69
N ILE A 85 1.85 15.87 -6.64
CA ILE A 85 2.13 15.06 -5.48
C ILE A 85 3.43 14.36 -5.75
N ALA A 86 3.83 14.24 -7.04
CA ALA A 86 5.06 13.57 -7.34
C ALA A 86 6.12 14.63 -7.64
N ASN A 87 5.68 15.85 -8.07
CA ASN A 87 6.63 16.90 -8.36
C ASN A 87 7.27 17.39 -7.08
N GLU A 88 6.49 17.47 -5.97
CA GLU A 88 7.04 17.94 -4.71
C GLU A 88 8.11 16.98 -4.20
N MET A 89 7.93 15.65 -4.44
CA MET A 89 8.87 14.67 -3.96
C MET A 89 10.03 14.58 -4.95
N LYS A 90 11.24 14.20 -4.47
CA LYS A 90 12.39 14.16 -5.34
C LYS A 90 12.95 12.76 -5.45
N ASP A 91 12.68 11.86 -4.47
CA ASP A 91 13.26 10.54 -4.55
C ASP A 91 12.53 9.66 -3.55
N SER A 92 12.82 8.34 -3.62
CA SER A 92 12.18 7.38 -2.73
C SER A 92 12.60 7.59 -1.29
N PHE A 93 13.90 7.89 -1.02
CA PHE A 93 14.33 8.08 0.35
C PHE A 93 13.67 9.34 0.88
N ASP A 94 13.59 10.40 0.04
CA ASP A 94 12.95 11.63 0.46
C ASP A 94 11.49 11.38 0.70
N LEU A 95 10.92 10.32 0.06
CA LEU A 95 9.53 9.99 0.24
C LEU A 95 9.28 9.61 1.68
N LEU A 96 10.15 8.75 2.26
CA LEU A 96 9.99 8.33 3.65
C LEU A 96 10.04 9.53 4.57
N SER A 97 10.93 10.50 4.27
CA SER A 97 11.05 11.67 5.12
C SER A 97 9.78 12.52 5.05
N LYS A 98 9.19 12.65 3.83
CA LYS A 98 8.01 13.50 3.63
C LYS A 98 6.72 12.76 3.94
N ILE A 99 6.78 11.46 4.33
CA ILE A 99 5.56 10.70 4.57
C ILE A 99 4.71 11.30 5.68
N ASP A 100 5.30 11.67 6.84
CA ASP A 100 4.48 12.18 7.90
C ASP A 100 4.41 13.68 7.89
N SER A 101 5.41 14.36 7.30
CA SER A 101 5.42 15.81 7.30
C SER A 101 4.25 16.40 6.52
N PHE A 102 3.96 15.94 5.28
CA PHE A 102 2.87 16.59 4.57
C PHE A 102 1.96 15.64 3.83
N ILE A 103 2.34 14.37 3.59
CA ILE A 103 1.45 13.50 2.83
C ILE A 103 0.21 13.14 3.64
N HIS A 104 0.38 12.68 4.90
CA HIS A 104 -0.77 12.27 5.67
C HIS A 104 -1.33 13.44 6.42
N VAL A 105 -0.73 14.65 6.28
CA VAL A 105 -1.25 15.81 6.97
C VAL A 105 -2.36 16.37 6.13
N GLU A 106 -2.13 16.45 4.80
CA GLU A 106 -3.13 16.98 3.90
C GLU A 106 -4.30 16.05 3.85
N VAL A 107 -4.04 14.71 3.81
CA VAL A 107 -5.11 13.74 3.73
C VAL A 107 -5.99 13.82 4.97
N TYR A 108 -5.37 13.90 6.17
CA TYR A 108 -6.12 13.95 7.42
C TYR A 108 -7.02 15.17 7.47
N LYS A 109 -6.49 16.38 7.13
CA LYS A 109 -7.30 17.58 7.20
C LYS A 109 -8.44 17.51 6.21
N LEU A 110 -8.21 16.88 5.03
CA LEU A 110 -9.24 16.80 4.03
C LEU A 110 -10.45 16.11 4.61
N TYR A 111 -10.43 14.78 4.84
CA TYR A 111 -11.61 14.16 5.38
C TYR A 111 -11.27 13.49 6.69
N PRO A 112 -12.22 13.56 7.60
CA PRO A 112 -12.08 13.00 8.94
C PRO A 112 -12.46 11.54 9.10
N GLN A 113 -12.94 10.87 8.02
CA GLN A 113 -13.32 9.47 8.18
C GLN A 113 -12.10 8.60 8.05
N ALA A 114 -10.96 9.20 7.67
CA ALA A 114 -9.75 8.42 7.51
C ALA A 114 -9.10 8.26 8.87
N GLU A 115 -8.48 7.08 9.11
CA GLU A 115 -7.81 6.85 10.38
C GLU A 115 -6.35 6.57 10.09
N LEU A 116 -5.46 7.05 10.99
CA LEU A 116 -4.03 6.86 10.79
C LEU A 116 -3.42 6.30 12.05
N PRO A 117 -2.34 5.56 11.86
CA PRO A 117 -1.58 4.94 12.94
C PRO A 117 -0.45 5.80 13.44
N LYS A 118 0.62 5.19 14.04
CA LYS A 118 1.72 6.00 14.52
C LYS A 118 2.98 5.53 13.85
N PHE A 119 3.89 6.48 13.49
CA PHE A 119 5.11 6.10 12.82
C PHE A 119 6.28 6.78 13.47
N THR A 120 7.39 6.02 13.67
CA THR A 120 8.59 6.59 14.23
C THR A 120 9.69 6.23 13.27
N CYS A 121 10.50 7.21 12.82
CA CYS A 121 11.54 6.89 11.86
C CYS A 121 12.88 7.22 12.46
N ASP A 122 13.81 6.23 12.41
CA ASP A 122 15.14 6.44 12.91
C ASP A 122 16.08 6.22 11.77
N ARG A 123 17.03 7.16 11.54
CA ARG A 123 17.95 7.01 10.44
C ARG A 123 19.28 6.56 11.01
N LEU A 124 19.73 5.35 10.61
CA LEU A 124 20.98 4.83 11.10
C LEU A 124 22.11 5.39 10.27
N GLY A 125 21.86 5.73 9.00
CA GLY A 125 22.94 6.23 8.18
C GLY A 125 22.43 6.54 6.81
N ASP A 126 23.29 6.26 5.80
CA ASP A 126 22.92 6.56 4.43
C ASP A 126 22.26 5.36 3.81
N ASN A 127 22.84 4.16 4.01
CA ASN A 127 22.27 2.97 3.40
C ASN A 127 21.43 2.21 4.40
N ASP A 128 21.27 2.74 5.63
CA ASP A 128 20.47 2.05 6.63
C ASP A 128 19.32 2.93 7.05
N ILE A 129 18.10 2.35 7.10
CA ILE A 129 16.93 3.09 7.50
C ILE A 129 16.06 2.17 8.32
N ARG A 130 15.49 2.68 9.44
CA ARG A 130 14.62 1.88 10.27
C ARG A 130 13.27 2.51 10.30
N LEU A 131 12.23 1.66 10.20
CA LEU A 131 10.87 2.13 10.19
C LEU A 131 10.11 1.40 11.28
N HIS A 132 9.57 2.18 12.25
CA HIS A 132 8.81 1.60 13.34
C HIS A 132 7.35 1.77 13.01
N TYR A 133 6.56 0.70 13.21
CA TYR A 133 5.16 0.78 12.89
C TYR A 133 4.40 0.31 14.11
N GLN A 134 3.51 1.18 14.66
CA GLN A 134 2.73 0.80 15.81
C GLN A 134 1.29 0.78 15.38
N SER A 135 0.70 -0.45 15.35
CA SER A 135 -0.68 -0.59 14.96
C SER A 135 -1.12 -1.99 15.34
N LYS A 136 -2.44 -2.18 15.52
CA LYS A 136 -2.96 -3.47 15.89
C LYS A 136 -3.29 -4.25 14.63
N ARG A 137 -2.95 -3.69 13.44
CA ARG A 137 -3.24 -4.37 12.20
C ARG A 137 -1.97 -4.36 11.39
N PRO A 138 -1.04 -5.20 11.78
CA PRO A 138 0.25 -5.30 11.13
C PRO A 138 0.37 -6.38 10.10
N PHE A 139 0.04 -6.06 8.82
CA PHE A 139 0.20 -7.05 7.78
C PHE A 139 1.39 -6.64 6.97
N ALA A 140 2.46 -7.44 7.05
CA ALA A 140 3.69 -7.14 6.33
C ALA A 140 3.48 -7.18 4.84
N SER A 141 2.64 -8.12 4.35
CA SER A 141 2.41 -8.23 2.92
C SER A 141 1.80 -6.96 2.38
N PHE A 142 0.97 -6.26 3.18
CA PHE A 142 0.31 -5.06 2.70
C PHE A 142 1.30 -3.93 2.58
N ALA A 143 2.14 -3.73 3.64
CA ALA A 143 3.10 -2.64 3.63
C ALA A 143 4.12 -2.81 2.54
N GLU A 144 4.61 -4.05 2.30
CA GLU A 144 5.61 -4.28 1.28
C GLU A 144 5.06 -3.94 -0.09
N GLY A 145 3.76 -4.23 -0.32
CA GLY A 145 3.16 -3.97 -1.60
C GLY A 145 3.23 -2.48 -1.91
N LEU A 146 2.94 -1.62 -0.91
CA LEU A 146 2.99 -0.18 -1.13
C LEU A 146 4.40 0.35 -1.32
N LEU A 147 5.41 -0.13 -0.53
CA LEU A 147 6.75 0.42 -0.67
C LEU A 147 7.40 -0.01 -1.96
N ASP A 148 7.24 -1.28 -2.35
CA ASP A 148 7.84 -1.77 -3.56
C ASP A 148 7.15 -1.18 -4.78
N GLY A 149 5.84 -0.86 -4.68
CA GLY A 149 5.12 -0.28 -5.80
C GLY A 149 5.75 1.06 -6.12
N CYS A 150 6.12 1.80 -5.06
CA CYS A 150 6.75 3.09 -5.23
C CYS A 150 8.05 2.91 -6.01
N ALA A 151 8.85 1.85 -5.68
CA ALA A 151 10.10 1.62 -6.38
C ALA A 151 9.82 1.06 -7.76
N GLU A 152 8.53 0.85 -8.07
CA GLU A 152 8.16 0.34 -9.37
C GLU A 152 8.09 1.49 -10.34
N TYR A 153 7.43 2.61 -9.96
CA TYR A 153 7.35 3.74 -10.85
C TYR A 153 8.73 4.36 -11.02
N PHE A 154 9.50 4.52 -9.91
CA PHE A 154 10.82 5.13 -9.99
C PHE A 154 11.78 4.22 -10.71
N LYS A 155 11.55 2.88 -10.68
CA LYS A 155 12.46 1.94 -11.32
C LYS A 155 13.74 1.93 -10.54
N GLU A 156 13.70 1.31 -9.33
CA GLU A 156 14.88 1.25 -8.51
C GLU A 156 14.89 -0.09 -7.81
N ASP A 157 15.78 -0.24 -6.79
CA ASP A 157 15.84 -1.49 -6.09
C ASP A 157 16.07 -1.21 -4.62
N PHE A 158 15.09 -1.61 -3.79
CA PHE A 158 15.19 -1.42 -2.36
C PHE A 158 14.75 -2.72 -1.74
N THR A 159 15.27 -3.07 -0.54
CA THR A 159 14.88 -4.31 0.07
C THR A 159 14.27 -4.00 1.42
N ILE A 160 13.05 -4.53 1.65
CA ILE A 160 12.37 -4.32 2.91
C ILE A 160 12.45 -5.62 3.68
N SER A 161 13.02 -5.56 4.92
CA SER A 161 13.16 -6.75 5.73
C SER A 161 12.41 -6.56 7.02
N ARG A 162 12.57 -7.55 7.94
CA ARG A 162 11.89 -7.53 9.21
C ARG A 162 12.79 -8.19 10.21
N THR A 163 12.61 -7.89 11.52
CA THR A 163 13.44 -8.53 12.53
C THR A 163 12.61 -9.64 13.15
N PRO A 164 13.29 -10.70 13.50
CA PRO A 164 12.67 -11.88 14.09
C PRO A 164 12.26 -11.74 15.53
N GLU A 165 12.68 -10.65 16.20
CA GLU A 165 12.31 -10.49 17.59
C GLU A 165 10.84 -10.16 17.69
N THR A 166 10.33 -9.30 16.79
CA THR A 166 8.94 -8.93 16.84
C THR A 166 8.24 -9.34 15.59
N GLN A 167 8.84 -10.23 14.77
CA GLN A 167 8.18 -10.69 13.56
C GLN A 167 6.96 -11.52 13.92
N ASP A 168 6.79 -11.90 15.21
CA ASP A 168 5.64 -12.70 15.55
C ASP A 168 4.93 -12.00 16.69
N SER A 169 4.88 -10.65 16.65
CA SER A 169 4.21 -9.90 17.69
C SER A 169 3.41 -8.81 17.04
N GLU A 170 2.25 -8.47 17.64
CA GLU A 170 1.41 -7.43 17.09
C GLU A 170 1.67 -6.15 17.84
N THR A 171 1.23 -4.99 17.25
CA THR A 171 1.41 -3.68 17.86
C THR A 171 2.80 -3.16 17.58
N ASP A 172 3.83 -3.93 17.95
CA ASP A 172 5.19 -3.45 17.74
C ASP A 172 5.85 -4.27 16.66
N VAL A 173 6.22 -3.62 15.53
CA VAL A 173 6.90 -4.32 14.47
C VAL A 173 8.11 -3.49 14.09
N ILE A 174 9.27 -4.16 13.94
CA ILE A 174 10.49 -3.45 13.59
C ILE A 174 10.83 -3.79 12.17
N PHE A 175 10.98 -2.74 11.33
CA PHE A 175 11.30 -2.93 9.94
C PHE A 175 12.69 -2.42 9.68
N ASN A 176 13.32 -3.00 8.65
CA ASN A 176 14.68 -2.63 8.30
C ASN A 176 14.72 -2.53 6.80
N ILE A 177 15.02 -1.30 6.28
CA ILE A 177 15.08 -1.11 4.85
C ILE A 177 16.52 -0.83 4.52
N THR A 178 17.13 -1.71 3.69
CA THR A 178 18.54 -1.56 3.34
C THR A 178 18.64 -1.41 1.85
N ARG A 179 19.62 -0.57 1.38
CA ARG A 179 19.80 -0.37 -0.05
C ARG A 179 20.77 -1.43 -0.49
N ALA A 180 20.28 -2.36 -1.36
CA ALA A 180 21.11 -3.43 -1.86
C ALA A 180 22.27 -2.84 -2.61
N PRO A 181 23.38 -3.55 -2.54
CA PRO A 181 24.63 -3.15 -3.17
C PRO A 181 24.48 -2.81 -4.63
N ARG A 182 24.97 -1.61 -4.99
CA ARG A 182 24.89 -1.19 -6.36
C ARG A 182 26.29 -1.20 -6.93
N GLY A 183 27.18 -1.98 -6.29
CA GLY A 183 28.54 -2.04 -6.76
C GLY A 183 29.41 -2.27 -5.57
N ALA A 184 30.57 -1.57 -5.53
CA ALA A 184 31.47 -1.70 -4.42
C ALA A 184 30.93 -0.87 -3.29
N GLU A 185 31.51 -1.04 -2.10
CA GLU A 185 31.04 -0.29 -0.96
C GLU A 185 32.17 0.57 -0.50
N ASN A 186 32.02 1.91 -0.66
CA ASN A 186 33.06 2.81 -0.23
C ASN A 186 32.53 3.61 0.93
N LEU A 187 33.23 3.54 2.08
CA LEU A 187 32.79 4.28 3.23
C LEU A 187 33.62 5.54 3.30
N TYR A 188 34.85 5.44 3.85
CA TYR A 188 35.69 6.61 3.95
C TYR A 188 37.10 6.18 3.65
N PHE A 189 37.80 5.64 4.67
CA PHE A 189 39.17 5.21 4.46
C PHE A 189 39.27 3.79 4.92
N GLN A 190 40.13 3.00 4.25
CA GLN A 190 40.29 1.63 4.63
C GLN A 190 41.45 1.55 5.63
N MET A 1 -9.41 6.63 2.57
CA MET A 1 -10.24 6.91 1.36
C MET A 1 -10.58 5.61 0.67
N MET A 2 -11.67 4.97 1.12
CA MET A 2 -12.08 3.69 0.56
C MET A 2 -12.85 3.91 -0.72
N GLY A 3 -13.15 5.18 -1.07
CA GLY A 3 -13.89 5.42 -2.29
C GLY A 3 -13.01 5.18 -3.48
N MET A 4 -11.77 5.73 -3.44
CA MET A 4 -10.86 5.59 -4.55
C MET A 4 -10.33 4.18 -4.66
N VAL A 5 -10.11 3.49 -3.52
CA VAL A 5 -9.60 2.13 -3.59
C VAL A 5 -10.65 1.22 -4.16
N PHE A 6 -11.95 1.60 -4.04
CA PHE A 6 -13.00 0.77 -4.58
C PHE A 6 -12.96 0.85 -6.09
N THR A 7 -12.60 2.03 -6.64
CA THR A 7 -12.54 2.20 -8.08
C THR A 7 -11.44 1.32 -8.62
N GLY A 8 -10.29 1.26 -7.90
CA GLY A 8 -9.16 0.45 -8.33
C GLY A 8 -9.54 -1.00 -8.41
N LEU A 9 -10.37 -1.47 -7.44
CA LEU A 9 -10.79 -2.86 -7.41
C LEU A 9 -11.64 -3.19 -8.61
N MET A 10 -12.54 -2.29 -9.02
CA MET A 10 -13.42 -2.56 -10.16
C MET A 10 -12.61 -2.76 -11.43
N GLU A 11 -11.57 -1.91 -11.65
CA GLU A 11 -10.79 -2.01 -12.86
C GLU A 11 -10.01 -3.30 -12.93
N LEU A 12 -9.42 -3.74 -11.79
CA LEU A 12 -8.63 -4.96 -11.77
C LEU A 12 -9.43 -6.21 -12.06
N ILE A 13 -10.65 -6.37 -11.48
CA ILE A 13 -11.39 -7.61 -11.68
C ILE A 13 -11.99 -7.67 -13.07
N GLU A 14 -12.49 -6.52 -13.60
CA GLU A 14 -13.15 -6.51 -14.88
C GLU A 14 -12.18 -6.80 -16.01
N ASP A 15 -10.99 -6.18 -15.95
CA ASP A 15 -10.00 -6.34 -17.00
C ASP A 15 -9.39 -7.73 -17.00
N GLU A 16 -9.21 -8.33 -15.81
CA GLU A 16 -8.54 -9.61 -15.73
C GLU A 16 -9.37 -10.75 -16.28
N PHE A 17 -10.66 -10.90 -15.87
CA PHE A 17 -11.38 -12.06 -16.35
C PHE A 17 -12.71 -11.72 -16.98
N GLY A 18 -13.31 -10.55 -16.72
CA GLY A 18 -14.58 -10.29 -17.33
C GLY A 18 -15.48 -9.60 -16.37
N TYR A 19 -16.71 -9.28 -16.84
CA TYR A 19 -17.64 -8.57 -16.01
C TYR A 19 -18.56 -9.56 -15.35
N GLU A 20 -18.55 -10.84 -15.80
CA GLU A 20 -19.41 -11.83 -15.17
C GLU A 20 -18.85 -12.11 -13.79
N THR A 21 -17.50 -12.23 -13.70
CA THR A 21 -16.85 -12.48 -12.43
C THR A 21 -16.99 -11.25 -11.59
N LEU A 22 -16.87 -10.06 -12.23
CA LEU A 22 -16.99 -8.80 -11.52
C LEU A 22 -18.38 -8.71 -10.90
N ASP A 23 -19.41 -9.20 -11.64
CA ASP A 23 -20.79 -9.14 -11.17
C ASP A 23 -20.96 -9.98 -9.92
N THR A 24 -20.27 -11.14 -9.82
CA THR A 24 -20.43 -12.00 -8.64
C THR A 24 -19.95 -11.26 -7.42
N LEU A 25 -18.83 -10.53 -7.54
CA LEU A 25 -18.30 -9.79 -6.42
C LEU A 25 -19.28 -8.71 -5.99
N LEU A 26 -19.95 -8.05 -6.97
CA LEU A 26 -20.88 -6.99 -6.62
C LEU A 26 -22.13 -7.58 -5.99
N GLU A 27 -22.35 -8.90 -6.08
CA GLU A 27 -23.51 -9.48 -5.45
C GLU A 27 -23.19 -9.80 -4.02
N SER A 28 -21.91 -10.11 -3.71
CA SER A 28 -21.52 -10.40 -2.35
C SER A 28 -21.68 -9.15 -1.51
N CYS A 29 -21.38 -7.96 -2.09
CA CYS A 29 -21.50 -6.74 -1.31
C CYS A 29 -22.88 -6.19 -1.53
N GLU A 30 -23.39 -6.30 -2.79
CA GLU A 30 -24.72 -5.84 -3.15
C GLU A 30 -24.63 -4.38 -3.50
N LEU A 31 -25.23 -4.00 -4.65
CA LEU A 31 -25.22 -2.61 -5.07
C LEU A 31 -26.42 -1.93 -4.50
N GLN A 32 -26.69 -0.70 -5.00
CA GLN A 32 -27.83 0.04 -4.52
C GLN A 32 -28.24 0.95 -5.64
N SER A 33 -27.37 1.93 -5.96
CA SER A 33 -27.68 2.85 -7.03
C SER A 33 -27.05 2.38 -8.30
N GLU A 34 -25.69 2.29 -8.33
CA GLU A 34 -25.03 1.86 -9.53
C GLU A 34 -23.87 0.99 -9.14
N GLY A 35 -23.11 1.39 -8.11
CA GLY A 35 -21.99 0.59 -7.69
C GLY A 35 -20.74 1.43 -7.78
N ILE A 36 -20.63 2.25 -8.85
CA ILE A 36 -19.46 3.08 -8.99
C ILE A 36 -19.88 4.50 -8.75
N TYR A 37 -19.54 5.04 -7.56
CA TYR A 37 -19.89 6.41 -7.25
C TYR A 37 -19.01 7.36 -8.03
N THR A 38 -17.88 7.79 -7.43
CA THR A 38 -16.99 8.71 -8.10
C THR A 38 -15.71 8.71 -7.32
N SER A 39 -15.77 9.18 -6.05
CA SER A 39 -14.59 9.24 -5.19
C SER A 39 -14.92 10.18 -4.07
N VAL A 40 -15.65 9.69 -3.03
CA VAL A 40 -16.00 10.57 -1.93
C VAL A 40 -16.64 9.76 -0.82
N GLY A 41 -16.86 8.44 -1.03
CA GLY A 41 -17.50 7.65 0.00
C GLY A 41 -16.44 6.95 0.81
N SER A 42 -16.75 6.70 2.11
CA SER A 42 -15.81 6.03 2.98
C SER A 42 -16.53 4.84 3.55
N TYR A 43 -15.89 3.64 3.50
CA TYR A 43 -16.51 2.46 4.03
C TYR A 43 -15.64 1.89 5.11
N ASP A 44 -16.18 0.88 5.83
CA ASP A 44 -15.43 0.26 6.92
C ASP A 44 -14.39 -0.66 6.35
N HIS A 45 -13.64 -1.34 7.25
CA HIS A 45 -12.59 -2.23 6.83
C HIS A 45 -13.21 -3.58 6.59
N GLN A 46 -14.41 -3.82 7.17
CA GLN A 46 -15.11 -5.08 6.99
C GLN A 46 -15.49 -5.18 5.53
N GLU A 47 -15.75 -4.03 4.88
CA GLU A 47 -16.12 -4.00 3.49
C GLU A 47 -14.98 -4.53 2.65
N LEU A 48 -13.72 -4.16 3.02
CA LEU A 48 -12.55 -4.58 2.29
C LEU A 48 -12.35 -6.07 2.38
N LEU A 49 -12.60 -6.69 3.56
CA LEU A 49 -12.34 -8.11 3.67
C LEU A 49 -13.48 -8.90 3.10
N GLN A 50 -14.65 -8.27 2.87
CA GLN A 50 -15.77 -9.00 2.31
C GLN A 50 -15.47 -9.26 0.84
N LEU A 51 -14.92 -8.25 0.12
CA LEU A 51 -14.64 -8.43 -1.30
C LEU A 51 -13.31 -9.11 -1.50
N VAL A 52 -12.43 -9.11 -0.48
CA VAL A 52 -11.14 -9.75 -0.63
C VAL A 52 -11.33 -11.24 -0.44
N VAL A 53 -12.22 -11.64 0.50
CA VAL A 53 -12.48 -13.05 0.73
C VAL A 53 -13.24 -13.62 -0.46
N LYS A 54 -14.20 -12.85 -1.04
CA LYS A 54 -14.96 -13.36 -2.16
C LYS A 54 -14.02 -13.53 -3.34
N LEU A 55 -12.93 -12.73 -3.38
CA LEU A 55 -11.98 -12.82 -4.48
C LEU A 55 -11.23 -14.13 -4.38
N SER A 56 -10.92 -14.60 -3.15
CA SER A 56 -10.18 -15.84 -3.01
C SER A 56 -11.07 -17.03 -3.29
N GLU A 57 -12.41 -16.86 -3.29
CA GLU A 57 -13.28 -17.99 -3.55
C GLU A 57 -13.79 -17.98 -4.97
N VAL A 58 -14.07 -16.80 -5.54
CA VAL A 58 -14.62 -16.73 -6.89
C VAL A 58 -13.57 -17.06 -7.94
N SER A 59 -12.29 -16.70 -7.71
CA SER A 59 -11.29 -16.98 -8.72
C SER A 59 -10.21 -17.87 -8.15
N SER A 60 -10.28 -18.16 -6.82
CA SER A 60 -9.29 -19.01 -6.18
C SER A 60 -7.93 -18.37 -6.25
N VAL A 61 -7.87 -17.05 -5.97
CA VAL A 61 -6.60 -16.35 -6.00
C VAL A 61 -6.18 -16.15 -4.57
N PRO A 62 -4.93 -16.46 -4.30
CA PRO A 62 -4.37 -16.32 -2.96
C PRO A 62 -4.47 -14.93 -2.42
N VAL A 63 -4.65 -14.81 -1.09
CA VAL A 63 -4.79 -13.52 -0.47
C VAL A 63 -3.47 -12.81 -0.38
N THR A 64 -2.32 -13.51 -0.59
CA THR A 64 -1.06 -12.80 -0.48
C THR A 64 -0.60 -12.37 -1.85
N GLU A 65 -0.92 -13.15 -2.92
CA GLU A 65 -0.52 -12.74 -4.25
C GLU A 65 -1.44 -11.66 -4.74
N LEU A 66 -2.65 -11.57 -4.16
CA LEU A 66 -3.61 -10.57 -4.57
C LEU A 66 -3.27 -9.28 -3.90
N VAL A 67 -2.79 -9.32 -2.64
CA VAL A 67 -2.46 -8.11 -1.94
C VAL A 67 -1.22 -7.47 -2.57
N ARG A 68 -0.33 -8.28 -3.22
CA ARG A 68 0.85 -7.72 -3.84
C ARG A 68 0.49 -6.97 -5.11
N LEU A 69 -0.28 -7.63 -6.02
CA LEU A 69 -0.66 -7.00 -7.28
C LEU A 69 -1.52 -5.78 -7.04
N PHE A 70 -2.39 -5.83 -6.01
CA PHE A 70 -3.29 -4.74 -5.71
C PHE A 70 -2.50 -3.49 -5.37
N GLY A 71 -1.48 -3.62 -4.50
CA GLY A 71 -0.68 -2.48 -4.09
C GLY A 71 0.00 -1.83 -5.27
N LYS A 72 0.50 -2.63 -6.24
CA LYS A 72 1.22 -2.04 -7.37
C LYS A 72 0.31 -1.12 -8.20
N LYS A 73 -0.90 -1.60 -8.55
CA LYS A 73 -1.81 -0.81 -9.40
C LYS A 73 -2.28 0.48 -8.76
N LEU A 74 -2.77 0.45 -7.51
CA LEU A 74 -3.33 1.65 -6.91
C LEU A 74 -2.26 2.70 -6.64
N PHE A 75 -1.05 2.30 -6.17
CA PHE A 75 -0.02 3.28 -5.87
C PHE A 75 0.41 4.04 -7.11
N VAL A 76 0.60 3.34 -8.27
CA VAL A 76 1.03 4.04 -9.48
C VAL A 76 -0.13 4.86 -10.02
N GLU A 77 -1.35 4.57 -9.54
CA GLU A 77 -2.51 5.32 -9.97
C GLU A 77 -2.44 6.71 -9.39
N LEU A 78 -1.98 6.82 -8.11
CA LEU A 78 -1.87 8.10 -7.45
C LEU A 78 -0.73 8.90 -8.02
N ILE A 79 0.38 8.23 -8.44
CA ILE A 79 1.53 8.95 -8.94
C ILE A 79 1.19 9.72 -10.20
N GLU A 80 0.62 9.03 -11.21
CA GLU A 80 0.26 9.73 -12.42
C GLU A 80 -1.02 10.51 -12.19
N GLY A 81 -1.72 10.19 -11.09
CA GLY A 81 -2.96 10.86 -10.77
C GLY A 81 -2.71 12.27 -10.31
N HIS A 82 -1.61 12.53 -9.57
CA HIS A 82 -1.38 13.86 -9.07
C HIS A 82 0.01 14.30 -9.43
N PRO A 83 0.05 15.16 -10.41
CA PRO A 83 1.31 15.74 -10.92
C PRO A 83 2.08 16.53 -9.90
N GLU A 84 1.37 17.21 -8.97
CA GLU A 84 2.05 18.02 -7.97
C GLU A 84 2.33 17.19 -6.75
N ILE A 85 1.82 15.95 -6.70
CA ILE A 85 2.04 15.14 -5.52
C ILE A 85 3.35 14.42 -5.71
N ALA A 86 3.78 14.24 -6.99
CA ALA A 86 5.03 13.56 -7.23
C ALA A 86 6.07 14.59 -7.58
N ASN A 87 5.64 15.82 -7.98
CA ASN A 87 6.58 16.86 -8.34
C ASN A 87 7.25 17.37 -7.08
N GLU A 88 6.47 17.49 -5.98
CA GLU A 88 7.01 17.98 -4.74
C GLU A 88 8.05 17.03 -4.21
N MET A 89 7.86 15.71 -4.44
CA MET A 89 8.80 14.72 -3.95
C MET A 89 9.94 14.59 -4.94
N LYS A 90 11.15 14.20 -4.44
CA LYS A 90 12.30 14.11 -5.33
C LYS A 90 12.82 12.70 -5.41
N ASP A 91 12.52 11.83 -4.41
CA ASP A 91 13.06 10.49 -4.46
C ASP A 91 12.31 9.66 -3.46
N SER A 92 12.56 8.31 -3.49
CA SER A 92 11.90 7.40 -2.60
C SER A 92 12.31 7.62 -1.15
N PHE A 93 13.61 7.90 -0.89
CA PHE A 93 14.04 8.09 0.48
C PHE A 93 13.41 9.37 1.01
N ASP A 94 13.34 10.42 0.15
CA ASP A 94 12.73 11.66 0.57
C ASP A 94 11.26 11.44 0.80
N LEU A 95 10.68 10.39 0.17
CA LEU A 95 9.27 10.10 0.34
C LEU A 95 9.02 9.70 1.78
N LEU A 96 9.89 8.82 2.34
CA LEU A 96 9.73 8.37 3.72
C LEU A 96 9.79 9.56 4.65
N SER A 97 10.65 10.56 4.33
CA SER A 97 10.77 11.73 5.18
C SER A 97 9.50 12.59 5.08
N LYS A 98 8.94 12.70 3.85
CA LYS A 98 7.76 13.54 3.60
C LYS A 98 6.47 12.81 3.92
N ILE A 99 6.52 11.53 4.37
CA ILE A 99 5.30 10.79 4.62
C ILE A 99 4.47 11.45 5.70
N ASP A 100 5.07 11.83 6.84
CA ASP A 100 4.26 12.39 7.90
C ASP A 100 4.21 13.90 7.80
N SER A 101 5.21 14.53 7.16
CA SER A 101 5.22 15.98 7.10
C SER A 101 4.05 16.53 6.32
N PHE A 102 3.73 16.01 5.10
CA PHE A 102 2.64 16.64 4.38
C PHE A 102 1.74 15.66 3.67
N ILE A 103 2.12 14.38 3.51
CA ILE A 103 1.25 13.46 2.77
C ILE A 103 -0.01 13.17 3.57
N HIS A 104 0.14 12.75 4.84
CA HIS A 104 -1.02 12.41 5.62
C HIS A 104 -1.53 13.62 6.37
N VAL A 105 -0.87 14.78 6.22
CA VAL A 105 -1.35 15.98 6.89
C VAL A 105 -2.48 16.54 6.09
N GLU A 106 -2.29 16.60 4.74
CA GLU A 106 -3.31 17.13 3.89
C GLU A 106 -4.50 16.20 3.88
N VAL A 107 -4.25 14.87 3.86
CA VAL A 107 -5.33 13.90 3.85
C VAL A 107 -6.17 14.02 5.11
N TYR A 108 -5.52 14.08 6.30
CA TYR A 108 -6.24 14.18 7.57
C TYR A 108 -7.10 15.43 7.62
N LYS A 109 -6.54 16.61 7.27
CA LYS A 109 -7.31 17.84 7.35
C LYS A 109 -8.51 17.77 6.45
N LEU A 110 -8.37 17.12 5.27
CA LEU A 110 -9.48 17.01 4.36
C LEU A 110 -10.61 16.29 5.04
N TYR A 111 -10.54 14.95 5.16
CA TYR A 111 -11.62 14.26 5.81
C TYR A 111 -11.10 13.55 7.04
N PRO A 112 -11.89 13.61 8.08
CA PRO A 112 -11.56 12.99 9.35
C PRO A 112 -11.96 11.55 9.49
N GLN A 113 -12.60 10.96 8.46
CA GLN A 113 -13.02 9.56 8.54
C GLN A 113 -11.81 8.67 8.57
N ALA A 114 -10.75 9.03 7.82
CA ALA A 114 -9.55 8.21 7.77
C ALA A 114 -8.89 8.17 9.12
N GLU A 115 -8.30 6.99 9.45
CA GLU A 115 -7.63 6.85 10.71
C GLU A 115 -6.17 6.60 10.42
N LEU A 116 -5.29 7.18 11.25
CA LEU A 116 -3.86 7.02 11.04
C LEU A 116 -3.24 6.51 12.32
N PRO A 117 -2.18 5.74 12.14
CA PRO A 117 -1.43 5.14 13.22
C PRO A 117 -0.28 6.00 13.68
N LYS A 118 0.75 5.39 14.33
CA LYS A 118 1.87 6.19 14.80
C LYS A 118 3.10 5.68 14.09
N PHE A 119 4.00 6.62 13.68
CA PHE A 119 5.20 6.21 12.98
C PHE A 119 6.40 6.88 13.60
N THR A 120 7.48 6.08 13.80
CA THR A 120 8.72 6.62 14.33
C THR A 120 9.77 6.26 13.33
N CYS A 121 10.56 7.24 12.85
CA CYS A 121 11.56 6.93 11.86
C CYS A 121 12.93 7.23 12.40
N ASP A 122 13.83 6.23 12.31
CA ASP A 122 15.19 6.41 12.77
C ASP A 122 16.07 6.21 11.57
N ARG A 123 17.25 6.88 11.54
CA ARG A 123 18.12 6.73 10.41
C ARG A 123 19.45 6.22 10.92
N LEU A 124 19.85 5.00 10.49
CA LEU A 124 21.09 4.43 10.95
C LEU A 124 22.23 4.90 10.07
N GLY A 125 21.94 5.32 8.82
CA GLY A 125 23.02 5.74 7.96
C GLY A 125 22.47 6.11 6.62
N ASP A 126 23.25 5.83 5.56
CA ASP A 126 22.80 6.18 4.23
C ASP A 126 22.14 4.99 3.60
N ASN A 127 22.68 3.77 3.84
CA ASN A 127 22.10 2.59 3.25
C ASN A 127 21.23 1.88 4.27
N ASP A 128 21.10 2.44 5.49
CA ASP A 128 20.30 1.79 6.50
C ASP A 128 19.20 2.72 6.94
N ILE A 129 17.96 2.18 7.02
CA ILE A 129 16.82 2.97 7.44
C ILE A 129 15.94 2.07 8.28
N ARG A 130 15.43 2.59 9.42
CA ARG A 130 14.56 1.80 10.26
C ARG A 130 13.22 2.47 10.30
N LEU A 131 12.16 1.65 10.24
CA LEU A 131 10.83 2.16 10.26
C LEU A 131 10.04 1.45 11.32
N HIS A 132 9.55 2.22 12.33
CA HIS A 132 8.77 1.65 13.40
C HIS A 132 7.33 1.85 13.07
N TYR A 133 6.52 0.77 13.21
CA TYR A 133 5.13 0.86 12.88
C TYR A 133 4.36 0.37 14.09
N GLN A 134 3.48 1.26 14.63
CA GLN A 134 2.69 0.88 15.78
C GLN A 134 1.25 0.87 15.34
N SER A 135 0.66 -0.35 15.31
CA SER A 135 -0.73 -0.50 14.91
C SER A 135 -1.18 -1.86 15.41
N LYS A 136 -2.50 -1.99 15.70
CA LYS A 136 -3.02 -3.25 16.20
C LYS A 136 -3.46 -4.11 15.04
N ARG A 137 -3.28 -3.64 13.78
CA ARG A 137 -3.69 -4.43 12.64
C ARG A 137 -2.55 -4.38 11.65
N PRO A 138 -1.50 -5.10 11.95
CA PRO A 138 -0.30 -5.11 11.14
C PRO A 138 -0.21 -6.22 10.12
N PHE A 139 -0.40 -5.87 8.84
CA PHE A 139 -0.26 -6.85 7.79
C PHE A 139 0.98 -6.47 7.01
N ALA A 140 2.04 -7.29 7.15
CA ALA A 140 3.29 -7.04 6.48
C ALA A 140 3.15 -7.10 4.97
N SER A 141 2.34 -8.06 4.46
CA SER A 141 2.19 -8.19 3.02
C SER A 141 1.55 -6.94 2.43
N PHE A 142 0.75 -6.21 3.23
CA PHE A 142 0.08 -5.04 2.70
C PHE A 142 1.07 -3.89 2.59
N ALA A 143 1.87 -3.65 3.66
CA ALA A 143 2.82 -2.55 3.66
C ALA A 143 3.88 -2.74 2.61
N GLU A 144 4.38 -3.99 2.42
CA GLU A 144 5.42 -4.24 1.42
C GLU A 144 4.88 -3.93 0.05
N GLY A 145 3.59 -4.24 -0.19
CA GLY A 145 3.00 -4.00 -1.49
C GLY A 145 3.08 -2.51 -1.81
N LEU A 146 2.78 -1.65 -0.83
CA LEU A 146 2.81 -0.21 -1.06
C LEU A 146 4.23 0.33 -1.23
N LEU A 147 5.22 -0.14 -0.43
CA LEU A 147 6.56 0.41 -0.53
C LEU A 147 7.23 -0.03 -1.81
N ASP A 148 7.07 -1.31 -2.19
CA ASP A 148 7.68 -1.79 -3.40
C ASP A 148 7.00 -1.18 -4.61
N GLY A 149 5.70 -0.83 -4.49
CA GLY A 149 4.98 -0.24 -5.61
C GLY A 149 5.60 1.09 -5.96
N CYS A 150 5.98 1.88 -4.93
CA CYS A 150 6.59 3.17 -5.21
C CYS A 150 7.94 2.94 -5.89
N ALA A 151 8.65 1.83 -5.56
CA ALA A 151 9.92 1.55 -6.23
C ALA A 151 9.64 0.97 -7.59
N GLU A 152 8.35 0.81 -7.92
CA GLU A 152 7.99 0.28 -9.22
C GLU A 152 7.95 1.44 -10.20
N TYR A 153 7.32 2.57 -9.81
CA TYR A 153 7.26 3.71 -10.71
C TYR A 153 8.67 4.28 -10.89
N PHE A 154 9.43 4.44 -9.78
CA PHE A 154 10.78 5.00 -9.87
C PHE A 154 11.71 4.05 -10.57
N LYS A 155 11.44 2.71 -10.51
CA LYS A 155 12.30 1.73 -11.13
C LYS A 155 13.56 1.60 -10.31
N GLU A 156 13.43 0.98 -9.13
CA GLU A 156 14.58 0.81 -8.26
C GLU A 156 14.51 -0.57 -7.66
N ASP A 157 15.40 -0.86 -6.69
CA ASP A 157 15.39 -2.17 -6.08
C ASP A 157 15.81 -2.02 -4.64
N PHE A 158 14.81 -1.90 -3.73
CA PHE A 158 15.10 -1.78 -2.32
C PHE A 158 14.54 -3.02 -1.68
N THR A 159 15.07 -3.40 -0.48
CA THR A 159 14.60 -4.60 0.17
C THR A 159 14.02 -4.24 1.51
N ILE A 160 12.79 -4.71 1.76
CA ILE A 160 12.12 -4.45 3.03
C ILE A 160 12.19 -5.74 3.82
N SER A 161 12.80 -5.67 5.04
CA SER A 161 12.94 -6.86 5.86
C SER A 161 12.18 -6.65 7.15
N ARG A 162 12.34 -7.64 8.07
CA ARG A 162 11.66 -7.62 9.34
C ARG A 162 12.57 -8.25 10.36
N THR A 163 12.40 -7.90 11.66
CA THR A 163 13.23 -8.51 12.68
C THR A 163 12.47 -9.66 13.28
N PRO A 164 13.21 -10.69 13.63
CA PRO A 164 12.66 -11.91 14.22
C PRO A 164 12.17 -11.75 15.64
N GLU A 165 12.56 -10.65 16.31
CA GLU A 165 12.16 -10.45 17.67
C GLU A 165 10.69 -10.10 17.76
N THR A 166 10.18 -9.26 16.83
CA THR A 166 8.79 -8.87 16.89
C THR A 166 8.06 -9.30 15.65
N GLN A 167 8.63 -10.23 14.85
CA GLN A 167 7.95 -10.69 13.67
C GLN A 167 6.71 -11.47 14.04
N ASP A 168 6.55 -11.86 15.34
CA ASP A 168 5.39 -12.62 15.71
C ASP A 168 4.69 -11.89 16.84
N SER A 169 4.67 -10.53 16.78
CA SER A 169 4.03 -9.78 17.83
C SER A 169 3.27 -8.65 17.17
N GLU A 170 2.09 -8.29 17.75
CA GLU A 170 1.29 -7.23 17.19
C GLU A 170 1.56 -5.95 17.94
N THR A 171 1.14 -4.80 17.35
CA THR A 171 1.32 -3.49 17.96
C THR A 171 2.72 -2.98 17.67
N ASP A 172 3.75 -3.74 18.09
CA ASP A 172 5.10 -3.30 17.86
C ASP A 172 5.74 -4.14 16.78
N VAL A 173 6.10 -3.49 15.65
CA VAL A 173 6.75 -4.21 14.58
C VAL A 173 7.97 -3.42 14.19
N ILE A 174 9.13 -4.11 14.05
CA ILE A 174 10.35 -3.41 13.69
C ILE A 174 10.67 -3.79 12.26
N PHE A 175 10.86 -2.75 11.41
CA PHE A 175 11.16 -2.97 10.02
C PHE A 175 12.54 -2.46 9.74
N ASN A 176 13.15 -3.05 8.69
CA ASN A 176 14.50 -2.70 8.31
C ASN A 176 14.52 -2.59 6.81
N ILE A 177 14.85 -1.39 6.28
CA ILE A 177 14.88 -1.20 4.85
C ILE A 177 16.33 -0.95 4.48
N THR A 178 16.89 -1.83 3.62
CA THR A 178 18.28 -1.72 3.23
C THR A 178 18.35 -1.55 1.74
N ARG A 179 19.31 -0.72 1.25
CA ARG A 179 19.44 -0.49 -0.18
C ARG A 179 20.28 -1.62 -0.74
N ALA A 180 19.67 -2.41 -1.67
CA ALA A 180 20.37 -3.52 -2.28
C ALA A 180 21.52 -2.98 -3.08
N PRO A 181 22.48 -3.83 -3.30
CA PRO A 181 23.70 -3.48 -4.03
C PRO A 181 23.45 -2.80 -5.34
N ARG A 182 24.08 -1.62 -5.50
CA ARG A 182 23.94 -0.88 -6.71
C ARG A 182 25.07 -1.25 -7.64
N GLY A 183 25.78 -2.33 -7.29
CA GLY A 183 26.87 -2.79 -8.11
C GLY A 183 28.18 -2.38 -7.51
N ALA A 184 28.96 -3.41 -7.06
CA ALA A 184 30.26 -3.16 -6.47
C ALA A 184 30.06 -2.44 -5.16
N GLU A 185 29.51 -3.16 -4.16
CA GLU A 185 29.28 -2.57 -2.87
C GLU A 185 30.60 -2.40 -2.18
N ASN A 186 30.68 -1.35 -1.32
CA ASN A 186 31.90 -1.10 -0.60
C ASN A 186 31.67 -1.45 0.84
N LEU A 187 32.46 -2.41 1.37
CA LEU A 187 32.29 -2.79 2.75
C LEU A 187 33.44 -2.19 3.52
N TYR A 188 34.69 -2.58 3.15
CA TYR A 188 35.84 -2.06 3.84
C TYR A 188 36.99 -2.07 2.86
N PHE A 189 37.88 -3.06 2.98
CA PHE A 189 39.01 -3.14 2.08
C PHE A 189 38.85 -4.38 1.25
N GLN A 190 39.27 -4.30 -0.03
CA GLN A 190 39.15 -5.43 -0.90
C GLN A 190 40.46 -6.23 -0.81
N MET A 1 -8.59 6.64 2.03
CA MET A 1 -9.73 6.80 1.08
C MET A 1 -10.25 5.45 0.65
N MET A 2 -11.36 5.01 1.28
CA MET A 2 -11.93 3.72 0.96
C MET A 2 -12.74 3.82 -0.30
N GLY A 3 -13.14 5.06 -0.68
CA GLY A 3 -13.93 5.22 -1.87
C GLY A 3 -13.06 5.04 -3.09
N MET A 4 -11.80 5.57 -3.04
CA MET A 4 -10.91 5.49 -4.17
C MET A 4 -10.40 4.09 -4.36
N VAL A 5 -10.17 3.33 -3.25
CA VAL A 5 -9.66 1.97 -3.38
C VAL A 5 -10.74 1.11 -4.00
N PHE A 6 -12.03 1.51 -3.85
CA PHE A 6 -13.11 0.73 -4.42
C PHE A 6 -13.08 0.88 -5.92
N THR A 7 -12.70 2.07 -6.42
CA THR A 7 -12.65 2.28 -7.87
C THR A 7 -11.56 1.42 -8.44
N GLY A 8 -10.40 1.33 -7.72
CA GLY A 8 -9.28 0.53 -8.17
C GLY A 8 -9.69 -0.92 -8.28
N LEU A 9 -10.52 -1.39 -7.31
CA LEU A 9 -10.94 -2.77 -7.30
C LEU A 9 -11.79 -3.08 -8.50
N MET A 10 -12.71 -2.17 -8.90
CA MET A 10 -13.58 -2.44 -10.03
C MET A 10 -12.77 -2.61 -11.30
N GLU A 11 -11.74 -1.76 -11.50
CA GLU A 11 -10.96 -1.84 -12.72
C GLU A 11 -10.14 -3.12 -12.80
N LEU A 12 -9.56 -3.56 -11.67
CA LEU A 12 -8.73 -4.75 -11.66
C LEU A 12 -9.53 -6.03 -11.94
N ILE A 13 -10.72 -6.20 -11.33
CA ILE A 13 -11.46 -7.46 -11.53
C ILE A 13 -12.05 -7.53 -12.91
N GLU A 14 -12.54 -6.40 -13.45
CA GLU A 14 -13.19 -6.42 -14.76
C GLU A 14 -12.20 -6.63 -15.88
N ASP A 15 -11.03 -5.96 -15.81
CA ASP A 15 -10.06 -6.01 -16.87
C ASP A 15 -9.35 -7.35 -16.98
N GLU A 16 -9.03 -8.02 -15.85
CA GLU A 16 -8.24 -9.22 -15.96
C GLU A 16 -9.04 -10.50 -15.94
N PHE A 17 -10.22 -10.56 -15.29
CA PHE A 17 -10.89 -11.85 -15.26
C PHE A 17 -12.20 -11.84 -16.01
N GLY A 18 -12.92 -10.70 -16.07
CA GLY A 18 -14.18 -10.74 -16.79
C GLY A 18 -15.19 -9.88 -16.11
N TYR A 19 -16.39 -9.81 -16.72
CA TYR A 19 -17.44 -8.97 -16.19
C TYR A 19 -18.41 -9.88 -15.47
N GLU A 20 -18.44 -11.19 -15.85
CA GLU A 20 -19.32 -12.12 -15.17
C GLU A 20 -18.79 -12.31 -13.76
N THR A 21 -17.44 -12.40 -13.64
CA THR A 21 -16.81 -12.57 -12.35
C THR A 21 -17.02 -11.29 -11.57
N LEU A 22 -16.92 -10.14 -12.27
CA LEU A 22 -17.11 -8.85 -11.65
C LEU A 22 -18.50 -8.77 -11.04
N ASP A 23 -19.51 -9.34 -11.74
CA ASP A 23 -20.88 -9.30 -11.28
C ASP A 23 -21.06 -10.09 -10.00
N THR A 24 -20.35 -11.23 -9.85
CA THR A 24 -20.50 -12.05 -8.65
C THR A 24 -20.02 -11.28 -7.45
N LEU A 25 -18.90 -10.55 -7.58
CA LEU A 25 -18.36 -9.81 -6.45
C LEU A 25 -19.34 -8.73 -6.04
N LEU A 26 -20.01 -8.07 -7.02
CA LEU A 26 -20.95 -7.01 -6.70
C LEU A 26 -22.17 -7.58 -6.03
N GLU A 27 -22.41 -8.90 -6.14
CA GLU A 27 -23.56 -9.48 -5.48
C GLU A 27 -23.23 -9.78 -4.05
N SER A 28 -21.94 -10.06 -3.74
CA SER A 28 -21.54 -10.34 -2.38
C SER A 28 -21.70 -9.08 -1.54
N CYS A 29 -21.41 -7.90 -2.14
CA CYS A 29 -21.53 -6.68 -1.35
C CYS A 29 -22.92 -6.12 -1.57
N GLU A 30 -23.41 -6.23 -2.83
CA GLU A 30 -24.75 -5.76 -3.19
C GLU A 30 -24.67 -4.30 -3.51
N LEU A 31 -25.27 -3.89 -4.66
CA LEU A 31 -25.26 -2.50 -5.03
C LEU A 31 -26.48 -1.85 -4.45
N GLN A 32 -26.78 -0.61 -4.90
CA GLN A 32 -27.92 0.09 -4.40
C GLN A 32 -28.35 1.05 -5.46
N SER A 33 -27.47 2.03 -5.76
CA SER A 33 -27.79 3.01 -6.78
C SER A 33 -27.15 2.59 -8.07
N GLU A 34 -25.80 2.57 -8.13
CA GLU A 34 -25.14 2.18 -9.35
C GLU A 34 -23.97 1.31 -9.02
N GLY A 35 -23.19 1.69 -7.98
CA GLY A 35 -22.06 0.89 -7.59
C GLY A 35 -20.82 1.73 -7.61
N ILE A 36 -20.73 2.68 -8.55
CA ILE A 36 -19.55 3.52 -8.61
C ILE A 36 -19.99 4.91 -8.21
N TYR A 37 -19.70 5.32 -6.95
CA TYR A 37 -20.07 6.64 -6.50
C TYR A 37 -19.25 7.65 -7.28
N THR A 38 -17.90 7.52 -7.19
CA THR A 38 -16.97 8.39 -7.91
C THR A 38 -15.73 8.50 -7.06
N SER A 39 -15.86 9.10 -5.84
CA SER A 39 -14.71 9.25 -4.95
C SER A 39 -15.10 10.17 -3.83
N VAL A 40 -15.99 9.69 -2.91
CA VAL A 40 -16.41 10.54 -1.82
C VAL A 40 -16.96 9.69 -0.70
N GLY A 41 -16.87 8.34 -0.81
CA GLY A 41 -17.39 7.50 0.25
C GLY A 41 -16.37 7.38 1.35
N SER A 42 -16.51 6.30 2.14
CA SER A 42 -15.64 6.05 3.27
C SER A 42 -16.25 4.89 4.01
N TYR A 43 -15.93 3.65 3.58
CA TYR A 43 -16.49 2.49 4.21
C TYR A 43 -15.53 1.98 5.24
N ASP A 44 -15.93 0.91 5.97
CA ASP A 44 -15.09 0.34 7.00
C ASP A 44 -14.12 -0.61 6.34
N HIS A 45 -13.38 -1.37 7.18
CA HIS A 45 -12.42 -2.30 6.64
C HIS A 45 -13.08 -3.64 6.45
N GLN A 46 -14.26 -3.86 7.07
CA GLN A 46 -14.95 -5.11 6.91
C GLN A 46 -15.45 -5.19 5.49
N GLU A 47 -15.78 -4.02 4.90
CA GLU A 47 -16.29 -3.96 3.54
C GLU A 47 -15.20 -4.46 2.61
N LEU A 48 -13.93 -4.06 2.88
CA LEU A 48 -12.82 -4.47 2.04
C LEU A 48 -12.53 -5.93 2.25
N LEU A 49 -12.70 -6.40 3.50
CA LEU A 49 -12.40 -7.78 3.82
C LEU A 49 -13.41 -8.68 3.19
N GLN A 50 -14.69 -8.26 3.12
CA GLN A 50 -15.72 -9.09 2.55
C GLN A 50 -15.45 -9.30 1.08
N LEU A 51 -15.03 -8.23 0.33
CA LEU A 51 -14.78 -8.41 -1.09
C LEU A 51 -13.49 -9.17 -1.30
N VAL A 52 -12.47 -8.96 -0.44
CA VAL A 52 -11.21 -9.64 -0.59
C VAL A 52 -11.41 -11.13 -0.39
N VAL A 53 -12.27 -11.53 0.57
CA VAL A 53 -12.53 -12.94 0.81
C VAL A 53 -13.27 -13.53 -0.39
N LYS A 54 -14.23 -12.78 -0.98
CA LYS A 54 -14.96 -13.30 -2.12
C LYS A 54 -13.99 -13.52 -3.27
N LEU A 55 -12.90 -12.72 -3.32
CA LEU A 55 -11.91 -12.89 -4.38
C LEU A 55 -11.20 -14.21 -4.24
N SER A 56 -10.90 -14.65 -2.99
CA SER A 56 -10.19 -15.90 -2.81
C SER A 56 -11.11 -17.08 -3.12
N GLU A 57 -12.45 -16.88 -3.13
CA GLU A 57 -13.33 -18.01 -3.39
C GLU A 57 -13.85 -18.00 -4.82
N VAL A 58 -14.17 -16.81 -5.38
CA VAL A 58 -14.72 -16.75 -6.72
C VAL A 58 -13.66 -17.02 -7.77
N SER A 59 -12.41 -16.53 -7.57
CA SER A 59 -11.41 -16.75 -8.58
C SER A 59 -10.35 -17.71 -8.09
N SER A 60 -10.39 -18.05 -6.77
CA SER A 60 -9.43 -18.98 -6.22
C SER A 60 -8.06 -18.35 -6.27
N VAL A 61 -7.94 -17.09 -5.81
CA VAL A 61 -6.67 -16.42 -5.82
C VAL A 61 -6.26 -16.21 -4.38
N PRO A 62 -5.02 -16.52 -4.09
CA PRO A 62 -4.46 -16.37 -2.75
C PRO A 62 -4.54 -14.97 -2.24
N VAL A 63 -4.71 -14.83 -0.91
CA VAL A 63 -4.85 -13.52 -0.31
C VAL A 63 -3.51 -12.82 -0.26
N THR A 64 -2.37 -13.51 -0.50
CA THR A 64 -1.11 -12.81 -0.42
C THR A 64 -0.69 -12.38 -1.81
N GLU A 65 -1.05 -13.16 -2.86
CA GLU A 65 -0.68 -12.77 -4.20
C GLU A 65 -1.60 -11.68 -4.66
N LEU A 66 -2.81 -11.59 -4.07
CA LEU A 66 -3.76 -10.58 -4.48
C LEU A 66 -3.40 -9.28 -3.81
N VAL A 67 -2.92 -9.33 -2.55
CA VAL A 67 -2.56 -8.11 -1.85
C VAL A 67 -1.34 -7.47 -2.51
N ARG A 68 -0.46 -8.29 -3.17
CA ARG A 68 0.73 -7.74 -3.81
C ARG A 68 0.34 -6.98 -5.06
N LEU A 69 -0.45 -7.62 -5.97
CA LEU A 69 -0.84 -6.98 -7.21
C LEU A 69 -1.70 -5.75 -6.94
N PHE A 70 -2.56 -5.80 -5.91
CA PHE A 70 -3.44 -4.69 -5.59
C PHE A 70 -2.63 -3.45 -5.27
N GLY A 71 -1.61 -3.58 -4.39
CA GLY A 71 -0.81 -2.45 -3.98
C GLY A 71 -0.11 -1.80 -5.16
N LYS A 72 0.38 -2.60 -6.13
CA LYS A 72 1.11 -2.05 -7.25
C LYS A 72 0.24 -1.13 -8.10
N LYS A 73 -0.99 -1.59 -8.45
CA LYS A 73 -1.87 -0.81 -9.32
C LYS A 73 -2.33 0.49 -8.69
N LEU A 74 -2.82 0.48 -7.44
CA LEU A 74 -3.36 1.69 -6.84
C LEU A 74 -2.28 2.72 -6.57
N PHE A 75 -1.07 2.30 -6.11
CA PHE A 75 -0.02 3.27 -5.81
C PHE A 75 0.40 4.02 -7.06
N VAL A 76 0.59 3.32 -8.21
CA VAL A 76 1.01 4.02 -9.42
C VAL A 76 -0.14 4.84 -9.95
N GLU A 77 -1.37 4.57 -9.45
CA GLU A 77 -2.52 5.33 -9.87
C GLU A 77 -2.44 6.72 -9.29
N LEU A 78 -1.98 6.83 -8.02
CA LEU A 78 -1.87 8.12 -7.37
C LEU A 78 -0.72 8.92 -7.95
N ILE A 79 0.37 8.24 -8.39
CA ILE A 79 1.52 8.95 -8.90
C ILE A 79 1.17 9.70 -10.16
N GLU A 80 0.60 9.00 -11.16
CA GLU A 80 0.22 9.69 -12.38
C GLU A 80 -1.05 10.49 -12.13
N GLY A 81 -1.74 10.19 -11.01
CA GLY A 81 -2.97 10.88 -10.68
C GLY A 81 -2.69 12.30 -10.26
N HIS A 82 -1.58 12.55 -9.52
CA HIS A 82 -1.32 13.88 -9.05
C HIS A 82 0.09 14.26 -9.37
N PRO A 83 0.21 15.11 -10.36
CA PRO A 83 1.50 15.60 -10.81
C PRO A 83 2.19 16.51 -9.83
N GLU A 84 1.43 17.17 -8.94
CA GLU A 84 2.07 18.04 -7.97
C GLU A 84 2.39 17.24 -6.74
N ILE A 85 1.93 15.97 -6.68
CA ILE A 85 2.19 15.18 -5.52
C ILE A 85 3.48 14.45 -5.78
N ALA A 86 3.88 14.32 -7.07
CA ALA A 86 5.11 13.64 -7.37
C ALA A 86 6.18 14.68 -7.63
N ASN A 87 5.77 15.91 -8.04
CA ASN A 87 6.76 16.95 -8.30
C ASN A 87 7.37 17.40 -7.00
N GLU A 88 6.57 17.47 -5.91
CA GLU A 88 7.11 17.88 -4.62
C GLU A 88 8.13 16.88 -4.13
N MET A 89 7.91 15.57 -4.39
CA MET A 89 8.81 14.54 -3.92
C MET A 89 9.96 14.43 -4.90
N LYS A 90 11.17 14.06 -4.40
CA LYS A 90 12.32 13.98 -5.27
C LYS A 90 12.84 12.57 -5.34
N ASP A 91 12.56 11.71 -4.34
CA ASP A 91 13.10 10.37 -4.37
C ASP A 91 12.35 9.54 -3.36
N SER A 92 12.62 8.21 -3.38
CA SER A 92 11.97 7.28 -2.48
C SER A 92 12.34 7.56 -1.04
N PHE A 93 13.64 7.86 -0.76
CA PHE A 93 14.04 8.11 0.61
C PHE A 93 13.39 9.37 1.11
N ASP A 94 13.29 10.41 0.24
CA ASP A 94 12.65 11.64 0.63
C ASP A 94 11.18 11.39 0.90
N LEU A 95 10.61 10.33 0.27
CA LEU A 95 9.20 9.99 0.45
C LEU A 95 8.98 9.62 1.90
N LEU A 96 9.88 8.76 2.45
CA LEU A 96 9.75 8.33 3.83
C LEU A 96 9.87 9.53 4.75
N SER A 97 10.67 10.55 4.37
CA SER A 97 10.85 11.71 5.22
C SER A 97 9.53 12.46 5.41
N LYS A 98 8.72 12.70 4.34
CA LYS A 98 7.49 13.46 4.53
C LYS A 98 6.27 12.60 4.32
N ILE A 99 6.38 11.27 4.54
CA ILE A 99 5.24 10.39 4.35
C ILE A 99 4.10 10.78 5.27
N ASP A 100 4.39 11.33 6.48
CA ASP A 100 3.30 11.67 7.35
C ASP A 100 3.42 13.11 7.77
N SER A 101 4.54 13.79 7.45
CA SER A 101 4.68 15.17 7.85
C SER A 101 4.14 16.09 6.79
N PHE A 102 3.68 15.56 5.63
CA PHE A 102 3.15 16.47 4.63
C PHE A 102 2.07 15.80 3.83
N ILE A 103 2.32 14.55 3.36
CA ILE A 103 1.34 13.86 2.54
C ILE A 103 0.11 13.51 3.34
N HIS A 104 0.28 12.95 4.56
CA HIS A 104 -0.87 12.55 5.34
C HIS A 104 -1.40 13.73 6.11
N VAL A 105 -0.75 14.92 5.99
CA VAL A 105 -1.24 16.08 6.69
C VAL A 105 -2.37 16.64 5.90
N GLU A 106 -2.19 16.73 4.56
CA GLU A 106 -3.22 17.27 3.71
C GLU A 106 -4.40 16.35 3.68
N VAL A 107 -4.16 15.01 3.64
CA VAL A 107 -5.25 14.05 3.59
C VAL A 107 -6.10 14.15 4.84
N TYR A 108 -5.46 14.19 6.04
CA TYR A 108 -6.19 14.24 7.30
C TYR A 108 -7.06 15.49 7.38
N LYS A 109 -6.51 16.68 7.05
CA LYS A 109 -7.28 17.90 7.14
C LYS A 109 -8.45 17.86 6.19
N LEU A 110 -8.28 17.24 4.99
CA LEU A 110 -9.34 17.19 4.03
C LEU A 110 -10.53 16.47 4.64
N TYR A 111 -10.51 15.14 4.73
CA TYR A 111 -11.66 14.46 5.31
C TYR A 111 -11.29 13.88 6.64
N PRO A 112 -12.22 13.96 7.56
CA PRO A 112 -12.07 13.48 8.91
C PRO A 112 -12.52 12.05 9.14
N GLN A 113 -12.99 11.35 8.08
CA GLN A 113 -13.45 9.99 8.25
C GLN A 113 -12.28 9.03 8.13
N ALA A 114 -11.06 9.57 8.00
CA ALA A 114 -9.91 8.70 7.84
C ALA A 114 -9.25 8.49 9.18
N GLU A 115 -8.74 7.25 9.40
CA GLU A 115 -8.05 6.94 10.64
C GLU A 115 -6.65 6.55 10.28
N LEU A 116 -5.67 6.98 11.12
CA LEU A 116 -4.28 6.68 10.83
C LEU A 116 -3.58 6.24 12.10
N PRO A 117 -2.55 5.43 11.91
CA PRO A 117 -1.74 4.89 12.99
C PRO A 117 -0.59 5.79 13.40
N LYS A 118 0.46 5.21 14.06
CA LYS A 118 1.58 6.01 14.48
C LYS A 118 2.80 5.59 13.71
N PHE A 119 3.63 6.58 13.27
CA PHE A 119 4.82 6.29 12.50
C PHE A 119 6.02 6.90 13.17
N THR A 120 7.07 6.07 13.42
CA THR A 120 8.29 6.59 14.01
C THR A 120 9.39 6.18 13.08
N CYS A 121 10.25 7.14 12.66
CA CYS A 121 11.31 6.79 11.74
C CYS A 121 12.64 7.08 12.36
N ASP A 122 13.54 6.06 12.35
CA ASP A 122 14.86 6.23 12.90
C ASP A 122 15.83 5.93 11.79
N ARG A 123 16.98 6.65 11.76
CA ARG A 123 17.96 6.41 10.72
C ARG A 123 19.04 5.55 11.34
N LEU A 124 20.18 5.38 10.64
CA LEU A 124 21.25 4.54 11.15
C LEU A 124 22.47 4.86 10.34
N GLY A 125 22.27 5.10 9.03
CA GLY A 125 23.39 5.39 8.16
C GLY A 125 22.85 5.83 6.84
N ASP A 126 23.61 5.57 5.75
CA ASP A 126 23.17 5.98 4.45
C ASP A 126 22.45 4.84 3.78
N ASN A 127 22.95 3.59 3.95
CA ASN A 127 22.32 2.46 3.31
C ASN A 127 21.40 1.76 4.29
N ASP A 128 21.25 2.29 5.52
CA ASP A 128 20.40 1.64 6.49
C ASP A 128 19.31 2.60 6.93
N ILE A 129 18.06 2.09 6.99
CA ILE A 129 16.94 2.89 7.43
C ILE A 129 16.04 1.99 8.25
N ARG A 130 15.54 2.50 9.39
CA ARG A 130 14.66 1.71 10.23
C ARG A 130 13.31 2.37 10.24
N LEU A 131 12.27 1.52 10.15
CA LEU A 131 10.92 2.02 10.12
C LEU A 131 10.14 1.33 11.21
N HIS A 132 9.63 2.13 12.17
CA HIS A 132 8.85 1.57 13.26
C HIS A 132 7.40 1.77 12.91
N TYR A 133 6.59 0.71 13.10
CA TYR A 133 5.20 0.81 12.76
C TYR A 133 4.41 0.32 13.95
N GLN A 134 3.53 1.19 14.50
CA GLN A 134 2.73 0.80 15.62
C GLN A 134 1.28 0.78 15.17
N SER A 135 0.69 -0.44 15.16
CA SER A 135 -0.69 -0.60 14.76
C SER A 135 -1.16 -1.92 15.30
N LYS A 136 -2.47 -2.05 15.61
CA LYS A 136 -2.99 -3.28 16.15
C LYS A 136 -3.45 -4.18 15.02
N ARG A 137 -3.29 -3.75 13.75
CA ARG A 137 -3.70 -4.57 12.64
C ARG A 137 -2.61 -4.48 11.60
N PRO A 138 -1.51 -5.15 11.88
CA PRO A 138 -0.35 -5.13 11.02
C PRO A 138 -0.25 -6.23 10.00
N PHE A 139 -0.41 -5.87 8.71
CA PHE A 139 -0.25 -6.85 7.66
C PHE A 139 1.00 -6.47 6.91
N ALA A 140 2.06 -7.29 7.07
CA ALA A 140 3.33 -7.03 6.41
C ALA A 140 3.21 -7.07 4.92
N SER A 141 2.42 -8.03 4.37
CA SER A 141 2.28 -8.13 2.93
C SER A 141 1.62 -6.89 2.35
N PHE A 142 0.83 -6.17 3.17
CA PHE A 142 0.14 -5.00 2.66
C PHE A 142 1.11 -3.84 2.54
N ALA A 143 1.92 -3.60 3.60
CA ALA A 143 2.86 -2.49 3.60
C ALA A 143 3.92 -2.70 2.54
N GLU A 144 4.42 -3.95 2.36
CA GLU A 144 5.45 -4.21 1.37
C GLU A 144 4.93 -3.89 -0.01
N GLY A 145 3.64 -4.20 -0.26
CA GLY A 145 3.06 -3.95 -1.55
C GLY A 145 3.14 -2.47 -1.87
N LEU A 146 2.84 -1.60 -0.87
CA LEU A 146 2.87 -0.16 -1.10
C LEU A 146 4.28 0.38 -1.27
N LEU A 147 5.28 -0.11 -0.48
CA LEU A 147 6.63 0.44 -0.59
C LEU A 147 7.28 0.02 -1.88
N ASP A 148 7.11 -1.26 -2.28
CA ASP A 148 7.70 -1.75 -3.49
C ASP A 148 7.01 -1.14 -4.71
N GLY A 149 5.70 -0.81 -4.60
CA GLY A 149 4.99 -0.22 -5.72
C GLY A 149 5.62 1.11 -6.04
N CYS A 150 6.01 1.86 -4.99
CA CYS A 150 6.66 3.14 -5.18
C CYS A 150 7.94 2.94 -5.95
N ALA A 151 8.72 1.87 -5.61
CA ALA A 151 9.97 1.62 -6.31
C ALA A 151 9.67 1.01 -7.66
N GLU A 152 8.38 0.82 -7.97
CA GLU A 152 8.01 0.27 -9.25
C GLU A 152 7.98 1.39 -10.27
N TYR A 153 7.34 2.54 -9.92
CA TYR A 153 7.29 3.65 -10.85
C TYR A 153 8.67 4.23 -11.02
N PHE A 154 9.45 4.41 -9.91
CA PHE A 154 10.77 4.99 -10.00
C PHE A 154 11.75 4.04 -10.67
N LYS A 155 11.49 2.71 -10.63
CA LYS A 155 12.40 1.74 -11.23
C LYS A 155 13.63 1.64 -10.36
N GLU A 156 13.45 1.07 -9.14
CA GLU A 156 14.56 0.92 -8.25
C GLU A 156 14.51 -0.47 -7.67
N ASP A 157 15.44 -0.77 -6.73
CA ASP A 157 15.45 -2.09 -6.16
C ASP A 157 15.90 -1.98 -4.73
N PHE A 158 14.92 -1.84 -3.81
CA PHE A 158 15.23 -1.74 -2.40
C PHE A 158 14.68 -2.98 -1.75
N THR A 159 15.20 -3.37 -0.58
CA THR A 159 14.73 -4.58 0.06
C THR A 159 14.15 -4.23 1.41
N ILE A 160 12.90 -4.68 1.64
CA ILE A 160 12.23 -4.43 2.91
C ILE A 160 12.28 -5.73 3.68
N SER A 161 12.88 -5.68 4.89
CA SER A 161 13.00 -6.88 5.70
C SER A 161 12.26 -6.69 7.01
N ARG A 162 12.40 -7.68 7.92
CA ARG A 162 11.73 -7.64 9.19
C ARG A 162 12.62 -8.31 10.20
N THR A 163 12.44 -8.00 11.50
CA THR A 163 13.26 -8.64 12.51
C THR A 163 12.46 -9.75 13.12
N PRO A 164 13.16 -10.81 13.48
CA PRO A 164 12.57 -12.00 14.07
C PRO A 164 12.15 -11.85 15.51
N GLU A 165 12.57 -10.76 16.18
CA GLU A 165 12.22 -10.59 17.57
C GLU A 165 10.75 -10.23 17.69
N THR A 166 10.25 -9.34 16.80
CA THR A 166 8.86 -8.93 16.89
C THR A 166 8.10 -9.35 15.65
N GLN A 167 8.66 -10.26 14.83
CA GLN A 167 7.97 -10.71 13.65
C GLN A 167 6.73 -11.50 14.04
N ASP A 168 6.59 -11.89 15.34
CA ASP A 168 5.44 -12.66 15.72
C ASP A 168 4.71 -11.92 16.81
N SER A 169 4.73 -10.57 16.77
CA SER A 169 4.06 -9.80 17.78
C SER A 169 3.31 -8.69 17.10
N GLU A 170 2.16 -8.28 17.68
CA GLU A 170 1.37 -7.22 17.10
C GLU A 170 1.65 -5.95 17.85
N THR A 171 1.22 -4.79 17.25
CA THR A 171 1.41 -3.48 17.87
C THR A 171 2.80 -2.97 17.55
N ASP A 172 3.83 -3.73 17.97
CA ASP A 172 5.18 -3.29 17.73
C ASP A 172 5.81 -4.16 16.67
N VAL A 173 6.20 -3.53 15.54
CA VAL A 173 6.85 -4.26 14.47
C VAL A 173 8.08 -3.48 14.09
N ILE A 174 9.24 -4.18 13.97
CA ILE A 174 10.46 -3.51 13.61
C ILE A 174 10.78 -3.87 12.18
N PHE A 175 10.98 -2.83 11.34
CA PHE A 175 11.27 -3.05 9.94
C PHE A 175 12.67 -2.54 9.66
N ASN A 176 13.25 -3.09 8.58
CA ASN A 176 14.60 -2.73 8.20
C ASN A 176 14.63 -2.61 6.70
N ILE A 177 14.97 -1.42 6.18
CA ILE A 177 15.01 -1.21 4.75
C ILE A 177 16.46 -0.95 4.39
N THR A 178 17.00 -1.80 3.49
CA THR A 178 18.40 -1.70 3.10
C THR A 178 18.46 -1.41 1.62
N ARG A 179 19.44 -0.57 1.19
CA ARG A 179 19.58 -0.25 -0.22
C ARG A 179 20.52 -1.27 -0.80
N ALA A 180 20.05 -2.08 -1.78
CA ALA A 180 20.92 -3.05 -2.40
C ALA A 180 22.01 -2.30 -3.09
N PRO A 181 23.17 -2.91 -3.16
CA PRO A 181 24.34 -2.30 -3.78
C PRO A 181 24.17 -2.01 -5.24
N ARG A 182 24.63 -0.82 -5.64
CA ARG A 182 24.51 -0.42 -7.02
C ARG A 182 25.81 0.21 -7.44
N GLY A 183 26.08 0.13 -8.76
CA GLY A 183 27.28 0.71 -9.31
C GLY A 183 28.35 -0.34 -9.32
N ALA A 184 28.49 -1.09 -8.21
CA ALA A 184 29.50 -2.10 -8.13
C ALA A 184 29.09 -3.04 -7.04
N GLU A 185 29.62 -4.27 -7.07
CA GLU A 185 29.27 -5.23 -6.05
C GLU A 185 30.54 -5.60 -5.33
N ASN A 186 30.62 -5.25 -4.04
CA ASN A 186 31.81 -5.59 -3.28
C ASN A 186 31.37 -6.40 -2.10
N LEU A 187 31.94 -7.61 -1.94
CA LEU A 187 31.58 -8.43 -0.81
C LEU A 187 32.70 -8.38 0.18
N TYR A 188 33.88 -8.93 -0.19
CA TYR A 188 34.99 -8.91 0.73
C TYR A 188 36.26 -8.89 -0.08
N PHE A 189 36.81 -10.08 -0.39
CA PHE A 189 38.03 -10.15 -1.16
C PHE A 189 37.79 -11.06 -2.33
N GLN A 190 38.44 -10.76 -3.46
CA GLN A 190 38.27 -11.59 -4.62
C GLN A 190 39.46 -12.55 -4.69
N MET A 1 -8.66 6.47 2.16
CA MET A 1 -9.68 6.63 1.09
C MET A 1 -10.25 5.29 0.71
N MET A 2 -11.36 4.88 1.38
CA MET A 2 -11.96 3.60 1.10
C MET A 2 -12.79 3.71 -0.15
N GLY A 3 -13.22 4.93 -0.52
CA GLY A 3 -14.01 5.10 -1.70
C GLY A 3 -13.12 5.01 -2.92
N MET A 4 -11.90 5.58 -2.82
CA MET A 4 -10.98 5.59 -3.94
C MET A 4 -10.44 4.21 -4.20
N VAL A 5 -10.18 3.41 -3.13
CA VAL A 5 -9.65 2.08 -3.32
C VAL A 5 -10.72 1.19 -3.92
N PHE A 6 -12.01 1.57 -3.74
CA PHE A 6 -13.09 0.78 -4.30
C PHE A 6 -13.09 0.92 -5.79
N THR A 7 -12.73 2.13 -6.30
CA THR A 7 -12.69 2.34 -7.73
C THR A 7 -11.58 1.50 -8.31
N GLY A 8 -10.43 1.43 -7.60
CA GLY A 8 -9.29 0.66 -8.05
C GLY A 8 -9.65 -0.81 -8.13
N LEU A 9 -10.46 -1.30 -7.17
CA LEU A 9 -10.84 -2.70 -7.13
C LEU A 9 -11.70 -3.05 -8.33
N MET A 10 -12.64 -2.15 -8.71
CA MET A 10 -13.53 -2.44 -9.83
C MET A 10 -12.75 -2.59 -11.12
N GLU A 11 -11.75 -1.70 -11.33
CA GLU A 11 -10.98 -1.75 -12.56
C GLU A 11 -10.16 -3.02 -12.67
N LEU A 12 -9.56 -3.47 -11.54
CA LEU A 12 -8.72 -4.67 -11.54
C LEU A 12 -9.52 -5.93 -11.83
N ILE A 13 -10.74 -6.09 -11.25
CA ILE A 13 -11.46 -7.34 -11.46
C ILE A 13 -12.04 -7.41 -12.86
N GLU A 14 -12.53 -6.27 -13.41
CA GLU A 14 -13.18 -6.29 -14.71
C GLU A 14 -12.16 -6.57 -15.81
N ASP A 15 -10.98 -5.93 -15.73
CA ASP A 15 -9.98 -6.08 -16.76
C ASP A 15 -9.33 -7.44 -16.71
N GLU A 16 -9.17 -8.04 -15.51
CA GLU A 16 -8.48 -9.30 -15.41
C GLU A 16 -9.28 -10.46 -15.96
N PHE A 17 -10.57 -10.62 -15.57
CA PHE A 17 -11.29 -11.79 -16.06
C PHE A 17 -12.58 -11.43 -16.73
N GLY A 18 -13.15 -10.24 -16.47
CA GLY A 18 -14.38 -9.93 -17.13
C GLY A 18 -15.41 -9.44 -16.15
N TYR A 19 -16.46 -8.81 -16.73
CA TYR A 19 -17.57 -8.27 -15.97
C TYR A 19 -18.39 -9.37 -15.32
N GLU A 20 -18.37 -10.62 -15.86
CA GLU A 20 -19.16 -11.68 -15.24
C GLU A 20 -18.66 -11.96 -13.84
N THR A 21 -17.31 -12.03 -13.67
CA THR A 21 -16.72 -12.29 -12.37
C THR A 21 -16.98 -11.09 -11.50
N LEU A 22 -16.93 -9.88 -12.11
CA LEU A 22 -17.14 -8.64 -11.41
C LEU A 22 -18.53 -8.63 -10.81
N ASP A 23 -19.53 -9.19 -11.53
CA ASP A 23 -20.90 -9.21 -11.07
C ASP A 23 -21.03 -10.08 -9.83
N THR A 24 -20.29 -11.21 -9.76
CA THR A 24 -20.41 -12.10 -8.61
C THR A 24 -19.94 -11.38 -7.37
N LEU A 25 -18.83 -10.60 -7.48
CA LEU A 25 -18.30 -9.89 -6.33
C LEU A 25 -19.29 -8.83 -5.88
N LEU A 26 -20.00 -8.18 -6.85
CA LEU A 26 -20.95 -7.14 -6.50
C LEU A 26 -22.17 -7.74 -5.88
N GLU A 27 -22.35 -9.08 -5.96
CA GLU A 27 -23.51 -9.67 -5.33
C GLU A 27 -23.16 -10.04 -3.91
N SER A 28 -21.86 -10.28 -3.62
CA SER A 28 -21.45 -10.60 -2.27
C SER A 28 -21.63 -9.38 -1.41
N CYS A 29 -21.37 -8.16 -1.98
CA CYS A 29 -21.52 -6.96 -1.18
C CYS A 29 -22.91 -6.42 -1.40
N GLU A 30 -23.38 -6.47 -2.67
CA GLU A 30 -24.71 -6.01 -3.03
C GLU A 30 -24.65 -4.53 -3.28
N LEU A 31 -25.28 -4.06 -4.38
CA LEU A 31 -25.28 -2.65 -4.69
C LEU A 31 -26.43 -2.01 -3.95
N GLN A 32 -26.70 -0.72 -4.27
CA GLN A 32 -27.77 -0.01 -3.61
C GLN A 32 -28.31 1.02 -4.57
N SER A 33 -27.49 1.45 -5.55
CA SER A 33 -27.94 2.46 -6.47
C SER A 33 -27.26 2.21 -7.80
N GLU A 34 -25.92 2.37 -7.84
CA GLU A 34 -25.22 2.18 -9.08
C GLU A 34 -24.05 1.26 -8.81
N GLY A 35 -23.18 1.63 -7.86
CA GLY A 35 -22.05 0.79 -7.55
C GLY A 35 -20.81 1.64 -7.51
N ILE A 36 -20.67 2.59 -8.46
CA ILE A 36 -19.48 3.42 -8.47
C ILE A 36 -19.90 4.79 -7.99
N TYR A 37 -19.60 5.11 -6.71
CA TYR A 37 -19.96 6.39 -6.16
C TYR A 37 -19.06 7.46 -6.75
N THR A 38 -17.79 7.08 -7.10
CA THR A 38 -16.81 8.00 -7.69
C THR A 38 -15.67 8.15 -6.71
N SER A 39 -15.92 8.79 -5.53
CA SER A 39 -14.86 8.97 -4.56
C SER A 39 -15.40 9.81 -3.44
N VAL A 40 -16.41 9.30 -2.70
CA VAL A 40 -16.97 10.08 -1.62
C VAL A 40 -17.45 9.17 -0.53
N GLY A 41 -17.40 7.84 -0.72
CA GLY A 41 -17.89 6.95 0.30
C GLY A 41 -16.75 6.45 1.14
N SER A 42 -17.02 6.29 2.45
CA SER A 42 -16.01 5.77 3.36
C SER A 42 -16.64 4.57 4.02
N TYR A 43 -15.98 3.40 3.89
CA TYR A 43 -16.54 2.20 4.48
C TYR A 43 -15.59 1.69 5.52
N ASP A 44 -16.01 0.61 6.22
CA ASP A 44 -15.19 0.04 7.26
C ASP A 44 -14.18 -0.88 6.62
N HIS A 45 -13.44 -1.63 7.47
CA HIS A 45 -12.44 -2.52 6.94
C HIS A 45 -13.05 -3.87 6.70
N GLN A 46 -14.25 -4.13 7.26
CA GLN A 46 -14.91 -5.40 7.03
C GLN A 46 -15.34 -5.45 5.60
N GLU A 47 -15.64 -4.26 5.01
CA GLU A 47 -16.07 -4.18 3.62
C GLU A 47 -14.95 -4.67 2.74
N LEU A 48 -13.68 -4.30 3.10
CA LEU A 48 -12.52 -4.71 2.33
C LEU A 48 -12.31 -6.20 2.46
N LEU A 49 -12.56 -6.75 3.67
CA LEU A 49 -12.31 -8.15 3.91
C LEU A 49 -13.38 -8.99 3.25
N GLN A 50 -14.60 -8.45 3.10
CA GLN A 50 -15.67 -9.23 2.50
C GLN A 50 -15.38 -9.43 1.02
N LEU A 51 -14.85 -8.38 0.33
CA LEU A 51 -14.57 -8.51 -1.09
C LEU A 51 -13.24 -9.17 -1.31
N VAL A 52 -12.36 -9.22 -0.28
CA VAL A 52 -11.07 -9.84 -0.46
C VAL A 52 -11.25 -11.33 -0.31
N VAL A 53 -12.16 -11.74 0.61
CA VAL A 53 -12.43 -13.14 0.83
C VAL A 53 -13.13 -13.71 -0.38
N LYS A 54 -14.07 -12.93 -1.00
CA LYS A 54 -14.79 -13.44 -2.15
C LYS A 54 -13.83 -13.60 -3.31
N LEU A 55 -12.78 -12.73 -3.38
CA LEU A 55 -11.82 -12.84 -4.47
C LEU A 55 -11.09 -14.16 -4.40
N SER A 56 -10.75 -14.62 -3.17
CA SER A 56 -10.04 -15.88 -3.03
C SER A 56 -10.92 -17.05 -3.46
N GLU A 57 -12.24 -16.99 -3.19
CA GLU A 57 -13.09 -18.12 -3.54
C GLU A 57 -13.61 -18.04 -4.98
N VAL A 58 -13.94 -16.84 -5.49
CA VAL A 58 -14.50 -16.74 -6.83
C VAL A 58 -13.43 -16.93 -7.90
N SER A 59 -12.22 -16.37 -7.72
CA SER A 59 -11.21 -16.51 -8.74
C SER A 59 -10.15 -17.49 -8.31
N SER A 60 -10.22 -17.98 -7.05
CA SER A 60 -9.24 -18.95 -6.56
C SER A 60 -7.89 -18.29 -6.48
N VAL A 61 -7.84 -17.02 -6.06
CA VAL A 61 -6.58 -16.32 -5.96
C VAL A 61 -6.36 -16.04 -4.49
N PRO A 62 -5.23 -16.48 -4.00
CA PRO A 62 -4.85 -16.32 -2.60
C PRO A 62 -4.82 -14.88 -2.16
N VAL A 63 -5.00 -14.68 -0.83
CA VAL A 63 -5.05 -13.34 -0.28
C VAL A 63 -3.68 -12.71 -0.22
N THR A 64 -2.57 -13.45 -0.42
CA THR A 64 -1.28 -12.80 -0.32
C THR A 64 -0.82 -12.35 -1.68
N GLU A 65 -1.14 -13.11 -2.76
CA GLU A 65 -0.71 -12.70 -4.09
C GLU A 65 -1.66 -11.64 -4.59
N LEU A 66 -2.89 -11.57 -4.03
CA LEU A 66 -3.84 -10.59 -4.48
C LEU A 66 -3.48 -9.27 -3.83
N VAL A 67 -2.98 -9.31 -2.57
CA VAL A 67 -2.61 -8.08 -1.91
C VAL A 67 -1.40 -7.46 -2.57
N ARG A 68 -0.48 -8.29 -3.16
CA ARG A 68 0.69 -7.72 -3.81
C ARG A 68 0.31 -6.98 -5.07
N LEU A 69 -0.52 -7.61 -5.94
CA LEU A 69 -0.93 -6.97 -7.19
C LEU A 69 -1.75 -5.73 -6.91
N PHE A 70 -2.60 -5.77 -5.85
CA PHE A 70 -3.45 -4.64 -5.52
C PHE A 70 -2.62 -3.40 -5.21
N GLY A 71 -1.57 -3.55 -4.36
CA GLY A 71 -0.76 -2.42 -3.97
C GLY A 71 -0.06 -1.79 -5.14
N LYS A 72 0.44 -2.59 -6.11
CA LYS A 72 1.17 -2.02 -7.23
C LYS A 72 0.27 -1.14 -8.10
N LYS A 73 -0.94 -1.63 -8.44
CA LYS A 73 -1.83 -0.89 -9.32
C LYS A 73 -2.29 0.43 -8.73
N LEU A 74 -2.79 0.45 -7.48
CA LEU A 74 -3.32 1.68 -6.90
C LEU A 74 -2.25 2.72 -6.66
N PHE A 75 -1.06 2.34 -6.17
CA PHE A 75 -0.03 3.33 -5.88
C PHE A 75 0.43 4.04 -7.15
N VAL A 76 0.68 3.30 -8.26
CA VAL A 76 1.14 3.94 -9.49
C VAL A 76 -0.01 4.72 -10.11
N GLU A 77 -1.25 4.47 -9.65
CA GLU A 77 -2.38 5.20 -10.18
C GLU A 77 -2.36 6.61 -9.61
N LEU A 78 -1.98 6.74 -8.31
CA LEU A 78 -1.93 8.04 -7.68
C LEU A 78 -0.83 8.87 -8.30
N ILE A 79 0.31 8.23 -8.66
CA ILE A 79 1.43 8.95 -9.22
C ILE A 79 1.02 9.57 -10.54
N GLU A 80 0.43 8.75 -11.44
CA GLU A 80 0.00 9.23 -12.74
C GLU A 80 -1.15 10.19 -12.63
N GLY A 81 -1.91 10.17 -11.50
CA GLY A 81 -3.04 11.04 -11.40
C GLY A 81 -2.71 12.27 -10.60
N HIS A 82 -1.46 12.39 -10.08
CA HIS A 82 -1.14 13.55 -9.30
C HIS A 82 0.25 14.02 -9.65
N PRO A 83 0.29 14.87 -10.64
CA PRO A 83 1.54 15.44 -11.13
C PRO A 83 2.23 16.34 -10.15
N GLU A 84 1.49 16.99 -9.24
CA GLU A 84 2.14 17.87 -8.29
C GLU A 84 2.40 17.12 -7.02
N ILE A 85 1.93 15.85 -6.94
CA ILE A 85 2.15 15.09 -5.75
C ILE A 85 3.46 14.40 -5.93
N ALA A 86 3.93 14.26 -7.20
CA ALA A 86 5.20 13.62 -7.44
C ALA A 86 6.23 14.67 -7.74
N ASN A 87 5.80 15.87 -8.24
CA ASN A 87 6.74 16.93 -8.53
C ASN A 87 7.33 17.44 -7.24
N GLU A 88 6.51 17.52 -6.16
CA GLU A 88 7.00 18.01 -4.89
C GLU A 88 8.05 17.06 -4.32
N MET A 89 7.89 15.74 -4.55
CA MET A 89 8.84 14.77 -4.01
C MET A 89 10.02 14.67 -4.95
N LYS A 90 11.22 14.34 -4.40
CA LYS A 90 12.41 14.27 -5.23
C LYS A 90 12.95 12.86 -5.31
N ASP A 91 12.63 11.98 -4.33
CA ASP A 91 13.19 10.64 -4.38
C ASP A 91 12.42 9.78 -3.41
N SER A 92 12.71 8.46 -3.44
CA SER A 92 12.04 7.51 -2.57
C SER A 92 12.41 7.73 -1.13
N PHE A 93 13.70 8.04 -0.82
CA PHE A 93 14.08 8.24 0.56
C PHE A 93 13.41 9.49 1.08
N ASP A 94 13.33 10.55 0.25
CA ASP A 94 12.68 11.78 0.66
C ASP A 94 11.21 11.51 0.88
N LEU A 95 10.68 10.46 0.21
CA LEU A 95 9.28 10.11 0.34
C LEU A 95 9.01 9.68 1.77
N LEU A 96 9.88 8.81 2.34
CA LEU A 96 9.70 8.34 3.71
C LEU A 96 9.71 9.50 4.67
N SER A 97 10.56 10.51 4.40
CA SER A 97 10.65 11.66 5.29
C SER A 97 9.38 12.51 5.19
N LYS A 98 8.84 12.67 3.96
CA LYS A 98 7.68 13.52 3.73
C LYS A 98 6.38 12.75 3.93
N ILE A 99 6.42 11.46 4.33
CA ILE A 99 5.19 10.69 4.47
C ILE A 99 4.28 11.29 5.51
N ASP A 100 4.77 11.66 6.70
CA ASP A 100 3.87 12.17 7.70
C ASP A 100 3.82 13.67 7.68
N SER A 101 4.88 14.34 7.15
CA SER A 101 4.89 15.79 7.14
C SER A 101 3.78 16.37 6.30
N PHE A 102 3.59 15.94 5.02
CA PHE A 102 2.57 16.59 4.23
C PHE A 102 1.68 15.63 3.47
N ILE A 103 2.05 14.34 3.29
CA ILE A 103 1.18 13.46 2.52
C ILE A 103 -0.08 13.14 3.29
N HIS A 104 0.04 12.69 4.56
CA HIS A 104 -1.13 12.31 5.29
C HIS A 104 -1.66 13.49 6.08
N VAL A 105 -1.02 14.68 5.98
CA VAL A 105 -1.51 15.82 6.70
C VAL A 105 -2.53 16.50 5.81
N GLU A 106 -2.29 16.46 4.48
CA GLU A 106 -3.20 17.07 3.54
C GLU A 106 -4.45 16.24 3.45
N VAL A 107 -4.31 14.90 3.45
CA VAL A 107 -5.48 14.07 3.35
C VAL A 107 -6.27 14.11 4.64
N TYR A 108 -5.58 14.16 5.82
CA TYR A 108 -6.27 14.22 7.10
C TYR A 108 -7.13 15.46 7.20
N LYS A 109 -6.57 16.66 6.89
CA LYS A 109 -7.33 17.88 6.98
C LYS A 109 -8.54 17.81 6.07
N LEU A 110 -8.39 17.19 4.88
CA LEU A 110 -9.50 17.07 3.95
C LEU A 110 -10.64 16.36 4.63
N TYR A 111 -10.56 15.03 4.82
CA TYR A 111 -11.65 14.35 5.47
C TYR A 111 -11.11 13.68 6.72
N PRO A 112 -11.88 13.81 7.78
CA PRO A 112 -11.53 13.26 9.08
C PRO A 112 -11.92 11.81 9.29
N GLN A 113 -12.59 11.18 8.30
CA GLN A 113 -13.00 9.80 8.46
C GLN A 113 -11.80 8.89 8.51
N ALA A 114 -10.75 9.21 7.73
CA ALA A 114 -9.56 8.36 7.69
C ALA A 114 -8.91 8.34 9.05
N GLU A 115 -8.34 7.16 9.40
CA GLU A 115 -7.67 7.03 10.68
C GLU A 115 -6.21 6.79 10.40
N LEU A 116 -5.36 7.29 11.31
CA LEU A 116 -3.94 7.14 11.12
C LEU A 116 -3.33 6.54 12.37
N PRO A 117 -2.34 5.71 12.16
CA PRO A 117 -1.59 5.04 13.21
C PRO A 117 -0.43 5.86 13.73
N LYS A 118 0.60 5.19 14.31
CA LYS A 118 1.72 5.96 14.82
C LYS A 118 2.97 5.50 14.10
N PHE A 119 3.86 6.46 13.75
CA PHE A 119 5.07 6.10 13.03
C PHE A 119 6.27 6.77 13.67
N THR A 120 7.34 5.98 13.89
CA THR A 120 8.58 6.53 14.43
C THR A 120 9.65 6.18 13.44
N CYS A 121 10.44 7.17 12.98
CA CYS A 121 11.45 6.86 11.99
C CYS A 121 12.81 7.17 12.56
N ASP A 122 13.72 6.17 12.47
CA ASP A 122 15.06 6.36 12.95
C ASP A 122 15.96 6.22 11.74
N ARG A 123 17.15 6.87 11.75
CA ARG A 123 18.04 6.77 10.63
C ARG A 123 19.36 6.26 11.15
N LEU A 124 19.78 5.06 10.68
CA LEU A 124 21.02 4.48 11.14
C LEU A 124 22.16 4.91 10.26
N GLY A 125 21.87 5.42 9.04
CA GLY A 125 22.96 5.81 8.19
C GLY A 125 22.41 6.24 6.86
N ASP A 126 23.20 6.01 5.79
CA ASP A 126 22.77 6.41 4.48
C ASP A 126 22.10 5.24 3.81
N ASN A 127 22.62 4.01 4.03
CA ASN A 127 22.03 2.85 3.39
C ASN A 127 21.18 2.09 4.38
N ASP A 128 21.07 2.59 5.64
CA ASP A 128 20.28 1.89 6.62
C ASP A 128 19.17 2.80 7.10
N ILE A 129 17.93 2.26 7.12
CA ILE A 129 16.80 3.04 7.57
C ILE A 129 15.91 2.11 8.37
N ARG A 130 15.41 2.60 9.52
CA ARG A 130 14.53 1.79 10.35
C ARG A 130 13.20 2.45 10.39
N LEU A 131 12.13 1.62 10.29
CA LEU A 131 10.80 2.13 10.31
C LEU A 131 10.02 1.38 11.37
N HIS A 132 9.54 2.14 12.40
CA HIS A 132 8.76 1.54 13.46
C HIS A 132 7.31 1.75 13.12
N TYR A 133 6.50 0.68 13.27
CA TYR A 133 5.11 0.78 12.93
C TYR A 133 4.31 0.25 14.09
N GLN A 134 3.41 1.10 14.66
CA GLN A 134 2.59 0.65 15.76
C GLN A 134 1.16 0.68 15.31
N SER A 135 0.54 -0.53 15.25
CA SER A 135 -0.84 -0.64 14.83
C SER A 135 -1.31 -2.01 15.27
N LYS A 136 -2.65 -2.15 15.46
CA LYS A 136 -3.19 -3.42 15.92
C LYS A 136 -3.56 -4.27 14.72
N ARG A 137 -3.31 -3.78 13.48
CA ARG A 137 -3.65 -4.56 12.31
C ARG A 137 -2.47 -4.48 11.38
N PRO A 138 -1.42 -5.19 11.72
CA PRO A 138 -0.19 -5.18 10.96
C PRO A 138 -0.03 -6.29 9.96
N PHE A 139 -0.18 -5.96 8.66
CA PHE A 139 0.01 -6.95 7.64
C PHE A 139 1.25 -6.54 6.87
N ALA A 140 2.31 -7.37 6.97
CA ALA A 140 3.56 -7.08 6.28
C ALA A 140 3.38 -7.09 4.78
N SER A 141 2.57 -8.02 4.25
CA SER A 141 2.39 -8.11 2.81
C SER A 141 1.74 -6.85 2.28
N PHE A 142 0.95 -6.15 3.11
CA PHE A 142 0.26 -4.96 2.64
C PHE A 142 1.24 -3.80 2.54
N ALA A 143 2.04 -3.58 3.62
CA ALA A 143 2.98 -2.47 3.63
C ALA A 143 4.03 -2.63 2.56
N GLU A 144 4.54 -3.87 2.34
CA GLU A 144 5.56 -4.10 1.34
C GLU A 144 5.03 -3.76 -0.03
N GLY A 145 3.75 -4.09 -0.29
CA GLY A 145 3.17 -3.81 -1.58
C GLY A 145 3.22 -2.32 -1.87
N LEU A 146 2.90 -1.47 -0.87
CA LEU A 146 2.92 -0.03 -1.07
C LEU A 146 4.32 0.52 -1.24
N LEU A 147 5.33 0.03 -0.44
CA LEU A 147 6.66 0.60 -0.54
C LEU A 147 7.32 0.19 -1.84
N ASP A 148 7.15 -1.10 -2.22
CA ASP A 148 7.75 -1.60 -3.44
C ASP A 148 7.08 -0.99 -4.66
N GLY A 149 5.76 -0.66 -4.58
CA GLY A 149 5.07 -0.07 -5.71
C GLY A 149 5.69 1.27 -6.02
N CYS A 150 6.05 2.03 -4.96
CA CYS A 150 6.67 3.32 -5.16
C CYS A 150 7.98 3.12 -5.88
N ALA A 151 8.77 2.08 -5.51
CA ALA A 151 10.03 1.82 -6.16
C ALA A 151 9.79 1.24 -7.54
N GLU A 152 8.51 1.02 -7.89
CA GLU A 152 8.19 0.49 -9.19
C GLU A 152 8.17 1.63 -10.18
N TYR A 153 7.51 2.76 -9.82
CA TYR A 153 7.48 3.90 -10.72
C TYR A 153 8.89 4.46 -10.88
N PHE A 154 9.64 4.62 -9.75
CA PHE A 154 10.98 5.20 -9.81
C PHE A 154 11.94 4.25 -10.51
N LYS A 155 11.67 2.92 -10.47
CA LYS A 155 12.54 1.96 -11.10
C LYS A 155 13.79 1.79 -10.25
N GLU A 156 13.66 1.14 -9.09
CA GLU A 156 14.80 0.92 -8.23
C GLU A 156 14.44 -0.19 -7.28
N ASP A 157 15.27 -1.26 -7.24
CA ASP A 157 14.97 -2.37 -6.36
C ASP A 157 15.53 -2.11 -4.98
N PHE A 158 14.62 -1.84 -4.01
CA PHE A 158 15.04 -1.65 -2.64
C PHE A 158 14.59 -2.88 -1.90
N THR A 159 15.12 -3.12 -0.67
CA THR A 159 14.73 -4.32 0.03
C THR A 159 14.13 -3.94 1.35
N ILE A 160 12.93 -4.50 1.63
CA ILE A 160 12.24 -4.26 2.88
C ILE A 160 12.29 -5.56 3.64
N SER A 161 12.87 -5.53 4.87
CA SER A 161 12.98 -6.73 5.67
C SER A 161 12.23 -6.54 6.96
N ARG A 162 12.38 -7.52 7.88
CA ARG A 162 11.69 -7.48 9.15
C ARG A 162 12.56 -8.20 10.15
N THR A 163 12.36 -7.93 11.48
CA THR A 163 13.16 -8.61 12.47
C THR A 163 12.35 -9.74 13.05
N PRO A 164 13.06 -10.79 13.39
CA PRO A 164 12.45 -12.00 13.95
C PRO A 164 12.03 -11.91 15.38
N GLU A 165 12.45 -10.84 16.09
CA GLU A 165 12.08 -10.72 17.49
C GLU A 165 10.62 -10.37 17.60
N THR A 166 10.12 -9.47 16.72
CA THR A 166 8.73 -9.09 16.78
C THR A 166 8.01 -9.49 15.52
N GLN A 167 8.61 -10.40 14.72
CA GLN A 167 7.95 -10.84 13.50
C GLN A 167 6.70 -11.63 13.84
N ASP A 168 6.49 -11.99 15.12
CA ASP A 168 5.30 -12.74 15.46
C ASP A 168 4.60 -12.04 16.59
N SER A 169 4.59 -10.69 16.55
CA SER A 169 3.94 -9.94 17.61
C SER A 169 3.15 -8.82 16.96
N GLU A 170 1.99 -8.48 17.55
CA GLU A 170 1.18 -7.42 17.00
C GLU A 170 1.44 -6.16 17.79
N THR A 171 1.05 -4.99 17.20
CA THR A 171 1.23 -3.69 17.84
C THR A 171 2.63 -3.18 17.57
N ASP A 172 3.65 -3.96 17.96
CA ASP A 172 5.01 -3.51 17.75
C ASP A 172 5.67 -4.33 16.67
N VAL A 173 6.08 -3.67 15.57
CA VAL A 173 6.76 -4.38 14.49
C VAL A 173 7.98 -3.56 14.12
N ILE A 174 9.14 -4.24 14.00
CA ILE A 174 10.36 -3.55 13.66
C ILE A 174 10.68 -3.86 12.22
N PHE A 175 10.89 -2.80 11.41
CA PHE A 175 11.18 -2.99 10.01
C PHE A 175 12.56 -2.48 9.74
N ASN A 176 13.19 -3.05 8.70
CA ASN A 176 14.53 -2.67 8.33
C ASN A 176 14.57 -2.53 6.83
N ILE A 177 14.90 -1.33 6.33
CA ILE A 177 14.94 -1.10 4.91
C ILE A 177 16.39 -0.83 4.55
N THR A 178 16.97 -1.69 3.69
CA THR A 178 18.36 -1.56 3.32
C THR A 178 18.45 -1.52 1.81
N ARG A 179 19.34 -0.67 1.24
CA ARG A 179 19.47 -0.62 -0.20
C ARG A 179 20.34 -1.78 -0.61
N ALA A 180 19.80 -2.68 -1.48
CA ALA A 180 20.56 -3.81 -1.94
C ALA A 180 21.70 -3.30 -2.77
N PRO A 181 22.78 -4.04 -2.74
CA PRO A 181 23.99 -3.67 -3.48
C PRO A 181 23.74 -3.44 -4.94
N ARG A 182 24.09 -2.24 -5.41
CA ARG A 182 23.91 -1.92 -6.79
C ARG A 182 25.11 -1.17 -7.27
N GLY A 183 25.44 -1.36 -8.57
CA GLY A 183 26.59 -0.70 -9.13
C GLY A 183 27.83 -1.36 -8.59
N ALA A 184 28.00 -2.68 -8.89
CA ALA A 184 29.14 -3.42 -8.41
C ALA A 184 28.90 -3.78 -6.97
N GLU A 185 29.72 -4.69 -6.43
CA GLU A 185 29.55 -5.08 -5.06
C GLU A 185 30.88 -5.02 -4.38
N ASN A 186 30.97 -4.19 -3.31
CA ASN A 186 32.20 -4.07 -2.58
C ASN A 186 31.91 -4.40 -1.15
N LEU A 187 32.71 -5.32 -0.56
CA LEU A 187 32.49 -5.68 0.82
C LEU A 187 33.59 -5.06 1.64
N TYR A 188 34.79 -5.67 1.60
CA TYR A 188 35.90 -5.13 2.35
C TYR A 188 37.08 -5.05 1.44
N PHE A 189 37.87 -6.15 1.34
CA PHE A 189 39.02 -6.14 0.48
C PHE A 189 38.93 -7.34 -0.41
N GLN A 190 39.45 -7.20 -1.65
CA GLN A 190 39.42 -8.31 -2.57
C GLN A 190 40.74 -9.06 -2.44
N MET A 1 -8.87 6.53 1.90
CA MET A 1 -10.12 6.74 1.11
C MET A 1 -10.68 5.42 0.67
N MET A 2 -11.84 5.03 1.22
CA MET A 2 -12.44 3.76 0.85
C MET A 2 -13.17 3.91 -0.45
N GLY A 3 -13.50 5.16 -0.85
CA GLY A 3 -14.20 5.36 -2.11
C GLY A 3 -13.23 5.13 -3.24
N MET A 4 -11.98 5.62 -3.09
CA MET A 4 -11.00 5.48 -4.15
C MET A 4 -10.55 4.04 -4.31
N VAL A 5 -10.43 3.29 -3.19
CA VAL A 5 -9.98 1.91 -3.30
C VAL A 5 -11.06 1.07 -3.97
N PHE A 6 -12.34 1.53 -3.91
CA PHE A 6 -13.41 0.80 -4.55
C PHE A 6 -13.27 0.93 -6.04
N THR A 7 -12.82 2.12 -6.52
CA THR A 7 -12.67 2.33 -7.95
C THR A 7 -11.56 1.44 -8.47
N GLY A 8 -10.45 1.32 -7.70
CA GLY A 8 -9.32 0.50 -8.11
C GLY A 8 -9.73 -0.95 -8.22
N LEU A 9 -10.59 -1.42 -7.28
CA LEU A 9 -11.01 -2.81 -7.27
C LEU A 9 -11.83 -3.12 -8.51
N MET A 10 -12.72 -2.20 -8.94
CA MET A 10 -13.56 -2.46 -10.09
C MET A 10 -12.72 -2.63 -11.35
N GLU A 11 -11.67 -1.79 -11.52
CA GLU A 11 -10.85 -1.88 -12.72
C GLU A 11 -10.07 -3.18 -12.78
N LEU A 12 -9.49 -3.61 -11.63
CA LEU A 12 -8.69 -4.83 -11.59
C LEU A 12 -9.49 -6.08 -11.89
N ILE A 13 -10.71 -6.24 -11.33
CA ILE A 13 -11.45 -7.48 -11.53
C ILE A 13 -11.99 -7.57 -12.94
N GLU A 14 -12.44 -6.43 -13.52
CA GLU A 14 -13.04 -6.46 -14.84
C GLU A 14 -12.03 -6.84 -15.90
N ASP A 15 -10.81 -6.29 -15.83
CA ASP A 15 -9.80 -6.54 -16.83
C ASP A 15 -9.22 -7.94 -16.72
N GLU A 16 -9.02 -8.44 -15.49
CA GLU A 16 -8.37 -9.72 -15.32
C GLU A 16 -9.23 -10.90 -15.75
N PHE A 17 -10.55 -10.92 -15.43
CA PHE A 17 -11.30 -12.10 -15.81
C PHE A 17 -12.58 -11.79 -16.54
N GLY A 18 -13.20 -10.61 -16.33
CA GLY A 18 -14.43 -10.38 -17.05
C GLY A 18 -15.36 -9.52 -16.24
N TYR A 19 -16.54 -9.25 -16.84
CA TYR A 19 -17.52 -8.41 -16.21
C TYR A 19 -18.53 -9.32 -15.55
N GLU A 20 -18.60 -10.60 -15.98
CA GLU A 20 -19.52 -11.53 -15.37
C GLU A 20 -19.02 -11.85 -13.98
N THR A 21 -17.67 -12.01 -13.85
CA THR A 21 -17.07 -12.28 -12.57
C THR A 21 -17.23 -11.05 -11.72
N LEU A 22 -17.08 -9.86 -12.35
CA LEU A 22 -17.21 -8.60 -11.66
C LEU A 22 -18.61 -8.49 -11.06
N ASP A 23 -19.64 -9.00 -11.79
CA ASP A 23 -21.02 -8.93 -11.33
C ASP A 23 -21.21 -9.78 -10.08
N THR A 24 -20.52 -10.93 -9.99
CA THR A 24 -20.68 -11.81 -8.83
C THR A 24 -20.19 -11.07 -7.61
N LEU A 25 -19.08 -10.31 -7.77
CA LEU A 25 -18.49 -9.57 -6.66
C LEU A 25 -19.48 -8.52 -6.18
N LEU A 26 -20.21 -7.88 -7.13
CA LEU A 26 -21.16 -6.84 -6.75
C LEU A 26 -22.39 -7.44 -6.11
N GLU A 27 -22.59 -8.77 -6.21
CA GLU A 27 -23.74 -9.36 -5.58
C GLU A 27 -23.39 -9.70 -4.16
N SER A 28 -22.10 -9.97 -3.86
CA SER A 28 -21.69 -10.29 -2.52
C SER A 28 -21.86 -9.05 -1.65
N CYS A 29 -21.58 -7.85 -2.21
CA CYS A 29 -21.72 -6.65 -1.39
C CYS A 29 -23.10 -6.09 -1.63
N GLU A 30 -23.59 -6.18 -2.89
CA GLU A 30 -24.91 -5.72 -3.28
C GLU A 30 -24.80 -4.24 -3.59
N LEU A 31 -25.41 -3.81 -4.73
CA LEU A 31 -25.37 -2.42 -5.10
C LEU A 31 -26.50 -1.70 -4.41
N GLN A 32 -26.72 -0.43 -4.83
CA GLN A 32 -27.77 0.35 -4.23
C GLN A 32 -28.27 1.33 -5.26
N SER A 33 -27.40 1.70 -6.24
CA SER A 33 -27.82 2.65 -7.24
C SER A 33 -27.15 2.30 -8.53
N GLU A 34 -25.81 2.46 -8.60
CA GLU A 34 -25.12 2.18 -9.84
C GLU A 34 -23.96 1.27 -9.56
N GLY A 35 -23.12 1.64 -8.55
CA GLY A 35 -21.99 0.81 -8.23
C GLY A 35 -20.74 1.64 -8.23
N ILE A 36 -20.61 2.58 -9.20
CA ILE A 36 -19.44 3.42 -9.24
C ILE A 36 -19.88 4.81 -8.86
N TYR A 37 -19.61 5.21 -7.59
CA TYR A 37 -20.00 6.51 -7.13
C TYR A 37 -18.80 7.43 -7.17
N THR A 38 -17.62 6.92 -7.63
CA THR A 38 -16.41 7.72 -7.67
C THR A 38 -15.93 7.82 -6.25
N SER A 39 -14.84 8.59 -6.00
CA SER A 39 -14.33 8.70 -4.65
C SER A 39 -15.05 9.84 -3.96
N VAL A 40 -16.00 9.51 -3.05
CA VAL A 40 -16.74 10.54 -2.36
C VAL A 40 -17.21 10.01 -1.02
N GLY A 41 -17.30 8.66 -0.85
CA GLY A 41 -17.80 8.14 0.40
C GLY A 41 -16.74 7.35 1.09
N SER A 42 -17.03 6.95 2.36
CA SER A 42 -16.10 6.19 3.14
C SER A 42 -16.86 5.01 3.72
N TYR A 43 -16.26 3.80 3.67
CA TYR A 43 -16.90 2.63 4.21
C TYR A 43 -16.01 2.07 5.27
N ASP A 44 -16.48 1.00 5.97
CA ASP A 44 -15.69 0.40 7.01
C ASP A 44 -14.66 -0.49 6.37
N HIS A 45 -13.88 -1.21 7.20
CA HIS A 45 -12.84 -2.07 6.67
C HIS A 45 -13.38 -3.46 6.52
N GLN A 46 -14.53 -3.77 7.16
CA GLN A 46 -15.12 -5.08 7.01
C GLN A 46 -15.61 -5.20 5.59
N GLU A 47 -15.98 -4.04 4.98
CA GLU A 47 -16.45 -3.99 3.62
C GLU A 47 -15.34 -4.49 2.70
N LEU A 48 -14.08 -4.08 3.01
CA LEU A 48 -12.93 -4.48 2.21
C LEU A 48 -12.67 -5.96 2.39
N LEU A 49 -12.84 -6.47 3.62
CA LEU A 49 -12.55 -7.86 3.90
C LEU A 49 -13.58 -8.75 3.25
N GLN A 50 -14.85 -8.30 3.18
CA GLN A 50 -15.89 -9.12 2.60
C GLN A 50 -15.63 -9.29 1.11
N LEU A 51 -15.17 -8.24 0.40
CA LEU A 51 -14.93 -8.37 -1.03
C LEU A 51 -13.60 -9.04 -1.27
N VAL A 52 -12.70 -9.05 -0.28
CA VAL A 52 -11.41 -9.68 -0.49
C VAL A 52 -11.59 -11.17 -0.32
N VAL A 53 -12.49 -11.60 0.59
CA VAL A 53 -12.75 -13.00 0.80
C VAL A 53 -13.48 -13.56 -0.40
N LYS A 54 -14.46 -12.79 -0.98
CA LYS A 54 -15.19 -13.29 -2.12
C LYS A 54 -14.25 -13.42 -3.29
N LEU A 55 -13.17 -12.60 -3.32
CA LEU A 55 -12.21 -12.66 -4.40
C LEU A 55 -11.44 -13.97 -4.32
N SER A 56 -11.12 -14.44 -3.09
CA SER A 56 -10.36 -15.69 -2.97
C SER A 56 -11.22 -16.87 -3.33
N GLU A 57 -12.57 -16.73 -3.33
CA GLU A 57 -13.41 -17.86 -3.66
C GLU A 57 -13.90 -17.79 -5.09
N VAL A 58 -14.19 -16.58 -5.61
CA VAL A 58 -14.72 -16.45 -6.95
C VAL A 58 -13.66 -16.72 -8.00
N SER A 59 -12.40 -16.30 -7.75
CA SER A 59 -11.37 -16.51 -8.75
C SER A 59 -10.34 -17.48 -8.24
N SER A 60 -10.44 -17.87 -6.94
CA SER A 60 -9.49 -18.82 -6.36
C SER A 60 -8.13 -18.18 -6.35
N VAL A 61 -8.03 -16.94 -5.83
CA VAL A 61 -6.75 -16.28 -5.77
C VAL A 61 -6.38 -16.12 -4.32
N PRO A 62 -5.13 -16.40 -4.01
CA PRO A 62 -4.63 -16.31 -2.64
C PRO A 62 -4.70 -14.91 -2.11
N VAL A 63 -4.89 -14.78 -0.78
CA VAL A 63 -5.03 -13.49 -0.16
C VAL A 63 -3.70 -12.78 -0.05
N THR A 64 -2.55 -13.49 -0.23
CA THR A 64 -1.29 -12.79 -0.09
C THR A 64 -0.80 -12.33 -1.45
N GLU A 65 -1.07 -13.11 -2.52
CA GLU A 65 -0.63 -12.70 -3.83
C GLU A 65 -1.58 -11.65 -4.37
N LEU A 66 -2.80 -11.58 -3.81
CA LEU A 66 -3.77 -10.61 -4.26
C LEU A 66 -3.45 -9.27 -3.63
N VAL A 67 -3.00 -9.28 -2.35
CA VAL A 67 -2.68 -8.05 -1.68
C VAL A 67 -1.45 -7.42 -2.32
N ARG A 68 -0.56 -8.24 -2.94
CA ARG A 68 0.64 -7.69 -3.57
C ARG A 68 0.29 -6.94 -4.83
N LEU A 69 -0.45 -7.60 -5.77
CA LEU A 69 -0.79 -6.97 -7.03
C LEU A 69 -1.67 -5.75 -6.81
N PHE A 70 -2.55 -5.80 -5.79
CA PHE A 70 -3.46 -4.69 -5.51
C PHE A 70 -2.66 -3.44 -5.19
N GLY A 71 -1.64 -3.56 -4.29
CA GLY A 71 -0.84 -2.41 -3.90
C GLY A 71 -0.14 -1.78 -5.08
N LYS A 72 0.36 -2.59 -6.04
CA LYS A 72 1.10 -2.05 -7.16
C LYS A 72 0.23 -1.14 -8.03
N LYS A 73 -0.99 -1.61 -8.42
CA LYS A 73 -1.86 -0.83 -9.29
C LYS A 73 -2.33 0.48 -8.68
N LEU A 74 -2.83 0.47 -7.42
CA LEU A 74 -3.38 1.69 -6.85
C LEU A 74 -2.29 2.73 -6.58
N PHE A 75 -1.09 2.33 -6.12
CA PHE A 75 -0.06 3.32 -5.82
C PHE A 75 0.40 4.04 -7.07
N VAL A 76 0.63 3.31 -8.20
CA VAL A 76 1.08 3.97 -9.42
C VAL A 76 -0.07 4.77 -10.01
N GLU A 77 -1.30 4.53 -9.51
CA GLU A 77 -2.43 5.27 -10.02
C GLU A 77 -2.47 6.62 -9.34
N LEU A 78 -1.98 6.70 -8.08
CA LEU A 78 -1.94 7.97 -7.37
C LEU A 78 -0.86 8.85 -7.97
N ILE A 79 0.25 8.23 -8.42
CA ILE A 79 1.35 9.00 -8.97
C ILE A 79 0.90 9.68 -10.25
N GLU A 80 0.29 8.89 -11.17
CA GLU A 80 -0.19 9.45 -12.41
C GLU A 80 -1.38 10.35 -12.15
N GLY A 81 -2.12 10.05 -11.07
CA GLY A 81 -3.30 10.79 -10.72
C GLY A 81 -2.95 12.19 -10.32
N HIS A 82 -1.79 12.41 -9.67
CA HIS A 82 -1.48 13.74 -9.21
C HIS A 82 -0.05 14.06 -9.53
N PRO A 83 0.12 14.81 -10.58
CA PRO A 83 1.43 15.24 -11.05
C PRO A 83 2.13 16.17 -10.10
N GLU A 84 1.36 16.88 -9.23
CA GLU A 84 1.98 17.79 -8.31
C GLU A 84 2.27 17.06 -7.04
N ILE A 85 1.81 15.79 -6.93
CA ILE A 85 2.04 15.04 -5.73
C ILE A 85 3.34 14.32 -5.94
N ALA A 86 3.76 14.17 -7.22
CA ALA A 86 5.00 13.49 -7.51
C ALA A 86 6.06 14.53 -7.77
N ASN A 87 5.66 15.74 -8.24
CA ASN A 87 6.62 16.78 -8.51
C ASN A 87 7.19 17.31 -7.22
N GLU A 88 6.36 17.36 -6.14
CA GLU A 88 6.83 17.86 -4.87
C GLU A 88 7.90 16.95 -4.30
N MET A 89 7.76 15.62 -4.52
CA MET A 89 8.71 14.67 -3.98
C MET A 89 9.90 14.58 -4.93
N LYS A 90 11.10 14.22 -4.40
CA LYS A 90 12.28 14.19 -5.23
C LYS A 90 12.87 12.80 -5.30
N ASP A 91 12.61 11.92 -4.30
CA ASP A 91 13.21 10.61 -4.34
C ASP A 91 12.49 9.72 -3.35
N SER A 92 12.80 8.40 -3.41
CA SER A 92 12.18 7.42 -2.53
C SER A 92 12.54 7.68 -1.08
N PHE A 93 13.82 7.99 -0.78
CA PHE A 93 14.20 8.21 0.60
C PHE A 93 13.52 9.46 1.11
N ASP A 94 13.43 10.51 0.26
CA ASP A 94 12.79 11.73 0.67
C ASP A 94 11.32 11.47 0.90
N LEU A 95 10.76 10.43 0.23
CA LEU A 95 9.36 10.08 0.40
C LEU A 95 9.12 9.67 1.83
N LEU A 96 9.99 8.80 2.39
CA LEU A 96 9.84 8.33 3.76
C LEU A 96 9.85 9.50 4.72
N SER A 97 10.66 10.54 4.43
CA SER A 97 10.72 11.69 5.31
C SER A 97 9.42 12.47 5.25
N LYS A 98 8.84 12.60 4.03
CA LYS A 98 7.65 13.40 3.81
C LYS A 98 6.37 12.58 3.97
N ILE A 99 6.44 11.28 4.36
CA ILE A 99 5.22 10.48 4.46
C ILE A 99 4.26 11.04 5.49
N ASP A 100 4.73 11.39 6.70
CA ASP A 100 3.79 11.85 7.68
C ASP A 100 3.76 13.35 7.76
N SER A 101 4.83 14.03 7.32
CA SER A 101 4.86 15.47 7.40
C SER A 101 3.80 16.12 6.52
N PHE A 102 3.67 15.70 5.23
CA PHE A 102 2.70 16.40 4.41
C PHE A 102 1.78 15.46 3.64
N ILE A 103 2.19 14.19 3.39
CA ILE A 103 1.32 13.32 2.60
C ILE A 103 0.07 12.96 3.38
N HIS A 104 0.21 12.51 4.64
CA HIS A 104 -0.94 12.09 5.39
C HIS A 104 -1.50 13.26 6.17
N VAL A 105 -0.94 14.48 6.00
CA VAL A 105 -1.49 15.62 6.71
C VAL A 105 -2.56 16.21 5.82
N GLU A 106 -2.36 16.17 4.48
CA GLU A 106 -3.33 16.70 3.57
C GLU A 106 -4.51 15.76 3.55
N VAL A 107 -4.24 14.43 3.59
CA VAL A 107 -5.29 13.45 3.56
C VAL A 107 -6.16 13.58 4.81
N TYR A 108 -5.52 13.71 6.01
CA TYR A 108 -6.25 13.83 7.27
C TYR A 108 -7.11 15.07 7.27
N LYS A 109 -6.58 16.25 6.90
CA LYS A 109 -7.36 17.47 6.92
C LYS A 109 -8.54 17.36 6.00
N LEU A 110 -8.37 16.69 4.83
CA LEU A 110 -9.46 16.55 3.90
C LEU A 110 -10.61 15.86 4.58
N TYR A 111 -10.53 14.54 4.83
CA TYR A 111 -11.63 13.90 5.49
C TYR A 111 -11.13 13.26 6.76
N PRO A 112 -11.89 13.47 7.82
CA PRO A 112 -11.57 12.95 9.14
C PRO A 112 -12.03 11.54 9.40
N GLN A 113 -12.69 10.90 8.41
CA GLN A 113 -13.16 9.54 8.59
C GLN A 113 -11.97 8.61 8.70
N ALA A 114 -10.88 8.91 7.94
CA ALA A 114 -9.71 8.06 7.95
C ALA A 114 -9.06 8.09 9.32
N GLU A 115 -8.48 6.94 9.72
CA GLU A 115 -7.82 6.85 11.00
C GLU A 115 -6.43 6.32 10.73
N LEU A 116 -5.41 6.93 11.34
CA LEU A 116 -4.06 6.48 11.09
C LEU A 116 -3.38 6.20 12.42
N PRO A 117 -2.40 5.33 12.36
CA PRO A 117 -1.61 4.89 13.52
C PRO A 117 -0.46 5.80 13.87
N LYS A 118 0.61 5.22 14.50
CA LYS A 118 1.75 6.03 14.88
C LYS A 118 2.92 5.61 14.03
N PHE A 119 3.84 6.57 13.73
CA PHE A 119 4.96 6.26 12.88
C PHE A 119 6.18 7.00 13.39
N THR A 120 7.29 6.25 13.67
CA THR A 120 8.51 6.87 14.15
C THR A 120 9.62 6.42 13.23
N CYS A 121 10.47 7.36 12.76
CA CYS A 121 11.54 6.97 11.85
C CYS A 121 12.88 7.24 12.48
N ASP A 122 13.78 6.24 12.42
CA ASP A 122 15.10 6.41 12.95
C ASP A 122 16.05 6.20 11.79
N ARG A 123 16.94 7.18 11.52
CA ARG A 123 17.86 7.04 10.42
C ARG A 123 19.19 6.64 10.98
N LEU A 124 19.68 5.43 10.62
CA LEU A 124 20.95 4.95 11.12
C LEU A 124 22.07 5.48 10.28
N GLY A 125 21.83 5.81 8.99
CA GLY A 125 22.91 6.28 8.18
C GLY A 125 22.40 6.60 6.81
N ASP A 126 23.20 6.30 5.77
CA ASP A 126 22.80 6.60 4.42
C ASP A 126 22.13 5.39 3.81
N ASN A 127 22.69 4.18 4.05
CA ASN A 127 22.11 3.00 3.45
C ASN A 127 21.29 2.24 4.47
N ASP A 128 21.15 2.79 5.70
CA ASP A 128 20.39 2.10 6.71
C ASP A 128 19.21 2.96 7.12
N ILE A 129 17.99 2.35 7.09
CA ILE A 129 16.80 3.08 7.47
C ILE A 129 15.92 2.15 8.27
N ARG A 130 15.40 2.64 9.41
CA ARG A 130 14.53 1.82 10.24
C ARG A 130 13.20 2.51 10.37
N LEU A 131 12.10 1.73 10.33
CA LEU A 131 10.81 2.33 10.48
C LEU A 131 10.05 1.57 11.54
N HIS A 132 9.51 2.32 12.53
CA HIS A 132 8.74 1.72 13.59
C HIS A 132 7.30 1.91 13.23
N TYR A 133 6.52 0.82 13.31
CA TYR A 133 5.13 0.90 12.97
C TYR A 133 4.35 0.37 14.14
N GLN A 134 3.46 1.21 14.72
CA GLN A 134 2.67 0.77 15.84
C GLN A 134 1.23 0.74 15.40
N SER A 135 0.67 -0.48 15.26
CA SER A 135 -0.71 -0.61 14.86
C SER A 135 -1.15 -2.02 15.21
N LYS A 136 -2.47 -2.21 15.41
CA LYS A 136 -2.97 -3.52 15.76
C LYS A 136 -3.28 -4.28 14.49
N ARG A 137 -2.87 -3.73 13.32
CA ARG A 137 -3.11 -4.39 12.06
C ARG A 137 -1.81 -4.45 11.34
N PRO A 138 -0.96 -5.37 11.74
CA PRO A 138 0.35 -5.54 11.17
C PRO A 138 0.45 -6.51 10.01
N PHE A 139 0.20 -6.01 8.78
CA PHE A 139 0.33 -6.86 7.63
C PHE A 139 1.51 -6.38 6.85
N ALA A 140 2.60 -7.18 6.85
CA ALA A 140 3.81 -6.81 6.15
C ALA A 140 3.60 -6.89 4.66
N SER A 141 2.72 -7.81 4.21
CA SER A 141 2.46 -7.96 2.79
C SER A 141 1.87 -6.68 2.23
N PHE A 142 1.05 -5.98 3.05
CA PHE A 142 0.41 -4.78 2.56
C PHE A 142 1.41 -3.66 2.48
N ALA A 143 2.26 -3.50 3.53
CA ALA A 143 3.23 -2.41 3.55
C ALA A 143 4.24 -2.56 2.45
N GLU A 144 4.71 -3.80 2.18
CA GLU A 144 5.70 -4.03 1.15
C GLU A 144 5.15 -3.66 -0.20
N GLY A 145 3.84 -3.95 -0.42
CA GLY A 145 3.24 -3.66 -1.71
C GLY A 145 3.32 -2.18 -1.99
N LEU A 146 3.01 -1.33 -0.98
CA LEU A 146 3.06 0.11 -1.17
C LEU A 146 4.48 0.64 -1.34
N LEU A 147 5.47 0.13 -0.56
CA LEU A 147 6.82 0.67 -0.67
C LEU A 147 7.47 0.28 -1.98
N ASP A 148 7.32 -1.00 -2.38
CA ASP A 148 7.93 -1.49 -3.60
C ASP A 148 7.22 -0.89 -4.81
N GLY A 149 5.90 -0.62 -4.72
CA GLY A 149 5.17 -0.06 -5.85
C GLY A 149 5.76 1.29 -6.18
N CYS A 150 6.10 2.06 -5.12
CA CYS A 150 6.69 3.37 -5.31
C CYS A 150 8.01 3.20 -6.04
N ALA A 151 8.82 2.17 -5.69
CA ALA A 151 10.08 1.95 -6.37
C ALA A 151 9.82 1.31 -7.72
N GLU A 152 8.54 1.12 -8.06
CA GLU A 152 8.22 0.55 -9.34
C GLU A 152 8.15 1.66 -10.35
N TYR A 153 7.48 2.80 -10.02
CA TYR A 153 7.42 3.91 -10.95
C TYR A 153 8.82 4.49 -11.12
N PHE A 154 9.56 4.69 -9.99
CA PHE A 154 10.90 5.27 -10.06
C PHE A 154 11.87 4.30 -10.71
N LYS A 155 11.59 2.98 -10.61
CA LYS A 155 12.49 1.97 -11.18
C LYS A 155 13.74 1.91 -10.36
N GLU A 156 13.66 1.23 -9.19
CA GLU A 156 14.81 1.10 -8.34
C GLU A 156 14.80 -0.28 -7.76
N ASP A 157 15.69 -0.56 -6.77
CA ASP A 157 15.73 -1.87 -6.17
C ASP A 157 16.10 -1.71 -4.72
N PHE A 158 15.07 -1.62 -3.85
CA PHE A 158 15.33 -1.49 -2.43
C PHE A 158 14.84 -2.76 -1.79
N THR A 159 15.39 -3.11 -0.60
CA THR A 159 14.97 -4.33 0.04
C THR A 159 14.38 -4.00 1.40
N ILE A 160 13.15 -4.51 1.64
CA ILE A 160 12.49 -4.29 2.89
C ILE A 160 12.65 -5.56 3.70
N SER A 161 13.28 -5.46 4.92
CA SER A 161 13.48 -6.63 5.74
C SER A 161 12.66 -6.50 6.99
N ARG A 162 12.80 -7.51 7.90
CA ARG A 162 12.06 -7.52 9.14
C ARG A 162 12.93 -8.15 10.19
N THR A 163 12.70 -7.80 11.49
CA THR A 163 13.49 -8.42 12.54
C THR A 163 12.70 -9.55 13.12
N PRO A 164 13.42 -10.58 13.51
CA PRO A 164 12.85 -11.79 14.07
C PRO A 164 12.35 -11.65 15.48
N GLU A 165 12.70 -10.55 16.17
CA GLU A 165 12.27 -10.39 17.54
C GLU A 165 10.79 -10.09 17.58
N THR A 166 10.29 -9.23 16.66
CA THR A 166 8.88 -8.89 16.68
C THR A 166 8.21 -9.33 15.42
N GLN A 167 8.83 -10.22 14.62
CA GLN A 167 8.20 -10.69 13.41
C GLN A 167 6.98 -11.52 13.74
N ASP A 168 6.82 -11.95 15.02
CA ASP A 168 5.65 -12.74 15.34
C ASP A 168 4.94 -12.06 16.47
N SER A 169 4.87 -10.71 16.45
CA SER A 169 4.20 -9.98 17.50
C SER A 169 3.41 -8.88 16.84
N GLU A 170 2.21 -8.58 17.40
CA GLU A 170 1.37 -7.55 16.84
C GLU A 170 1.59 -6.27 17.60
N THR A 171 1.16 -5.12 16.99
CA THR A 171 1.30 -3.80 17.63
C THR A 171 2.70 -3.27 17.39
N ASP A 172 3.73 -4.03 17.80
CA ASP A 172 5.08 -3.56 17.63
C ASP A 172 5.74 -4.32 16.52
N VAL A 173 6.14 -3.58 15.44
CA VAL A 173 6.80 -4.23 14.32
C VAL A 173 8.03 -3.40 13.98
N ILE A 174 9.20 -4.07 13.78
CA ILE A 174 10.41 -3.35 13.46
C ILE A 174 10.83 -3.75 12.06
N PHE A 175 11.06 -2.73 11.19
CA PHE A 175 11.47 -3.00 9.82
C PHE A 175 12.85 -2.44 9.60
N ASN A 176 13.62 -3.15 8.75
CA ASN A 176 14.99 -2.75 8.46
C ASN A 176 15.15 -2.60 6.96
N ILE A 177 14.77 -1.42 6.41
CA ILE A 177 14.94 -1.16 4.99
C ILE A 177 16.41 -0.86 4.72
N THR A 178 17.06 -1.73 3.90
CA THR A 178 18.47 -1.58 3.59
C THR A 178 18.65 -1.61 2.09
N ARG A 179 19.61 -0.81 1.54
CA ARG A 179 19.85 -0.83 0.10
C ARG A 179 20.70 -2.04 -0.20
N ALA A 180 20.15 -3.00 -0.99
CA ALA A 180 20.91 -4.17 -1.36
C ALA A 180 22.04 -3.70 -2.23
N PRO A 181 23.13 -4.42 -2.17
CA PRO A 181 24.32 -4.08 -2.92
C PRO A 181 24.14 -4.22 -4.40
N ARG A 182 24.42 -3.13 -5.11
CA ARG A 182 24.30 -3.13 -6.54
C ARG A 182 25.50 -2.41 -7.10
N GLY A 183 25.88 -2.78 -8.34
CA GLY A 183 27.02 -2.17 -8.96
C GLY A 183 28.25 -2.76 -8.33
N ALA A 184 28.43 -4.11 -8.51
CA ALA A 184 29.56 -4.80 -7.94
C ALA A 184 29.25 -5.07 -6.49
N GLU A 185 30.02 -5.99 -5.87
CA GLU A 185 29.78 -6.30 -4.49
C GLU A 185 31.10 -6.65 -3.86
N ASN A 186 31.24 -6.35 -2.55
CA ASN A 186 32.47 -6.64 -1.87
C ASN A 186 32.13 -7.50 -0.69
N LEU A 187 32.81 -8.67 -0.58
CA LEU A 187 32.56 -9.54 0.54
C LEU A 187 33.65 -9.31 1.55
N TYR A 188 34.92 -9.57 1.17
CA TYR A 188 36.01 -9.38 2.07
C TYR A 188 37.23 -9.04 1.25
N PHE A 189 38.04 -10.07 0.92
CA PHE A 189 39.22 -9.83 0.14
C PHE A 189 39.20 -10.80 -1.00
N GLN A 190 39.75 -10.38 -2.17
CA GLN A 190 39.78 -11.26 -3.31
C GLN A 190 41.11 -12.02 -3.28
N MET A 1 -8.81 6.83 1.76
CA MET A 1 -10.24 6.81 1.33
C MET A 1 -10.63 5.45 0.86
N MET A 2 -11.77 4.93 1.38
CA MET A 2 -12.22 3.61 1.00
C MET A 2 -13.01 3.74 -0.29
N GLY A 3 -13.40 4.98 -0.67
CA GLY A 3 -14.15 5.15 -1.88
C GLY A 3 -13.21 4.99 -3.06
N MET A 4 -11.98 5.52 -2.93
CA MET A 4 -11.03 5.47 -4.03
C MET A 4 -10.52 4.06 -4.23
N VAL A 5 -10.32 3.29 -3.14
CA VAL A 5 -9.83 1.93 -3.29
C VAL A 5 -10.90 1.08 -3.92
N PHE A 6 -12.19 1.49 -3.80
CA PHE A 6 -13.27 0.74 -4.38
C PHE A 6 -13.20 0.87 -5.88
N THR A 7 -12.79 2.06 -6.38
CA THR A 7 -12.70 2.27 -7.82
C THR A 7 -11.60 1.40 -8.37
N GLY A 8 -10.46 1.32 -7.63
CA GLY A 8 -9.33 0.52 -8.07
C GLY A 8 -9.72 -0.94 -8.16
N LEU A 9 -10.53 -1.42 -7.20
CA LEU A 9 -10.93 -2.82 -7.19
C LEU A 9 -11.80 -3.14 -8.38
N MET A 10 -12.73 -2.24 -8.78
CA MET A 10 -13.61 -2.52 -9.90
C MET A 10 -12.82 -2.67 -11.19
N GLU A 11 -11.80 -1.81 -11.40
CA GLU A 11 -11.03 -1.86 -12.63
C GLU A 11 -10.20 -3.13 -12.73
N LEU A 12 -9.59 -3.58 -11.62
CA LEU A 12 -8.74 -4.76 -11.64
C LEU A 12 -9.52 -6.04 -11.94
N ILE A 13 -10.72 -6.25 -11.35
CA ILE A 13 -11.43 -7.51 -11.55
C ILE A 13 -12.06 -7.56 -12.92
N GLU A 14 -12.57 -6.41 -13.43
CA GLU A 14 -13.27 -6.41 -14.70
C GLU A 14 -12.32 -6.68 -15.85
N ASP A 15 -11.12 -6.05 -15.81
CA ASP A 15 -10.15 -6.21 -16.88
C ASP A 15 -9.51 -7.57 -16.86
N GLU A 16 -9.31 -8.16 -15.66
CA GLU A 16 -8.60 -9.42 -15.58
C GLU A 16 -9.40 -10.58 -16.10
N PHE A 17 -10.69 -10.75 -15.71
CA PHE A 17 -11.38 -11.94 -16.19
C PHE A 17 -12.71 -11.64 -16.85
N GLY A 18 -13.32 -10.48 -16.61
CA GLY A 18 -14.58 -10.23 -17.25
C GLY A 18 -15.52 -9.54 -16.30
N TYR A 19 -16.73 -9.24 -16.79
CA TYR A 19 -17.67 -8.54 -15.97
C TYR A 19 -18.60 -9.54 -15.32
N GLU A 20 -18.57 -10.82 -15.77
CA GLU A 20 -19.42 -11.81 -15.15
C GLU A 20 -18.86 -12.10 -13.77
N THR A 21 -17.50 -12.18 -13.68
CA THR A 21 -16.86 -12.43 -12.40
C THR A 21 -17.06 -11.21 -11.54
N LEU A 22 -16.97 -10.00 -12.16
CA LEU A 22 -17.15 -8.77 -11.42
C LEU A 22 -18.56 -8.71 -10.88
N ASP A 23 -19.56 -9.21 -11.65
CA ASP A 23 -20.95 -9.19 -11.22
C ASP A 23 -21.15 -10.03 -9.97
N THR A 24 -20.44 -11.19 -9.87
CA THR A 24 -20.60 -12.03 -8.70
C THR A 24 -20.10 -11.29 -7.49
N LEU A 25 -18.99 -10.53 -7.67
CA LEU A 25 -18.40 -9.78 -6.59
C LEU A 25 -19.40 -8.74 -6.10
N LEU A 26 -20.15 -8.10 -7.03
CA LEU A 26 -21.11 -7.08 -6.67
C LEU A 26 -22.32 -7.70 -6.01
N GLU A 27 -22.50 -9.03 -6.10
CA GLU A 27 -23.63 -9.63 -5.46
C GLU A 27 -23.28 -9.95 -4.02
N SER A 28 -21.99 -10.23 -3.73
CA SER A 28 -21.58 -10.52 -2.38
C SER A 28 -21.75 -9.27 -1.54
N CYS A 29 -21.46 -8.07 -2.11
CA CYS A 29 -21.59 -6.86 -1.33
C CYS A 29 -22.99 -6.33 -1.53
N GLU A 30 -23.49 -6.42 -2.79
CA GLU A 30 -24.83 -5.97 -3.15
C GLU A 30 -24.77 -4.50 -3.45
N LEU A 31 -25.39 -4.09 -4.59
CA LEU A 31 -25.37 -2.69 -4.97
C LEU A 31 -26.53 -2.00 -4.30
N GLN A 32 -26.78 -0.74 -4.71
CA GLN A 32 -27.86 0.02 -4.12
C GLN A 32 -28.35 1.00 -5.16
N SER A 33 -27.47 1.37 -6.11
CA SER A 33 -27.87 2.33 -7.11
C SER A 33 -27.20 1.96 -8.41
N GLU A 34 -25.86 2.14 -8.49
CA GLU A 34 -25.16 1.84 -9.71
C GLU A 34 -23.97 0.98 -9.38
N GLY A 35 -23.15 1.41 -8.39
CA GLY A 35 -22.00 0.62 -8.03
C GLY A 35 -20.79 1.51 -7.99
N ILE A 36 -20.70 2.48 -8.93
CA ILE A 36 -19.54 3.35 -8.93
C ILE A 36 -20.03 4.71 -8.50
N TYR A 37 -19.80 5.06 -7.21
CA TYR A 37 -20.24 6.34 -6.70
C TYR A 37 -19.11 7.34 -6.77
N THR A 38 -17.89 6.88 -7.19
CA THR A 38 -16.73 7.76 -7.27
C THR A 38 -16.17 7.83 -5.87
N SER A 39 -15.01 8.51 -5.67
CA SER A 39 -14.43 8.54 -4.35
C SER A 39 -14.96 9.73 -3.59
N VAL A 40 -15.72 9.45 -2.49
CA VAL A 40 -16.26 10.53 -1.68
C VAL A 40 -16.90 9.93 -0.44
N GLY A 41 -16.94 8.58 -0.32
CA GLY A 41 -17.57 7.97 0.84
C GLY A 41 -16.52 7.60 1.84
N SER A 42 -16.67 6.38 2.43
CA SER A 42 -15.76 5.89 3.44
C SER A 42 -16.45 4.72 4.10
N TYR A 43 -16.09 3.49 3.69
CA TYR A 43 -16.70 2.31 4.27
C TYR A 43 -15.78 1.77 5.32
N ASP A 44 -16.22 0.71 6.02
CA ASP A 44 -15.42 0.12 7.06
C ASP A 44 -14.38 -0.77 6.42
N HIS A 45 -13.59 -1.49 7.26
CA HIS A 45 -12.56 -2.34 6.74
C HIS A 45 -13.12 -3.72 6.51
N GLN A 46 -14.29 -4.02 7.11
CA GLN A 46 -14.90 -5.32 6.91
C GLN A 46 -15.39 -5.38 5.49
N GLU A 47 -15.77 -4.21 4.92
CA GLU A 47 -16.25 -4.16 3.55
C GLU A 47 -15.13 -4.59 2.63
N LEU A 48 -13.90 -4.12 2.93
CA LEU A 48 -12.74 -4.44 2.13
C LEU A 48 -12.41 -5.91 2.24
N LEU A 49 -12.57 -6.48 3.46
CA LEU A 49 -12.23 -7.87 3.69
C LEU A 49 -13.28 -8.79 3.12
N GLN A 50 -14.55 -8.32 3.04
CA GLN A 50 -15.61 -9.17 2.54
C GLN A 50 -15.40 -9.43 1.06
N LEU A 51 -15.02 -8.39 0.27
CA LEU A 51 -14.81 -8.60 -1.16
C LEU A 51 -13.53 -9.37 -1.37
N VAL A 52 -12.53 -9.14 -0.50
CA VAL A 52 -11.26 -9.83 -0.61
C VAL A 52 -11.46 -11.32 -0.41
N VAL A 53 -12.31 -11.72 0.57
CA VAL A 53 -12.56 -13.12 0.80
C VAL A 53 -13.31 -13.73 -0.37
N LYS A 54 -14.31 -13.00 -0.93
CA LYS A 54 -15.06 -13.53 -2.05
C LYS A 54 -14.15 -13.68 -3.24
N LEU A 55 -13.08 -12.84 -3.30
CA LEU A 55 -12.15 -12.91 -4.41
C LEU A 55 -11.37 -14.20 -4.34
N SER A 56 -11.01 -14.66 -3.12
CA SER A 56 -10.24 -15.89 -2.99
C SER A 56 -11.11 -17.09 -3.30
N GLU A 57 -12.45 -16.95 -3.28
CA GLU A 57 -13.30 -18.10 -3.56
C GLU A 57 -13.82 -18.06 -4.98
N VAL A 58 -14.11 -16.85 -5.53
CA VAL A 58 -14.67 -16.74 -6.87
C VAL A 58 -13.63 -17.05 -7.93
N SER A 59 -12.34 -16.69 -7.70
CA SER A 59 -11.35 -16.94 -8.72
C SER A 59 -10.28 -17.84 -8.18
N SER A 60 -10.31 -18.13 -6.86
CA SER A 60 -9.31 -18.99 -6.25
C SER A 60 -7.96 -18.32 -6.31
N VAL A 61 -7.90 -17.03 -5.93
CA VAL A 61 -6.65 -16.32 -5.95
C VAL A 61 -6.23 -16.11 -4.53
N PRO A 62 -4.99 -16.43 -4.23
CA PRO A 62 -4.43 -16.29 -2.90
C PRO A 62 -4.53 -14.89 -2.37
N VAL A 63 -4.71 -14.77 -1.04
CA VAL A 63 -4.86 -13.47 -0.44
C VAL A 63 -3.51 -12.75 -0.36
N THR A 64 -2.38 -13.46 -0.57
CA THR A 64 -1.11 -12.77 -0.48
C THR A 64 -0.66 -12.33 -1.86
N GLU A 65 -0.98 -13.12 -2.91
CA GLU A 65 -0.58 -12.72 -4.25
C GLU A 65 -1.51 -11.62 -4.73
N LEU A 66 -2.72 -11.54 -4.14
CA LEU A 66 -3.67 -10.53 -4.55
C LEU A 66 -3.32 -9.23 -3.89
N VAL A 67 -2.83 -9.29 -2.63
CA VAL A 67 -2.48 -8.06 -1.93
C VAL A 67 -1.26 -7.43 -2.58
N ARG A 68 -0.38 -8.24 -3.24
CA ARG A 68 0.80 -7.69 -3.87
C ARG A 68 0.43 -6.93 -5.13
N LEU A 69 -0.36 -7.57 -6.03
CA LEU A 69 -0.76 -6.92 -7.28
C LEU A 69 -1.62 -5.71 -7.00
N PHE A 70 -2.48 -5.79 -5.96
CA PHE A 70 -3.38 -4.69 -5.63
C PHE A 70 -2.58 -3.45 -5.29
N GLY A 71 -1.54 -3.59 -4.43
CA GLY A 71 -0.74 -2.45 -4.02
C GLY A 71 -0.07 -1.78 -5.20
N LYS A 72 0.40 -2.56 -6.19
CA LYS A 72 1.10 -1.96 -7.31
C LYS A 72 0.19 -1.03 -8.11
N LYS A 73 -1.03 -1.50 -8.46
CA LYS A 73 -1.95 -0.70 -9.28
C LYS A 73 -2.41 0.59 -8.62
N LEU A 74 -2.85 0.56 -7.34
CA LEU A 74 -3.38 1.75 -6.72
C LEU A 74 -2.30 2.78 -6.45
N PHE A 75 -1.09 2.36 -6.00
CA PHE A 75 -0.03 3.32 -5.70
C PHE A 75 0.39 4.07 -6.94
N VAL A 76 0.61 3.37 -8.08
CA VAL A 76 1.05 4.04 -9.31
C VAL A 76 -0.11 4.83 -9.87
N GLU A 77 -1.33 4.59 -9.35
CA GLU A 77 -2.49 5.31 -9.83
C GLU A 77 -2.43 6.71 -9.25
N LEU A 78 -1.99 6.84 -7.98
CA LEU A 78 -1.88 8.14 -7.33
C LEU A 78 -0.74 8.92 -7.92
N ILE A 79 0.36 8.24 -8.35
CA ILE A 79 1.51 8.96 -8.87
C ILE A 79 1.13 9.69 -10.14
N GLU A 80 0.55 8.97 -11.12
CA GLU A 80 0.15 9.64 -12.35
C GLU A 80 -1.11 10.44 -12.10
N GLY A 81 -1.79 10.16 -10.97
CA GLY A 81 -3.01 10.85 -10.63
C GLY A 81 -2.73 12.29 -10.25
N HIS A 82 -1.60 12.56 -9.55
CA HIS A 82 -1.35 13.90 -9.11
C HIS A 82 0.08 14.26 -9.42
N PRO A 83 0.22 15.08 -10.43
CA PRO A 83 1.53 15.54 -10.87
C PRO A 83 2.20 16.45 -9.88
N GLU A 84 1.43 17.14 -9.02
CA GLU A 84 2.03 18.03 -8.06
C GLU A 84 2.34 17.25 -6.81
N ILE A 85 1.88 15.98 -6.75
CA ILE A 85 2.13 15.19 -5.57
C ILE A 85 3.44 14.49 -5.78
N ALA A 86 3.86 14.32 -7.06
CA ALA A 86 5.13 13.67 -7.31
C ALA A 86 6.17 14.74 -7.56
N ASN A 87 5.74 15.95 -7.96
CA ASN A 87 6.69 17.03 -8.21
C ASN A 87 7.29 17.47 -6.89
N GLU A 88 6.46 17.51 -5.81
CA GLU A 88 6.96 17.92 -4.51
C GLU A 88 8.01 16.94 -4.01
N MET A 89 7.81 15.63 -4.28
CA MET A 89 8.73 14.62 -3.81
C MET A 89 9.91 14.55 -4.78
N LYS A 90 11.11 14.17 -4.28
CA LYS A 90 12.27 14.13 -5.14
C LYS A 90 12.83 12.74 -5.26
N ASP A 91 12.56 11.84 -4.29
CA ASP A 91 13.13 10.51 -4.38
C ASP A 91 12.42 9.64 -3.38
N SER A 92 12.72 8.32 -3.42
CA SER A 92 12.10 7.36 -2.52
C SER A 92 12.51 7.60 -1.09
N PHE A 93 13.80 7.92 -0.83
CA PHE A 93 14.24 8.12 0.53
C PHE A 93 13.60 9.39 1.07
N ASP A 94 13.51 10.44 0.22
CA ASP A 94 12.88 11.68 0.63
C ASP A 94 11.41 11.43 0.88
N LEU A 95 10.86 10.37 0.25
CA LEU A 95 9.45 10.04 0.42
C LEU A 95 9.21 9.66 1.86
N LEU A 96 10.11 8.82 2.43
CA LEU A 96 9.97 8.39 3.81
C LEU A 96 10.08 9.58 4.73
N SER A 97 10.92 10.59 4.37
CA SER A 97 11.09 11.75 5.22
C SER A 97 9.79 12.50 5.39
N LYS A 98 9.01 12.73 4.30
CA LYS A 98 7.78 13.49 4.45
C LYS A 98 6.57 12.60 4.26
N ILE A 99 6.71 11.27 4.54
CA ILE A 99 5.60 10.36 4.36
C ILE A 99 4.45 10.75 5.27
N ASP A 100 4.72 11.31 6.46
CA ASP A 100 3.63 11.66 7.34
C ASP A 100 3.65 13.15 7.59
N SER A 101 4.80 13.82 7.33
CA SER A 101 4.89 15.23 7.58
C SER A 101 3.94 16.00 6.69
N PHE A 102 3.88 15.71 5.36
CA PHE A 102 2.99 16.49 4.53
C PHE A 102 2.07 15.61 3.72
N ILE A 103 2.45 14.35 3.41
CA ILE A 103 1.58 13.51 2.60
C ILE A 103 0.31 13.18 3.36
N HIS A 104 0.44 12.70 4.61
CA HIS A 104 -0.73 12.30 5.35
C HIS A 104 -1.25 13.46 6.16
N VAL A 105 -0.64 14.67 6.04
CA VAL A 105 -1.16 15.79 6.79
C VAL A 105 -2.23 16.43 5.95
N GLU A 106 -2.05 16.45 4.61
CA GLU A 106 -3.03 17.02 3.73
C GLU A 106 -4.22 16.10 3.67
N VAL A 107 -3.97 14.77 3.63
CA VAL A 107 -5.06 13.81 3.55
C VAL A 107 -5.92 13.89 4.81
N TYR A 108 -5.28 13.93 6.01
CA TYR A 108 -6.02 13.99 7.27
C TYR A 108 -6.89 15.23 7.34
N LYS A 109 -6.34 16.43 7.02
CA LYS A 109 -7.13 17.65 7.12
C LYS A 109 -8.30 17.60 6.18
N LEU A 110 -8.13 16.99 4.98
CA LEU A 110 -9.20 16.91 4.02
C LEU A 110 -10.39 16.20 4.64
N TYR A 111 -10.35 14.85 4.77
CA TYR A 111 -11.48 14.18 5.35
C TYR A 111 -11.10 13.63 6.69
N PRO A 112 -12.03 13.73 7.61
CA PRO A 112 -11.85 13.29 8.98
C PRO A 112 -12.19 11.84 9.26
N GLN A 113 -12.78 11.12 8.28
CA GLN A 113 -13.15 9.73 8.52
C GLN A 113 -11.93 8.85 8.43
N ALA A 114 -10.88 9.30 7.70
CA ALA A 114 -9.70 8.48 7.55
C ALA A 114 -9.03 8.31 8.89
N GLU A 115 -8.48 7.09 9.12
CA GLU A 115 -7.81 6.83 10.37
C GLU A 115 -6.37 6.49 10.05
N LEU A 116 -5.44 6.93 10.93
CA LEU A 116 -4.03 6.70 10.68
C LEU A 116 -3.37 6.27 11.98
N PRO A 117 -2.31 5.51 11.82
CA PRO A 117 -1.50 4.98 12.92
C PRO A 117 -0.37 5.89 13.31
N LYS A 118 0.72 5.33 13.92
CA LYS A 118 1.83 6.17 14.32
C LYS A 118 3.07 5.71 13.60
N PHE A 119 3.92 6.69 13.18
CA PHE A 119 5.13 6.36 12.47
C PHE A 119 6.32 6.99 13.16
N THR A 120 7.35 6.16 13.44
CA THR A 120 8.57 6.68 14.05
C THR A 120 9.68 6.28 13.11
N CYS A 121 10.54 7.24 12.70
CA CYS A 121 11.58 6.89 11.76
C CYS A 121 12.93 7.21 12.34
N ASP A 122 13.85 6.21 12.27
CA ASP A 122 15.20 6.41 12.75
C ASP A 122 16.10 6.22 11.55
N ARG A 123 17.25 6.92 11.52
CA ARG A 123 18.14 6.78 10.39
C ARG A 123 19.48 6.30 10.92
N LEU A 124 19.89 5.09 10.48
CA LEU A 124 21.15 4.54 10.95
C LEU A 124 22.28 4.94 10.03
N GLY A 125 21.98 5.41 8.79
CA GLY A 125 23.04 5.77 7.91
C GLY A 125 22.47 6.16 6.57
N ASP A 126 23.25 5.90 5.50
CA ASP A 126 22.79 6.27 4.19
C ASP A 126 22.11 5.06 3.57
N ASN A 127 22.65 3.86 3.82
CA ASN A 127 22.07 2.67 3.24
C ASN A 127 21.25 1.94 4.28
N ASP A 128 21.13 2.52 5.51
CA ASP A 128 20.38 1.85 6.56
C ASP A 128 19.26 2.76 6.98
N ILE A 129 18.02 2.20 7.03
CA ILE A 129 16.87 2.97 7.44
C ILE A 129 15.98 2.07 8.26
N ARG A 130 15.46 2.58 9.40
CA ARG A 130 14.58 1.79 10.23
C ARG A 130 13.24 2.45 10.25
N LEU A 131 12.20 1.61 10.19
CA LEU A 131 10.84 2.11 10.17
C LEU A 131 10.06 1.42 11.26
N HIS A 132 9.53 2.22 12.21
CA HIS A 132 8.73 1.68 13.29
C HIS A 132 7.30 1.88 12.92
N TYR A 133 6.47 0.84 13.10
CA TYR A 133 5.08 0.95 12.74
C TYR A 133 4.27 0.46 13.91
N GLN A 134 3.37 1.33 14.44
CA GLN A 134 2.55 0.92 15.55
C GLN A 134 1.13 0.89 15.07
N SER A 135 0.54 -0.34 15.03
CA SER A 135 -0.83 -0.49 14.58
C SER A 135 -1.30 -1.84 15.08
N LYS A 136 -2.64 -1.98 15.28
CA LYS A 136 -3.16 -3.24 15.76
C LYS A 136 -3.55 -4.12 14.59
N ARG A 137 -3.27 -3.67 13.34
CA ARG A 137 -3.60 -4.48 12.18
C ARG A 137 -2.38 -4.44 11.29
N PRO A 138 -1.37 -5.18 11.68
CA PRO A 138 -0.12 -5.21 10.96
C PRO A 138 0.04 -6.34 9.97
N PHE A 139 -0.16 -6.03 8.67
CA PHE A 139 0.03 -7.03 7.66
C PHE A 139 1.26 -6.62 6.90
N ALA A 140 2.34 -7.44 7.01
CA ALA A 140 3.58 -7.13 6.34
C ALA A 140 3.41 -7.15 4.84
N SER A 141 2.60 -8.10 4.31
CA SER A 141 2.41 -8.20 2.88
C SER A 141 1.74 -6.95 2.34
N PHE A 142 0.95 -6.24 3.16
CA PHE A 142 0.24 -5.08 2.68
C PHE A 142 1.21 -3.92 2.56
N ALA A 143 2.03 -3.69 3.63
CA ALA A 143 2.97 -2.59 3.62
C ALA A 143 4.01 -2.74 2.55
N GLU A 144 4.52 -3.98 2.33
CA GLU A 144 5.54 -4.21 1.32
C GLU A 144 4.99 -3.89 -0.05
N GLY A 145 3.70 -4.21 -0.29
CA GLY A 145 3.10 -3.95 -1.58
C GLY A 145 3.15 -2.47 -1.88
N LEU A 146 2.84 -1.60 -0.87
CA LEU A 146 2.85 -0.17 -1.08
C LEU A 146 4.26 0.39 -1.26
N LEU A 147 5.26 -0.08 -0.46
CA LEU A 147 6.59 0.50 -0.55
C LEU A 147 7.26 0.09 -1.85
N ASP A 148 7.12 -1.19 -2.24
CA ASP A 148 7.74 -1.67 -3.45
C ASP A 148 7.04 -1.08 -4.67
N GLY A 149 5.73 -0.75 -4.57
CA GLY A 149 5.02 -0.18 -5.69
C GLY A 149 5.65 1.16 -6.01
N CYS A 150 6.04 1.90 -4.95
CA CYS A 150 6.68 3.18 -5.13
C CYS A 150 7.98 2.97 -5.89
N ALA A 151 8.75 1.90 -5.55
CA ALA A 151 10.01 1.64 -6.23
C ALA A 151 9.72 1.06 -7.61
N GLU A 152 8.43 0.90 -7.94
CA GLU A 152 8.08 0.38 -9.25
C GLU A 152 8.04 1.53 -10.22
N TYR A 153 7.39 2.66 -9.83
CA TYR A 153 7.34 3.81 -10.72
C TYR A 153 8.74 4.37 -10.91
N PHE A 154 9.51 4.53 -9.79
CA PHE A 154 10.84 5.09 -9.88
C PHE A 154 11.79 4.14 -10.59
N LYS A 155 11.52 2.81 -10.53
CA LYS A 155 12.39 1.84 -11.15
C LYS A 155 13.65 1.71 -10.32
N GLU A 156 13.52 1.04 -9.15
CA GLU A 156 14.67 0.87 -8.30
C GLU A 156 14.56 -0.51 -7.68
N ASP A 157 15.42 -0.79 -6.67
CA ASP A 157 15.38 -2.09 -6.05
C ASP A 157 15.75 -1.94 -4.61
N PHE A 158 14.74 -1.83 -3.72
CA PHE A 158 15.00 -1.70 -2.31
C PHE A 158 14.50 -2.95 -1.66
N THR A 159 15.05 -3.32 -0.48
CA THR A 159 14.61 -4.53 0.16
C THR A 159 14.03 -4.18 1.51
N ILE A 160 12.80 -4.68 1.76
CA ILE A 160 12.13 -4.43 3.01
C ILE A 160 12.20 -5.72 3.80
N SER A 161 12.79 -5.65 5.02
CA SER A 161 12.93 -6.83 5.84
C SER A 161 12.16 -6.64 7.13
N ARG A 162 12.30 -7.63 8.04
CA ARG A 162 11.59 -7.62 9.30
C ARG A 162 12.48 -8.25 10.33
N THR A 163 12.27 -7.90 11.63
CA THR A 163 13.09 -8.51 12.66
C THR A 163 12.29 -9.62 13.30
N PRO A 164 13.01 -10.65 13.68
CA PRO A 164 12.42 -11.83 14.29
C PRO A 164 12.01 -11.67 15.74
N GLU A 165 12.42 -10.56 16.38
CA GLU A 165 12.06 -10.37 17.77
C GLU A 165 10.60 -10.04 17.88
N THR A 166 10.08 -9.18 16.96
CA THR A 166 8.68 -8.80 17.03
C THR A 166 7.95 -9.26 15.81
N GLN A 167 8.55 -10.20 15.02
CA GLN A 167 7.86 -10.70 13.85
C GLN A 167 6.63 -11.49 14.24
N ASP A 168 6.47 -11.85 15.54
CA ASP A 168 5.30 -12.61 15.91
C ASP A 168 4.57 -11.83 16.98
N SER A 169 4.59 -10.49 16.89
CA SER A 169 3.91 -9.68 17.88
C SER A 169 3.15 -8.61 17.15
N GLU A 170 1.98 -8.21 17.72
CA GLU A 170 1.18 -7.19 17.10
C GLU A 170 1.42 -5.90 17.82
N THR A 171 0.98 -4.75 17.20
CA THR A 171 1.15 -3.43 17.78
C THR A 171 2.54 -2.91 17.48
N ASP A 172 3.58 -3.64 17.95
CA ASP A 172 4.93 -3.19 17.73
C ASP A 172 5.59 -4.05 16.69
N VAL A 173 5.97 -3.43 15.54
CA VAL A 173 6.64 -4.19 14.51
C VAL A 173 7.87 -3.40 14.11
N ILE A 174 9.04 -4.08 14.01
CA ILE A 174 10.26 -3.39 13.64
C ILE A 174 10.60 -3.78 12.24
N PHE A 175 10.82 -2.76 11.38
CA PHE A 175 11.13 -3.00 9.99
C PHE A 175 12.52 -2.49 9.73
N ASN A 176 13.14 -3.05 8.67
CA ASN A 176 14.48 -2.69 8.31
C ASN A 176 14.52 -2.58 6.81
N ILE A 177 14.85 -1.39 6.28
CA ILE A 177 14.91 -1.21 4.86
C ILE A 177 16.36 -0.95 4.51
N THR A 178 16.94 -1.85 3.69
CA THR A 178 18.35 -1.74 3.33
C THR A 178 18.47 -1.66 1.84
N ARG A 179 19.42 -0.83 1.34
CA ARG A 179 19.61 -0.71 -0.09
C ARG A 179 20.81 -1.55 -0.45
N ALA A 180 20.60 -2.57 -1.31
CA ALA A 180 21.69 -3.41 -1.72
C ALA A 180 22.55 -2.59 -2.65
N PRO A 181 23.80 -2.94 -2.75
CA PRO A 181 24.73 -2.22 -3.59
C PRO A 181 24.36 -2.26 -5.03
N ARG A 182 24.33 -1.08 -5.66
CA ARG A 182 23.95 -0.99 -7.04
C ARG A 182 24.79 0.06 -7.70
N GLY A 183 24.80 0.04 -9.04
CA GLY A 183 25.57 1.00 -9.79
C GLY A 183 26.82 0.33 -10.28
N ALA A 184 27.27 -0.73 -9.57
CA ALA A 184 28.44 -1.44 -10.00
C ALA A 184 28.28 -2.85 -9.52
N GLU A 185 28.95 -3.20 -8.39
CA GLU A 185 28.85 -4.56 -7.86
C GLU A 185 29.97 -4.77 -6.88
N ASN A 186 29.85 -4.20 -5.66
CA ASN A 186 30.90 -4.39 -4.68
C ASN A 186 30.32 -5.21 -3.56
N LEU A 187 30.82 -6.46 -3.39
CA LEU A 187 30.32 -7.29 -2.34
C LEU A 187 31.16 -7.06 -1.11
N TYR A 188 32.45 -7.44 -1.16
CA TYR A 188 33.30 -7.24 -0.01
C TYR A 188 34.61 -6.69 -0.51
N PHE A 189 35.51 -7.58 -0.96
CA PHE A 189 36.79 -7.12 -1.45
C PHE A 189 37.08 -7.91 -2.69
N GLN A 190 37.38 -9.22 -2.53
CA GLN A 190 37.67 -10.04 -3.67
C GLN A 190 36.80 -11.31 -3.56
N MET A 1 -9.00 7.15 1.75
CA MET A 1 -10.20 7.20 0.87
C MET A 1 -10.60 5.81 0.47
N MET A 2 -11.68 5.27 1.08
CA MET A 2 -12.12 3.94 0.76
C MET A 2 -12.95 3.99 -0.50
N GLY A 3 -13.38 5.21 -0.91
CA GLY A 3 -14.17 5.33 -2.10
C GLY A 3 -13.29 5.13 -3.31
N MET A 4 -12.08 5.74 -3.28
CA MET A 4 -11.18 5.64 -4.41
C MET A 4 -10.62 4.24 -4.54
N VAL A 5 -10.36 3.54 -3.41
CA VAL A 5 -9.82 2.19 -3.50
C VAL A 5 -10.86 1.26 -4.09
N PHE A 6 -12.16 1.62 -3.96
CA PHE A 6 -13.21 0.79 -4.52
C PHE A 6 -13.18 0.92 -6.02
N THR A 7 -12.82 2.12 -6.54
CA THR A 7 -12.77 2.33 -7.97
C THR A 7 -11.66 1.47 -8.54
N GLY A 8 -10.51 1.40 -7.82
CA GLY A 8 -9.38 0.61 -8.26
C GLY A 8 -9.75 -0.85 -8.34
N LEU A 9 -10.56 -1.33 -7.36
CA LEU A 9 -10.96 -2.73 -7.32
C LEU A 9 -11.81 -3.06 -8.52
N MET A 10 -12.74 -2.16 -8.93
CA MET A 10 -13.61 -2.46 -10.05
C MET A 10 -12.81 -2.61 -11.33
N GLU A 11 -11.79 -1.76 -11.53
CA GLU A 11 -11.00 -1.82 -12.75
C GLU A 11 -10.18 -3.10 -12.82
N LEU A 12 -9.59 -3.54 -11.70
CA LEU A 12 -8.76 -4.74 -11.68
C LEU A 12 -9.56 -6.01 -11.97
N ILE A 13 -10.77 -6.18 -11.38
CA ILE A 13 -11.49 -7.44 -11.58
C ILE A 13 -12.07 -7.50 -12.98
N GLU A 14 -12.55 -6.37 -13.53
CA GLU A 14 -13.18 -6.38 -14.84
C GLU A 14 -12.16 -6.61 -15.95
N ASP A 15 -11.00 -5.96 -15.85
CA ASP A 15 -9.99 -6.03 -16.89
C ASP A 15 -9.30 -7.38 -16.97
N GLU A 16 -9.02 -8.05 -15.83
CA GLU A 16 -8.26 -9.28 -15.91
C GLU A 16 -9.10 -10.52 -15.83
N PHE A 17 -10.28 -10.52 -15.17
CA PHE A 17 -11.00 -11.76 -15.06
C PHE A 17 -12.28 -11.75 -15.87
N GLY A 18 -12.98 -10.61 -16.00
CA GLY A 18 -14.19 -10.63 -16.77
C GLY A 18 -15.22 -9.75 -16.13
N TYR A 19 -16.41 -9.66 -16.78
CA TYR A 19 -17.45 -8.82 -16.29
C TYR A 19 -18.45 -9.70 -15.58
N GLU A 20 -18.52 -11.00 -15.97
CA GLU A 20 -19.43 -11.91 -15.31
C GLU A 20 -18.92 -12.15 -13.92
N THR A 21 -17.57 -12.27 -13.78
CA THR A 21 -16.96 -12.48 -12.48
C THR A 21 -17.15 -11.22 -11.68
N LEU A 22 -17.03 -10.05 -12.36
CA LEU A 22 -17.19 -8.76 -11.71
C LEU A 22 -18.59 -8.67 -11.11
N ASP A 23 -19.60 -9.22 -11.83
CA ASP A 23 -20.98 -9.18 -11.38
C ASP A 23 -21.16 -9.97 -10.10
N THR A 24 -20.46 -11.13 -9.95
CA THR A 24 -20.63 -11.96 -8.77
C THR A 24 -20.15 -11.20 -7.55
N LEU A 25 -19.01 -10.46 -7.66
CA LEU A 25 -18.49 -9.72 -6.53
C LEU A 25 -19.48 -8.63 -6.14
N LEU A 26 -20.13 -7.99 -7.13
CA LEU A 26 -21.08 -6.93 -6.83
C LEU A 26 -22.28 -7.50 -6.13
N GLU A 27 -22.51 -8.83 -6.23
CA GLU A 27 -23.64 -9.41 -5.55
C GLU A 27 -23.25 -9.75 -4.12
N SER A 28 -21.94 -9.99 -3.84
CA SER A 28 -21.55 -10.31 -2.48
C SER A 28 -21.71 -9.07 -1.61
N CYS A 29 -21.66 -7.85 -2.21
CA CYS A 29 -21.83 -6.67 -1.39
C CYS A 29 -23.19 -6.10 -1.67
N GLU A 30 -23.66 -6.23 -2.94
CA GLU A 30 -24.97 -5.74 -3.34
C GLU A 30 -24.85 -4.27 -3.64
N LEU A 31 -25.44 -3.83 -4.78
CA LEU A 31 -25.37 -2.43 -5.15
C LEU A 31 -26.50 -1.71 -4.45
N GLN A 32 -26.72 -0.44 -4.84
CA GLN A 32 -27.77 0.34 -4.23
C GLN A 32 -28.25 1.35 -5.24
N SER A 33 -27.38 1.71 -6.21
CA SER A 33 -27.77 2.68 -7.20
C SER A 33 -27.10 2.32 -8.49
N GLU A 34 -25.76 2.55 -8.58
CA GLU A 34 -25.06 2.24 -9.80
C GLU A 34 -23.89 1.35 -9.47
N GLY A 35 -23.22 1.63 -8.32
CA GLY A 35 -22.10 0.81 -7.94
C GLY A 35 -20.85 1.66 -7.92
N ILE A 36 -20.77 2.68 -8.79
CA ILE A 36 -19.60 3.52 -8.81
C ILE A 36 -20.03 4.88 -8.33
N TYR A 37 -19.78 5.19 -7.03
CA TYR A 37 -20.17 6.47 -6.49
C TYR A 37 -19.29 7.56 -7.07
N THR A 38 -18.00 7.21 -7.36
CA THR A 38 -17.02 8.14 -7.93
C THR A 38 -15.89 8.27 -6.95
N SER A 39 -16.12 8.95 -5.79
CA SER A 39 -15.05 9.11 -4.81
C SER A 39 -15.57 10.00 -3.72
N VAL A 40 -16.56 9.51 -2.94
CA VAL A 40 -17.12 10.31 -1.87
C VAL A 40 -17.54 9.43 -0.72
N GLY A 41 -17.59 8.09 -0.92
CA GLY A 41 -18.05 7.24 0.15
C GLY A 41 -16.88 6.67 0.91
N SER A 42 -17.08 6.48 2.23
CA SER A 42 -16.07 5.90 3.08
C SER A 42 -16.68 4.68 3.70
N TYR A 43 -16.03 3.51 3.56
CA TYR A 43 -16.59 2.30 4.12
C TYR A 43 -15.65 1.77 5.16
N ASP A 44 -16.11 0.73 5.89
CA ASP A 44 -15.31 0.14 6.94
C ASP A 44 -14.28 -0.76 6.33
N HIS A 45 -13.50 -1.46 7.20
CA HIS A 45 -12.46 -2.33 6.72
C HIS A 45 -13.07 -3.69 6.43
N GLN A 46 -14.22 -3.99 7.07
CA GLN A 46 -14.89 -5.26 6.84
C GLN A 46 -15.38 -5.31 5.42
N GLU A 47 -15.70 -4.13 4.83
CA GLU A 47 -16.16 -4.08 3.45
C GLU A 47 -15.06 -4.60 2.55
N LEU A 48 -13.80 -4.24 2.86
CA LEU A 48 -12.66 -4.66 2.06
C LEU A 48 -12.47 -6.15 2.21
N LEU A 49 -12.67 -6.69 3.43
CA LEU A 49 -12.47 -8.09 3.69
C LEU A 49 -13.55 -8.90 3.01
N GLN A 50 -14.77 -8.34 2.93
CA GLN A 50 -15.87 -9.06 2.33
C GLN A 50 -15.61 -9.28 0.85
N LEU A 51 -15.07 -8.25 0.14
CA LEU A 51 -14.82 -8.41 -1.28
C LEU A 51 -13.52 -9.15 -1.50
N VAL A 52 -12.62 -9.17 -0.50
CA VAL A 52 -11.36 -9.84 -0.67
C VAL A 52 -11.57 -11.33 -0.48
N VAL A 53 -12.46 -11.71 0.47
CA VAL A 53 -12.75 -13.11 0.69
C VAL A 53 -13.48 -13.68 -0.50
N LYS A 54 -14.45 -12.92 -1.10
CA LYS A 54 -15.17 -13.46 -2.23
C LYS A 54 -14.21 -13.61 -3.40
N LEU A 55 -13.13 -12.81 -3.42
CA LEU A 55 -12.15 -12.93 -4.49
C LEU A 55 -11.43 -14.24 -4.39
N SER A 56 -11.13 -14.72 -3.15
CA SER A 56 -10.43 -15.98 -3.01
C SER A 56 -11.34 -17.14 -3.33
N GLU A 57 -12.68 -16.93 -3.33
CA GLU A 57 -13.58 -18.03 -3.63
C GLU A 57 -14.04 -18.00 -5.07
N VAL A 58 -14.31 -16.79 -5.64
CA VAL A 58 -14.82 -16.70 -7.00
C VAL A 58 -13.74 -17.03 -8.02
N SER A 59 -12.47 -16.62 -7.78
CA SER A 59 -11.45 -16.89 -8.76
C SER A 59 -10.41 -17.82 -8.18
N SER A 60 -10.49 -18.12 -6.87
CA SER A 60 -9.54 -19.01 -6.23
C SER A 60 -8.16 -18.39 -6.26
N VAL A 61 -8.08 -17.09 -5.94
CA VAL A 61 -6.80 -16.42 -5.95
C VAL A 61 -6.41 -16.21 -4.50
N PRO A 62 -5.17 -16.53 -4.19
CA PRO A 62 -4.63 -16.38 -2.85
C PRO A 62 -4.73 -14.98 -2.32
N VAL A 63 -4.94 -14.85 -1.00
CA VAL A 63 -5.08 -13.55 -0.40
C VAL A 63 -3.74 -12.84 -0.29
N THR A 64 -2.60 -13.55 -0.51
CA THR A 64 -1.34 -12.86 -0.38
C THR A 64 -0.87 -12.42 -1.74
N GLU A 65 -1.18 -13.18 -2.81
CA GLU A 65 -0.77 -12.79 -4.15
C GLU A 65 -1.69 -11.70 -4.63
N LEU A 66 -2.92 -11.63 -4.07
CA LEU A 66 -3.86 -10.64 -4.49
C LEU A 66 -3.53 -9.32 -3.83
N VAL A 67 -3.06 -9.37 -2.55
CA VAL A 67 -2.73 -8.15 -1.86
C VAL A 67 -1.49 -7.51 -2.50
N ARG A 68 -0.61 -8.33 -3.14
CA ARG A 68 0.58 -7.77 -3.77
C ARG A 68 0.21 -7.00 -5.02
N LEU A 69 -0.57 -7.63 -5.93
CA LEU A 69 -0.96 -6.98 -7.17
C LEU A 69 -1.80 -5.76 -6.91
N PHE A 70 -2.66 -5.81 -5.87
CA PHE A 70 -3.55 -4.70 -5.55
C PHE A 70 -2.74 -3.46 -5.21
N GLY A 71 -1.71 -3.60 -4.34
CA GLY A 71 -0.91 -2.46 -3.94
C GLY A 71 -0.21 -1.82 -5.11
N LYS A 72 0.29 -2.63 -6.07
CA LYS A 72 1.04 -2.06 -7.19
C LYS A 72 0.16 -1.16 -8.06
N LYS A 73 -1.06 -1.62 -8.42
CA LYS A 73 -1.95 -0.84 -9.29
C LYS A 73 -2.42 0.47 -8.66
N LEU A 74 -2.92 0.45 -7.41
CA LEU A 74 -3.47 1.65 -6.82
C LEU A 74 -2.38 2.68 -6.53
N PHE A 75 -1.19 2.26 -6.05
CA PHE A 75 -0.14 3.23 -5.73
C PHE A 75 0.31 3.98 -6.97
N VAL A 76 0.54 3.27 -8.11
CA VAL A 76 0.99 3.94 -9.32
C VAL A 76 -0.17 4.74 -9.90
N GLU A 77 -1.39 4.47 -9.41
CA GLU A 77 -2.55 5.19 -9.88
C GLU A 77 -2.51 6.59 -9.32
N LEU A 78 -2.07 6.73 -8.04
CA LEU A 78 -1.99 8.03 -7.42
C LEU A 78 -0.82 8.81 -7.96
N ILE A 79 0.27 8.13 -8.39
CA ILE A 79 1.43 8.84 -8.88
C ILE A 79 1.08 9.59 -10.15
N GLU A 80 0.52 8.88 -11.15
CA GLU A 80 0.13 9.57 -12.38
C GLU A 80 -1.13 10.36 -12.13
N GLY A 81 -1.83 10.07 -11.02
CA GLY A 81 -3.06 10.76 -10.70
C GLY A 81 -2.78 12.18 -10.28
N HIS A 82 -1.68 12.43 -9.54
CA HIS A 82 -1.42 13.76 -9.07
C HIS A 82 0.01 14.14 -9.37
N PRO A 83 0.15 14.98 -10.36
CA PRO A 83 1.44 15.46 -10.79
C PRO A 83 2.12 16.36 -9.79
N GLU A 84 1.33 17.03 -8.92
CA GLU A 84 1.94 17.91 -7.94
C GLU A 84 2.27 17.11 -6.71
N ILE A 85 1.80 15.84 -6.64
CA ILE A 85 2.06 15.04 -5.48
C ILE A 85 3.37 14.33 -5.70
N ALA A 86 3.78 14.17 -6.99
CA ALA A 86 5.03 13.50 -7.27
C ALA A 86 6.08 14.56 -7.55
N ASN A 87 5.67 15.77 -7.96
CA ASN A 87 6.62 16.82 -8.25
C ASN A 87 7.24 17.31 -6.96
N GLU A 88 6.43 17.40 -5.87
CA GLU A 88 6.96 17.86 -4.60
C GLU A 88 8.01 16.91 -4.08
N MET A 89 7.83 15.58 -4.30
CA MET A 89 8.78 14.60 -3.81
C MET A 89 9.92 14.49 -4.81
N LYS A 90 11.14 14.08 -4.32
CA LYS A 90 12.28 14.02 -5.20
C LYS A 90 12.80 12.60 -5.32
N ASP A 91 12.52 11.72 -4.34
CA ASP A 91 13.04 10.38 -4.42
C ASP A 91 12.27 9.52 -3.45
N SER A 92 12.49 8.18 -3.54
CA SER A 92 11.81 7.23 -2.67
C SER A 92 12.22 7.41 -1.23
N PHE A 93 13.52 7.64 -0.96
CA PHE A 93 13.95 7.80 0.42
C PHE A 93 13.38 9.09 0.97
N ASP A 94 13.34 10.16 0.14
CA ASP A 94 12.77 11.41 0.58
C ASP A 94 11.29 11.22 0.82
N LEU A 95 10.69 10.19 0.18
CA LEU A 95 9.27 9.90 0.36
C LEU A 95 9.03 9.49 1.79
N LEU A 96 9.90 8.61 2.34
CA LEU A 96 9.75 8.17 3.72
C LEU A 96 9.85 9.36 4.66
N SER A 97 10.71 10.35 4.33
CA SER A 97 10.86 11.51 5.19
C SER A 97 9.59 12.36 5.15
N LYS A 98 8.99 12.50 3.94
CA LYS A 98 7.82 13.35 3.77
C LYS A 98 6.53 12.56 3.91
N ILE A 99 6.61 11.27 4.35
CA ILE A 99 5.41 10.44 4.43
C ILE A 99 4.42 11.00 5.44
N ASP A 100 4.88 11.53 6.60
CA ASP A 100 3.91 12.02 7.55
C ASP A 100 3.94 13.52 7.59
N SER A 101 5.00 14.15 7.03
CA SER A 101 5.09 15.59 7.07
C SER A 101 3.96 16.23 6.27
N PHE A 102 3.68 15.75 5.04
CA PHE A 102 2.63 16.41 4.28
C PHE A 102 1.71 15.43 3.58
N ILE A 103 2.08 14.14 3.44
CA ILE A 103 1.20 13.22 2.72
C ILE A 103 -0.04 12.94 3.53
N HIS A 104 0.11 12.53 4.81
CA HIS A 104 -1.05 12.18 5.59
C HIS A 104 -1.54 13.39 6.36
N VAL A 105 -0.84 14.56 6.23
CA VAL A 105 -1.31 15.74 6.92
C VAL A 105 -2.43 16.33 6.12
N GLU A 106 -2.24 16.40 4.78
CA GLU A 106 -3.27 16.97 3.94
C GLU A 106 -4.46 16.05 3.92
N VAL A 107 -4.24 14.72 3.86
CA VAL A 107 -5.34 13.77 3.84
C VAL A 107 -6.16 13.87 5.11
N TYR A 108 -5.49 13.90 6.30
CA TYR A 108 -6.19 13.97 7.57
C TYR A 108 -7.03 15.23 7.68
N LYS A 109 -6.46 16.42 7.35
CA LYS A 109 -7.21 17.65 7.46
C LYS A 109 -8.42 17.61 6.57
N LEU A 110 -8.30 16.99 5.36
CA LEU A 110 -9.41 16.91 4.47
C LEU A 110 -10.55 16.19 5.15
N TYR A 111 -10.50 14.85 5.25
CA TYR A 111 -11.59 14.17 5.91
C TYR A 111 -11.06 13.44 7.12
N PRO A 112 -11.84 13.48 8.17
CA PRO A 112 -11.50 12.86 9.44
C PRO A 112 -11.90 11.40 9.56
N GLN A 113 -12.57 10.84 8.51
CA GLN A 113 -12.99 9.46 8.57
C GLN A 113 -11.80 8.55 8.56
N ALA A 114 -10.73 8.92 7.79
CA ALA A 114 -9.56 8.08 7.70
C ALA A 114 -8.86 8.04 9.04
N GLU A 115 -8.23 6.88 9.34
CA GLU A 115 -7.53 6.73 10.59
C GLU A 115 -6.07 6.50 10.26
N LEU A 116 -5.17 7.06 11.08
CA LEU A 116 -3.76 6.92 10.82
C LEU A 116 -3.08 6.40 12.07
N PRO A 117 -2.03 5.65 11.85
CA PRO A 117 -1.23 5.05 12.91
C PRO A 117 -0.10 5.95 13.36
N LYS A 118 0.96 5.36 14.00
CA LYS A 118 2.06 6.20 14.45
C LYS A 118 3.31 5.75 13.73
N PHE A 119 4.15 6.73 13.32
CA PHE A 119 5.36 6.41 12.60
C PHE A 119 6.55 7.04 13.30
N THR A 120 7.59 6.21 13.56
CA THR A 120 8.80 6.73 14.16
C THR A 120 9.91 6.32 13.23
N CYS A 121 10.76 7.28 12.79
CA CYS A 121 11.80 6.91 11.86
C CYS A 121 13.16 7.21 12.46
N ASP A 122 14.06 6.21 12.44
CA ASP A 122 15.39 6.41 12.95
C ASP A 122 16.34 6.15 11.81
N ARG A 123 17.11 7.17 11.39
CA ARG A 123 18.02 6.97 10.28
C ARG A 123 19.36 6.57 10.85
N LEU A 124 19.79 5.32 10.57
CA LEU A 124 21.05 4.84 11.07
C LEU A 124 22.18 5.43 10.26
N GLY A 125 21.99 5.56 8.93
CA GLY A 125 23.06 6.08 8.12
C GLY A 125 22.52 6.43 6.76
N ASP A 126 23.30 6.13 5.70
CA ASP A 126 22.87 6.46 4.37
C ASP A 126 22.19 5.26 3.75
N ASN A 127 22.75 4.05 3.97
CA ASN A 127 22.15 2.86 3.39
C ASN A 127 21.34 2.13 4.44
N ASP A 128 21.21 2.69 5.65
CA ASP A 128 20.45 2.02 6.68
C ASP A 128 19.28 2.90 7.07
N ILE A 129 18.06 2.32 7.05
CA ILE A 129 16.88 3.05 7.44
C ILE A 129 16.01 2.13 8.27
N ARG A 130 15.52 2.64 9.42
CA ARG A 130 14.67 1.85 10.28
C ARG A 130 13.34 2.51 10.32
N LEU A 131 12.27 1.69 10.24
CA LEU A 131 10.94 2.21 10.25
C LEU A 131 10.16 1.50 11.32
N HIS A 132 9.66 2.27 12.31
CA HIS A 132 8.87 1.71 13.38
C HIS A 132 7.44 1.93 13.01
N TYR A 133 6.62 0.87 13.12
CA TYR A 133 5.24 0.98 12.75
C TYR A 133 4.43 0.48 13.92
N GLN A 134 3.54 1.34 14.47
CA GLN A 134 2.73 0.91 15.58
C GLN A 134 1.30 0.90 15.10
N SER A 135 0.70 -0.32 15.03
CA SER A 135 -0.67 -0.44 14.59
C SER A 135 -1.17 -1.79 15.07
N LYS A 136 -2.49 -1.90 15.29
CA LYS A 136 -3.05 -3.15 15.78
C LYS A 136 -3.47 -4.00 14.60
N ARG A 137 -3.22 -3.53 13.36
CA ARG A 137 -3.60 -4.31 12.19
C ARG A 137 -2.40 -4.30 11.28
N PRO A 138 -1.39 -5.05 11.64
CA PRO A 138 -0.16 -5.10 10.89
C PRO A 138 -0.03 -6.23 9.92
N PHE A 139 -0.23 -5.94 8.61
CA PHE A 139 -0.06 -6.95 7.61
C PHE A 139 1.18 -6.57 6.84
N ALA A 140 2.24 -7.40 6.95
CA ALA A 140 3.49 -7.13 6.28
C ALA A 140 3.32 -7.15 4.78
N SER A 141 2.50 -8.08 4.24
CA SER A 141 2.32 -8.17 2.81
C SER A 141 1.67 -6.92 2.26
N PHE A 142 0.89 -6.20 3.09
CA PHE A 142 0.21 -5.01 2.62
C PHE A 142 1.20 -3.87 2.51
N ALA A 143 2.02 -3.67 3.58
CA ALA A 143 2.96 -2.56 3.59
C ALA A 143 4.02 -2.74 2.51
N GLU A 144 4.51 -3.98 2.30
CA GLU A 144 5.53 -4.22 1.29
C GLU A 144 5.00 -3.89 -0.08
N GLY A 145 3.71 -4.21 -0.33
CA GLY A 145 3.13 -3.94 -1.62
C GLY A 145 3.18 -2.45 -1.93
N LEU A 146 2.86 -1.60 -0.93
CA LEU A 146 2.88 -0.16 -1.14
C LEU A 146 4.29 0.40 -1.29
N LEU A 147 5.28 -0.09 -0.49
CA LEU A 147 6.62 0.48 -0.58
C LEU A 147 7.30 0.07 -1.88
N ASP A 148 7.15 -1.20 -2.29
CA ASP A 148 7.76 -1.67 -3.51
C ASP A 148 7.05 -1.08 -4.72
N GLY A 149 5.74 -0.77 -4.61
CA GLY A 149 5.02 -0.20 -5.72
C GLY A 149 5.63 1.13 -6.06
N CYS A 150 6.00 1.89 -5.01
CA CYS A 150 6.64 3.18 -5.20
C CYS A 150 7.93 2.99 -5.96
N ALA A 151 8.72 1.92 -5.62
CA ALA A 151 9.97 1.66 -6.30
C ALA A 151 9.69 1.06 -7.67
N GLU A 152 8.39 0.89 -7.99
CA GLU A 152 8.04 0.34 -9.27
C GLU A 152 7.98 1.47 -10.28
N TYR A 153 7.33 2.60 -9.92
CA TYR A 153 7.26 3.72 -10.84
C TYR A 153 8.65 4.32 -11.00
N PHE A 154 9.40 4.49 -9.89
CA PHE A 154 10.73 5.09 -9.97
C PHE A 154 11.71 4.16 -10.65
N LYS A 155 11.48 2.83 -10.57
CA LYS A 155 12.40 1.88 -11.17
C LYS A 155 13.65 1.87 -10.33
N GLU A 156 13.54 1.34 -9.09
CA GLU A 156 14.68 1.31 -8.20
C GLU A 156 14.75 -0.06 -7.58
N ASP A 157 15.72 -0.26 -6.66
CA ASP A 157 15.85 -1.54 -6.01
C ASP A 157 16.08 -1.30 -4.55
N PHE A 158 15.07 -1.66 -3.72
CA PHE A 158 15.19 -1.50 -2.30
C PHE A 158 14.72 -2.79 -1.68
N THR A 159 15.26 -3.15 -0.50
CA THR A 159 14.85 -4.39 0.13
C THR A 159 14.27 -4.06 1.47
N ILE A 160 13.02 -4.55 1.71
CA ILE A 160 12.36 -4.31 2.98
C ILE A 160 12.49 -5.57 3.80
N SER A 161 13.12 -5.47 5.00
CA SER A 161 13.29 -6.64 5.83
C SER A 161 12.52 -6.45 7.11
N ARG A 162 12.63 -7.44 8.03
CA ARG A 162 11.93 -7.40 9.29
C ARG A 162 12.78 -8.12 10.32
N THR A 163 12.57 -7.82 11.62
CA THR A 163 13.36 -8.51 12.63
C THR A 163 12.46 -9.53 13.29
N PRO A 164 13.07 -10.63 13.64
CA PRO A 164 12.38 -11.76 14.26
C PRO A 164 12.02 -11.58 15.70
N GLU A 165 12.49 -10.49 16.36
CA GLU A 165 12.16 -10.28 17.75
C GLU A 165 10.71 -9.91 17.85
N THR A 166 10.23 -9.05 16.92
CA THR A 166 8.85 -8.63 16.94
C THR A 166 8.20 -9.08 15.66
N GLN A 167 8.87 -10.03 14.96
CA GLN A 167 8.35 -10.58 13.73
C GLN A 167 7.00 -11.21 13.97
N ASP A 168 6.81 -11.89 15.12
CA ASP A 168 5.54 -12.53 15.38
C ASP A 168 4.87 -11.79 16.52
N SER A 169 4.82 -10.45 16.45
CA SER A 169 4.18 -9.70 17.50
C SER A 169 3.40 -8.58 16.85
N GLU A 170 2.21 -8.26 17.42
CA GLU A 170 1.38 -7.22 16.85
C GLU A 170 1.62 -5.94 17.61
N THR A 171 1.17 -4.79 17.02
CA THR A 171 1.33 -3.48 17.62
C THR A 171 2.73 -2.96 17.36
N ASP A 172 3.75 -3.73 17.79
CA ASP A 172 5.11 -3.28 17.60
C ASP A 172 5.78 -4.11 16.53
N VAL A 173 6.17 -3.44 15.41
CA VAL A 173 6.85 -4.14 14.35
C VAL A 173 8.08 -3.33 14.02
N ILE A 174 9.26 -4.02 13.92
CA ILE A 174 10.48 -3.32 13.61
C ILE A 174 10.87 -3.68 12.20
N PHE A 175 11.07 -2.64 11.36
CA PHE A 175 11.43 -2.86 9.98
C PHE A 175 12.84 -2.38 9.77
N ASN A 176 13.51 -3.03 8.80
CA ASN A 176 14.88 -2.70 8.50
C ASN A 176 15.04 -2.59 7.01
N ILE A 177 14.70 -1.40 6.46
CA ILE A 177 14.85 -1.18 5.03
C ILE A 177 16.32 -0.90 4.75
N THR A 178 16.94 -1.81 3.97
CA THR A 178 18.35 -1.69 3.64
C THR A 178 18.48 -1.55 2.15
N ARG A 179 19.45 -0.73 1.68
CA ARG A 179 19.63 -0.53 0.26
C ARG A 179 20.57 -1.63 -0.20
N ALA A 180 20.05 -2.55 -1.06
CA ALA A 180 20.84 -3.64 -1.55
C ALA A 180 21.98 -3.10 -2.36
N PRO A 181 23.11 -3.76 -2.23
CA PRO A 181 24.33 -3.36 -2.94
C PRO A 181 24.15 -3.25 -4.42
N ARG A 182 24.57 -2.09 -4.96
CA ARG A 182 24.45 -1.87 -6.36
C ARG A 182 25.75 -1.31 -6.84
N GLY A 183 26.10 -1.63 -8.11
CA GLY A 183 27.34 -1.17 -8.67
C GLY A 183 28.44 -1.95 -8.02
N ALA A 184 29.65 -1.37 -7.92
CA ALA A 184 30.73 -2.06 -7.29
C ALA A 184 30.64 -1.77 -5.81
N GLU A 185 31.59 -2.33 -5.04
CA GLU A 185 31.59 -2.13 -3.61
C GLU A 185 32.09 -0.74 -3.33
N ASN A 186 32.08 -0.35 -2.03
CA ASN A 186 32.52 0.97 -1.68
C ASN A 186 33.09 0.89 -0.29
N LEU A 187 33.89 1.91 0.11
CA LEU A 187 34.48 1.89 1.42
C LEU A 187 34.73 3.32 1.82
N TYR A 188 35.90 3.87 1.44
CA TYR A 188 36.21 5.22 1.79
C TYR A 188 37.20 5.75 0.80
N PHE A 189 38.49 5.40 0.98
CA PHE A 189 39.51 5.87 0.08
C PHE A 189 40.40 4.70 -0.23
N GLN A 190 40.64 4.44 -1.54
CA GLN A 190 41.49 3.34 -1.91
C GLN A 190 42.89 3.91 -2.17
#